data_2L02
#
_entry.id   2L02
#
_entity_poly.entity_id   1
_entity_poly.type   'polypeptide(L)'
_entity_poly.pdbx_seq_one_letter_code
;MDKKIVGANAGKVWHALNEADGISIPELARKVNLSVESTALAVGWLARENKVVIERKNGLIEIYNEGHFDFSFGLEHHHH
HH
;
_entity_poly.pdbx_strand_id   A,B
#
# COMPACT_ATOMS: atom_id res chain seq x y z
N MET A 1 -2.11 12.67 -11.59
CA MET A 1 -0.87 12.79 -10.78
C MET A 1 -1.06 12.09 -9.42
N ASP A 2 -0.28 11.02 -9.19
CA ASP A 2 -0.44 10.13 -8.01
C ASP A 2 0.93 9.62 -7.49
N LYS A 3 1.82 9.20 -8.43
CA LYS A 3 3.16 8.64 -8.09
C LYS A 3 4.12 9.68 -7.47
N LYS A 4 3.86 10.97 -7.74
CA LYS A 4 4.60 12.08 -7.11
C LYS A 4 4.14 12.30 -5.63
N ILE A 5 2.83 12.16 -5.39
CA ILE A 5 2.23 12.27 -4.02
C ILE A 5 2.73 11.13 -3.11
N VAL A 6 2.51 9.89 -3.58
CA VAL A 6 2.89 8.66 -2.85
C VAL A 6 4.42 8.49 -2.79
N GLY A 7 5.14 9.08 -3.78
CA GLY A 7 6.59 9.16 -3.74
C GLY A 7 7.11 10.07 -2.62
N ALA A 8 6.42 11.20 -2.39
CA ALA A 8 6.79 12.20 -1.36
C ALA A 8 6.55 11.68 0.08
N ASN A 9 5.31 11.22 0.37
CA ASN A 9 4.90 10.79 1.73
C ASN A 9 5.54 9.44 2.17
N ALA A 10 6.00 8.64 1.19
CA ALA A 10 6.69 7.35 1.44
C ALA A 10 8.07 7.58 2.11
N GLY A 11 8.70 8.72 1.81
CA GLY A 11 9.98 9.09 2.43
C GLY A 11 9.86 9.39 3.92
N LYS A 12 8.72 9.98 4.32
CA LYS A 12 8.45 10.38 5.72
C LYS A 12 8.13 9.14 6.61
N VAL A 13 7.31 8.20 6.08
CA VAL A 13 6.99 6.95 6.82
C VAL A 13 8.22 6.02 6.94
N TRP A 14 9.03 5.96 5.87
CA TRP A 14 10.31 5.19 5.83
C TRP A 14 11.34 5.75 6.83
N HIS A 15 11.35 7.08 6.98
CA HIS A 15 12.23 7.81 7.92
C HIS A 15 11.92 7.42 9.39
N ALA A 16 10.63 7.28 9.72
CA ALA A 16 10.16 6.87 11.07
C ALA A 16 10.51 5.39 11.40
N LEU A 17 10.70 4.57 10.36
CA LEU A 17 11.18 3.17 10.47
C LEU A 17 12.70 3.10 10.81
N ASN A 18 13.48 4.06 10.30
CA ASN A 18 14.95 4.18 10.58
C ASN A 18 15.20 4.39 12.10
N GLU A 19 14.30 5.15 12.74
CA GLU A 19 14.21 5.29 14.22
C GLU A 19 14.04 3.91 14.92
N ALA A 20 12.94 3.21 14.54
CA ALA A 20 12.56 1.89 15.10
C ALA A 20 11.44 1.24 14.26
N ASP A 21 11.77 0.12 13.59
CA ASP A 21 10.83 -0.61 12.70
C ASP A 21 10.16 -1.80 13.41
N GLY A 22 9.31 -2.53 12.67
CA GLY A 22 8.43 -3.57 13.24
C GLY A 22 7.16 -3.00 13.85
N ILE A 23 6.74 -1.84 13.32
CA ILE A 23 5.62 -1.04 13.88
C ILE A 23 4.34 -1.18 13.02
N SER A 24 3.17 -1.13 13.68
CA SER A 24 1.82 -1.22 13.04
C SER A 24 1.44 0.11 12.32
N ILE A 25 0.46 0.02 11.37
CA ILE A 25 0.04 1.17 10.52
C ILE A 25 -0.43 2.43 11.34
N PRO A 26 -1.46 2.34 12.28
CA PRO A 26 -2.01 3.56 12.95
C PRO A 26 -1.03 4.22 13.97
N GLU A 27 -0.07 3.44 14.48
CA GLU A 27 0.95 3.91 15.45
C GLU A 27 2.02 4.75 14.74
N LEU A 28 2.49 4.18 13.63
CA LEU A 28 3.37 4.84 12.65
C LEU A 28 2.72 6.12 12.07
N ALA A 29 1.40 6.04 11.82
CA ALA A 29 0.58 7.15 11.27
C ALA A 29 0.53 8.38 12.21
N ARG A 30 0.63 8.15 13.52
CA ARG A 30 0.63 9.23 14.55
C ARG A 30 1.95 10.03 14.56
N LYS A 31 3.10 9.35 14.32
CA LYS A 31 4.43 10.00 14.24
C LYS A 31 4.56 10.84 12.94
N VAL A 32 4.12 10.26 11.81
CA VAL A 32 4.22 10.91 10.48
C VAL A 32 3.01 11.82 10.19
N ASN A 33 1.95 11.72 11.03
CA ASN A 33 0.73 12.55 10.95
C ASN A 33 -0.04 12.38 9.60
N LEU A 34 -0.07 11.14 9.08
CA LEU A 34 -0.87 10.77 7.89
C LEU A 34 -2.09 9.92 8.29
N SER A 35 -3.11 9.92 7.41
CA SER A 35 -4.29 9.01 7.54
C SER A 35 -3.85 7.52 7.47
N VAL A 36 -4.59 6.61 8.13
CA VAL A 36 -4.29 5.15 8.15
C VAL A 36 -4.19 4.54 6.71
N GLU A 37 -5.19 4.83 5.86
CA GLU A 37 -5.18 4.44 4.42
C GLU A 37 -3.97 5.05 3.66
N SER A 38 -3.63 6.32 3.97
CA SER A 38 -2.48 7.05 3.36
C SER A 38 -1.11 6.47 3.78
N THR A 39 -0.99 6.06 5.05
CA THR A 39 0.27 5.54 5.63
C THR A 39 0.60 4.15 5.06
N ALA A 40 -0.41 3.26 5.05
CA ALA A 40 -0.30 1.89 4.50
C ALA A 40 0.06 1.89 3.00
N LEU A 41 -0.58 2.81 2.26
CA LEU A 41 -0.39 2.97 0.81
C LEU A 41 0.99 3.63 0.48
N ALA A 42 1.44 4.57 1.35
CA ALA A 42 2.79 5.18 1.24
C ALA A 42 3.90 4.11 1.41
N VAL A 43 3.68 3.20 2.37
CA VAL A 43 4.52 2.01 2.59
C VAL A 43 4.46 1.03 1.37
N GLY A 44 3.31 0.99 0.68
CA GLY A 44 3.16 0.20 -0.56
C GLY A 44 4.08 0.67 -1.71
N TRP A 45 4.37 1.99 -1.76
CA TRP A 45 5.35 2.59 -2.70
C TRP A 45 6.80 2.16 -2.35
N LEU A 46 7.06 1.97 -1.05
CA LEU A 46 8.34 1.44 -0.55
C LEU A 46 8.50 -0.07 -0.88
N ALA A 47 7.39 -0.83 -0.72
CA ALA A 47 7.29 -2.27 -1.07
C ALA A 47 7.61 -2.56 -2.56
N ARG A 48 7.38 -1.56 -3.42
CA ARG A 48 7.78 -1.58 -4.84
C ARG A 48 9.29 -1.89 -5.02
N GLU A 49 10.10 -1.23 -4.20
CA GLU A 49 11.58 -1.34 -4.25
C GLU A 49 12.15 -2.22 -3.10
N ASN A 50 11.24 -2.82 -2.30
CA ASN A 50 11.58 -3.53 -1.03
C ASN A 50 12.39 -2.65 -0.05
N LYS A 51 12.04 -1.34 -0.02
CA LYS A 51 12.48 -0.41 1.04
C LYS A 51 11.82 -0.80 2.39
N VAL A 52 10.74 -1.58 2.31
CA VAL A 52 10.10 -2.24 3.47
C VAL A 52 9.94 -3.76 3.19
N VAL A 53 10.01 -4.57 4.25
CA VAL A 53 9.75 -6.03 4.21
C VAL A 53 8.73 -6.40 5.31
N ILE A 54 7.73 -7.22 4.96
CA ILE A 54 6.53 -7.45 5.81
C ILE A 54 6.59 -8.82 6.55
N GLU A 55 6.39 -8.78 7.87
CA GLU A 55 6.25 -9.96 8.74
C GLU A 55 4.91 -9.91 9.48
N ARG A 56 4.25 -11.07 9.64
CA ARG A 56 3.00 -11.17 10.41
C ARG A 56 3.18 -12.09 11.64
N LYS A 57 3.16 -11.49 12.83
CA LYS A 57 3.24 -12.23 14.12
C LYS A 57 1.89 -12.12 14.85
N ASN A 58 1.31 -13.28 15.24
CA ASN A 58 0.00 -13.38 15.94
C ASN A 58 -1.15 -12.69 15.13
N GLY A 59 -1.04 -12.72 13.79
CA GLY A 59 -2.02 -12.07 12.89
C GLY A 59 -1.76 -10.57 12.66
N LEU A 60 -0.92 -9.95 13.50
CA LEU A 60 -0.61 -8.49 13.42
C LEU A 60 0.33 -8.17 12.24
N ILE A 61 0.21 -6.95 11.70
CA ILE A 61 1.00 -6.50 10.53
C ILE A 61 2.21 -5.64 10.99
N GLU A 62 3.44 -6.20 10.80
CA GLU A 62 4.70 -5.49 11.10
C GLU A 62 5.29 -4.89 9.80
N ILE A 63 5.85 -3.69 9.90
CA ILE A 63 6.59 -3.05 8.78
C ILE A 63 8.06 -2.86 9.17
N TYR A 64 8.93 -3.60 8.47
CA TYR A 64 10.38 -3.55 8.70
C TYR A 64 11.06 -2.61 7.68
N ASN A 65 12.18 -1.99 8.08
CA ASN A 65 12.98 -1.12 7.20
C ASN A 65 14.10 -1.96 6.52
N GLU A 66 14.40 -1.68 5.23
CA GLU A 66 15.46 -2.39 4.46
C GLU A 66 16.87 -2.24 5.10
N GLY A 67 17.03 -1.24 5.96
CA GLY A 67 18.29 -0.94 6.63
C GLY A 67 18.87 -2.07 7.50
N HIS A 68 18.00 -2.90 8.12
CA HIS A 68 18.46 -4.02 8.99
C HIS A 68 19.17 -5.14 8.18
N PHE A 69 19.09 -5.07 6.83
CA PHE A 69 19.88 -5.95 5.93
C PHE A 69 21.31 -5.37 5.71
N ASP A 70 21.38 -4.09 5.28
CA ASP A 70 22.66 -3.42 4.93
C ASP A 70 23.12 -2.44 6.04
N PHE A 71 22.47 -1.26 6.13
CA PHE A 71 22.87 -0.18 7.07
C PHE A 71 21.63 0.56 7.63
N SER A 72 21.48 0.56 8.96
CA SER A 72 20.43 1.32 9.68
C SER A 72 21.02 1.97 10.94
N PHE A 73 20.50 3.16 11.30
CA PHE A 73 21.02 3.96 12.41
C PHE A 73 19.89 4.79 13.06
N GLY A 74 19.56 4.47 14.33
CA GLY A 74 18.64 5.27 15.13
C GLY A 74 19.33 6.46 15.83
N LEU A 75 20.25 7.13 15.09
CA LEU A 75 21.07 8.25 15.60
C LEU A 75 20.18 9.44 16.03
N GLU A 76 19.11 9.67 15.26
CA GLU A 76 18.03 10.60 15.62
C GLU A 76 17.26 10.03 16.82
N HIS A 77 17.42 10.66 18.00
CA HIS A 77 16.90 10.11 19.27
C HIS A 77 15.35 10.19 19.36
N HIS A 78 14.70 9.17 18.77
CA HIS A 78 13.24 8.91 18.88
C HIS A 78 12.34 10.14 18.57
N HIS A 79 11.78 10.20 17.35
CA HIS A 79 10.76 11.19 16.99
C HIS A 79 9.43 10.86 17.72
N HIS A 80 9.03 11.72 18.67
CA HIS A 80 7.75 11.56 19.41
C HIS A 80 6.54 11.76 18.48
N HIS A 81 5.41 11.11 18.81
CA HIS A 81 4.18 11.17 17.97
C HIS A 81 3.32 12.42 18.25
N HIS A 82 2.23 12.55 17.50
CA HIS A 82 1.18 13.57 17.71
C HIS A 82 -0.21 12.92 17.53
N MET B 1 8.89 -14.88 3.21
CA MET B 1 8.34 -14.88 1.85
C MET B 1 7.31 -13.72 1.68
N ASP B 2 7.69 -12.50 2.14
CA ASP B 2 6.81 -11.29 2.14
C ASP B 2 6.11 -11.03 0.78
N LYS B 3 6.87 -11.01 -0.32
CA LYS B 3 6.34 -10.75 -1.68
C LYS B 3 5.42 -11.89 -2.20
N LYS B 4 5.66 -13.13 -1.74
CA LYS B 4 4.81 -14.30 -2.07
C LYS B 4 3.42 -14.17 -1.41
N ILE B 5 3.42 -13.79 -0.12
CA ILE B 5 2.20 -13.57 0.69
C ILE B 5 1.34 -12.41 0.13
N VAL B 6 1.97 -11.22 0.01
CA VAL B 6 1.29 -10.00 -0.48
C VAL B 6 0.87 -10.13 -1.97
N GLY B 7 1.62 -10.97 -2.73
CA GLY B 7 1.27 -11.29 -4.13
C GLY B 7 -0.05 -12.08 -4.23
N ALA B 8 -0.24 -13.05 -3.31
CA ALA B 8 -1.48 -13.85 -3.21
C ALA B 8 -2.68 -12.98 -2.78
N ASN B 9 -2.49 -12.21 -1.69
CA ASN B 9 -3.54 -11.35 -1.09
C ASN B 9 -3.93 -10.16 -1.99
N ALA B 10 -2.98 -9.70 -2.85
CA ALA B 10 -3.23 -8.62 -3.82
C ALA B 10 -4.10 -9.09 -4.98
N GLY B 11 -3.94 -10.37 -5.38
CA GLY B 11 -4.80 -10.99 -6.40
C GLY B 11 -6.26 -11.09 -5.93
N LYS B 12 -6.43 -11.34 -4.62
CA LYS B 12 -7.76 -11.40 -3.96
C LYS B 12 -8.46 -10.01 -3.91
N VAL B 13 -7.73 -8.97 -3.44
CA VAL B 13 -8.29 -7.60 -3.32
C VAL B 13 -8.55 -6.96 -4.71
N TRP B 14 -7.67 -7.26 -5.69
CA TRP B 14 -7.79 -6.77 -7.09
C TRP B 14 -8.96 -7.47 -7.82
N HIS B 15 -9.19 -8.76 -7.52
CA HIS B 15 -10.35 -9.52 -8.02
C HIS B 15 -11.67 -8.81 -7.63
N ALA B 16 -11.71 -8.33 -6.37
CA ALA B 16 -12.84 -7.53 -5.85
C ALA B 16 -12.98 -6.17 -6.58
N LEU B 17 -11.84 -5.59 -7.02
CA LEU B 17 -11.82 -4.34 -7.82
C LEU B 17 -12.32 -4.57 -9.26
N ASN B 18 -12.03 -5.75 -9.80
CA ASN B 18 -12.41 -6.15 -11.18
C ASN B 18 -13.95 -6.14 -11.37
N GLU B 19 -14.68 -6.45 -10.28
CA GLU B 19 -16.16 -6.52 -10.27
C GLU B 19 -16.81 -5.29 -9.57
N ALA B 20 -16.06 -4.64 -8.64
CA ALA B 20 -16.54 -3.46 -7.89
C ALA B 20 -15.37 -2.67 -7.24
N ASP B 21 -14.79 -1.71 -8.01
CA ASP B 21 -13.67 -0.86 -7.54
C ASP B 21 -14.15 0.55 -7.12
N GLY B 22 -13.20 1.41 -6.70
CA GLY B 22 -13.52 2.74 -6.18
C GLY B 22 -14.11 2.69 -4.77
N ILE B 23 -13.90 1.56 -4.10
CA ILE B 23 -14.44 1.29 -2.76
C ILE B 23 -13.39 1.67 -1.68
N SER B 24 -13.87 2.02 -0.47
CA SER B 24 -12.99 2.31 0.69
C SER B 24 -12.29 1.02 1.19
N ILE B 25 -11.06 1.16 1.72
CA ILE B 25 -10.22 0.03 2.20
C ILE B 25 -10.93 -0.90 3.25
N PRO B 26 -11.60 -0.36 4.36
CA PRO B 26 -12.26 -1.24 5.38
C PRO B 26 -13.48 -2.05 4.83
N GLU B 27 -14.18 -1.47 3.84
CA GLU B 27 -15.37 -2.10 3.21
C GLU B 27 -14.92 -3.28 2.33
N LEU B 28 -13.88 -2.98 1.54
CA LEU B 28 -13.14 -3.94 0.72
C LEU B 28 -12.50 -5.06 1.59
N ALA B 29 -11.99 -4.67 2.78
CA ALA B 29 -11.35 -5.60 3.74
C ALA B 29 -12.33 -6.67 4.25
N ARG B 30 -13.54 -6.22 4.57
CA ARG B 30 -14.65 -7.10 5.03
C ARG B 30 -15.07 -8.07 3.91
N LYS B 31 -15.03 -7.59 2.64
CA LYS B 31 -15.30 -8.43 1.44
C LYS B 31 -14.22 -9.53 1.22
N VAL B 32 -12.94 -9.15 1.34
CA VAL B 32 -11.79 -10.04 1.02
C VAL B 32 -11.31 -10.87 2.24
N ASN B 33 -12.09 -10.83 3.34
CA ASN B 33 -11.83 -11.61 4.59
C ASN B 33 -10.50 -11.21 5.29
N LEU B 34 -9.94 -10.04 4.94
CA LEU B 34 -8.70 -9.49 5.53
C LEU B 34 -9.02 -8.31 6.49
N SER B 35 -8.02 -7.88 7.28
CA SER B 35 -8.10 -6.62 8.07
C SER B 35 -7.80 -5.38 7.19
N VAL B 36 -8.14 -4.17 7.71
CA VAL B 36 -7.87 -2.87 7.01
C VAL B 36 -6.38 -2.74 6.61
N GLU B 37 -5.48 -3.02 7.57
CA GLU B 37 -4.02 -2.98 7.35
C GLU B 37 -3.58 -3.96 6.24
N SER B 38 -3.99 -5.23 6.37
CA SER B 38 -3.64 -6.32 5.42
C SER B 38 -4.13 -6.03 3.98
N THR B 39 -5.33 -5.43 3.87
CA THR B 39 -5.97 -5.09 2.59
C THR B 39 -5.28 -3.90 1.90
N ALA B 40 -5.05 -2.81 2.65
CA ALA B 40 -4.34 -1.60 2.14
C ALA B 40 -2.88 -1.89 1.74
N LEU B 41 -2.26 -2.85 2.45
CA LEU B 41 -0.90 -3.36 2.18
C LEU B 41 -0.89 -4.24 0.90
N ALA B 42 -1.95 -5.03 0.70
CA ALA B 42 -2.16 -5.83 -0.54
C ALA B 42 -2.44 -4.91 -1.77
N VAL B 43 -3.20 -3.83 -1.53
CA VAL B 43 -3.43 -2.74 -2.51
C VAL B 43 -2.10 -2.00 -2.85
N GLY B 44 -1.19 -1.94 -1.85
CA GLY B 44 0.18 -1.44 -2.06
C GLY B 44 1.00 -2.27 -3.08
N TRP B 45 0.74 -3.61 -3.10
CA TRP B 45 1.34 -4.52 -4.11
C TRP B 45 0.70 -4.31 -5.51
N LEU B 46 -0.52 -3.79 -5.55
CA LEU B 46 -1.14 -3.34 -6.81
C LEU B 46 -0.52 -1.99 -7.29
N ALA B 47 -0.27 -1.08 -6.33
CA ALA B 47 0.32 0.27 -6.58
C ALA B 47 1.74 0.20 -7.21
N ARG B 48 2.50 -0.85 -6.89
CA ARG B 48 3.86 -1.07 -7.48
C ARG B 48 3.80 -1.51 -8.97
N GLU B 49 2.60 -1.92 -9.43
CA GLU B 49 2.31 -2.18 -10.87
C GLU B 49 1.26 -1.17 -11.41
N ASN B 50 1.03 -0.07 -10.66
CA ASN B 50 0.02 0.99 -10.94
C ASN B 50 -1.40 0.46 -11.28
N LYS B 51 -1.74 -0.74 -10.75
CA LYS B 51 -3.05 -1.40 -10.93
C LYS B 51 -4.19 -0.70 -10.15
N VAL B 52 -3.85 0.24 -9.24
CA VAL B 52 -4.83 1.03 -8.46
C VAL B 52 -4.60 2.57 -8.62
N VAL B 53 -5.73 3.30 -8.59
CA VAL B 53 -5.78 4.78 -8.66
C VAL B 53 -6.27 5.32 -7.29
N ILE B 54 -5.45 6.14 -6.62
CA ILE B 54 -5.70 6.61 -5.25
C ILE B 54 -6.33 8.02 -5.30
N GLU B 55 -7.61 8.12 -4.93
CA GLU B 55 -8.38 9.36 -5.08
C GLU B 55 -8.92 9.84 -3.71
N ARG B 56 -8.39 10.98 -3.24
CA ARG B 56 -8.74 11.56 -1.93
C ARG B 56 -9.87 12.59 -2.09
N LYS B 57 -11.09 12.12 -1.85
CA LYS B 57 -12.33 12.90 -2.00
C LYS B 57 -12.85 13.31 -0.61
N ASN B 58 -12.81 14.62 -0.32
CA ASN B 58 -13.13 15.20 1.01
C ASN B 58 -12.24 14.60 2.14
N GLY B 59 -11.00 14.22 1.76
CA GLY B 59 -10.05 13.54 2.66
C GLY B 59 -10.12 12.00 2.60
N LEU B 60 -11.27 11.46 2.15
CA LEU B 60 -11.54 10.01 2.11
C LEU B 60 -10.87 9.34 0.89
N ILE B 61 -10.08 8.28 1.12
CA ILE B 61 -9.30 7.61 0.06
C ILE B 61 -10.08 6.42 -0.57
N GLU B 62 -10.27 6.48 -1.89
CA GLU B 62 -10.91 5.41 -2.70
C GLU B 62 -9.90 4.86 -3.71
N ILE B 63 -9.88 3.53 -3.93
CA ILE B 63 -8.93 2.88 -4.86
C ILE B 63 -9.65 2.25 -6.08
N TYR B 64 -9.54 2.93 -7.24
CA TYR B 64 -10.06 2.45 -8.53
C TYR B 64 -9.06 1.47 -9.21
N ASN B 65 -9.49 0.75 -10.25
CA ASN B 65 -8.59 -0.17 -10.99
C ASN B 65 -7.95 0.51 -12.23
N GLU B 66 -6.88 -0.12 -12.76
CA GLU B 66 -6.17 0.33 -14.00
C GLU B 66 -7.08 0.25 -15.26
N GLY B 67 -8.16 -0.57 -15.19
CA GLY B 67 -9.11 -0.77 -16.30
C GLY B 67 -9.88 0.49 -16.75
N HIS B 68 -9.80 1.57 -15.95
CA HIS B 68 -10.35 2.89 -16.33
C HIS B 68 -9.36 3.71 -17.19
N PHE B 69 -8.05 3.55 -16.90
CA PHE B 69 -6.98 4.20 -17.67
C PHE B 69 -6.29 3.16 -18.58
N ASP B 70 -6.87 2.95 -19.77
CA ASP B 70 -6.43 1.93 -20.75
C ASP B 70 -5.27 2.46 -21.65
N PHE B 71 -4.39 3.27 -21.05
CA PHE B 71 -3.19 3.83 -21.71
C PHE B 71 -1.93 2.98 -21.38
N SER B 72 -2.14 1.69 -21.06
CA SER B 72 -1.06 0.73 -20.71
C SER B 72 -0.37 0.15 -21.97
N PHE B 73 -0.96 0.40 -23.16
CA PHE B 73 -0.36 0.02 -24.46
C PHE B 73 0.86 0.92 -24.82
N GLY B 74 1.49 0.63 -25.96
CA GLY B 74 2.60 1.45 -26.46
C GLY B 74 2.82 1.24 -27.96
N LEU B 75 4.07 1.44 -28.39
CA LEU B 75 4.49 1.25 -29.79
C LEU B 75 5.39 0.00 -29.88
N GLU B 76 5.36 -0.67 -31.04
CA GLU B 76 6.20 -1.85 -31.33
C GLU B 76 7.71 -1.53 -31.20
N HIS B 77 8.50 -2.48 -30.70
CA HIS B 77 9.97 -2.32 -30.59
C HIS B 77 10.61 -2.31 -32.00
N HIS B 78 10.89 -1.10 -32.52
CA HIS B 78 11.41 -0.89 -33.87
C HIS B 78 12.83 -1.49 -34.04
N HIS B 79 12.95 -2.45 -34.96
CA HIS B 79 14.22 -3.13 -35.27
C HIS B 79 14.41 -3.24 -36.80
N HIS B 80 15.66 -3.46 -37.24
CA HIS B 80 16.00 -3.62 -38.67
C HIS B 80 15.51 -4.99 -39.22
N HIS B 81 14.75 -4.95 -40.34
CA HIS B 81 14.27 -6.18 -41.03
C HIS B 81 15.43 -6.91 -41.75
N HIS B 82 15.57 -8.22 -41.49
CA HIS B 82 16.58 -9.09 -42.14
C HIS B 82 16.14 -10.56 -42.05
N MET A 1 -1.03 11.38 -11.30
CA MET A 1 -0.80 12.22 -10.10
C MET A 1 -0.52 11.38 -8.83
N ASP A 2 -0.99 10.12 -8.78
CA ASP A 2 -0.91 9.28 -7.56
C ASP A 2 0.55 8.86 -7.22
N LYS A 3 1.38 8.62 -8.28
CA LYS A 3 2.77 8.10 -8.12
C LYS A 3 3.67 9.07 -7.33
N LYS A 4 3.60 10.37 -7.70
CA LYS A 4 4.40 11.44 -7.05
C LYS A 4 3.94 11.69 -5.58
N ILE A 5 2.63 11.52 -5.31
CA ILE A 5 2.05 11.70 -3.95
C ILE A 5 2.53 10.59 -3.00
N VAL A 6 2.23 9.33 -3.37
CA VAL A 6 2.58 8.15 -2.52
C VAL A 6 4.10 7.97 -2.39
N GLY A 7 4.86 8.42 -3.41
CA GLY A 7 6.33 8.48 -3.35
C GLY A 7 6.84 9.53 -2.36
N ALA A 8 6.18 10.71 -2.39
CA ALA A 8 6.48 11.85 -1.50
C ALA A 8 6.26 11.48 0.00
N ASN A 9 5.18 10.74 0.28
CA ASN A 9 4.83 10.30 1.65
C ASN A 9 5.56 8.99 2.05
N ALA A 10 6.02 8.20 1.06
CA ALA A 10 6.75 6.92 1.33
C ALA A 10 8.11 7.19 2.02
N GLY A 11 8.74 8.33 1.66
CA GLY A 11 9.98 8.78 2.29
C GLY A 11 9.84 9.10 3.78
N LYS A 12 8.72 9.74 4.17
CA LYS A 12 8.45 10.12 5.57
C LYS A 12 8.02 8.88 6.42
N VAL A 13 7.36 7.91 5.76
CA VAL A 13 6.99 6.60 6.39
C VAL A 13 8.25 5.77 6.69
N TRP A 14 9.16 5.69 5.70
CA TRP A 14 10.45 4.99 5.84
C TRP A 14 11.33 5.68 6.90
N HIS A 15 11.25 7.03 6.98
CA HIS A 15 11.94 7.82 8.04
C HIS A 15 11.42 7.46 9.45
N ALA A 16 10.10 7.27 9.58
CA ALA A 16 9.49 6.89 10.89
C ALA A 16 9.96 5.49 11.36
N LEU A 17 10.25 4.62 10.38
CA LEU A 17 10.90 3.32 10.58
C LEU A 17 12.39 3.47 10.99
N ASN A 18 13.09 4.42 10.32
CA ASN A 18 14.49 4.82 10.66
C ASN A 18 14.59 5.36 12.11
N GLU A 19 13.47 5.92 12.62
CA GLU A 19 13.34 6.33 14.04
C GLU A 19 13.10 5.09 14.94
N ALA A 20 12.11 4.25 14.55
CA ALA A 20 11.71 3.02 15.30
C ALA A 20 10.80 2.10 14.45
N ASP A 21 11.36 0.94 14.02
CA ASP A 21 10.65 -0.07 13.19
C ASP A 21 10.01 -1.20 14.05
N GLY A 22 9.36 -2.16 13.35
CA GLY A 22 8.55 -3.20 14.02
C GLY A 22 7.23 -2.63 14.55
N ILE A 23 6.70 -1.64 13.82
CA ILE A 23 5.56 -0.81 14.26
C ILE A 23 4.31 -1.08 13.38
N SER A 24 3.12 -1.01 14.01
CA SER A 24 1.82 -1.16 13.32
C SER A 24 1.42 0.14 12.60
N ILE A 25 0.61 0.02 11.54
CA ILE A 25 0.22 1.16 10.68
C ILE A 25 -0.53 2.35 11.41
N PRO A 26 -1.53 2.12 12.34
CA PRO A 26 -2.22 3.24 13.06
C PRO A 26 -1.25 4.05 13.97
N GLU A 27 -0.24 3.36 14.52
CA GLU A 27 0.78 3.97 15.40
C GLU A 27 1.79 4.77 14.57
N LEU A 28 2.05 4.21 13.40
CA LEU A 28 2.93 4.75 12.37
C LEU A 28 2.30 6.00 11.68
N ALA A 29 0.97 5.99 11.55
CA ALA A 29 0.17 7.12 11.01
C ALA A 29 0.35 8.39 11.88
N ARG A 30 0.44 8.17 13.20
CA ARG A 30 0.74 9.21 14.20
C ARG A 30 2.15 9.80 14.00
N LYS A 31 3.11 8.92 13.67
CA LYS A 31 4.52 9.30 13.38
C LYS A 31 4.64 10.15 12.10
N VAL A 32 3.92 9.73 11.04
CA VAL A 32 4.05 10.32 9.68
C VAL A 32 2.98 11.38 9.35
N ASN A 33 2.20 11.80 10.38
CA ASN A 33 1.19 12.90 10.29
C ASN A 33 -0.02 12.56 9.37
N LEU A 34 -0.15 11.29 8.94
CA LEU A 34 -1.21 10.85 8.00
C LEU A 34 -2.29 9.99 8.71
N SER A 35 -3.33 9.58 7.95
CA SER A 35 -4.30 8.56 8.40
C SER A 35 -3.82 7.13 8.05
N VAL A 36 -4.47 6.12 8.66
CA VAL A 36 -4.13 4.67 8.49
C VAL A 36 -4.08 4.26 6.99
N GLU A 37 -5.11 4.66 6.23
CA GLU A 37 -5.20 4.38 4.78
C GLU A 37 -4.03 5.01 3.98
N SER A 38 -3.82 6.33 4.17
CA SER A 38 -2.78 7.11 3.47
C SER A 38 -1.34 6.64 3.80
N THR A 39 -1.17 6.08 5.02
CA THR A 39 0.12 5.57 5.52
C THR A 39 0.43 4.16 4.95
N ALA A 40 -0.52 3.21 5.12
CA ALA A 40 -0.37 1.79 4.67
C ALA A 40 -0.17 1.69 3.14
N LEU A 41 -0.76 2.65 2.43
CA LEU A 41 -0.61 2.83 0.97
C LEU A 41 0.88 3.09 0.61
N ALA A 42 1.46 4.11 1.30
CA ALA A 42 2.86 4.52 1.11
C ALA A 42 3.85 3.41 1.54
N VAL A 43 3.39 2.55 2.48
CA VAL A 43 4.14 1.32 2.89
C VAL A 43 4.20 0.31 1.72
N GLY A 44 3.09 0.18 0.97
CA GLY A 44 3.05 -0.64 -0.25
C GLY A 44 3.98 -0.10 -1.36
N TRP A 45 4.13 1.23 -1.42
CA TRP A 45 5.04 1.92 -2.37
C TRP A 45 6.52 1.77 -1.95
N LEU A 46 6.77 1.55 -0.65
CA LEU A 46 8.09 1.11 -0.15
C LEU A 46 8.34 -0.38 -0.52
N ALA A 47 7.33 -1.23 -0.27
CA ALA A 47 7.40 -2.70 -0.48
C ALA A 47 7.70 -3.08 -1.96
N ARG A 48 7.23 -2.25 -2.92
CA ARG A 48 7.44 -2.50 -4.37
C ARG A 48 8.95 -2.57 -4.75
N GLU A 49 9.77 -1.69 -4.14
CA GLU A 49 11.24 -1.62 -4.37
C GLU A 49 12.01 -2.40 -3.28
N ASN A 50 11.25 -3.18 -2.47
CA ASN A 50 11.79 -4.00 -1.36
C ASN A 50 12.45 -3.13 -0.28
N LYS A 51 11.86 -1.95 0.01
CA LYS A 51 12.37 -1.00 1.03
C LYS A 51 11.95 -1.42 2.47
N VAL A 52 10.92 -2.26 2.58
CA VAL A 52 10.39 -2.74 3.89
C VAL A 52 10.19 -4.28 3.89
N VAL A 53 10.30 -4.90 5.08
CA VAL A 53 10.04 -6.34 5.29
C VAL A 53 8.88 -6.51 6.31
N ILE A 54 7.81 -7.21 5.87
CA ILE A 54 6.57 -7.40 6.68
C ILE A 54 6.58 -8.79 7.37
N GLU A 55 6.19 -8.83 8.67
CA GLU A 55 6.05 -10.08 9.45
C GLU A 55 4.74 -10.09 10.26
N ARG A 56 3.85 -11.06 9.98
CA ARG A 56 2.60 -11.30 10.76
C ARG A 56 2.90 -12.13 12.02
N LYS A 57 2.78 -11.49 13.20
CA LYS A 57 3.09 -12.11 14.51
C LYS A 57 1.91 -11.92 15.49
N ASN A 58 1.49 -13.05 16.14
CA ASN A 58 0.32 -13.15 17.06
C ASN A 58 -0.97 -12.43 16.54
N GLY A 59 -1.23 -12.60 15.23
CA GLY A 59 -2.39 -11.99 14.55
C GLY A 59 -2.14 -10.58 13.98
N LEU A 60 -1.20 -9.85 14.61
CA LEU A 60 -0.81 -8.47 14.18
C LEU A 60 0.11 -8.52 12.96
N ILE A 61 0.19 -7.40 12.25
CA ILE A 61 1.08 -7.22 11.09
C ILE A 61 2.05 -6.04 11.34
N GLU A 62 3.35 -6.35 11.35
CA GLU A 62 4.44 -5.41 11.68
C GLU A 62 5.33 -5.17 10.45
N ILE A 63 5.80 -3.93 10.25
CA ILE A 63 6.73 -3.60 9.16
C ILE A 63 8.12 -3.14 9.72
N TYR A 64 9.18 -3.59 9.04
CA TYR A 64 10.59 -3.37 9.44
C TYR A 64 11.37 -2.68 8.29
N ASN A 65 12.58 -2.18 8.58
CA ASN A 65 13.47 -1.60 7.52
C ASN A 65 14.13 -2.72 6.69
N GLU A 66 14.46 -2.43 5.42
CA GLU A 66 15.33 -3.32 4.62
C GLU A 66 16.82 -3.13 5.03
N GLY A 67 17.64 -4.12 4.69
CA GLY A 67 18.99 -4.29 5.25
C GLY A 67 19.18 -5.74 5.72
N HIS A 68 18.03 -6.45 5.86
CA HIS A 68 17.97 -7.87 6.26
C HIS A 68 18.43 -8.77 5.08
N PHE A 69 18.11 -8.33 3.86
CA PHE A 69 18.59 -8.93 2.59
C PHE A 69 19.74 -8.07 1.99
N ASP A 70 20.39 -7.25 2.87
CA ASP A 70 21.57 -6.38 2.56
C ASP A 70 21.22 -5.11 1.73
N PHE A 71 20.58 -5.29 0.55
CA PHE A 71 20.29 -4.18 -0.39
C PHE A 71 19.16 -3.25 0.14
N SER A 72 19.57 -2.23 0.95
CA SER A 72 18.64 -1.22 1.52
C SER A 72 18.70 0.11 0.72
N PHE A 73 19.24 0.04 -0.51
CA PHE A 73 19.48 1.22 -1.38
C PHE A 73 18.17 1.87 -1.87
N GLY A 74 18.29 3.06 -2.49
CA GLY A 74 17.12 3.86 -2.90
C GLY A 74 16.80 4.95 -1.88
N LEU A 75 17.61 6.02 -1.87
CA LEU A 75 17.56 7.07 -0.84
C LEU A 75 16.52 8.16 -1.19
N GLU A 76 16.20 9.00 -0.19
CA GLU A 76 15.34 10.19 -0.38
C GLU A 76 16.21 11.45 -0.55
N HIS A 77 15.71 12.43 -1.33
CA HIS A 77 16.47 13.65 -1.71
C HIS A 77 16.13 14.87 -0.81
N HIS A 78 14.82 15.16 -0.66
CA HIS A 78 14.34 16.39 0.03
C HIS A 78 12.86 16.28 0.50
N HIS A 79 12.46 17.23 1.39
CA HIS A 79 11.06 17.41 1.83
C HIS A 79 10.13 17.78 0.64
N HIS A 80 8.87 17.30 0.68
CA HIS A 80 7.94 17.35 -0.48
C HIS A 80 6.94 18.52 -0.43
N HIS A 81 6.30 18.77 -1.59
CA HIS A 81 5.14 19.69 -1.76
C HIS A 81 3.89 18.84 -2.14
N HIS A 82 2.67 19.40 -1.94
CA HIS A 82 1.40 18.66 -2.26
C HIS A 82 1.26 18.40 -3.78
N MET B 1 9.45 -14.05 2.02
CA MET B 1 8.19 -14.45 2.62
C MET B 1 7.08 -13.44 2.29
N ASP B 2 7.23 -12.21 2.82
CA ASP B 2 6.21 -11.15 2.77
C ASP B 2 5.89 -10.66 1.34
N LYS B 3 6.93 -10.63 0.49
CA LYS B 3 6.79 -10.28 -0.95
C LYS B 3 5.84 -11.28 -1.68
N LYS B 4 5.80 -12.54 -1.18
CA LYS B 4 4.86 -13.58 -1.67
C LYS B 4 3.41 -13.34 -1.18
N ILE B 5 3.25 -12.97 0.12
CA ILE B 5 1.91 -12.65 0.71
C ILE B 5 1.27 -11.44 -0.02
N VAL B 6 2.02 -10.33 -0.14
CA VAL B 6 1.50 -9.07 -0.74
C VAL B 6 1.19 -9.23 -2.24
N GLY B 7 1.95 -10.11 -2.93
CA GLY B 7 1.69 -10.45 -4.34
C GLY B 7 0.44 -11.32 -4.50
N ALA B 8 0.31 -12.35 -3.64
CA ALA B 8 -0.82 -13.30 -3.65
C ALA B 8 -2.17 -12.61 -3.37
N ASN B 9 -2.23 -11.85 -2.26
CA ASN B 9 -3.44 -11.11 -1.83
C ASN B 9 -3.69 -9.85 -2.68
N ALA B 10 -2.69 -9.40 -3.48
CA ALA B 10 -2.88 -8.32 -4.47
C ALA B 10 -3.81 -8.79 -5.61
N GLY B 11 -3.78 -10.10 -5.89
CA GLY B 11 -4.70 -10.73 -6.83
C GLY B 11 -6.17 -10.70 -6.36
N LYS B 12 -6.36 -10.98 -5.06
CA LYS B 12 -7.70 -11.00 -4.43
C LYS B 12 -8.30 -9.57 -4.32
N VAL B 13 -7.51 -8.60 -3.83
CA VAL B 13 -7.97 -7.19 -3.66
C VAL B 13 -8.24 -6.51 -5.02
N TRP B 14 -7.45 -6.88 -6.06
CA TRP B 14 -7.66 -6.38 -7.43
C TRP B 14 -8.96 -6.93 -8.04
N HIS B 15 -9.24 -8.22 -7.80
CA HIS B 15 -10.45 -8.90 -8.32
C HIS B 15 -11.74 -8.37 -7.64
N ALA B 16 -11.67 -8.14 -6.31
CA ALA B 16 -12.78 -7.56 -5.52
C ALA B 16 -13.03 -6.08 -5.92
N LEU B 17 -11.95 -5.39 -6.30
CA LEU B 17 -12.00 -4.05 -6.92
C LEU B 17 -12.65 -4.13 -8.33
N ASN B 18 -12.24 -5.14 -9.13
CA ASN B 18 -12.68 -5.29 -10.54
C ASN B 18 -14.21 -5.52 -10.66
N GLU B 19 -14.77 -6.27 -9.68
CA GLU B 19 -16.23 -6.56 -9.61
C GLU B 19 -17.01 -5.41 -8.91
N ALA B 20 -16.35 -4.70 -7.96
CA ALA B 20 -16.98 -3.62 -7.17
C ALA B 20 -16.04 -2.39 -7.08
N ASP B 21 -16.42 -1.32 -7.80
CA ASP B 21 -15.61 -0.08 -7.98
C ASP B 21 -15.69 0.87 -6.76
N GLY B 22 -14.91 1.98 -6.79
CA GLY B 22 -15.10 3.16 -5.91
C GLY B 22 -15.30 2.84 -4.43
N ILE B 23 -14.53 1.86 -3.94
CA ILE B 23 -14.74 1.26 -2.62
C ILE B 23 -13.56 1.61 -1.67
N SER B 24 -13.85 2.15 -0.46
CA SER B 24 -12.79 2.55 0.51
C SER B 24 -12.05 1.32 1.06
N ILE B 25 -10.82 1.52 1.58
CA ILE B 25 -9.91 0.41 1.97
C ILE B 25 -10.49 -0.55 3.08
N PRO B 26 -11.14 -0.06 4.20
CA PRO B 26 -11.80 -0.97 5.20
C PRO B 26 -13.03 -1.72 4.62
N GLU B 27 -13.70 -1.10 3.63
CA GLU B 27 -14.88 -1.66 2.94
C GLU B 27 -14.48 -2.69 1.86
N LEU B 28 -13.28 -2.50 1.36
CA LEU B 28 -12.57 -3.43 0.49
C LEU B 28 -12.00 -4.63 1.31
N ALA B 29 -11.52 -4.33 2.53
CA ALA B 29 -10.89 -5.31 3.45
C ALA B 29 -11.86 -6.43 3.89
N ARG B 30 -13.13 -6.05 4.15
CA ARG B 30 -14.21 -7.00 4.51
C ARG B 30 -14.59 -7.93 3.32
N LYS B 31 -14.51 -7.40 2.08
CA LYS B 31 -14.77 -8.19 0.84
C LYS B 31 -13.69 -9.29 0.65
N VAL B 32 -12.41 -8.89 0.87
CA VAL B 32 -11.23 -9.77 0.67
C VAL B 32 -10.85 -10.55 1.96
N ASN B 33 -11.56 -10.26 3.07
CA ASN B 33 -11.40 -10.96 4.38
C ASN B 33 -10.00 -10.74 5.02
N LEU B 34 -9.31 -9.64 4.62
CA LEU B 34 -8.00 -9.23 5.19
C LEU B 34 -8.17 -8.05 6.15
N SER B 35 -7.16 -7.81 7.01
CA SER B 35 -7.06 -6.58 7.84
C SER B 35 -6.89 -5.33 6.95
N VAL B 36 -7.35 -4.15 7.43
CA VAL B 36 -7.22 -2.85 6.70
C VAL B 36 -5.76 -2.57 6.30
N GLU B 37 -4.85 -2.82 7.26
CA GLU B 37 -3.39 -2.69 7.08
C GLU B 37 -2.87 -3.61 5.94
N SER B 38 -3.30 -4.89 5.97
CA SER B 38 -2.90 -5.94 4.99
C SER B 38 -3.45 -5.66 3.57
N THR B 39 -4.69 -5.13 3.52
CA THR B 39 -5.42 -4.84 2.27
C THR B 39 -4.79 -3.64 1.55
N ALA B 40 -4.61 -2.52 2.28
CA ALA B 40 -3.97 -1.27 1.77
C ALA B 40 -2.53 -1.51 1.25
N LEU B 41 -1.86 -2.47 1.89
CA LEU B 41 -0.49 -2.93 1.52
C LEU B 41 -0.52 -3.59 0.11
N ALA B 42 -1.43 -4.58 -0.05
CA ALA B 42 -1.62 -5.33 -1.31
C ALA B 42 -2.10 -4.41 -2.46
N VAL B 43 -2.84 -3.36 -2.09
CA VAL B 43 -3.27 -2.29 -3.02
C VAL B 43 -2.06 -1.43 -3.48
N GLY B 44 -1.15 -1.13 -2.52
CA GLY B 44 0.14 -0.47 -2.82
C GLY B 44 1.04 -1.29 -3.76
N TRP B 45 0.88 -2.64 -3.72
CA TRP B 45 1.57 -3.57 -4.64
C TRP B 45 1.00 -3.49 -6.08
N LEU B 46 -0.31 -3.24 -6.19
CA LEU B 46 -1.00 -2.98 -7.48
C LEU B 46 -0.61 -1.59 -8.04
N ALA B 47 -0.38 -0.62 -7.12
CA ALA B 47 0.16 0.73 -7.48
C ALA B 47 1.56 0.64 -8.13
N ARG B 48 2.37 -0.37 -7.74
CA ARG B 48 3.62 -0.74 -8.45
C ARG B 48 3.32 -1.11 -9.92
N GLU B 49 2.34 -2.01 -10.08
CA GLU B 49 1.99 -2.61 -11.38
C GLU B 49 1.11 -1.67 -12.25
N ASN B 50 0.70 -0.52 -11.66
CA ASN B 50 -0.12 0.54 -12.32
C ASN B 50 -1.53 0.01 -12.74
N LYS B 51 -1.98 -1.06 -12.06
CA LYS B 51 -3.24 -1.75 -12.35
C LYS B 51 -4.45 -1.13 -11.60
N VAL B 52 -4.21 -0.12 -10.74
CA VAL B 52 -5.28 0.53 -9.94
C VAL B 52 -5.15 2.07 -9.95
N VAL B 53 -6.24 2.74 -9.50
CA VAL B 53 -6.31 4.22 -9.35
C VAL B 53 -6.48 4.64 -7.87
N ILE B 54 -5.65 5.61 -7.42
CA ILE B 54 -5.70 6.14 -6.04
C ILE B 54 -6.16 7.62 -6.03
N GLU B 55 -7.11 7.95 -5.13
CA GLU B 55 -7.47 9.34 -4.81
C GLU B 55 -7.58 9.56 -3.28
N ARG B 56 -7.45 10.83 -2.87
CA ARG B 56 -7.75 11.30 -1.51
C ARG B 56 -9.01 12.22 -1.55
N LYS B 57 -10.14 11.71 -1.06
CA LYS B 57 -11.44 12.41 -1.05
C LYS B 57 -11.94 12.58 0.42
N ASN B 58 -12.03 13.85 0.87
CA ASN B 58 -12.42 14.23 2.26
C ASN B 58 -11.50 13.56 3.32
N GLY B 59 -10.22 13.31 2.94
CA GLY B 59 -9.23 12.65 3.79
C GLY B 59 -9.13 11.13 3.58
N LEU B 60 -10.22 10.50 3.09
CA LEU B 60 -10.34 9.03 2.95
C LEU B 60 -9.85 8.56 1.57
N ILE B 61 -9.49 7.26 1.46
CA ILE B 61 -9.04 6.66 0.17
C ILE B 61 -10.15 5.72 -0.37
N GLU B 62 -10.49 5.86 -1.66
CA GLU B 62 -11.34 4.87 -2.39
C GLU B 62 -10.54 4.38 -3.61
N ILE B 63 -10.58 3.06 -3.84
CA ILE B 63 -9.83 2.42 -4.92
C ILE B 63 -10.71 2.32 -6.19
N TYR B 64 -10.16 2.75 -7.35
CA TYR B 64 -10.86 2.68 -8.66
C TYR B 64 -10.10 1.74 -9.64
N ASN B 65 -10.77 1.42 -10.76
CA ASN B 65 -10.32 0.37 -11.70
C ASN B 65 -9.35 0.91 -12.78
N GLU B 66 -8.08 0.43 -12.73
CA GLU B 66 -7.10 0.38 -13.87
C GLU B 66 -7.12 1.58 -14.87
N GLY B 67 -6.77 1.31 -16.16
CA GLY B 67 -6.67 2.35 -17.20
C GLY B 67 -8.02 2.90 -17.71
N HIS B 68 -8.66 3.71 -16.87
CA HIS B 68 -9.77 4.62 -17.24
C HIS B 68 -9.91 5.70 -16.15
N PHE B 69 -8.74 6.23 -15.74
CA PHE B 69 -8.62 7.29 -14.72
C PHE B 69 -8.56 8.72 -15.36
N ASP B 70 -9.03 8.84 -16.61
CA ASP B 70 -9.17 10.15 -17.30
C ASP B 70 -10.18 11.04 -16.54
N PHE B 71 -11.28 10.42 -16.13
CA PHE B 71 -12.28 11.00 -15.21
C PHE B 71 -12.63 9.95 -14.14
N SER B 72 -12.43 10.31 -12.85
CA SER B 72 -12.88 9.49 -11.72
C SER B 72 -14.41 9.60 -11.58
N PHE B 73 -15.11 8.47 -11.85
CA PHE B 73 -16.56 8.44 -12.07
C PHE B 73 -17.38 8.71 -10.78
N GLY B 74 -17.61 10.01 -10.49
CA GLY B 74 -18.63 10.43 -9.53
C GLY B 74 -20.01 10.49 -10.17
N LEU B 75 -20.03 10.59 -11.52
CA LEU B 75 -21.24 10.53 -12.36
C LEU B 75 -21.83 9.09 -12.35
N GLU B 76 -22.58 8.78 -11.27
CA GLU B 76 -23.21 7.47 -11.00
C GLU B 76 -22.18 6.31 -10.80
N HIS B 77 -22.25 5.65 -9.61
CA HIS B 77 -21.55 4.38 -9.32
C HIS B 77 -22.09 3.74 -8.00
N HIS B 78 -22.82 2.62 -8.13
CA HIS B 78 -23.47 1.91 -6.99
C HIS B 78 -22.57 0.83 -6.36
N HIS B 79 -21.91 -0.01 -7.21
CA HIS B 79 -21.14 -1.23 -6.79
C HIS B 79 -21.90 -2.07 -5.70
N HIS B 80 -22.93 -2.80 -6.18
CA HIS B 80 -23.90 -3.53 -5.32
C HIS B 80 -23.27 -4.74 -4.59
N HIS B 81 -23.79 -5.03 -3.37
CA HIS B 81 -23.38 -6.22 -2.57
C HIS B 81 -23.92 -7.53 -3.20
N HIS B 82 -23.03 -8.26 -3.89
CA HIS B 82 -23.34 -9.56 -4.53
C HIS B 82 -23.84 -10.62 -3.53
N MET A 1 -3.81 10.19 -9.25
CA MET A 1 -3.34 11.02 -8.08
C MET A 1 -2.31 10.25 -7.22
N ASP A 2 -2.49 8.93 -7.10
CA ASP A 2 -1.69 8.06 -6.20
C ASP A 2 -0.15 8.14 -6.42
N LYS A 3 0.30 8.22 -7.68
CA LYS A 3 1.76 8.25 -8.01
C LYS A 3 2.50 9.47 -7.41
N LYS A 4 1.76 10.56 -7.15
CA LYS A 4 2.26 11.74 -6.40
C LYS A 4 2.26 11.48 -4.87
N ILE A 5 1.14 10.91 -4.37
CA ILE A 5 0.94 10.62 -2.93
C ILE A 5 2.00 9.63 -2.39
N VAL A 6 2.09 8.44 -3.02
CA VAL A 6 2.88 7.28 -2.54
C VAL A 6 4.36 7.63 -2.27
N GLY A 7 5.00 8.39 -3.19
CA GLY A 7 6.41 8.78 -3.04
C GLY A 7 6.62 9.86 -1.96
N ALA A 8 5.70 10.84 -1.91
CA ALA A 8 5.71 11.93 -0.90
C ALA A 8 5.60 11.40 0.55
N ASN A 9 4.80 10.34 0.73
CA ASN A 9 4.65 9.66 2.04
C ASN A 9 5.72 8.56 2.27
N ALA A 10 6.35 8.03 1.18
CA ALA A 10 7.31 6.89 1.27
C ALA A 10 8.63 7.30 1.94
N GLY A 11 9.10 8.52 1.62
CA GLY A 11 10.30 9.08 2.26
C GLY A 11 10.10 9.37 3.76
N LYS A 12 8.86 9.74 4.12
CA LYS A 12 8.44 9.99 5.51
C LYS A 12 8.35 8.69 6.35
N VAL A 13 7.69 7.65 5.81
CA VAL A 13 7.43 6.38 6.55
C VAL A 13 8.70 5.50 6.65
N TRP A 14 9.58 5.54 5.62
CA TRP A 14 10.87 4.82 5.65
C TRP A 14 11.85 5.49 6.66
N HIS A 15 11.76 6.83 6.75
CA HIS A 15 12.46 7.62 7.80
C HIS A 15 11.97 7.24 9.22
N ALA A 16 10.66 6.93 9.32
CA ALA A 16 10.03 6.51 10.59
C ALA A 16 10.53 5.12 11.07
N LEU A 17 10.87 4.27 10.09
CA LEU A 17 11.55 2.97 10.34
C LEU A 17 13.00 3.19 10.85
N ASN A 18 13.63 4.30 10.38
CA ASN A 18 14.97 4.73 10.85
C ASN A 18 14.92 5.35 12.27
N GLU A 19 13.73 5.86 12.67
CA GLU A 19 13.47 6.29 14.07
C GLU A 19 13.53 5.06 15.00
N ALA A 20 12.66 4.07 14.69
CA ALA A 20 12.59 2.76 15.36
C ALA A 20 11.67 1.81 14.58
N ASP A 21 12.24 0.70 14.08
CA ASP A 21 11.48 -0.38 13.41
C ASP A 21 10.97 -1.41 14.44
N GLY A 22 10.07 -2.30 14.03
CA GLY A 22 9.38 -3.19 14.99
C GLY A 22 8.18 -2.49 15.61
N ILE A 23 7.24 -2.11 14.73
CA ILE A 23 6.07 -1.29 15.09
C ILE A 23 4.95 -1.53 14.05
N SER A 24 3.69 -1.39 14.48
CA SER A 24 2.50 -1.56 13.59
C SER A 24 2.18 -0.24 12.86
N ILE A 25 1.44 -0.36 11.73
CA ILE A 25 1.13 0.77 10.81
C ILE A 25 0.41 1.99 11.50
N PRO A 26 -0.71 1.80 12.30
CA PRO A 26 -1.43 2.94 12.95
C PRO A 26 -0.64 3.60 14.11
N GLU A 27 0.31 2.85 14.69
CA GLU A 27 1.18 3.33 15.79
C GLU A 27 2.30 4.21 15.22
N LEU A 28 2.78 3.76 14.07
CA LEU A 28 3.76 4.45 13.24
C LEU A 28 3.18 5.74 12.61
N ALA A 29 1.87 5.68 12.27
CA ALA A 29 1.09 6.83 11.73
C ALA A 29 1.08 8.03 12.70
N ARG A 30 1.09 7.73 14.01
CA ARG A 30 1.11 8.74 15.10
C ARG A 30 2.44 9.53 15.10
N LYS A 31 3.55 8.85 14.75
CA LYS A 31 4.90 9.46 14.66
C LYS A 31 5.00 10.45 13.48
N VAL A 32 4.49 10.01 12.32
CA VAL A 32 4.65 10.72 11.02
C VAL A 32 3.53 11.75 10.71
N ASN A 33 2.49 11.80 11.59
CA ASN A 33 1.32 12.71 11.45
C ASN A 33 0.42 12.36 10.21
N LEU A 34 0.70 11.21 9.57
CA LEU A 34 -0.06 10.73 8.38
C LEU A 34 -1.20 9.80 8.82
N SER A 35 -2.24 9.68 7.98
CA SER A 35 -3.31 8.67 8.16
C SER A 35 -2.76 7.23 8.11
N VAL A 36 -3.43 6.29 8.82
CA VAL A 36 -3.10 4.84 8.77
C VAL A 36 -3.06 4.33 7.31
N GLU A 37 -4.05 4.79 6.54
CA GLU A 37 -4.21 4.48 5.09
C GLU A 37 -3.04 5.06 4.25
N SER A 38 -2.62 6.30 4.59
CA SER A 38 -1.51 7.01 3.90
C SER A 38 -0.15 6.33 4.16
N THR A 39 0.06 5.92 5.41
CA THR A 39 1.28 5.21 5.87
C THR A 39 1.39 3.81 5.21
N ALA A 40 0.29 3.04 5.27
CA ALA A 40 0.20 1.68 4.68
C ALA A 40 0.42 1.68 3.15
N LEU A 41 -0.20 2.66 2.47
CA LEU A 41 -0.08 2.82 1.00
C LEU A 41 1.43 3.02 0.60
N ALA A 42 2.08 3.93 1.31
CA ALA A 42 3.50 4.27 1.10
C ALA A 42 4.44 3.06 1.34
N VAL A 43 4.03 2.17 2.25
CA VAL A 43 4.74 0.87 2.52
C VAL A 43 4.67 -0.06 1.28
N GLY A 44 3.48 -0.12 0.63
CA GLY A 44 3.29 -0.91 -0.60
C GLY A 44 4.12 -0.40 -1.79
N TRP A 45 4.42 0.93 -1.79
CA TRP A 45 5.30 1.57 -2.80
C TRP A 45 6.79 1.22 -2.54
N LEU A 46 7.21 1.27 -1.24
CA LEU A 46 8.57 0.88 -0.81
C LEU A 46 8.85 -0.62 -1.10
N ALA A 47 7.80 -1.44 -1.01
CA ALA A 47 7.83 -2.88 -1.36
C ALA A 47 8.27 -3.14 -2.83
N ARG A 48 8.07 -2.15 -3.75
CA ARG A 48 8.46 -2.27 -5.16
C ARG A 48 10.00 -2.27 -5.27
N GLU A 49 10.63 -1.40 -4.45
CA GLU A 49 12.10 -1.32 -4.29
C GLU A 49 12.61 -2.20 -3.12
N ASN A 50 11.70 -3.02 -2.55
CA ASN A 50 11.98 -3.97 -1.43
C ASN A 50 12.59 -3.28 -0.17
N LYS A 51 12.34 -1.97 -0.02
CA LYS A 51 12.89 -1.15 1.09
C LYS A 51 12.21 -1.42 2.45
N VAL A 52 11.11 -2.19 2.44
CA VAL A 52 10.37 -2.58 3.68
C VAL A 52 10.28 -4.11 3.81
N VAL A 53 10.40 -4.59 5.06
CA VAL A 53 10.18 -6.00 5.43
C VAL A 53 8.86 -6.10 6.24
N ILE A 54 7.80 -6.66 5.63
CA ILE A 54 6.50 -6.86 6.31
C ILE A 54 6.49 -8.23 7.01
N GLU A 55 6.26 -8.23 8.33
CA GLU A 55 6.09 -9.46 9.15
C GLU A 55 4.67 -9.52 9.74
N ARG A 56 4.14 -10.74 9.91
CA ARG A 56 2.79 -10.95 10.49
C ARG A 56 2.87 -11.76 11.80
N LYS A 57 2.50 -11.13 12.93
CA LYS A 57 2.44 -11.77 14.26
C LYS A 57 0.97 -11.82 14.76
N ASN A 58 0.38 -13.05 14.82
CA ASN A 58 -1.06 -13.28 15.16
C ASN A 58 -2.04 -12.55 14.20
N GLY A 59 -1.63 -12.35 12.93
CA GLY A 59 -2.43 -11.58 11.95
C GLY A 59 -2.14 -10.06 11.96
N LEU A 60 -1.44 -9.59 13.01
CA LEU A 60 -1.09 -8.14 13.17
C LEU A 60 0.07 -7.76 12.23
N ILE A 61 -0.09 -6.61 11.52
CA ILE A 61 0.86 -6.19 10.47
C ILE A 61 2.01 -5.35 11.10
N GLU A 62 3.22 -5.94 11.07
CA GLU A 62 4.48 -5.28 11.43
C GLU A 62 5.18 -4.83 10.13
N ILE A 63 5.75 -3.62 10.14
CA ILE A 63 6.61 -3.14 9.04
C ILE A 63 7.99 -2.73 9.59
N TYR A 64 9.03 -3.10 8.83
CA TYR A 64 10.44 -2.85 9.16
C TYR A 64 11.13 -2.17 7.96
N ASN A 65 12.33 -1.64 8.18
CA ASN A 65 13.23 -1.20 7.09
C ASN A 65 14.05 -2.40 6.58
N GLU A 66 14.45 -2.38 5.30
CA GLU A 66 15.28 -3.45 4.71
C GLU A 66 16.69 -3.45 5.36
N GLY A 67 17.27 -4.66 5.50
CA GLY A 67 18.53 -4.86 6.23
C GLY A 67 18.44 -6.03 7.21
N HIS A 68 17.21 -6.48 7.50
CA HIS A 68 16.97 -7.67 8.37
C HIS A 68 17.46 -8.99 7.72
N PHE A 69 17.37 -9.08 6.37
CA PHE A 69 18.00 -10.18 5.60
C PHE A 69 19.53 -9.99 5.52
N ASP A 70 20.28 -11.11 5.40
CA ASP A 70 21.77 -11.09 5.37
C ASP A 70 22.30 -10.43 4.06
N PHE A 71 21.77 -10.87 2.91
CA PHE A 71 22.07 -10.30 1.59
C PHE A 71 20.75 -10.08 0.82
N SER A 72 20.24 -8.85 0.91
CA SER A 72 18.97 -8.46 0.24
C SER A 72 19.15 -8.35 -1.28
N PHE A 73 18.58 -9.32 -2.01
CA PHE A 73 18.60 -9.35 -3.49
C PHE A 73 17.75 -8.19 -4.07
N GLY A 74 18.43 -7.12 -4.52
CA GLY A 74 17.77 -5.94 -5.11
C GLY A 74 18.22 -5.63 -6.53
N LEU A 75 18.67 -6.67 -7.25
CA LEU A 75 19.18 -6.55 -8.63
C LEU A 75 18.00 -6.63 -9.63
N GLU A 76 18.05 -5.76 -10.66
CA GLU A 76 17.06 -5.77 -11.76
C GLU A 76 17.06 -7.13 -12.53
N HIS A 77 15.87 -7.59 -12.94
CA HIS A 77 15.72 -8.87 -13.67
C HIS A 77 16.04 -8.68 -15.19
N HIS A 78 15.78 -7.44 -15.69
CA HIS A 78 16.09 -6.97 -17.08
C HIS A 78 15.75 -8.01 -18.19
N HIS A 79 14.49 -8.49 -18.22
CA HIS A 79 14.03 -9.52 -19.19
C HIS A 79 13.80 -8.88 -20.60
N HIS A 80 14.92 -8.70 -21.32
CA HIS A 80 14.94 -8.04 -22.65
C HIS A 80 14.25 -8.91 -23.73
N HIS A 81 14.54 -10.22 -23.73
CA HIS A 81 13.85 -11.18 -24.60
C HIS A 81 12.45 -11.50 -24.01
N HIS A 82 11.43 -10.72 -24.44
CA HIS A 82 10.06 -10.82 -23.92
C HIS A 82 9.38 -12.15 -24.35
N MET B 1 6.45 -12.07 6.57
CA MET B 1 7.83 -12.55 6.45
C MET B 1 8.28 -12.61 4.98
N ASP B 2 7.34 -12.89 4.06
CA ASP B 2 7.60 -12.99 2.61
C ASP B 2 6.93 -11.85 1.80
N LYS B 3 7.51 -11.57 0.63
CA LYS B 3 6.94 -10.68 -0.40
C LYS B 3 5.81 -11.39 -1.20
N LYS B 4 5.62 -12.70 -0.91
CA LYS B 4 4.53 -13.53 -1.49
C LYS B 4 3.17 -13.25 -0.80
N ILE B 5 3.23 -12.84 0.48
CA ILE B 5 2.02 -12.46 1.27
C ILE B 5 1.24 -11.31 0.58
N VAL B 6 1.98 -10.20 0.33
CA VAL B 6 1.43 -8.98 -0.26
C VAL B 6 0.92 -9.22 -1.71
N GLY B 7 1.53 -10.20 -2.41
CA GLY B 7 1.08 -10.62 -3.75
C GLY B 7 -0.24 -11.40 -3.71
N ALA B 8 -0.35 -12.35 -2.75
CA ALA B 8 -1.55 -13.19 -2.55
C ALA B 8 -2.77 -12.34 -2.09
N ASN B 9 -2.51 -11.36 -1.19
CA ASN B 9 -3.53 -10.40 -0.73
C ASN B 9 -3.99 -9.50 -1.90
N ALA B 10 -3.02 -9.00 -2.69
CA ALA B 10 -3.27 -8.03 -3.78
C ALA B 10 -4.05 -8.65 -4.95
N GLY B 11 -3.85 -9.96 -5.18
CA GLY B 11 -4.60 -10.70 -6.23
C GLY B 11 -6.10 -10.81 -5.93
N LYS B 12 -6.43 -11.06 -4.65
CA LYS B 12 -7.84 -11.16 -4.18
C LYS B 12 -8.51 -9.77 -4.14
N VAL B 13 -7.74 -8.74 -3.71
CA VAL B 13 -8.17 -7.32 -3.73
C VAL B 13 -8.46 -6.84 -5.18
N TRP B 14 -7.57 -7.25 -6.12
CA TRP B 14 -7.68 -6.88 -7.55
C TRP B 14 -8.92 -7.53 -8.22
N HIS B 15 -9.30 -8.74 -7.76
CA HIS B 15 -10.57 -9.39 -8.18
C HIS B 15 -11.79 -8.53 -7.79
N ALA B 16 -11.81 -8.03 -6.55
CA ALA B 16 -12.90 -7.17 -6.02
C ALA B 16 -12.89 -5.78 -6.70
N LEU B 17 -11.69 -5.35 -7.10
CA LEU B 17 -11.45 -4.11 -7.87
C LEU B 17 -11.92 -4.28 -9.34
N ASN B 18 -11.78 -5.51 -9.88
CA ASN B 18 -12.23 -5.86 -11.25
C ASN B 18 -13.74 -6.17 -11.27
N GLU B 19 -14.29 -6.50 -10.08
CA GLU B 19 -15.72 -6.81 -9.90
C GLU B 19 -16.56 -5.52 -9.92
N ALA B 20 -16.24 -4.62 -8.97
CA ALA B 20 -16.87 -3.29 -8.85
C ALA B 20 -15.88 -2.32 -8.16
N ASP B 21 -15.37 -1.34 -8.92
CA ASP B 21 -14.34 -0.39 -8.43
C ASP B 21 -14.97 0.89 -7.80
N GLY B 22 -14.10 1.81 -7.33
CA GLY B 22 -14.52 2.97 -6.55
C GLY B 22 -14.93 2.59 -5.13
N ILE B 23 -14.05 1.84 -4.45
CA ILE B 23 -14.34 1.20 -3.13
C ILE B 23 -13.37 1.68 -2.02
N SER B 24 -13.90 1.90 -0.81
CA SER B 24 -13.12 2.32 0.38
C SER B 24 -12.26 1.14 0.91
N ILE B 25 -11.04 1.45 1.43
CA ILE B 25 -10.12 0.41 1.99
C ILE B 25 -10.78 -0.49 3.10
N PRO B 26 -11.43 0.07 4.19
CA PRO B 26 -11.99 -0.77 5.29
C PRO B 26 -13.21 -1.63 4.86
N GLU B 27 -13.94 -1.19 3.83
CA GLU B 27 -15.10 -1.95 3.28
C GLU B 27 -14.58 -3.11 2.41
N LEU B 28 -13.63 -2.75 1.54
CA LEU B 28 -12.88 -3.68 0.67
C LEU B 28 -12.16 -4.78 1.50
N ALA B 29 -11.70 -4.40 2.70
CA ALA B 29 -11.09 -5.34 3.66
C ALA B 29 -12.08 -6.42 4.14
N ARG B 30 -13.35 -6.01 4.38
CA ARG B 30 -14.44 -6.94 4.75
C ARG B 30 -14.78 -7.88 3.57
N LYS B 31 -14.78 -7.31 2.34
CA LYS B 31 -15.03 -8.05 1.09
C LYS B 31 -13.97 -9.17 0.87
N VAL B 32 -12.68 -8.82 1.08
CA VAL B 32 -11.55 -9.76 0.89
C VAL B 32 -11.19 -10.54 2.18
N ASN B 33 -11.99 -10.34 3.26
CA ASN B 33 -11.90 -11.10 4.54
C ASN B 33 -10.51 -10.91 5.24
N LEU B 34 -9.91 -9.72 5.07
CA LEU B 34 -8.61 -9.34 5.68
C LEU B 34 -8.75 -8.07 6.54
N SER B 35 -7.69 -7.74 7.30
CA SER B 35 -7.60 -6.48 8.09
C SER B 35 -7.46 -5.25 7.18
N VAL B 36 -7.87 -4.07 7.69
CA VAL B 36 -7.74 -2.77 6.97
C VAL B 36 -6.28 -2.53 6.51
N GLU B 37 -5.33 -2.71 7.44
CA GLU B 37 -3.87 -2.62 7.18
C GLU B 37 -3.43 -3.65 6.10
N SER B 38 -3.79 -4.94 6.33
CA SER B 38 -3.43 -6.09 5.43
C SER B 38 -3.91 -5.87 3.97
N THR B 39 -5.04 -5.18 3.83
CA THR B 39 -5.63 -4.84 2.53
C THR B 39 -4.95 -3.60 1.92
N ALA B 40 -4.75 -2.54 2.75
CA ALA B 40 -4.27 -1.20 2.31
C ALA B 40 -2.89 -1.23 1.61
N LEU B 41 -1.89 -1.85 2.27
CA LEU B 41 -0.51 -1.96 1.74
C LEU B 41 -0.46 -2.93 0.51
N ALA B 42 -1.41 -3.90 0.47
CA ALA B 42 -1.59 -4.83 -0.66
C ALA B 42 -2.16 -4.11 -1.91
N VAL B 43 -3.03 -3.10 -1.68
CA VAL B 43 -3.48 -2.16 -2.73
C VAL B 43 -2.28 -1.35 -3.28
N GLY B 44 -1.30 -1.05 -2.39
CA GLY B 44 -0.02 -0.44 -2.80
C GLY B 44 0.84 -1.35 -3.70
N TRP B 45 0.73 -2.67 -3.48
CA TRP B 45 1.40 -3.70 -4.30
C TRP B 45 0.75 -3.83 -5.71
N LEU B 46 -0.52 -3.46 -5.84
CA LEU B 46 -1.18 -3.25 -7.15
C LEU B 46 -0.76 -1.88 -7.77
N ALA B 47 -0.70 -0.84 -6.92
CA ALA B 47 -0.36 0.56 -7.30
C ALA B 47 1.05 0.71 -7.90
N ARG B 48 1.99 -0.20 -7.53
CA ARG B 48 3.36 -0.23 -8.12
C ARG B 48 3.32 -0.41 -9.67
N GLU B 49 2.29 -1.11 -10.18
CA GLU B 49 2.06 -1.35 -11.62
C GLU B 49 0.87 -0.51 -12.18
N ASN B 50 0.27 0.32 -11.30
CA ASN B 50 -0.90 1.18 -11.59
C ASN B 50 -2.18 0.33 -11.89
N LYS B 51 -2.20 -0.93 -11.38
CA LYS B 51 -3.36 -1.85 -11.55
C LYS B 51 -4.61 -1.36 -10.78
N VAL B 52 -4.36 -0.46 -9.81
CA VAL B 52 -5.40 0.29 -9.08
C VAL B 52 -5.13 1.80 -9.19
N VAL B 53 -6.19 2.58 -9.04
CA VAL B 53 -6.13 4.04 -8.96
C VAL B 53 -6.62 4.49 -7.58
N ILE B 54 -5.85 5.34 -6.90
CA ILE B 54 -6.17 5.83 -5.56
C ILE B 54 -6.29 7.36 -5.56
N GLU B 55 -7.52 7.84 -5.32
CA GLU B 55 -7.87 9.27 -5.26
C GLU B 55 -8.91 9.51 -4.14
N ARG B 56 -8.61 10.47 -3.23
CA ARG B 56 -9.48 10.80 -2.10
C ARG B 56 -10.63 11.74 -2.54
N LYS B 57 -11.85 11.20 -2.51
CA LYS B 57 -13.08 11.90 -2.92
C LYS B 57 -13.87 12.36 -1.67
N ASN B 58 -13.98 13.70 -1.51
CA ASN B 58 -14.45 14.38 -0.26
C ASN B 58 -13.63 13.93 0.98
N GLY B 59 -12.34 13.63 0.75
CA GLY B 59 -11.44 13.10 1.79
C GLY B 59 -11.46 11.56 1.89
N LEU B 60 -12.59 10.93 1.52
CA LEU B 60 -12.77 9.46 1.59
C LEU B 60 -12.01 8.78 0.43
N ILE B 61 -11.02 7.95 0.78
CA ILE B 61 -10.12 7.29 -0.18
C ILE B 61 -10.84 6.15 -0.96
N GLU B 62 -11.00 6.35 -2.28
CA GLU B 62 -11.72 5.38 -3.15
C GLU B 62 -10.74 4.81 -4.19
N ILE B 63 -10.71 3.47 -4.27
CA ILE B 63 -9.82 2.73 -5.17
C ILE B 63 -10.59 2.40 -6.48
N TYR B 64 -10.30 3.18 -7.54
CA TYR B 64 -10.88 3.02 -8.88
C TYR B 64 -10.06 2.04 -9.75
N ASN B 65 -10.63 1.68 -10.92
CA ASN B 65 -9.99 0.79 -11.91
C ASN B 65 -9.06 1.60 -12.85
N GLU B 66 -7.94 1.00 -13.32
CA GLU B 66 -7.00 1.63 -14.29
C GLU B 66 -7.70 2.05 -15.63
N GLY B 67 -8.84 1.40 -15.94
CA GLY B 67 -9.66 1.73 -17.11
C GLY B 67 -10.15 3.19 -17.16
N HIS B 68 -10.29 3.82 -15.97
CA HIS B 68 -10.70 5.24 -15.87
C HIS B 68 -10.08 5.90 -14.60
N PHE B 69 -9.34 7.00 -14.82
CA PHE B 69 -8.67 7.75 -13.72
C PHE B 69 -8.41 9.21 -14.13
N ASP B 70 -8.18 10.07 -13.11
CA ASP B 70 -7.75 11.48 -13.30
C ASP B 70 -8.72 12.25 -14.26
N PHE B 71 -9.92 12.55 -13.77
CA PHE B 71 -10.94 13.31 -14.55
C PHE B 71 -10.71 14.83 -14.39
N SER B 72 -11.18 15.62 -15.38
CA SER B 72 -11.13 17.11 -15.31
C SER B 72 -12.17 17.63 -14.27
N PHE B 73 -11.75 17.68 -12.99
CA PHE B 73 -12.63 18.06 -11.85
C PHE B 73 -12.94 19.58 -11.79
N GLY B 74 -12.23 20.37 -12.63
CA GLY B 74 -12.42 21.82 -12.71
C GLY B 74 -13.79 22.26 -13.26
N LEU B 75 -14.59 21.31 -13.80
CA LEU B 75 -15.98 21.60 -14.30
C LEU B 75 -16.92 22.04 -13.14
N GLU B 76 -16.65 21.50 -11.93
CA GLU B 76 -17.40 21.82 -10.70
C GLU B 76 -16.66 22.93 -9.90
N HIS B 77 -15.32 22.93 -10.00
CA HIS B 77 -14.40 23.79 -9.21
C HIS B 77 -14.47 23.42 -7.71
N HIS B 78 -15.51 23.94 -7.01
CA HIS B 78 -15.76 23.85 -5.53
C HIS B 78 -14.54 24.28 -4.65
N HIS B 79 -14.83 24.92 -3.49
CA HIS B 79 -13.75 25.46 -2.62
C HIS B 79 -12.97 24.33 -1.90
N HIS B 80 -11.80 24.67 -1.38
CA HIS B 80 -10.88 23.73 -0.72
C HIS B 80 -11.09 23.75 0.82
N HIS B 81 -10.49 22.77 1.53
CA HIS B 81 -10.54 22.71 3.01
C HIS B 81 -9.71 23.86 3.66
N HIS B 82 -10.23 24.44 4.75
CA HIS B 82 -9.65 25.63 5.40
C HIS B 82 -8.22 25.38 5.96
N MET A 1 -5.65 11.96 -7.39
CA MET A 1 -4.57 12.99 -7.55
C MET A 1 -3.29 12.59 -6.78
N ASP A 2 -3.42 11.58 -5.91
CA ASP A 2 -2.40 11.28 -4.89
C ASP A 2 -1.38 10.21 -5.34
N LYS A 3 -1.39 9.83 -6.63
CA LYS A 3 -0.52 8.75 -7.17
C LYS A 3 1.00 9.12 -7.09
N LYS A 4 1.31 10.43 -7.12
CA LYS A 4 2.68 10.96 -6.86
C LYS A 4 2.89 11.21 -5.34
N ILE A 5 1.82 11.63 -4.67
CA ILE A 5 1.81 11.96 -3.23
C ILE A 5 2.08 10.71 -2.35
N VAL A 6 1.76 9.49 -2.86
CA VAL A 6 2.08 8.21 -2.18
C VAL A 6 3.60 8.02 -2.05
N GLY A 7 4.35 8.53 -3.06
CA GLY A 7 5.81 8.50 -3.08
C GLY A 7 6.44 9.49 -2.09
N ALA A 8 5.88 10.72 -2.06
CA ALA A 8 6.30 11.77 -1.10
C ALA A 8 6.01 11.36 0.36
N ASN A 9 4.90 10.62 0.57
CA ASN A 9 4.52 10.06 1.89
C ASN A 9 5.39 8.84 2.25
N ALA A 10 5.76 8.02 1.24
CA ALA A 10 6.50 6.76 1.43
C ALA A 10 7.95 7.01 1.87
N GLY A 11 8.61 7.97 1.19
CA GLY A 11 10.00 8.38 1.53
C GLY A 11 10.10 8.99 2.94
N LYS A 12 9.04 9.71 3.34
CA LYS A 12 8.90 10.29 4.69
C LYS A 12 8.78 9.19 5.79
N VAL A 13 7.99 8.13 5.48
CA VAL A 13 7.85 6.93 6.34
C VAL A 13 9.20 6.18 6.51
N TRP A 14 9.90 5.95 5.39
CA TRP A 14 11.17 5.19 5.37
C TRP A 14 12.31 5.95 6.09
N HIS A 15 12.27 7.30 6.01
CA HIS A 15 13.19 8.19 6.75
C HIS A 15 13.10 7.95 8.28
N ALA A 16 11.87 7.69 8.77
CA ALA A 16 11.61 7.32 10.18
C ALA A 16 12.14 5.90 10.49
N LEU A 17 11.91 4.95 9.55
CA LEU A 17 12.26 3.50 9.71
C LEU A 17 13.78 3.24 9.83
N ASN A 18 14.59 4.23 9.39
CA ASN A 18 16.08 4.15 9.40
C ASN A 18 16.65 3.90 10.83
N GLU A 19 15.99 4.46 11.86
CA GLU A 19 16.38 4.24 13.29
C GLU A 19 15.16 3.83 14.14
N ALA A 20 13.98 4.35 13.80
CA ALA A 20 12.71 3.99 14.47
C ALA A 20 12.01 2.86 13.68
N ASP A 21 12.29 1.60 14.08
CA ASP A 21 11.89 0.39 13.33
C ASP A 21 11.13 -0.61 14.22
N GLY A 22 10.42 -1.55 13.58
CA GLY A 22 9.57 -2.52 14.29
C GLY A 22 8.36 -1.87 14.92
N ILE A 23 7.54 -1.25 14.07
CA ILE A 23 6.46 -0.35 14.49
C ILE A 23 5.21 -0.53 13.60
N SER A 24 4.03 -0.68 14.23
CA SER A 24 2.75 -0.90 13.52
C SER A 24 2.26 0.40 12.84
N ILE A 25 1.35 0.26 11.84
CA ILE A 25 0.85 1.38 10.99
C ILE A 25 0.35 2.64 11.79
N PRO A 26 -0.55 2.52 12.85
CA PRO A 26 -1.12 3.71 13.53
C PRO A 26 -0.10 4.45 14.44
N GLU A 27 0.90 3.72 14.95
CA GLU A 27 1.99 4.31 15.78
C GLU A 27 2.93 5.13 14.87
N LEU A 28 3.19 4.51 13.72
CA LEU A 28 4.04 5.05 12.64
C LEU A 28 3.39 6.31 12.00
N ALA A 29 2.05 6.26 11.87
CA ALA A 29 1.22 7.36 11.32
C ALA A 29 1.38 8.67 12.13
N ARG A 30 1.46 8.54 13.46
CA ARG A 30 1.64 9.68 14.38
C ARG A 30 2.99 10.40 14.14
N LYS A 31 4.06 9.59 13.97
CA LYS A 31 5.44 10.09 13.77
C LYS A 31 5.58 10.87 12.44
N VAL A 32 4.99 10.31 11.38
CA VAL A 32 5.02 10.91 10.02
C VAL A 32 3.86 11.92 9.80
N ASN A 33 3.03 12.15 10.86
CA ASN A 33 1.95 13.18 10.86
C ASN A 33 0.88 12.93 9.74
N LEU A 34 0.71 11.65 9.36
CA LEU A 34 -0.30 11.20 8.37
C LEU A 34 -1.37 10.36 9.09
N SER A 35 -2.54 10.17 8.44
CA SER A 35 -3.60 9.26 8.95
C SER A 35 -3.24 7.78 8.67
N VAL A 36 -3.95 6.85 9.35
CA VAL A 36 -3.74 5.39 9.24
C VAL A 36 -3.80 4.88 7.77
N GLU A 37 -4.90 5.21 7.07
CA GLU A 37 -5.11 4.84 5.64
C GLU A 37 -3.97 5.38 4.72
N SER A 38 -3.60 6.65 4.96
CA SER A 38 -2.53 7.35 4.21
C SER A 38 -1.14 6.70 4.40
N THR A 39 -0.86 6.24 5.63
CA THR A 39 0.44 5.65 6.03
C THR A 39 0.58 4.20 5.52
N ALA A 40 -0.48 3.39 5.69
CA ALA A 40 -0.53 1.96 5.26
C ALA A 40 -0.28 1.79 3.75
N LEU A 41 -1.02 2.60 2.98
CA LEU A 41 -0.93 2.65 1.50
C LEU A 41 0.46 3.19 1.03
N ALA A 42 1.08 4.08 1.84
CA ALA A 42 2.46 4.60 1.58
C ALA A 42 3.54 3.51 1.82
N VAL A 43 3.34 2.65 2.84
CA VAL A 43 4.25 1.50 3.13
C VAL A 43 4.24 0.47 1.97
N GLY A 44 3.07 0.33 1.31
CA GLY A 44 2.94 -0.52 0.10
C GLY A 44 3.80 -0.03 -1.08
N TRP A 45 4.01 1.30 -1.16
CA TRP A 45 4.88 1.93 -2.18
C TRP A 45 6.39 1.70 -1.86
N LEU A 46 6.72 1.54 -0.56
CA LEU A 46 8.06 1.10 -0.10
C LEU A 46 8.28 -0.42 -0.36
N ALA A 47 7.19 -1.21 -0.21
CA ALA A 47 7.18 -2.66 -0.54
C ALA A 47 7.49 -2.91 -2.04
N ARG A 48 7.10 -1.94 -2.90
CA ARG A 48 7.54 -1.88 -4.32
C ARG A 48 9.08 -1.96 -4.43
N GLU A 49 9.75 -1.12 -3.64
CA GLU A 49 11.22 -0.99 -3.62
C GLU A 49 11.92 -2.14 -2.85
N ASN A 50 11.11 -2.95 -2.11
CA ASN A 50 11.58 -4.07 -1.26
C ASN A 50 12.54 -3.61 -0.13
N LYS A 51 12.44 -2.32 0.23
CA LYS A 51 13.27 -1.69 1.27
C LYS A 51 12.62 -1.82 2.67
N VAL A 52 11.41 -2.42 2.73
CA VAL A 52 10.70 -2.72 4.00
C VAL A 52 10.30 -4.21 4.06
N VAL A 53 10.15 -4.72 5.31
CA VAL A 53 9.70 -6.10 5.60
C VAL A 53 8.63 -6.09 6.71
N ILE A 54 7.52 -6.82 6.49
CA ILE A 54 6.37 -6.87 7.42
C ILE A 54 6.34 -8.25 8.14
N GLU A 55 6.29 -8.21 9.49
CA GLU A 55 6.20 -9.42 10.33
C GLU A 55 4.82 -9.51 11.03
N ARG A 56 4.28 -10.73 11.10
CA ARG A 56 3.04 -11.05 11.83
C ARG A 56 3.36 -12.03 12.97
N LYS A 57 2.99 -11.63 14.20
CA LYS A 57 3.26 -12.41 15.43
C LYS A 57 2.04 -12.34 16.35
N ASN A 58 1.42 -13.52 16.64
CA ASN A 58 0.21 -13.63 17.49
C ASN A 58 -0.98 -12.78 16.90
N GLY A 59 -1.01 -12.68 15.55
CA GLY A 59 -2.03 -11.88 14.84
C GLY A 59 -1.68 -10.38 14.68
N LEU A 60 -0.62 -9.94 15.37
CA LEU A 60 -0.15 -8.53 15.37
C LEU A 60 0.74 -8.24 14.14
N ILE A 61 0.35 -7.26 13.32
CA ILE A 61 1.12 -6.83 12.13
C ILE A 61 2.01 -5.61 12.50
N GLU A 62 3.33 -5.71 12.22
CA GLU A 62 4.30 -4.62 12.48
C GLU A 62 5.21 -4.40 11.25
N ILE A 63 5.52 -3.12 10.97
CA ILE A 63 6.37 -2.70 9.82
C ILE A 63 7.82 -2.49 10.29
N TYR A 64 8.72 -3.30 9.71
CA TYR A 64 10.18 -3.20 9.90
C TYR A 64 10.81 -2.66 8.60
N ASN A 65 12.06 -2.19 8.69
CA ASN A 65 12.89 -1.86 7.51
C ASN A 65 13.76 -3.08 7.13
N GLU A 66 14.29 -3.09 5.90
CA GLU A 66 15.29 -4.09 5.51
C GLU A 66 16.67 -3.68 6.10
N GLY A 67 17.36 -4.67 6.69
CA GLY A 67 18.58 -4.41 7.47
C GLY A 67 18.69 -5.34 8.70
N HIS A 68 17.62 -6.12 8.94
CA HIS A 68 17.53 -7.05 10.09
C HIS A 68 18.02 -8.47 9.73
N PHE A 69 18.09 -8.78 8.42
CA PHE A 69 18.42 -10.14 7.92
C PHE A 69 19.88 -10.25 7.46
N ASP A 70 20.39 -9.17 6.86
CA ASP A 70 21.80 -9.10 6.40
C ASP A 70 22.74 -8.65 7.54
N PHE A 71 24.00 -9.08 7.43
CA PHE A 71 25.08 -8.70 8.37
C PHE A 71 25.66 -7.29 8.03
N SER A 72 25.39 -6.80 6.80
CA SER A 72 25.97 -5.53 6.28
C SER A 72 25.47 -4.29 7.05
N PHE A 73 24.18 -4.28 7.46
CA PHE A 73 23.58 -3.15 8.19
C PHE A 73 24.07 -3.08 9.66
N GLY A 74 24.28 -1.86 10.15
CA GLY A 74 24.74 -1.61 11.52
C GLY A 74 25.51 -0.29 11.60
N LEU A 75 26.87 -0.40 11.60
CA LEU A 75 27.83 0.73 11.53
C LEU A 75 27.75 1.69 12.76
N GLU A 76 26.67 2.49 12.85
CA GLU A 76 26.47 3.45 13.97
C GLU A 76 24.98 3.78 14.20
N HIS A 77 24.51 3.58 15.45
CA HIS A 77 23.20 4.10 15.91
C HIS A 77 23.39 5.54 16.43
N HIS A 78 22.63 6.49 15.88
CA HIS A 78 22.77 7.93 16.20
C HIS A 78 21.92 8.26 17.45
N HIS A 79 20.56 8.17 17.32
CA HIS A 79 19.58 8.24 18.44
C HIS A 79 19.68 9.57 19.24
N HIS A 80 18.74 10.51 18.99
CA HIS A 80 18.69 11.87 19.64
C HIS A 80 19.83 12.81 19.13
N HIS A 81 20.68 12.31 18.20
CA HIS A 81 21.73 13.12 17.55
C HIS A 81 21.07 14.13 16.57
N HIS A 82 20.98 15.40 17.02
CA HIS A 82 20.30 16.48 16.28
C HIS A 82 21.00 16.79 14.93
N MET B 1 8.75 -12.74 3.94
CA MET B 1 7.57 -13.56 3.64
C MET B 1 6.43 -12.71 3.02
N ASP B 2 6.27 -11.47 3.54
CA ASP B 2 5.18 -10.53 3.18
C ASP B 2 5.09 -10.29 1.65
N LYS B 3 6.25 -10.15 1.00
CA LYS B 3 6.40 -9.91 -0.46
C LYS B 3 5.59 -10.92 -1.31
N LYS B 4 5.69 -12.21 -0.94
CA LYS B 4 5.00 -13.32 -1.63
C LYS B 4 3.50 -13.39 -1.27
N ILE B 5 3.20 -13.17 0.03
CA ILE B 5 1.81 -13.19 0.56
C ILE B 5 0.93 -12.12 -0.12
N VAL B 6 1.34 -10.84 -0.02
CA VAL B 6 0.61 -9.69 -0.60
C VAL B 6 0.51 -9.79 -2.15
N GLY B 7 1.49 -10.48 -2.77
CA GLY B 7 1.44 -10.80 -4.21
C GLY B 7 0.26 -11.69 -4.58
N ALA B 8 0.10 -12.79 -3.83
CA ALA B 8 -1.02 -13.75 -3.99
C ALA B 8 -2.40 -13.08 -3.71
N ASN B 9 -2.44 -12.20 -2.70
CA ASN B 9 -3.67 -11.49 -2.29
C ASN B 9 -3.96 -10.21 -3.12
N ALA B 10 -2.96 -9.73 -3.90
CA ALA B 10 -3.11 -8.49 -4.73
C ALA B 10 -4.04 -8.74 -5.94
N GLY B 11 -3.91 -9.93 -6.54
CA GLY B 11 -4.81 -10.34 -7.64
C GLY B 11 -6.24 -10.61 -7.15
N LYS B 12 -6.35 -11.07 -5.90
CA LYS B 12 -7.64 -11.35 -5.23
C LYS B 12 -8.41 -10.05 -4.92
N VAL B 13 -7.71 -9.03 -4.36
CA VAL B 13 -8.31 -7.70 -4.06
C VAL B 13 -8.57 -6.90 -5.36
N TRP B 14 -7.72 -7.09 -6.39
CA TRP B 14 -7.92 -6.46 -7.73
C TRP B 14 -9.14 -7.08 -8.45
N HIS B 15 -9.38 -8.40 -8.24
CA HIS B 15 -10.61 -9.07 -8.72
C HIS B 15 -11.87 -8.39 -8.14
N ALA B 16 -11.82 -8.11 -6.84
CA ALA B 16 -12.92 -7.43 -6.13
C ALA B 16 -13.06 -5.94 -6.58
N LEU B 17 -11.93 -5.34 -7.00
CA LEU B 17 -11.90 -4.00 -7.67
C LEU B 17 -12.51 -4.07 -9.10
N ASN B 18 -12.32 -5.22 -9.77
CA ASN B 18 -12.84 -5.46 -11.14
C ASN B 18 -14.38 -5.64 -11.14
N GLU B 19 -14.92 -6.15 -10.02
CA GLU B 19 -16.39 -6.29 -9.81
C GLU B 19 -17.03 -4.92 -9.46
N ALA B 20 -16.41 -4.22 -8.50
CA ALA B 20 -16.89 -2.90 -7.99
C ALA B 20 -15.69 -1.96 -7.79
N ASP B 21 -15.80 -0.72 -8.31
CA ASP B 21 -14.64 0.17 -8.52
C ASP B 21 -14.70 1.44 -7.62
N GLY B 22 -13.50 1.92 -7.20
CA GLY B 22 -13.38 3.02 -6.22
C GLY B 22 -13.91 2.64 -4.83
N ILE B 23 -13.91 1.34 -4.53
CA ILE B 23 -14.57 0.75 -3.34
C ILE B 23 -13.71 0.98 -2.05
N SER B 24 -14.40 1.22 -0.92
CA SER B 24 -13.77 1.40 0.41
C SER B 24 -13.00 0.13 0.84
N ILE B 25 -11.83 0.31 1.48
CA ILE B 25 -10.91 -0.77 1.89
C ILE B 25 -11.58 -1.85 2.83
N PRO B 26 -12.37 -1.49 3.92
CA PRO B 26 -13.05 -2.50 4.78
C PRO B 26 -14.19 -3.28 4.05
N GLU B 27 -14.79 -2.66 3.03
CA GLU B 27 -15.89 -3.28 2.23
C GLU B 27 -15.30 -4.30 1.24
N LEU B 28 -14.20 -3.86 0.63
CA LEU B 28 -13.31 -4.65 -0.23
C LEU B 28 -12.75 -5.88 0.53
N ALA B 29 -12.39 -5.64 1.82
CA ALA B 29 -11.89 -6.68 2.76
C ALA B 29 -12.92 -7.81 3.01
N ARG B 30 -14.22 -7.43 3.02
CA ARG B 30 -15.34 -8.39 3.20
C ARG B 30 -15.46 -9.38 2.02
N LYS B 31 -15.29 -8.87 0.78
CA LYS B 31 -15.40 -9.70 -0.45
C LYS B 31 -14.19 -10.63 -0.62
N VAL B 32 -13.01 -10.20 -0.13
CA VAL B 32 -11.76 -11.01 -0.20
C VAL B 32 -11.48 -11.80 1.11
N ASN B 33 -12.32 -11.58 2.15
CA ASN B 33 -12.27 -12.32 3.45
C ASN B 33 -10.95 -12.02 4.26
N LEU B 34 -10.23 -10.95 3.89
CA LEU B 34 -8.97 -10.55 4.55
C LEU B 34 -9.23 -9.45 5.60
N SER B 35 -8.24 -9.24 6.50
CA SER B 35 -8.24 -8.12 7.45
C SER B 35 -8.10 -6.77 6.69
N VAL B 36 -8.64 -5.67 7.25
CA VAL B 36 -8.64 -4.33 6.61
C VAL B 36 -7.19 -3.88 6.24
N GLU B 37 -6.26 -4.05 7.19
CA GLU B 37 -4.81 -3.76 7.01
C GLU B 37 -4.18 -4.63 5.89
N SER B 38 -4.50 -5.94 5.88
CA SER B 38 -3.97 -6.93 4.89
C SER B 38 -4.43 -6.57 3.46
N THR B 39 -5.69 -6.12 3.35
CA THR B 39 -6.32 -5.69 2.09
C THR B 39 -5.66 -4.40 1.55
N ALA B 40 -5.51 -3.39 2.44
CA ALA B 40 -4.87 -2.08 2.12
C ALA B 40 -3.40 -2.24 1.64
N LEU B 41 -2.70 -3.20 2.25
CA LEU B 41 -1.30 -3.55 1.91
C LEU B 41 -1.23 -4.14 0.48
N ALA B 42 -2.13 -5.11 0.21
CA ALA B 42 -2.24 -5.78 -1.12
C ALA B 42 -2.62 -4.77 -2.24
N VAL B 43 -3.32 -3.69 -1.85
CA VAL B 43 -3.69 -2.59 -2.77
C VAL B 43 -2.47 -1.65 -3.04
N GLY B 44 -1.65 -1.40 -1.99
CA GLY B 44 -0.37 -0.68 -2.14
C GLY B 44 0.63 -1.45 -3.03
N TRP B 45 0.48 -2.78 -3.01
CA TRP B 45 1.25 -3.71 -3.87
C TRP B 45 0.77 -3.64 -5.35
N LEU B 46 -0.52 -3.32 -5.55
CA LEU B 46 -1.09 -3.04 -6.90
C LEU B 46 -0.62 -1.67 -7.45
N ALA B 47 -0.44 -0.69 -6.53
CA ALA B 47 0.09 0.66 -6.85
C ALA B 47 1.47 0.60 -7.53
N ARG B 48 2.28 -0.42 -7.15
CA ARG B 48 3.63 -0.68 -7.71
C ARG B 48 3.55 -0.96 -9.25
N GLU B 49 2.49 -1.67 -9.68
CA GLU B 49 2.24 -2.00 -11.10
C GLU B 49 1.29 -0.97 -11.78
N ASN B 50 0.96 0.10 -11.04
CA ASN B 50 0.06 1.21 -11.49
C ASN B 50 -1.39 0.73 -11.77
N LYS B 51 -1.78 -0.40 -11.13
CA LYS B 51 -3.11 -1.02 -11.35
C LYS B 51 -4.24 -0.31 -10.57
N VAL B 52 -3.88 0.57 -9.61
CA VAL B 52 -4.86 1.36 -8.82
C VAL B 52 -4.64 2.88 -8.94
N VAL B 53 -5.76 3.64 -8.96
CA VAL B 53 -5.77 5.12 -9.09
C VAL B 53 -6.30 5.77 -7.78
N ILE B 54 -5.38 6.37 -6.98
CA ILE B 54 -5.70 6.95 -5.65
C ILE B 54 -6.20 8.41 -5.78
N GLU B 55 -7.47 8.65 -5.33
CA GLU B 55 -8.11 9.99 -5.36
C GLU B 55 -8.73 10.34 -3.97
N ARG B 56 -8.22 11.41 -3.33
CA ARG B 56 -8.81 11.99 -2.11
C ARG B 56 -9.93 12.99 -2.47
N LYS B 57 -11.16 12.66 -2.06
CA LYS B 57 -12.35 13.50 -2.26
C LYS B 57 -13.00 13.74 -0.88
N ASN B 58 -13.02 15.01 -0.43
CA ASN B 58 -13.39 15.41 0.96
C ASN B 58 -12.46 14.73 2.00
N GLY B 59 -11.20 14.49 1.59
CA GLY B 59 -10.19 13.79 2.41
C GLY B 59 -10.23 12.26 2.25
N LEU B 60 -11.36 11.72 1.76
CA LEU B 60 -11.63 10.27 1.69
C LEU B 60 -10.92 9.62 0.48
N ILE B 61 -10.08 8.61 0.75
CA ILE B 61 -9.28 7.90 -0.28
C ILE B 61 -10.14 6.84 -1.03
N GLU B 62 -10.15 6.91 -2.36
CA GLU B 62 -10.69 5.86 -3.25
C GLU B 62 -9.55 5.27 -4.11
N ILE B 63 -9.63 3.95 -4.39
CA ILE B 63 -8.69 3.25 -5.28
C ILE B 63 -9.45 2.63 -6.48
N TYR B 64 -9.31 3.28 -7.64
CA TYR B 64 -9.90 2.83 -8.91
C TYR B 64 -8.99 1.83 -9.65
N ASN B 65 -9.49 1.26 -10.76
CA ASN B 65 -8.68 0.36 -11.63
C ASN B 65 -7.87 1.16 -12.67
N GLU B 66 -6.80 0.51 -13.18
CA GLU B 66 -5.99 0.98 -14.33
C GLU B 66 -6.86 1.37 -15.55
N GLY B 67 -7.16 2.67 -15.65
CA GLY B 67 -8.03 3.20 -16.72
C GLY B 67 -8.46 4.63 -16.46
N HIS B 68 -8.76 4.92 -15.19
CA HIS B 68 -9.27 6.24 -14.75
C HIS B 68 -8.13 7.28 -14.55
N PHE B 69 -6.85 6.83 -14.58
CA PHE B 69 -5.68 7.73 -14.37
C PHE B 69 -5.42 8.64 -15.60
N ASP B 70 -5.21 9.94 -15.36
CA ASP B 70 -4.84 10.91 -16.42
C ASP B 70 -3.61 11.74 -15.98
N PHE B 71 -2.78 12.13 -16.96
CA PHE B 71 -1.55 12.92 -16.72
C PHE B 71 -1.15 13.67 -18.02
N SER B 72 -0.60 12.90 -18.98
CA SER B 72 0.01 13.42 -20.23
C SER B 72 0.53 12.22 -21.07
N PHE B 73 1.28 12.50 -22.14
CA PHE B 73 2.01 11.45 -22.90
C PHE B 73 3.09 10.81 -21.99
N GLY B 74 3.30 9.49 -22.14
CA GLY B 74 4.17 8.71 -21.23
C GLY B 74 3.38 7.69 -20.40
N LEU B 75 2.23 7.25 -20.94
CA LEU B 75 1.32 6.29 -20.32
C LEU B 75 1.87 4.85 -20.43
N GLU B 76 1.85 4.12 -19.31
CA GLU B 76 2.21 2.69 -19.27
C GLU B 76 1.06 1.86 -19.92
N HIS B 77 1.33 1.30 -21.12
CA HIS B 77 0.34 0.56 -21.93
C HIS B 77 0.09 -0.85 -21.33
N HIS B 78 -0.84 -0.91 -20.35
CA HIS B 78 -1.23 -2.17 -19.66
C HIS B 78 -2.03 -3.12 -20.62
N HIS B 79 -1.42 -4.27 -20.95
CA HIS B 79 -1.92 -5.21 -21.98
C HIS B 79 -2.81 -6.33 -21.35
N HIS B 80 -4.02 -6.52 -21.90
CA HIS B 80 -4.95 -7.62 -21.54
C HIS B 80 -5.98 -7.86 -22.67
N HIS B 81 -6.65 -9.03 -22.64
CA HIS B 81 -7.67 -9.41 -23.65
C HIS B 81 -9.01 -8.69 -23.39
N HIS B 82 -9.49 -7.95 -24.41
CA HIS B 82 -10.81 -7.26 -24.38
C HIS B 82 -11.99 -8.26 -24.36
N MET A 1 -6.58 11.01 -8.02
CA MET A 1 -5.72 11.95 -7.25
C MET A 1 -4.24 11.80 -7.71
N ASP A 2 -3.39 12.78 -7.36
CA ASP A 2 -1.94 12.79 -7.71
C ASP A 2 -1.23 11.49 -7.22
N LYS A 3 -0.56 10.80 -8.15
CA LYS A 3 0.10 9.51 -7.89
C LYS A 3 1.48 9.70 -7.19
N LYS A 4 2.11 10.88 -7.41
CA LYS A 4 3.42 11.23 -6.77
C LYS A 4 3.32 11.35 -5.21
N ILE A 5 2.08 11.46 -4.68
CA ILE A 5 1.82 11.51 -3.23
C ILE A 5 2.33 10.22 -2.52
N VAL A 6 2.12 9.04 -3.16
CA VAL A 6 2.53 7.74 -2.56
C VAL A 6 4.08 7.63 -2.44
N GLY A 7 4.80 8.24 -3.41
CA GLY A 7 6.27 8.27 -3.40
C GLY A 7 6.86 9.23 -2.36
N ALA A 8 6.26 10.44 -2.27
CA ALA A 8 6.68 11.49 -1.32
C ALA A 8 6.44 11.07 0.16
N ASN A 9 5.24 10.53 0.41
CA ASN A 9 4.83 10.01 1.75
C ASN A 9 5.63 8.74 2.12
N ALA A 10 6.09 7.98 1.09
CA ALA A 10 6.89 6.75 1.30
C ALA A 10 8.30 7.07 1.85
N GLY A 11 8.86 8.21 1.40
CA GLY A 11 10.16 8.70 1.90
C GLY A 11 10.12 9.11 3.38
N LYS A 12 9.00 9.73 3.80
CA LYS A 12 8.79 10.18 5.20
C LYS A 12 8.61 8.98 6.17
N VAL A 13 7.73 8.02 5.80
CA VAL A 13 7.44 6.83 6.63
C VAL A 13 8.67 5.90 6.73
N TRP A 14 9.45 5.77 5.62
CA TRP A 14 10.69 4.97 5.61
C TRP A 14 11.76 5.59 6.54
N HIS A 15 11.85 6.94 6.54
CA HIS A 15 12.75 7.68 7.46
C HIS A 15 12.37 7.41 8.94
N ALA A 16 11.06 7.36 9.20
CA ALA A 16 10.50 7.07 10.55
C ALA A 16 10.84 5.63 11.02
N LEU A 17 10.98 4.71 10.04
CA LEU A 17 11.47 3.34 10.28
C LEU A 17 12.94 3.33 10.76
N ASN A 18 13.82 4.11 10.09
CA ASN A 18 15.26 4.22 10.48
C ASN A 18 15.42 4.80 11.90
N GLU A 19 14.48 5.68 12.29
CA GLU A 19 14.38 6.23 13.65
C GLU A 19 13.92 5.14 14.66
N ALA A 20 12.83 4.42 14.31
CA ALA A 20 12.27 3.31 15.13
C ALA A 20 11.23 2.49 14.32
N ASP A 21 11.62 1.28 13.89
CA ASP A 21 10.74 0.34 13.16
C ASP A 21 10.35 -0.89 14.04
N GLY A 22 9.55 -1.80 13.47
CA GLY A 22 8.96 -2.91 14.23
C GLY A 22 7.77 -2.45 15.06
N ILE A 23 7.04 -1.46 14.51
CA ILE A 23 5.92 -0.79 15.19
C ILE A 23 4.63 -0.92 14.32
N SER A 24 3.45 -0.85 14.99
CA SER A 24 2.14 -0.89 14.30
C SER A 24 1.96 0.31 13.36
N ILE A 25 1.26 0.08 12.23
CA ILE A 25 1.00 1.09 11.19
C ILE A 25 0.23 2.35 11.75
N PRO A 26 -0.86 2.22 12.62
CA PRO A 26 -1.57 3.41 13.20
C PRO A 26 -0.68 4.31 14.09
N GLU A 27 0.26 3.69 14.84
CA GLU A 27 1.16 4.43 15.76
C GLU A 27 2.16 5.26 14.93
N LEU A 28 2.78 4.53 14.00
CA LEU A 28 3.68 5.04 12.96
C LEU A 28 3.02 6.18 12.11
N ALA A 29 1.70 6.02 11.84
CA ALA A 29 0.88 7.00 11.10
C ALA A 29 0.75 8.35 11.84
N ARG A 30 0.52 8.28 13.16
CA ARG A 30 0.35 9.48 14.03
C ARG A 30 1.68 10.26 14.17
N LYS A 31 2.82 9.55 14.02
CA LYS A 31 4.18 10.16 14.03
C LYS A 31 4.44 10.95 12.73
N VAL A 32 4.13 10.33 11.57
CA VAL A 32 4.30 10.95 10.24
C VAL A 32 3.08 11.83 9.85
N ASN A 33 2.09 11.92 10.78
CA ASN A 33 0.88 12.80 10.69
C ASN A 33 -0.13 12.36 9.58
N LEU A 34 0.06 11.15 9.03
CA LEU A 34 -0.84 10.57 8.02
C LEU A 34 -1.91 9.68 8.69
N SER A 35 -2.93 9.26 7.93
CA SER A 35 -3.90 8.25 8.39
C SER A 35 -3.28 6.84 8.27
N VAL A 36 -3.90 5.87 8.97
CA VAL A 36 -3.47 4.44 8.97
C VAL A 36 -3.43 3.86 7.53
N GLU A 37 -4.52 4.12 6.79
CA GLU A 37 -4.68 3.69 5.38
C GLU A 37 -3.61 4.31 4.46
N SER A 38 -3.29 5.61 4.67
CA SER A 38 -2.28 6.35 3.86
C SER A 38 -0.85 5.82 4.11
N THR A 39 -0.55 5.49 5.38
CA THR A 39 0.77 4.99 5.81
C THR A 39 1.05 3.57 5.25
N ALA A 40 0.08 2.64 5.41
CA ALA A 40 0.18 1.24 4.88
C ALA A 40 0.31 1.21 3.33
N LEU A 41 -0.43 2.12 2.68
CA LEU A 41 -0.42 2.33 1.22
C LEU A 41 0.96 2.86 0.73
N ALA A 42 1.57 3.76 1.54
CA ALA A 42 2.92 4.33 1.26
C ALA A 42 4.05 3.28 1.48
N VAL A 43 3.84 2.37 2.45
CA VAL A 43 4.74 1.22 2.70
C VAL A 43 4.71 0.22 1.50
N GLY A 44 3.56 0.12 0.83
CA GLY A 44 3.43 -0.68 -0.41
C GLY A 44 4.34 -0.19 -1.55
N TRP A 45 4.61 1.13 -1.57
CA TRP A 45 5.56 1.75 -2.51
C TRP A 45 7.03 1.43 -2.12
N LEU A 46 7.27 1.27 -0.80
CA LEU A 46 8.58 0.81 -0.25
C LEU A 46 8.82 -0.69 -0.54
N ALA A 47 7.71 -1.47 -0.62
CA ALA A 47 7.72 -2.86 -1.09
C ALA A 47 8.12 -2.96 -2.59
N ARG A 48 7.83 -1.89 -3.37
CA ARG A 48 8.35 -1.73 -4.76
C ARG A 48 9.88 -1.57 -4.75
N GLU A 49 10.37 -0.76 -3.77
CA GLU A 49 11.81 -0.52 -3.54
C GLU A 49 12.50 -1.76 -2.93
N ASN A 50 11.69 -2.63 -2.27
CA ASN A 50 12.14 -3.87 -1.57
C ASN A 50 13.05 -3.53 -0.35
N LYS A 51 12.90 -2.29 0.17
CA LYS A 51 13.76 -1.76 1.27
C LYS A 51 13.10 -1.89 2.67
N VAL A 52 11.94 -2.57 2.73
CA VAL A 52 11.23 -2.88 4.00
C VAL A 52 10.95 -4.40 4.12
N VAL A 53 10.88 -4.89 5.37
CA VAL A 53 10.47 -6.28 5.69
C VAL A 53 9.11 -6.27 6.40
N ILE A 54 8.06 -6.68 5.70
CA ILE A 54 6.71 -6.78 6.27
C ILE A 54 6.45 -8.23 6.74
N GLU A 55 6.33 -8.42 8.07
CA GLU A 55 6.14 -9.76 8.65
C GLU A 55 5.02 -9.72 9.71
N ARG A 56 4.01 -10.60 9.55
CA ARG A 56 2.82 -10.65 10.40
C ARG A 56 3.06 -11.54 11.63
N LYS A 57 3.19 -10.91 12.81
CA LYS A 57 3.33 -11.58 14.11
C LYS A 57 2.01 -11.48 14.88
N ASN A 58 1.64 -12.56 15.60
CA ASN A 58 0.38 -12.66 16.43
C ASN A 58 -0.89 -12.11 15.71
N GLY A 59 -0.91 -12.19 14.36
CA GLY A 59 -2.03 -11.73 13.54
C GLY A 59 -1.88 -10.32 12.94
N LEU A 60 -1.14 -9.41 13.62
CA LEU A 60 -1.04 -7.97 13.17
C LEU A 60 0.15 -7.75 12.20
N ILE A 61 0.03 -6.72 11.34
CA ILE A 61 1.06 -6.35 10.33
C ILE A 61 2.08 -5.35 10.95
N GLU A 62 3.35 -5.78 11.06
CA GLU A 62 4.45 -4.92 11.55
C GLU A 62 5.43 -4.60 10.42
N ILE A 63 5.73 -3.30 10.24
CA ILE A 63 6.66 -2.81 9.22
C ILE A 63 8.09 -2.70 9.80
N TYR A 64 8.95 -3.65 9.42
CA TYR A 64 10.38 -3.68 9.79
C TYR A 64 11.26 -3.08 8.66
N ASN A 65 12.56 -2.91 8.94
CA ASN A 65 13.61 -2.67 7.91
C ASN A 65 14.35 -3.99 7.57
N GLU A 66 15.17 -3.95 6.50
CA GLU A 66 16.04 -5.08 6.10
C GLU A 66 16.91 -5.62 7.28
N GLY A 67 16.61 -6.87 7.70
CA GLY A 67 17.34 -7.54 8.81
C GLY A 67 16.68 -7.36 10.19
N HIS A 68 15.77 -6.38 10.31
CA HIS A 68 15.09 -6.01 11.58
C HIS A 68 13.81 -6.85 11.84
N PHE A 69 13.63 -7.95 11.09
CA PHE A 69 12.39 -8.78 11.10
C PHE A 69 12.03 -9.40 12.48
N ASP A 70 12.94 -9.31 13.47
CA ASP A 70 12.76 -9.98 14.78
C ASP A 70 12.32 -8.98 15.90
N PHE A 71 12.77 -7.70 15.83
CA PHE A 71 12.54 -6.69 16.91
C PHE A 71 11.13 -6.04 16.80
N SER A 72 10.41 -5.97 17.94
CA SER A 72 9.02 -5.46 18.00
C SER A 72 8.88 -4.23 18.94
N PHE A 73 7.71 -3.57 18.86
CA PHE A 73 7.32 -2.42 19.73
C PHE A 73 6.87 -2.88 21.13
N GLY A 74 6.70 -1.92 22.06
CA GLY A 74 6.22 -2.19 23.43
C GLY A 74 4.69 -2.04 23.56
N LEU A 75 4.22 -1.39 24.64
CA LEU A 75 2.78 -1.06 24.84
C LEU A 75 2.60 0.43 25.21
N GLU A 76 1.88 1.18 24.35
CA GLU A 76 1.49 2.59 24.57
C GLU A 76 0.10 2.84 23.96
N HIS A 77 -0.76 3.57 24.68
CA HIS A 77 -2.13 3.91 24.23
C HIS A 77 -2.44 5.39 24.53
N HIS A 78 -2.54 6.20 23.46
CA HIS A 78 -2.76 7.66 23.55
C HIS A 78 -4.19 7.98 24.09
N HIS A 79 -4.28 9.03 24.93
CA HIS A 79 -5.56 9.56 25.45
C HIS A 79 -6.50 9.96 24.28
N HIS A 80 -7.64 9.26 24.15
CA HIS A 80 -8.63 9.51 23.08
C HIS A 80 -9.47 10.80 23.35
N HIS A 81 -10.52 11.02 22.53
CA HIS A 81 -11.43 12.18 22.63
C HIS A 81 -10.70 13.51 22.25
N HIS A 82 -10.55 13.73 20.93
CA HIS A 82 -9.93 14.96 20.36
C HIS A 82 -10.65 15.34 19.05
N MET B 1 8.48 -14.63 3.60
CA MET B 1 7.16 -15.24 3.80
C MET B 1 6.06 -14.42 3.11
N ASP B 2 5.83 -13.20 3.64
CA ASP B 2 4.70 -12.34 3.21
C ASP B 2 4.95 -11.56 1.91
N LYS B 3 6.18 -11.62 1.36
CA LYS B 3 6.53 -10.93 0.09
C LYS B 3 5.65 -11.43 -1.10
N LYS B 4 5.46 -12.75 -1.18
CA LYS B 4 4.60 -13.38 -2.23
C LYS B 4 3.11 -13.43 -1.78
N ILE B 5 2.86 -13.45 -0.45
CA ILE B 5 1.49 -13.48 0.12
C ILE B 5 0.74 -12.17 -0.18
N VAL B 6 1.40 -11.01 0.03
CA VAL B 6 0.82 -9.67 -0.28
C VAL B 6 0.60 -9.51 -1.80
N GLY B 7 1.40 -10.25 -2.61
CA GLY B 7 1.21 -10.33 -4.06
C GLY B 7 -0.10 -11.02 -4.47
N ALA B 8 -0.33 -12.23 -3.92
CA ALA B 8 -1.54 -13.03 -4.19
C ALA B 8 -2.82 -12.36 -3.62
N ASN B 9 -2.68 -11.79 -2.41
CA ASN B 9 -3.76 -11.04 -1.71
C ASN B 9 -4.10 -9.72 -2.43
N ALA B 10 -3.10 -9.12 -3.12
CA ALA B 10 -3.30 -7.90 -3.93
C ALA B 10 -4.07 -8.22 -5.23
N GLY B 11 -3.77 -9.38 -5.85
CA GLY B 11 -4.53 -9.87 -7.03
C GLY B 11 -6.01 -10.14 -6.69
N LYS B 12 -6.24 -10.56 -5.43
CA LYS B 12 -7.57 -10.78 -4.84
C LYS B 12 -8.34 -9.44 -4.64
N VAL B 13 -7.59 -8.37 -4.29
CA VAL B 13 -8.14 -6.99 -4.17
C VAL B 13 -8.51 -6.40 -5.56
N TRP B 14 -7.65 -6.67 -6.56
CA TRP B 14 -7.86 -6.22 -7.96
C TRP B 14 -9.10 -6.93 -8.58
N HIS B 15 -9.35 -8.19 -8.16
CA HIS B 15 -10.59 -8.95 -8.47
C HIS B 15 -11.86 -8.15 -8.05
N ALA B 16 -11.79 -7.53 -6.86
CA ALA B 16 -12.91 -6.75 -6.27
C ALA B 16 -13.24 -5.48 -7.10
N LEU B 17 -12.21 -4.93 -7.76
CA LEU B 17 -12.37 -3.82 -8.73
C LEU B 17 -13.22 -4.24 -9.94
N ASN B 18 -12.97 -5.46 -10.45
CA ASN B 18 -13.71 -6.04 -11.60
C ASN B 18 -15.21 -6.27 -11.27
N GLU B 19 -15.52 -6.37 -9.96
CA GLU B 19 -16.90 -6.44 -9.45
C GLU B 19 -17.55 -5.03 -9.49
N ALA B 20 -16.84 -4.03 -8.91
CA ALA B 20 -17.30 -2.61 -8.87
C ALA B 20 -16.17 -1.67 -8.37
N ASP B 21 -15.82 -0.64 -9.17
CA ASP B 21 -14.81 0.39 -8.80
C ASP B 21 -15.36 1.41 -7.75
N GLY B 22 -14.46 2.30 -7.28
CA GLY B 22 -14.81 3.28 -6.24
C GLY B 22 -14.98 2.65 -4.86
N ILE B 23 -14.40 1.44 -4.69
CA ILE B 23 -14.52 0.64 -3.45
C ILE B 23 -13.45 1.10 -2.42
N SER B 24 -13.90 1.47 -1.20
CA SER B 24 -13.00 1.97 -0.13
C SER B 24 -12.41 0.79 0.67
N ILE B 25 -11.16 0.96 1.14
CA ILE B 25 -10.35 -0.10 1.82
C ILE B 25 -11.10 -0.86 2.99
N PRO B 26 -11.85 -0.18 3.94
CA PRO B 26 -12.63 -0.89 5.00
C PRO B 26 -13.65 -1.93 4.45
N GLU B 27 -14.45 -1.52 3.45
CA GLU B 27 -15.53 -2.37 2.86
C GLU B 27 -14.90 -3.49 2.00
N LEU B 28 -13.83 -3.09 1.33
CA LEU B 28 -12.97 -3.93 0.50
C LEU B 28 -12.30 -5.05 1.34
N ALA B 29 -11.99 -4.72 2.61
CA ALA B 29 -11.42 -5.67 3.59
C ALA B 29 -12.37 -6.87 3.88
N ARG B 30 -13.71 -6.61 3.89
CA ARG B 30 -14.73 -7.68 4.03
C ARG B 30 -14.70 -8.61 2.80
N LYS B 31 -14.60 -8.00 1.61
CA LYS B 31 -14.61 -8.71 0.31
C LYS B 31 -13.39 -9.65 0.14
N VAL B 32 -12.22 -9.19 0.60
CA VAL B 32 -10.94 -9.95 0.49
C VAL B 32 -10.59 -10.72 1.79
N ASN B 33 -11.42 -10.56 2.85
CA ASN B 33 -11.29 -11.28 4.15
C ASN B 33 -9.95 -10.92 4.89
N LEU B 34 -9.44 -9.69 4.65
CA LEU B 34 -8.22 -9.16 5.31
C LEU B 34 -8.60 -8.03 6.30
N SER B 35 -7.65 -7.66 7.17
CA SER B 35 -7.77 -6.47 8.04
C SER B 35 -7.57 -5.16 7.21
N VAL B 36 -8.02 -4.02 7.76
CA VAL B 36 -7.91 -2.69 7.08
C VAL B 36 -6.44 -2.36 6.69
N GLU B 37 -5.52 -2.56 7.65
CA GLU B 37 -4.06 -2.39 7.45
C GLU B 37 -3.48 -3.33 6.36
N SER B 38 -3.94 -4.61 6.39
CA SER B 38 -3.51 -5.65 5.43
C SER B 38 -4.02 -5.34 4.00
N THR B 39 -5.22 -4.75 3.91
CA THR B 39 -5.89 -4.41 2.63
C THR B 39 -5.31 -3.08 2.06
N ALA B 40 -4.95 -2.15 2.95
CA ALA B 40 -4.32 -0.85 2.58
C ALA B 40 -2.88 -1.06 2.07
N LEU B 41 -2.21 -2.07 2.64
CA LEU B 41 -0.89 -2.52 2.17
C LEU B 41 -1.03 -3.35 0.86
N ALA B 42 -2.14 -4.11 0.72
CA ALA B 42 -2.41 -4.91 -0.51
C ALA B 42 -2.66 -4.01 -1.74
N VAL B 43 -3.41 -2.89 -1.56
CA VAL B 43 -3.60 -1.86 -2.62
C VAL B 43 -2.28 -1.10 -2.89
N GLY B 44 -1.41 -1.00 -1.85
CA GLY B 44 -0.05 -0.47 -1.99
C GLY B 44 0.85 -1.35 -2.86
N TRP B 45 0.65 -2.68 -2.78
CA TRP B 45 1.34 -3.65 -3.67
C TRP B 45 0.78 -3.57 -5.12
N LEU B 46 -0.53 -3.28 -5.24
CA LEU B 46 -1.15 -2.98 -6.55
C LEU B 46 -0.63 -1.64 -7.14
N ALA B 47 -0.22 -0.71 -6.27
CA ALA B 47 0.54 0.51 -6.68
C ALA B 47 1.93 0.14 -7.28
N ARG B 48 2.56 -0.95 -6.78
CA ARG B 48 3.79 -1.54 -7.41
C ARG B 48 3.46 -2.08 -8.82
N GLU B 49 2.31 -2.78 -8.91
CA GLU B 49 1.79 -3.32 -10.18
C GLU B 49 1.34 -2.20 -11.16
N ASN B 50 0.99 -1.03 -10.57
CA ASN B 50 0.40 0.15 -11.27
C ASN B 50 -1.03 -0.15 -11.82
N LYS B 51 -1.70 -1.15 -11.22
CA LYS B 51 -3.02 -1.67 -11.67
C LYS B 51 -4.23 -1.04 -10.93
N VAL B 52 -3.99 -0.07 -10.03
CA VAL B 52 -5.08 0.66 -9.30
C VAL B 52 -5.00 2.19 -9.51
N VAL B 53 -6.18 2.83 -9.39
CA VAL B 53 -6.33 4.30 -9.36
C VAL B 53 -6.72 4.74 -7.92
N ILE B 54 -5.95 5.67 -7.35
CA ILE B 54 -6.17 6.17 -5.98
C ILE B 54 -6.80 7.58 -6.02
N GLU B 55 -8.03 7.72 -5.52
CA GLU B 55 -8.70 9.04 -5.34
C GLU B 55 -8.98 9.28 -3.85
N ARG B 56 -8.48 10.41 -3.33
CA ARG B 56 -8.71 10.84 -1.94
C ARG B 56 -9.92 11.78 -1.87
N LYS B 57 -11.09 11.22 -1.53
CA LYS B 57 -12.38 11.94 -1.50
C LYS B 57 -12.80 12.22 -0.05
N ASN B 58 -12.80 13.53 0.32
CA ASN B 58 -13.11 14.05 1.68
C ASN B 58 -12.11 13.50 2.75
N GLY B 59 -10.87 13.21 2.30
CA GLY B 59 -9.84 12.63 3.16
C GLY B 59 -9.86 11.09 3.27
N LEU B 60 -10.84 10.43 2.61
CA LEU B 60 -10.96 8.95 2.59
C LEU B 60 -10.36 8.34 1.30
N ILE B 61 -9.84 7.10 1.42
CA ILE B 61 -9.18 6.38 0.29
C ILE B 61 -10.23 5.60 -0.55
N GLU B 62 -10.35 5.94 -1.84
CA GLU B 62 -11.29 5.30 -2.79
C GLU B 62 -10.49 4.59 -3.91
N ILE B 63 -10.67 3.27 -4.08
CA ILE B 63 -9.88 2.45 -5.05
C ILE B 63 -10.71 2.18 -6.34
N TYR B 64 -10.16 2.59 -7.50
CA TYR B 64 -10.80 2.41 -8.83
C TYR B 64 -9.96 1.48 -9.75
N ASN B 65 -10.56 1.08 -10.88
CA ASN B 65 -9.90 0.22 -11.89
C ASN B 65 -8.92 1.04 -12.76
N GLU B 66 -7.77 0.42 -13.09
CA GLU B 66 -6.75 0.96 -14.03
C GLU B 66 -7.34 1.43 -15.40
N GLY B 67 -8.49 0.86 -15.80
CA GLY B 67 -9.14 1.17 -17.09
C GLY B 67 -9.67 2.61 -17.21
N HIS B 68 -9.86 3.30 -16.07
CA HIS B 68 -10.29 4.71 -16.05
C HIS B 68 -9.63 5.46 -14.86
N PHE B 69 -8.98 6.60 -15.16
CA PHE B 69 -8.28 7.43 -14.15
C PHE B 69 -8.41 8.92 -14.48
N ASP B 70 -8.23 9.76 -13.45
CA ASP B 70 -8.20 11.23 -13.58
C ASP B 70 -6.91 11.68 -14.34
N PHE B 71 -7.10 12.42 -15.44
CA PHE B 71 -6.00 12.89 -16.31
C PHE B 71 -5.42 14.25 -15.82
N SER B 72 -4.45 14.77 -16.59
CA SER B 72 -3.92 16.15 -16.41
C SER B 72 -5.05 17.19 -16.60
N PHE B 73 -5.76 17.06 -17.73
CA PHE B 73 -6.98 17.83 -18.00
C PHE B 73 -8.22 17.04 -17.50
N GLY B 74 -8.46 17.13 -16.19
CA GLY B 74 -9.68 16.57 -15.57
C GLY B 74 -10.75 17.65 -15.32
N LEU B 75 -10.37 18.95 -15.57
CA LEU B 75 -11.21 20.15 -15.40
C LEU B 75 -11.38 20.58 -13.91
N GLU B 76 -11.47 19.57 -13.00
CA GLU B 76 -11.67 19.79 -11.54
C GLU B 76 -10.61 20.74 -10.90
N HIS B 77 -11.11 21.70 -10.12
CA HIS B 77 -10.29 22.69 -9.39
C HIS B 77 -11.09 23.19 -8.17
N HIS B 78 -11.00 22.42 -7.06
CA HIS B 78 -11.73 22.66 -5.79
C HIS B 78 -11.36 24.03 -5.14
N HIS B 79 -12.23 24.52 -4.24
CA HIS B 79 -12.00 25.72 -3.39
C HIS B 79 -10.55 25.76 -2.81
N HIS B 80 -9.88 26.93 -2.90
CA HIS B 80 -8.46 27.09 -2.49
C HIS B 80 -8.27 26.72 -1.00
N HIS B 81 -7.33 25.79 -0.74
CA HIS B 81 -7.00 25.34 0.63
C HIS B 81 -5.88 26.23 1.26
N HIS B 82 -5.92 26.39 2.59
CA HIS B 82 -4.93 27.21 3.35
C HIS B 82 -3.50 26.60 3.30
N MET A 1 -1.18 13.40 -9.76
CA MET A 1 -1.40 13.77 -8.34
C MET A 1 -0.65 12.81 -7.40
N ASP A 2 -1.25 11.63 -7.11
CA ASP A 2 -0.78 10.73 -6.05
C ASP A 2 0.54 10.00 -6.41
N LYS A 3 0.90 9.92 -7.70
CA LYS A 3 2.18 9.27 -8.12
C LYS A 3 3.44 9.97 -7.52
N LYS A 4 3.41 11.31 -7.43
CA LYS A 4 4.48 12.09 -6.78
C LYS A 4 4.33 12.05 -5.24
N ILE A 5 3.06 12.18 -4.78
CA ILE A 5 2.72 12.26 -3.34
C ILE A 5 3.05 10.96 -2.57
N VAL A 6 2.78 9.79 -3.17
CA VAL A 6 3.08 8.47 -2.56
C VAL A 6 4.60 8.26 -2.38
N GLY A 7 5.41 8.85 -3.28
CA GLY A 7 6.86 8.85 -3.14
C GLY A 7 7.32 9.71 -1.95
N ALA A 8 6.70 10.89 -1.80
CA ALA A 8 7.03 11.87 -0.74
C ALA A 8 6.63 11.36 0.67
N ASN A 9 5.39 10.82 0.78
CA ASN A 9 4.85 10.33 2.07
C ASN A 9 5.44 8.94 2.46
N ALA A 10 5.94 8.16 1.47
CA ALA A 10 6.64 6.87 1.73
C ALA A 10 8.07 7.11 2.26
N GLY A 11 8.73 8.17 1.75
CA GLY A 11 10.05 8.60 2.29
C GLY A 11 9.94 9.13 3.73
N LYS A 12 8.78 9.74 4.02
CA LYS A 12 8.39 10.22 5.35
C LYS A 12 8.14 9.03 6.33
N VAL A 13 7.41 8.00 5.84
CA VAL A 13 7.17 6.71 6.56
C VAL A 13 8.50 5.92 6.77
N TRP A 14 9.39 5.99 5.78
CA TRP A 14 10.72 5.32 5.82
C TRP A 14 11.67 6.02 6.83
N HIS A 15 11.51 7.35 6.97
CA HIS A 15 12.21 8.16 7.99
C HIS A 15 11.88 7.67 9.43
N ALA A 16 10.65 7.18 9.63
CA ALA A 16 10.20 6.63 10.94
C ALA A 16 11.03 5.40 11.40
N LEU A 17 11.67 4.70 10.43
CA LEU A 17 12.61 3.56 10.71
C LEU A 17 13.93 4.04 11.38
N ASN A 18 14.46 5.21 10.95
CA ASN A 18 15.62 5.88 11.59
C ASN A 18 15.33 6.18 13.10
N GLU A 19 14.08 6.51 13.39
CA GLU A 19 13.61 6.80 14.76
C GLU A 19 13.32 5.50 15.54
N ALA A 20 12.58 4.58 14.89
CA ALA A 20 12.05 3.34 15.52
C ALA A 20 12.05 2.16 14.51
N ASP A 21 12.90 1.14 14.76
CA ASP A 21 12.93 -0.10 13.96
C ASP A 21 12.04 -1.16 14.65
N GLY A 22 11.12 -1.77 13.88
CA GLY A 22 10.11 -2.68 14.46
C GLY A 22 8.87 -1.92 14.94
N ILE A 23 8.36 -1.02 14.07
CA ILE A 23 7.22 -0.12 14.38
C ILE A 23 5.98 -0.47 13.50
N SER A 24 4.77 -0.49 14.11
CA SER A 24 3.50 -0.83 13.40
C SER A 24 2.92 0.40 12.64
N ILE A 25 2.00 0.13 11.68
CA ILE A 25 1.40 1.15 10.81
C ILE A 25 0.70 2.34 11.58
N PRO A 26 -0.27 2.12 12.56
CA PRO A 26 -1.00 3.24 13.22
C PRO A 26 -0.11 4.07 14.18
N GLU A 27 0.89 3.40 14.80
CA GLU A 27 1.83 4.04 15.75
C GLU A 27 2.81 4.98 15.03
N LEU A 28 3.36 4.52 13.90
CA LEU A 28 4.24 5.35 13.04
C LEU A 28 3.41 6.41 12.29
N ALA A 29 2.12 6.09 11.97
CA ALA A 29 1.18 7.03 11.29
C ALA A 29 1.02 8.35 12.06
N ARG A 30 0.92 8.24 13.40
CA ARG A 30 0.84 9.42 14.30
C ARG A 30 2.18 10.19 14.35
N LYS A 31 3.31 9.47 14.17
CA LYS A 31 4.66 10.08 14.06
C LYS A 31 4.83 10.86 12.73
N VAL A 32 4.31 10.29 11.63
CA VAL A 32 4.44 10.88 10.27
C VAL A 32 3.20 11.71 9.87
N ASN A 33 2.27 11.92 10.83
CA ASN A 33 1.08 12.83 10.69
C ASN A 33 0.09 12.39 9.58
N LEU A 34 0.20 11.14 9.11
CA LEU A 34 -0.72 10.56 8.10
C LEU A 34 -1.80 9.69 8.79
N SER A 35 -2.92 9.45 8.08
CA SER A 35 -3.94 8.46 8.50
C SER A 35 -3.39 7.02 8.38
N VAL A 36 -4.03 6.06 9.08
CA VAL A 36 -3.61 4.63 9.05
C VAL A 36 -3.65 4.06 7.60
N GLU A 37 -4.73 4.38 6.86
CA GLU A 37 -4.88 3.98 5.42
C GLU A 37 -3.80 4.66 4.53
N SER A 38 -3.64 5.99 4.69
CA SER A 38 -2.62 6.80 3.96
C SER A 38 -1.18 6.27 4.18
N THR A 39 -0.90 5.84 5.42
CA THR A 39 0.39 5.27 5.83
C THR A 39 0.59 3.86 5.22
N ALA A 40 -0.40 2.97 5.40
CA ALA A 40 -0.38 1.57 4.88
C ALA A 40 -0.23 1.51 3.33
N LEU A 41 -0.77 2.53 2.65
CA LEU A 41 -0.59 2.75 1.20
C LEU A 41 0.88 3.14 0.87
N ALA A 42 1.44 4.06 1.68
CA ALA A 42 2.86 4.49 1.58
C ALA A 42 3.84 3.31 1.91
N VAL A 43 3.40 2.41 2.79
CA VAL A 43 4.12 1.17 3.15
C VAL A 43 4.26 0.22 1.92
N GLY A 44 3.16 0.08 1.14
CA GLY A 44 3.18 -0.68 -0.11
C GLY A 44 4.16 -0.11 -1.16
N TRP A 45 4.35 1.22 -1.11
CA TRP A 45 5.27 1.95 -2.00
C TRP A 45 6.76 1.76 -1.59
N LEU A 46 7.01 1.51 -0.30
CA LEU A 46 8.34 1.05 0.19
C LEU A 46 8.58 -0.45 -0.12
N ALA A 47 7.52 -1.27 0.09
CA ALA A 47 7.54 -2.74 -0.13
C ALA A 47 7.86 -3.14 -1.60
N ARG A 48 7.42 -2.30 -2.57
CA ARG A 48 7.74 -2.51 -4.01
C ARG A 48 9.27 -2.48 -4.27
N GLU A 49 9.99 -1.63 -3.52
CA GLU A 49 11.46 -1.42 -3.64
C GLU A 49 12.27 -2.24 -2.61
N ASN A 50 11.54 -3.03 -1.77
CA ASN A 50 12.12 -3.89 -0.70
C ASN A 50 12.89 -3.04 0.38
N LYS A 51 12.46 -1.78 0.54
CA LYS A 51 13.04 -0.84 1.54
C LYS A 51 12.66 -1.20 2.99
N VAL A 52 11.56 -1.96 3.14
CA VAL A 52 11.00 -2.36 4.45
C VAL A 52 10.84 -3.89 4.55
N VAL A 53 10.98 -4.41 5.77
CA VAL A 53 10.74 -5.84 6.09
C VAL A 53 9.35 -5.96 6.74
N ILE A 54 8.35 -6.38 5.95
CA ILE A 54 6.99 -6.64 6.45
C ILE A 54 6.94 -8.00 7.18
N GLU A 55 6.52 -7.99 8.43
CA GLU A 55 6.34 -9.21 9.24
C GLU A 55 4.97 -9.15 9.93
N ARG A 56 4.10 -10.10 9.58
CA ARG A 56 2.77 -10.25 10.20
C ARG A 56 2.82 -11.26 11.35
N LYS A 57 2.82 -10.74 12.59
CA LYS A 57 2.88 -11.56 13.82
C LYS A 57 1.53 -11.47 14.58
N ASN A 58 0.97 -12.65 14.93
CA ASN A 58 -0.36 -12.79 15.58
C ASN A 58 -1.51 -12.13 14.77
N GLY A 59 -1.33 -12.07 13.43
CA GLY A 59 -2.28 -11.37 12.54
C GLY A 59 -2.00 -9.86 12.39
N LEU A 60 -1.29 -9.27 13.36
CA LEU A 60 -0.96 -7.82 13.38
C LEU A 60 0.21 -7.50 12.43
N ILE A 61 0.15 -6.34 11.77
CA ILE A 61 1.19 -5.88 10.83
C ILE A 61 2.28 -5.12 11.61
N GLU A 62 3.56 -5.36 11.27
CA GLU A 62 4.69 -4.58 11.83
C GLU A 62 5.82 -4.45 10.80
N ILE A 63 6.46 -3.27 10.79
CA ILE A 63 7.47 -2.88 9.81
C ILE A 63 8.85 -2.80 10.45
N TYR A 64 9.84 -3.32 9.74
CA TYR A 64 11.26 -3.25 10.11
C TYR A 64 12.03 -2.55 8.98
N ASN A 65 13.26 -2.13 9.26
CA ASN A 65 14.17 -1.58 8.23
C ASN A 65 14.86 -2.75 7.49
N GLU A 66 15.24 -2.56 6.21
CA GLU A 66 15.89 -3.63 5.38
C GLU A 66 17.19 -4.22 6.02
N GLY A 67 17.84 -3.44 6.91
CA GLY A 67 19.03 -3.91 7.65
C GLY A 67 18.74 -5.01 8.70
N HIS A 68 17.46 -5.15 9.09
CA HIS A 68 17.01 -6.17 10.07
C HIS A 68 17.07 -7.63 9.48
N PHE A 69 17.26 -7.75 8.14
CA PHE A 69 17.48 -9.06 7.48
C PHE A 69 18.72 -9.81 8.04
N ASP A 70 18.50 -10.70 9.02
CA ASP A 70 19.51 -11.66 9.48
C ASP A 70 19.44 -12.92 8.58
N PHE A 71 20.48 -13.11 7.74
CA PHE A 71 20.49 -14.17 6.71
C PHE A 71 20.51 -15.59 7.34
N SER A 72 19.32 -16.21 7.41
CA SER A 72 19.14 -17.56 7.99
C SER A 72 18.40 -18.49 6.99
N PHE A 73 18.73 -19.78 7.02
CA PHE A 73 18.15 -20.79 6.12
C PHE A 73 16.85 -21.40 6.73
N GLY A 74 15.69 -21.08 6.10
CA GLY A 74 14.37 -21.59 6.54
C GLY A 74 13.84 -22.72 5.64
N LEU A 75 14.66 -23.78 5.47
CA LEU A 75 14.30 -24.97 4.66
C LEU A 75 13.33 -25.92 5.41
N GLU A 76 13.28 -25.79 6.75
CA GLU A 76 12.35 -26.56 7.61
C GLU A 76 10.88 -26.19 7.30
N HIS A 77 10.23 -27.05 6.48
CA HIS A 77 8.81 -26.91 6.09
C HIS A 77 7.86 -26.86 7.32
N HIS A 78 7.00 -25.83 7.35
CA HIS A 78 6.12 -25.55 8.49
C HIS A 78 4.78 -24.95 8.00
N HIS A 79 3.66 -25.40 8.62
CA HIS A 79 2.29 -24.92 8.31
C HIS A 79 1.88 -25.19 6.81
N HIS A 80 2.63 -26.10 6.14
CA HIS A 80 2.41 -26.44 4.72
C HIS A 80 1.12 -27.29 4.56
N HIS A 81 -0.01 -26.60 4.34
CA HIS A 81 -1.33 -27.23 4.20
C HIS A 81 -1.41 -28.06 2.90
N HIS A 82 -1.84 -29.33 3.02
CA HIS A 82 -1.91 -30.28 1.90
C HIS A 82 -3.08 -29.94 0.95
N MET B 1 8.78 -15.42 1.21
CA MET B 1 7.52 -15.97 1.72
C MET B 1 6.39 -14.92 1.74
N ASP B 2 6.72 -13.69 2.21
CA ASP B 2 5.73 -12.62 2.44
C ASP B 2 5.16 -12.08 1.11
N LYS B 3 6.03 -11.96 0.09
CA LYS B 3 5.65 -11.44 -1.25
C LYS B 3 4.75 -12.42 -2.04
N LYS B 4 4.86 -13.72 -1.74
CA LYS B 4 3.94 -14.75 -2.30
C LYS B 4 2.53 -14.60 -1.69
N ILE B 5 2.47 -14.26 -0.39
CA ILE B 5 1.22 -13.99 0.33
C ILE B 5 0.51 -12.72 -0.20
N VAL B 6 1.25 -11.58 -0.26
CA VAL B 6 0.70 -10.29 -0.73
C VAL B 6 0.44 -10.30 -2.26
N GLY B 7 1.21 -11.13 -3.00
CA GLY B 7 0.95 -11.37 -4.43
C GLY B 7 -0.34 -12.14 -4.68
N ALA B 8 -0.63 -13.12 -3.81
CA ALA B 8 -1.86 -13.95 -3.87
C ALA B 8 -3.12 -13.12 -3.53
N ASN B 9 -3.08 -12.43 -2.36
CA ASN B 9 -4.26 -11.70 -1.83
C ASN B 9 -4.58 -10.39 -2.61
N ALA B 10 -3.58 -9.86 -3.35
CA ALA B 10 -3.76 -8.69 -4.24
C ALA B 10 -4.63 -9.05 -5.47
N GLY B 11 -4.67 -10.36 -5.81
CA GLY B 11 -5.58 -10.90 -6.84
C GLY B 11 -7.06 -10.80 -6.44
N LYS B 12 -7.34 -10.93 -5.12
CA LYS B 12 -8.69 -10.74 -4.54
C LYS B 12 -9.11 -9.24 -4.60
N VAL B 13 -8.17 -8.37 -4.18
CA VAL B 13 -8.35 -6.89 -4.14
C VAL B 13 -8.55 -6.30 -5.57
N TRP B 14 -7.83 -6.86 -6.54
CA TRP B 14 -7.96 -6.51 -7.97
C TRP B 14 -9.29 -7.05 -8.56
N HIS B 15 -9.71 -8.24 -8.08
CA HIS B 15 -11.03 -8.82 -8.45
C HIS B 15 -12.20 -7.96 -7.92
N ALA B 16 -11.99 -7.28 -6.78
CA ALA B 16 -12.96 -6.31 -6.23
C ALA B 16 -13.27 -5.15 -7.22
N LEU B 17 -12.28 -4.79 -8.07
CA LEU B 17 -12.45 -3.82 -9.20
C LEU B 17 -13.42 -4.37 -10.27
N ASN B 18 -13.21 -5.66 -10.65
CA ASN B 18 -14.06 -6.38 -11.64
C ASN B 18 -15.54 -6.44 -11.17
N GLU B 19 -15.72 -6.43 -9.83
CA GLU B 19 -17.05 -6.42 -9.18
C GLU B 19 -17.64 -4.99 -9.14
N ALA B 20 -16.81 -4.01 -8.70
CA ALA B 20 -17.22 -2.60 -8.51
C ALA B 20 -16.00 -1.65 -8.44
N ASP B 21 -16.20 -0.38 -8.85
CA ASP B 21 -15.14 0.67 -8.78
C ASP B 21 -15.55 1.74 -7.74
N GLY B 22 -14.55 2.46 -7.18
CA GLY B 22 -14.81 3.50 -6.17
C GLY B 22 -15.27 2.96 -4.82
N ILE B 23 -14.68 1.83 -4.40
CA ILE B 23 -14.99 1.20 -3.11
C ILE B 23 -13.85 1.48 -2.08
N SER B 24 -14.25 1.79 -0.84
CA SER B 24 -13.31 2.09 0.27
C SER B 24 -12.61 0.81 0.77
N ILE B 25 -11.42 0.99 1.39
CA ILE B 25 -10.56 -0.12 1.86
C ILE B 25 -11.28 -1.08 2.89
N PRO B 26 -11.92 -0.59 4.03
CA PRO B 26 -12.54 -1.49 5.04
C PRO B 26 -13.77 -2.29 4.50
N GLU B 27 -14.41 -1.75 3.44
CA GLU B 27 -15.61 -2.34 2.82
C GLU B 27 -15.25 -3.51 1.88
N LEU B 28 -14.18 -3.35 1.08
CA LEU B 28 -13.66 -4.45 0.23
C LEU B 28 -12.88 -5.50 1.07
N ALA B 29 -12.23 -5.02 2.17
CA ALA B 29 -11.41 -5.85 3.09
C ALA B 29 -12.17 -7.06 3.66
N ARG B 30 -13.42 -6.82 4.11
CA ARG B 30 -14.27 -7.88 4.70
C ARG B 30 -14.65 -8.98 3.67
N LYS B 31 -14.75 -8.59 2.38
CA LYS B 31 -15.10 -9.54 1.29
C LYS B 31 -13.89 -10.39 0.88
N VAL B 32 -12.70 -9.76 0.81
CA VAL B 32 -11.44 -10.44 0.45
C VAL B 32 -10.81 -11.18 1.67
N ASN B 33 -11.46 -11.04 2.84
CA ASN B 33 -11.12 -11.74 4.12
C ASN B 33 -9.75 -11.31 4.68
N LEU B 34 -9.33 -10.07 4.41
CA LEU B 34 -8.10 -9.46 4.96
C LEU B 34 -8.46 -8.37 6.00
N SER B 35 -7.50 -8.06 6.89
CA SER B 35 -7.56 -6.84 7.76
C SER B 35 -7.48 -5.56 6.90
N VAL B 36 -8.05 -4.45 7.39
CA VAL B 36 -8.01 -3.14 6.69
C VAL B 36 -6.55 -2.73 6.35
N GLU B 37 -5.63 -2.95 7.31
CA GLU B 37 -4.17 -2.70 7.15
C GLU B 37 -3.56 -3.59 6.03
N SER B 38 -3.87 -4.91 6.07
CA SER B 38 -3.35 -5.91 5.10
C SER B 38 -3.93 -5.67 3.69
N THR B 39 -5.15 -5.12 3.63
CA THR B 39 -5.85 -4.79 2.38
C THR B 39 -5.27 -3.51 1.75
N ALA B 40 -5.00 -2.49 2.57
CA ALA B 40 -4.39 -1.21 2.12
C ALA B 40 -2.95 -1.42 1.60
N LEU B 41 -2.25 -2.39 2.21
CA LEU B 41 -0.93 -2.86 1.77
C LEU B 41 -1.04 -3.60 0.40
N ALA B 42 -2.07 -4.46 0.26
CA ALA B 42 -2.36 -5.20 -1.01
C ALA B 42 -2.77 -4.23 -2.16
N VAL B 43 -3.48 -3.14 -1.78
CA VAL B 43 -3.82 -2.01 -2.68
C VAL B 43 -2.53 -1.30 -3.18
N GLY B 44 -1.58 -1.06 -2.25
CA GLY B 44 -0.25 -0.51 -2.59
C GLY B 44 0.59 -1.45 -3.47
N TRP B 45 0.34 -2.76 -3.33
CA TRP B 45 1.00 -3.82 -4.13
C TRP B 45 0.44 -3.86 -5.58
N LEU B 46 -0.84 -3.47 -5.75
CA LEU B 46 -1.44 -3.20 -7.08
C LEU B 46 -0.99 -1.82 -7.65
N ALA B 47 -0.84 -0.82 -6.74
CA ALA B 47 -0.44 0.57 -7.09
C ALA B 47 0.99 0.67 -7.68
N ARG B 48 1.91 -0.20 -7.21
CA ARG B 48 3.28 -0.32 -7.79
C ARG B 48 3.22 -0.81 -9.27
N GLU B 49 2.19 -1.62 -9.57
CA GLU B 49 1.94 -2.19 -10.90
C GLU B 49 1.12 -1.22 -11.80
N ASN B 50 0.49 -0.20 -11.15
CA ASN B 50 -0.44 0.76 -11.80
C ASN B 50 -1.67 0.01 -12.40
N LYS B 51 -2.20 -0.94 -11.62
CA LYS B 51 -3.44 -1.67 -11.95
C LYS B 51 -4.68 -1.04 -11.27
N VAL B 52 -4.44 -0.08 -10.36
CA VAL B 52 -5.50 0.69 -9.65
C VAL B 52 -5.30 2.21 -9.82
N VAL B 53 -6.41 2.96 -9.88
CA VAL B 53 -6.43 4.43 -9.79
C VAL B 53 -6.93 4.82 -8.37
N ILE B 54 -6.00 5.23 -7.49
CA ILE B 54 -6.32 5.65 -6.12
C ILE B 54 -6.59 7.16 -6.08
N GLU B 55 -7.82 7.54 -5.70
CA GLU B 55 -8.23 8.95 -5.59
C GLU B 55 -8.59 9.25 -4.11
N ARG B 56 -7.93 10.26 -3.50
CA ARG B 56 -8.22 10.69 -2.13
C ARG B 56 -9.31 11.78 -2.17
N LYS B 57 -10.55 11.34 -1.95
CA LYS B 57 -11.75 12.19 -2.00
C LYS B 57 -12.41 12.23 -0.61
N ASN B 58 -12.47 13.45 -0.05
CA ASN B 58 -12.95 13.73 1.34
C ASN B 58 -12.06 13.00 2.40
N GLY B 59 -10.77 12.79 2.05
CA GLY B 59 -9.81 12.07 2.91
C GLY B 59 -9.93 10.54 2.85
N LEU B 60 -10.91 10.02 2.08
CA LEU B 60 -11.16 8.56 1.94
C LEU B 60 -10.35 7.98 0.78
N ILE B 61 -9.70 6.83 1.01
CA ILE B 61 -8.92 6.10 0.00
C ILE B 61 -9.86 5.16 -0.79
N GLU B 62 -10.23 5.56 -2.02
CA GLU B 62 -11.16 4.80 -2.88
C GLU B 62 -10.45 4.36 -4.17
N ILE B 63 -10.46 3.04 -4.43
CA ILE B 63 -9.73 2.45 -5.57
C ILE B 63 -10.65 2.21 -6.79
N TYR B 64 -10.12 2.53 -7.97
CA TYR B 64 -10.75 2.32 -9.29
C TYR B 64 -9.84 1.40 -10.13
N ASN B 65 -10.33 0.90 -11.26
CA ASN B 65 -9.48 0.15 -12.22
C ASN B 65 -8.76 1.15 -13.15
N GLU B 66 -7.51 0.85 -13.56
CA GLU B 66 -6.71 1.74 -14.42
C GLU B 66 -7.38 2.02 -15.79
N GLY B 67 -7.24 3.25 -16.29
CA GLY B 67 -7.86 3.68 -17.55
C GLY B 67 -9.29 4.24 -17.40
N HIS B 68 -9.96 3.96 -16.26
CA HIS B 68 -11.34 4.44 -15.97
C HIS B 68 -11.43 5.99 -16.00
N PHE B 69 -10.53 6.66 -15.27
CA PHE B 69 -10.40 8.15 -15.31
C PHE B 69 -9.49 8.62 -16.47
N ASP B 70 -8.51 7.77 -16.87
CA ASP B 70 -7.52 8.08 -17.93
C ASP B 70 -6.63 9.31 -17.51
N PHE B 71 -6.49 10.36 -18.35
CA PHE B 71 -5.72 11.60 -18.01
C PHE B 71 -6.66 12.76 -17.62
N SER B 72 -7.87 12.43 -17.13
CA SER B 72 -8.89 13.43 -16.71
C SER B 72 -8.61 13.98 -15.28
N PHE B 73 -9.56 14.78 -14.76
CA PHE B 73 -9.56 15.26 -13.35
C PHE B 73 -9.81 14.09 -12.35
N GLY B 74 -9.64 14.38 -11.04
CA GLY B 74 -9.91 13.40 -9.98
C GLY B 74 -11.41 13.28 -9.64
N LEU B 75 -11.77 13.29 -8.34
CA LEU B 75 -13.18 13.25 -7.91
C LEU B 75 -13.33 13.78 -6.45
N GLU B 76 -12.31 14.52 -5.97
CA GLU B 76 -12.35 15.21 -4.67
C GLU B 76 -13.33 16.41 -4.72
N HIS B 77 -14.51 16.23 -4.11
CA HIS B 77 -15.52 17.30 -3.94
C HIS B 77 -16.12 17.19 -2.51
N HIS B 78 -15.76 18.17 -1.65
CA HIS B 78 -16.09 18.11 -0.21
C HIS B 78 -17.42 18.83 0.12
N HIS B 79 -18.46 18.03 0.44
CA HIS B 79 -19.71 18.51 1.08
C HIS B 79 -20.07 17.58 2.27
N HIS B 80 -21.11 17.98 3.04
CA HIS B 80 -21.49 17.34 4.30
C HIS B 80 -22.98 17.57 4.58
N HIS B 81 -23.75 16.46 4.67
CA HIS B 81 -25.22 16.50 4.89
C HIS B 81 -25.57 16.73 6.38
N HIS B 82 -26.04 17.95 6.70
CA HIS B 82 -26.52 18.34 8.04
C HIS B 82 -28.06 18.25 8.11
N MET A 1 -4.73 10.59 -8.81
CA MET A 1 -3.35 11.14 -9.00
C MET A 1 -2.42 10.72 -7.84
N ASP A 2 -2.66 9.49 -7.35
CA ASP A 2 -1.96 8.91 -6.18
C ASP A 2 -0.44 8.74 -6.37
N LYS A 3 0.01 8.57 -7.62
CA LYS A 3 1.37 8.07 -7.92
C LYS A 3 2.51 9.05 -7.50
N LYS A 4 2.25 10.37 -7.58
CA LYS A 4 3.20 11.40 -7.07
C LYS A 4 3.03 11.62 -5.55
N ILE A 5 1.79 11.44 -5.06
CA ILE A 5 1.46 11.54 -3.62
C ILE A 5 2.20 10.45 -2.81
N VAL A 6 2.14 9.19 -3.29
CA VAL A 6 2.76 8.02 -2.63
C VAL A 6 4.30 8.07 -2.76
N GLY A 7 4.81 8.59 -3.90
CA GLY A 7 6.25 8.82 -4.08
C GLY A 7 6.82 9.84 -3.09
N ALA A 8 6.02 10.88 -2.80
CA ALA A 8 6.35 11.92 -1.80
C ALA A 8 6.32 11.38 -0.35
N ASN A 9 5.17 10.79 0.06
CA ASN A 9 4.91 10.42 1.48
C ASN A 9 5.63 9.10 1.91
N ALA A 10 6.14 8.32 0.95
CA ALA A 10 6.90 7.08 1.25
C ALA A 10 8.28 7.39 1.88
N GLY A 11 8.82 8.57 1.55
CA GLY A 11 10.10 9.03 2.11
C GLY A 11 10.04 9.32 3.61
N LYS A 12 8.99 10.04 4.04
CA LYS A 12 8.80 10.42 5.47
C LYS A 12 8.46 9.20 6.35
N VAL A 13 7.63 8.26 5.85
CA VAL A 13 7.25 7.05 6.61
C VAL A 13 8.46 6.08 6.75
N TRP A 14 9.30 6.01 5.70
CA TRP A 14 10.55 5.21 5.72
C TRP A 14 11.60 5.85 6.66
N HIS A 15 11.60 7.19 6.74
CA HIS A 15 12.46 7.95 7.68
C HIS A 15 12.07 7.67 9.16
N ALA A 16 10.77 7.45 9.40
CA ALA A 16 10.24 7.05 10.72
C ALA A 16 10.70 5.62 11.11
N LEU A 17 10.84 4.74 10.09
CA LEU A 17 11.39 3.38 10.24
C LEU A 17 12.92 3.39 10.49
N ASN A 18 13.59 4.37 9.87
CA ASN A 18 15.05 4.58 10.04
C ASN A 18 15.34 5.16 11.46
N GLU A 19 14.37 5.92 12.01
CA GLU A 19 14.45 6.45 13.39
C GLU A 19 14.12 5.34 14.42
N ALA A 20 13.10 4.52 14.10
CA ALA A 20 12.65 3.41 14.97
C ALA A 20 11.84 2.35 14.17
N ASP A 21 12.46 1.18 13.93
CA ASP A 21 11.77 0.01 13.31
C ASP A 21 10.94 -0.77 14.36
N GLY A 22 10.18 -1.80 13.90
CA GLY A 22 9.27 -2.56 14.79
C GLY A 22 8.13 -1.68 15.31
N ILE A 23 7.57 -0.86 14.42
CA ILE A 23 6.63 0.22 14.77
C ILE A 23 5.22 -0.06 14.17
N SER A 24 4.16 0.32 14.91
CA SER A 24 2.74 0.13 14.47
C SER A 24 2.33 1.22 13.47
N ILE A 25 1.38 0.89 12.56
CA ILE A 25 0.97 1.78 11.43
C ILE A 25 0.42 3.18 11.92
N PRO A 26 -0.51 3.27 12.95
CA PRO A 26 -0.98 4.58 13.50
C PRO A 26 0.14 5.35 14.26
N GLU A 27 1.16 4.62 14.74
CA GLU A 27 2.26 5.16 15.56
C GLU A 27 3.21 6.04 14.71
N LEU A 28 3.68 5.53 13.54
CA LEU A 28 4.46 6.37 12.59
C LEU A 28 3.56 7.36 11.82
N ALA A 29 2.27 7.00 11.60
CA ALA A 29 1.27 7.89 10.91
C ALA A 29 1.17 9.31 11.53
N ARG A 30 1.13 9.37 12.87
CA ARG A 30 1.07 10.66 13.61
C ARG A 30 2.41 11.44 13.54
N LYS A 31 3.53 10.70 13.43
CA LYS A 31 4.89 11.29 13.29
C LYS A 31 5.05 11.99 11.92
N VAL A 32 4.56 11.30 10.88
CA VAL A 32 4.61 11.78 9.47
C VAL A 32 3.39 12.67 9.13
N ASN A 33 2.47 12.82 10.12
CA ASN A 33 1.29 13.73 10.05
C ASN A 33 0.26 13.29 8.97
N LEU A 34 0.28 12.00 8.60
CA LEU A 34 -0.70 11.39 7.66
C LEU A 34 -1.78 10.58 8.43
N SER A 35 -2.84 10.21 7.71
CA SER A 35 -3.84 9.24 8.21
C SER A 35 -3.25 7.80 8.24
N VAL A 36 -3.84 6.92 9.08
CA VAL A 36 -3.36 5.51 9.24
C VAL A 36 -3.38 4.74 7.89
N GLU A 37 -4.51 4.85 7.17
CA GLU A 37 -4.68 4.23 5.82
C GLU A 37 -3.71 4.83 4.76
N SER A 38 -3.48 6.16 4.82
CA SER A 38 -2.54 6.89 3.92
C SER A 38 -1.07 6.45 4.16
N THR A 39 -0.76 6.08 5.41
CA THR A 39 0.58 5.58 5.81
C THR A 39 0.76 4.10 5.38
N ALA A 40 -0.27 3.25 5.60
CA ALA A 40 -0.25 1.82 5.17
C ALA A 40 -0.10 1.67 3.63
N LEU A 41 -0.67 2.65 2.90
CA LEU A 41 -0.51 2.81 1.44
C LEU A 41 0.99 3.02 1.09
N ALA A 42 1.61 4.02 1.76
CA ALA A 42 3.01 4.42 1.56
C ALA A 42 4.00 3.26 1.89
N VAL A 43 3.62 2.42 2.88
CA VAL A 43 4.39 1.23 3.27
C VAL A 43 4.37 0.15 2.14
N GLY A 44 3.20 -0.02 1.50
CA GLY A 44 3.05 -0.91 0.33
C GLY A 44 3.90 -0.45 -0.88
N TRP A 45 4.07 0.88 -1.00
CA TRP A 45 4.92 1.50 -2.05
C TRP A 45 6.43 1.25 -1.78
N LEU A 46 6.80 1.14 -0.50
CA LEU A 46 8.16 0.71 -0.07
C LEU A 46 8.38 -0.83 -0.25
N ALA A 47 7.32 -1.62 0.04
CA ALA A 47 7.34 -3.12 0.00
C ALA A 47 7.72 -3.71 -1.39
N ARG A 48 7.26 -3.04 -2.47
CA ARG A 48 7.61 -3.42 -3.86
C ARG A 48 9.15 -3.34 -4.11
N GLU A 49 9.85 -2.48 -3.34
CA GLU A 49 11.32 -2.24 -3.42
C GLU A 49 12.09 -2.95 -2.27
N ASN A 50 11.37 -3.73 -1.43
CA ASN A 50 11.94 -4.49 -0.26
C ASN A 50 12.54 -3.56 0.83
N LYS A 51 12.11 -2.29 0.85
CA LYS A 51 12.63 -1.27 1.80
C LYS A 51 11.96 -1.40 3.20
N VAL A 52 10.86 -2.16 3.29
CA VAL A 52 10.18 -2.49 4.57
C VAL A 52 10.12 -4.02 4.78
N VAL A 53 10.28 -4.44 6.05
CA VAL A 53 10.16 -5.85 6.46
C VAL A 53 8.92 -6.03 7.37
N ILE A 54 7.83 -6.62 6.83
CA ILE A 54 6.61 -6.94 7.60
C ILE A 54 6.72 -8.38 8.17
N GLU A 55 6.55 -8.51 9.49
CA GLU A 55 6.41 -9.82 10.15
C GLU A 55 4.96 -10.00 10.67
N ARG A 56 4.21 -10.95 10.07
CA ARG A 56 2.87 -11.33 10.54
C ARG A 56 3.03 -12.43 11.63
N LYS A 57 3.02 -11.99 12.90
CA LYS A 57 3.17 -12.88 14.08
C LYS A 57 1.85 -12.96 14.86
N ASN A 58 1.27 -14.17 14.96
CA ASN A 58 -0.11 -14.39 15.47
C ASN A 58 -1.16 -13.56 14.65
N GLY A 59 -0.87 -13.34 13.36
CA GLY A 59 -1.71 -12.51 12.48
C GLY A 59 -1.54 -10.98 12.70
N LEU A 60 -0.63 -10.60 13.61
CA LEU A 60 -0.36 -9.18 13.96
C LEU A 60 0.82 -8.64 13.13
N ILE A 61 0.65 -7.44 12.56
CA ILE A 61 1.65 -6.82 11.65
C ILE A 61 2.56 -5.82 12.39
N GLU A 62 3.87 -6.11 12.41
CA GLU A 62 4.92 -5.16 12.83
C GLU A 62 5.80 -4.80 11.62
N ILE A 63 6.04 -3.50 11.41
CA ILE A 63 6.84 -3.02 10.25
C ILE A 63 8.26 -2.65 10.69
N TYR A 64 9.23 -3.15 9.93
CA TYR A 64 10.68 -2.99 10.20
C TYR A 64 11.39 -2.35 8.99
N ASN A 65 12.67 -2.03 9.15
CA ASN A 65 13.52 -1.53 8.05
C ASN A 65 14.40 -2.69 7.51
N GLU A 66 14.98 -2.49 6.31
CA GLU A 66 15.93 -3.43 5.65
C GLU A 66 17.13 -3.81 6.60
N GLY A 67 17.64 -5.04 6.44
CA GLY A 67 18.73 -5.56 7.31
C GLY A 67 18.25 -6.65 8.28
N HIS A 68 16.92 -6.89 8.32
CA HIS A 68 16.27 -7.88 9.22
C HIS A 68 16.36 -9.34 8.66
N PHE A 69 17.05 -9.51 7.51
CA PHE A 69 17.25 -10.84 6.86
C PHE A 69 18.76 -11.17 6.70
N ASP A 70 19.07 -12.48 6.56
CA ASP A 70 20.45 -12.97 6.30
C ASP A 70 20.59 -13.38 4.81
N PHE A 71 21.49 -12.71 4.09
CA PHE A 71 21.83 -13.02 2.68
C PHE A 71 23.33 -13.32 2.54
N SER A 72 23.69 -14.03 1.45
CA SER A 72 25.07 -14.53 1.17
C SER A 72 25.50 -15.62 2.17
N PHE A 73 25.62 -15.24 3.47
CA PHE A 73 25.79 -16.21 4.57
C PHE A 73 24.45 -17.00 4.76
N GLY A 74 24.49 -18.30 4.44
CA GLY A 74 23.28 -19.13 4.30
C GLY A 74 22.62 -19.53 5.63
N LEU A 75 21.84 -18.62 6.22
CA LEU A 75 20.95 -18.91 7.37
C LEU A 75 19.49 -18.99 6.89
N GLU A 76 19.06 -20.21 6.53
CA GLU A 76 17.66 -20.50 6.18
C GLU A 76 16.88 -20.88 7.45
N HIS A 77 15.74 -20.23 7.68
CA HIS A 77 14.84 -20.52 8.79
C HIS A 77 14.04 -21.82 8.48
N HIS A 78 14.41 -22.91 9.16
CA HIS A 78 13.78 -24.23 8.96
C HIS A 78 12.29 -24.21 9.37
N HIS A 79 11.41 -24.36 8.36
CA HIS A 79 9.95 -24.38 8.56
C HIS A 79 9.52 -25.71 9.23
N HIS A 80 8.56 -25.62 10.17
CA HIS A 80 8.01 -26.80 10.87
C HIS A 80 6.86 -27.46 10.06
N HIS A 81 6.75 -28.80 10.17
CA HIS A 81 5.64 -29.56 9.56
C HIS A 81 4.31 -29.29 10.33
N HIS A 82 3.21 -29.12 9.57
CA HIS A 82 1.88 -28.74 10.12
C HIS A 82 0.74 -29.30 9.26
N MET B 1 9.38 -14.14 2.73
CA MET B 1 8.15 -14.94 2.87
C MET B 1 6.90 -14.08 2.55
N ASP B 2 6.91 -12.82 3.03
CA ASP B 2 5.74 -11.92 2.97
C ASP B 2 5.39 -11.50 1.52
N LYS B 3 6.41 -11.37 0.65
CA LYS B 3 6.21 -10.99 -0.77
C LYS B 3 5.44 -12.08 -1.58
N LYS B 4 5.69 -13.39 -1.26
CA LYS B 4 4.90 -14.50 -1.83
C LYS B 4 3.38 -14.30 -1.55
N ILE B 5 3.10 -13.84 -0.32
CA ILE B 5 1.74 -13.55 0.14
C ILE B 5 1.11 -12.35 -0.62
N VAL B 6 1.84 -11.21 -0.68
CA VAL B 6 1.30 -9.94 -1.27
C VAL B 6 1.08 -10.07 -2.79
N GLY B 7 1.93 -10.87 -3.46
CA GLY B 7 1.79 -11.14 -4.90
C GLY B 7 0.58 -12.00 -5.23
N ALA B 8 0.38 -13.06 -4.42
CA ALA B 8 -0.79 -13.95 -4.52
C ALA B 8 -2.12 -13.25 -4.10
N ASN B 9 -2.02 -12.30 -3.16
CA ASN B 9 -3.18 -11.60 -2.56
C ASN B 9 -3.62 -10.37 -3.40
N ALA B 10 -2.66 -9.75 -4.12
CA ALA B 10 -2.88 -8.53 -4.92
C ALA B 10 -3.88 -8.76 -6.08
N GLY B 11 -3.88 -10.00 -6.61
CA GLY B 11 -4.84 -10.40 -7.64
C GLY B 11 -6.27 -10.43 -7.10
N LYS B 12 -6.44 -10.97 -5.87
CA LYS B 12 -7.75 -11.13 -5.21
C LYS B 12 -8.40 -9.76 -4.90
N VAL B 13 -7.59 -8.82 -4.35
CA VAL B 13 -8.07 -7.46 -4.02
C VAL B 13 -8.37 -6.62 -5.30
N TRP B 14 -7.61 -6.88 -6.38
CA TRP B 14 -7.83 -6.24 -7.70
C TRP B 14 -9.12 -6.78 -8.39
N HIS B 15 -9.40 -8.10 -8.21
CA HIS B 15 -10.59 -8.76 -8.82
C HIS B 15 -11.91 -8.24 -8.22
N ALA B 16 -11.89 -7.87 -6.93
CA ALA B 16 -13.04 -7.24 -6.24
C ALA B 16 -13.36 -5.83 -6.82
N LEU B 17 -12.31 -5.11 -7.28
CA LEU B 17 -12.43 -3.80 -7.97
C LEU B 17 -13.18 -3.91 -9.33
N ASN B 18 -13.06 -5.08 -9.99
CA ASN B 18 -13.72 -5.35 -11.31
C ASN B 18 -15.26 -5.47 -11.20
N GLU B 19 -15.81 -5.45 -9.97
CA GLU B 19 -17.26 -5.35 -9.73
C GLU B 19 -17.74 -3.89 -9.90
N ALA B 20 -17.21 -2.99 -9.05
CA ALA B 20 -17.58 -1.56 -9.03
C ALA B 20 -16.50 -0.71 -8.32
N ASP B 21 -16.10 0.40 -8.95
CA ASP B 21 -15.14 1.38 -8.39
C ASP B 21 -15.79 2.27 -7.29
N GLY B 22 -14.96 3.12 -6.66
CA GLY B 22 -15.42 4.01 -5.58
C GLY B 22 -15.64 3.26 -4.28
N ILE B 23 -14.59 2.57 -3.85
CA ILE B 23 -14.66 1.57 -2.78
C ILE B 23 -13.51 1.77 -1.76
N SER B 24 -13.87 2.02 -0.48
CA SER B 24 -12.91 2.22 0.62
C SER B 24 -12.13 0.92 0.96
N ILE B 25 -11.00 1.06 1.69
CA ILE B 25 -10.18 -0.10 2.11
C ILE B 25 -10.98 -1.13 2.99
N PRO B 26 -11.77 -0.70 4.06
CA PRO B 26 -12.59 -1.66 4.87
C PRO B 26 -13.79 -2.28 4.09
N GLU B 27 -14.27 -1.59 3.03
CA GLU B 27 -15.34 -2.10 2.15
C GLU B 27 -14.80 -3.27 1.31
N LEU B 28 -13.65 -2.99 0.70
CA LEU B 28 -12.84 -3.91 -0.08
C LEU B 28 -12.36 -5.11 0.77
N ALA B 29 -12.01 -4.84 2.04
CA ALA B 29 -11.50 -5.86 3.00
C ALA B 29 -12.50 -7.02 3.23
N ARG B 30 -13.79 -6.68 3.37
CA ARG B 30 -14.85 -7.67 3.62
C ARG B 30 -15.12 -8.55 2.37
N LYS B 31 -15.03 -7.93 1.18
CA LYS B 31 -15.16 -8.66 -0.11
C LYS B 31 -14.00 -9.68 -0.30
N VAL B 32 -12.78 -9.24 0.00
CA VAL B 32 -11.55 -10.04 -0.20
C VAL B 32 -11.22 -10.95 1.02
N ASN B 33 -12.13 -10.95 2.02
CA ASN B 33 -12.09 -11.87 3.19
C ASN B 33 -10.92 -11.57 4.18
N LEU B 34 -10.32 -10.36 4.08
CA LEU B 34 -9.16 -9.95 4.92
C LEU B 34 -9.54 -8.85 5.94
N SER B 35 -8.57 -8.51 6.80
CA SER B 35 -8.62 -7.31 7.67
C SER B 35 -8.14 -6.05 6.90
N VAL B 36 -8.50 -4.85 7.41
CA VAL B 36 -8.22 -3.55 6.74
C VAL B 36 -6.70 -3.35 6.42
N GLU B 37 -5.84 -3.60 7.42
CA GLU B 37 -4.37 -3.48 7.29
C GLU B 37 -3.79 -4.44 6.21
N SER B 38 -4.21 -5.72 6.28
CA SER B 38 -3.77 -6.80 5.34
C SER B 38 -4.20 -6.50 3.88
N THR B 39 -5.41 -5.92 3.72
CA THR B 39 -5.96 -5.53 2.41
C THR B 39 -5.18 -4.35 1.78
N ALA B 40 -5.00 -3.26 2.57
CA ALA B 40 -4.27 -2.04 2.13
C ALA B 40 -2.85 -2.34 1.62
N LEU B 41 -2.15 -3.20 2.38
CA LEU B 41 -0.79 -3.67 2.07
C LEU B 41 -0.78 -4.55 0.77
N ALA B 42 -1.84 -5.35 0.56
CA ALA B 42 -2.00 -6.17 -0.68
C ALA B 42 -2.24 -5.29 -1.94
N VAL B 43 -3.04 -4.22 -1.79
CA VAL B 43 -3.31 -3.23 -2.88
C VAL B 43 -2.03 -2.42 -3.24
N GLY B 44 -1.12 -2.22 -2.26
CA GLY B 44 0.19 -1.57 -2.49
C GLY B 44 1.06 -2.27 -3.57
N TRP B 45 0.88 -3.59 -3.75
CA TRP B 45 1.57 -4.38 -4.81
C TRP B 45 0.96 -4.09 -6.23
N LEU B 46 -0.31 -3.66 -6.26
CA LEU B 46 -0.99 -3.19 -7.51
C LEU B 46 -0.45 -1.81 -7.96
N ALA B 47 -0.14 -0.94 -6.99
CA ALA B 47 0.53 0.37 -7.23
C ALA B 47 1.88 0.21 -7.97
N ARG B 48 2.59 -0.90 -7.69
CA ARG B 48 3.80 -1.34 -8.45
C ARG B 48 3.50 -1.45 -9.97
N GLU B 49 2.41 -2.15 -10.29
CA GLU B 49 1.98 -2.39 -11.69
C GLU B 49 1.09 -1.24 -12.24
N ASN B 50 0.82 -0.23 -11.39
CA ASN B 50 0.07 1.01 -11.75
C ASN B 50 -1.41 0.74 -12.16
N LYS B 51 -1.97 -0.41 -11.73
CA LYS B 51 -3.32 -0.87 -12.15
C LYS B 51 -4.47 -0.29 -11.28
N VAL B 52 -4.13 0.56 -10.30
CA VAL B 52 -5.12 1.18 -9.38
C VAL B 52 -4.93 2.71 -9.29
N VAL B 53 -6.02 3.42 -8.93
CA VAL B 53 -5.99 4.86 -8.56
C VAL B 53 -6.51 5.01 -7.11
N ILE B 54 -5.60 5.08 -6.12
CA ILE B 54 -5.99 5.17 -4.69
C ILE B 54 -5.99 6.65 -4.24
N GLU B 55 -7.17 7.23 -4.14
CA GLU B 55 -7.32 8.70 -4.01
C GLU B 55 -8.33 9.08 -2.92
N ARG B 56 -7.93 10.03 -2.04
CA ARG B 56 -8.72 10.43 -0.86
C ARG B 56 -9.73 11.52 -1.24
N LYS B 57 -10.96 11.07 -1.49
CA LYS B 57 -12.06 11.92 -1.94
C LYS B 57 -13.07 12.08 -0.79
N ASN B 58 -13.41 13.36 -0.49
CA ASN B 58 -14.21 13.75 0.69
C ASN B 58 -13.49 13.30 2.02
N GLY B 59 -12.13 13.25 1.97
CA GLY B 59 -11.31 12.82 3.11
C GLY B 59 -11.16 11.29 3.25
N LEU B 60 -12.09 10.53 2.65
CA LEU B 60 -12.10 9.05 2.73
C LEU B 60 -11.28 8.44 1.58
N ILE B 61 -10.44 7.43 1.91
CA ILE B 61 -9.52 6.78 0.95
C ILE B 61 -10.34 5.85 -0.02
N GLU B 62 -10.47 6.28 -1.29
CA GLU B 62 -11.27 5.58 -2.33
C GLU B 62 -10.33 4.90 -3.36
N ILE B 63 -10.44 3.57 -3.50
CA ILE B 63 -9.61 2.81 -4.44
C ILE B 63 -10.38 2.63 -5.77
N TYR B 64 -9.69 2.92 -6.88
CA TYR B 64 -10.21 2.77 -8.25
C TYR B 64 -9.29 1.84 -9.07
N ASN B 65 -9.71 1.52 -10.29
CA ASN B 65 -8.84 0.89 -11.30
C ASN B 65 -8.21 1.99 -12.19
N GLU B 66 -7.08 1.66 -12.84
CA GLU B 66 -6.31 2.57 -13.71
C GLU B 66 -7.19 3.37 -14.71
N GLY B 67 -7.87 2.65 -15.63
CA GLY B 67 -8.63 3.28 -16.73
C GLY B 67 -10.03 3.81 -16.35
N HIS B 68 -10.30 4.03 -15.04
CA HIS B 68 -11.60 4.56 -14.57
C HIS B 68 -11.60 6.11 -14.50
N PHE B 69 -10.42 6.75 -14.65
CA PHE B 69 -10.31 8.24 -14.64
C PHE B 69 -11.16 8.87 -15.76
N ASP B 70 -11.16 8.20 -16.94
CA ASP B 70 -11.98 8.62 -18.09
C ASP B 70 -13.35 7.91 -18.00
N PHE B 71 -14.32 8.61 -17.41
CA PHE B 71 -15.67 8.06 -17.11
C PHE B 71 -16.77 9.07 -17.53
N SER B 72 -17.89 8.57 -18.09
CA SER B 72 -19.01 9.43 -18.59
C SER B 72 -19.72 10.17 -17.43
N PHE B 73 -20.22 11.40 -17.71
CA PHE B 73 -20.86 12.27 -16.71
C PHE B 73 -22.39 12.00 -16.64
N GLY B 74 -22.91 11.78 -15.41
CA GLY B 74 -24.33 11.49 -15.18
C GLY B 74 -24.62 11.14 -13.73
N LEU B 75 -24.75 12.18 -12.89
CA LEU B 75 -24.89 12.03 -11.42
C LEU B 75 -26.38 11.96 -11.00
N GLU B 76 -26.66 11.05 -10.06
CA GLU B 76 -28.01 10.85 -9.46
C GLU B 76 -28.44 12.11 -8.66
N HIS B 77 -29.58 12.70 -9.04
CA HIS B 77 -30.11 13.94 -8.43
C HIS B 77 -31.08 13.59 -7.28
N HIS B 78 -30.76 14.07 -6.05
CA HIS B 78 -31.58 13.79 -4.84
C HIS B 78 -32.89 14.62 -4.83
N HIS B 79 -33.88 14.16 -4.04
CA HIS B 79 -35.22 14.79 -3.95
C HIS B 79 -35.32 15.80 -2.78
N HIS B 80 -36.43 16.56 -2.75
CA HIS B 80 -36.75 17.55 -1.69
C HIS B 80 -37.99 17.09 -0.88
N HIS B 81 -38.57 18.00 -0.04
CA HIS B 81 -39.82 17.75 0.72
C HIS B 81 -40.66 19.04 0.83
N HIS B 82 -41.99 18.91 0.63
CA HIS B 82 -42.94 20.05 0.68
C HIS B 82 -43.22 20.50 2.13
N MET A 1 -5.40 11.58 -7.52
CA MET A 1 -5.14 12.14 -8.86
C MET A 1 -3.71 11.81 -9.36
N ASP A 2 -2.68 12.16 -8.56
CA ASP A 2 -1.26 11.94 -8.92
C ASP A 2 -0.69 10.64 -8.30
N LYS A 3 0.28 10.02 -8.99
CA LYS A 3 1.11 8.94 -8.42
C LYS A 3 2.21 9.55 -7.51
N LYS A 4 2.50 10.86 -7.70
CA LYS A 4 3.47 11.63 -6.90
C LYS A 4 3.20 11.54 -5.38
N ILE A 5 1.90 11.47 -5.02
CA ILE A 5 1.43 11.41 -3.62
C ILE A 5 2.12 10.27 -2.81
N VAL A 6 1.98 9.04 -3.30
CA VAL A 6 2.45 7.81 -2.59
C VAL A 6 3.97 7.81 -2.34
N GLY A 7 4.77 8.32 -3.31
CA GLY A 7 6.23 8.44 -3.17
C GLY A 7 6.66 9.58 -2.24
N ALA A 8 5.92 10.72 -2.33
CA ALA A 8 6.18 11.92 -1.50
C ALA A 8 5.96 11.65 0.00
N ASN A 9 4.96 10.81 0.31
CA ASN A 9 4.70 10.36 1.69
C ASN A 9 5.57 9.17 2.09
N ALA A 10 5.98 8.32 1.11
CA ALA A 10 6.81 7.09 1.38
C ALA A 10 8.23 7.45 1.87
N GLY A 11 8.74 8.61 1.42
CA GLY A 11 10.01 9.15 1.91
C GLY A 11 9.98 9.49 3.41
N LYS A 12 8.88 10.15 3.83
CA LYS A 12 8.66 10.55 5.23
C LYS A 12 8.33 9.33 6.15
N VAL A 13 7.55 8.38 5.60
CA VAL A 13 7.16 7.12 6.31
C VAL A 13 8.41 6.25 6.63
N TRP A 14 9.26 6.08 5.62
CA TRP A 14 10.53 5.34 5.78
C TRP A 14 11.51 6.11 6.72
N HIS A 15 11.46 7.45 6.68
CA HIS A 15 12.29 8.32 7.55
C HIS A 15 11.97 8.10 9.06
N ALA A 16 10.68 7.97 9.37
CA ALA A 16 10.20 7.67 10.75
C ALA A 16 10.54 6.21 11.16
N LEU A 17 10.45 5.31 10.17
CA LEU A 17 10.78 3.87 10.29
C LEU A 17 12.32 3.64 10.45
N ASN A 18 13.12 4.53 9.86
CA ASN A 18 14.60 4.35 9.71
C ASN A 18 15.34 4.33 11.07
N GLU A 19 14.96 5.24 11.98
CA GLU A 19 15.62 5.36 13.31
C GLU A 19 15.11 4.33 14.35
N ALA A 20 13.98 3.69 14.06
CA ALA A 20 13.37 2.69 14.95
C ALA A 20 12.37 1.79 14.18
N ASP A 21 12.84 0.62 13.74
CA ASP A 21 12.02 -0.35 12.98
C ASP A 21 11.22 -1.30 13.91
N GLY A 22 10.29 -2.06 13.33
CA GLY A 22 9.36 -2.89 14.10
C GLY A 22 8.23 -2.07 14.71
N ILE A 23 7.51 -1.34 13.83
CA ILE A 23 6.44 -0.41 14.21
C ILE A 23 5.17 -0.67 13.37
N SER A 24 3.99 -0.67 14.02
CA SER A 24 2.69 -0.88 13.34
C SER A 24 2.26 0.37 12.54
N ILE A 25 1.44 0.17 11.49
CA ILE A 25 0.99 1.24 10.57
C ILE A 25 0.37 2.49 11.29
N PRO A 26 -0.59 2.35 12.30
CA PRO A 26 -1.17 3.53 13.00
C PRO A 26 -0.14 4.34 13.85
N GLU A 27 0.86 3.64 14.42
CA GLU A 27 1.92 4.27 15.27
C GLU A 27 2.95 4.99 14.39
N LEU A 28 3.12 4.43 13.21
CA LEU A 28 3.94 4.98 12.13
C LEU A 28 3.23 6.21 11.48
N ALA A 29 1.89 6.16 11.45
CA ALA A 29 1.04 7.25 10.92
C ALA A 29 1.11 8.54 11.80
N ARG A 30 1.14 8.38 13.14
CA ARG A 30 1.25 9.54 14.07
C ARG A 30 2.67 10.19 14.00
N LYS A 31 3.68 9.37 13.63
CA LYS A 31 5.06 9.83 13.40
C LYS A 31 5.16 10.74 12.15
N VAL A 32 4.39 10.40 11.11
CA VAL A 32 4.41 11.11 9.80
C VAL A 32 3.20 12.06 9.62
N ASN A 33 2.33 12.12 10.65
CA ASN A 33 1.16 13.05 10.72
C ASN A 33 0.09 12.75 9.63
N LEU A 34 0.01 11.47 9.21
CA LEU A 34 -1.01 10.99 8.24
C LEU A 34 -2.07 10.10 8.94
N SER A 35 -3.09 9.69 8.16
CA SER A 35 -4.05 8.63 8.57
C SER A 35 -3.42 7.24 8.39
N VAL A 36 -4.02 6.21 9.03
CA VAL A 36 -3.56 4.81 8.92
C VAL A 36 -3.56 4.33 7.45
N GLU A 37 -4.65 4.62 6.74
CA GLU A 37 -4.86 4.23 5.32
C GLU A 37 -3.89 4.95 4.35
N SER A 38 -3.60 6.26 4.62
CA SER A 38 -2.64 7.05 3.80
C SER A 38 -1.19 6.57 3.98
N THR A 39 -0.86 6.19 5.23
CA THR A 39 0.49 5.65 5.60
C THR A 39 0.68 4.22 5.05
N ALA A 40 -0.34 3.35 5.20
CA ALA A 40 -0.33 1.94 4.72
C ALA A 40 -0.08 1.86 3.20
N LEU A 41 -0.64 2.84 2.49
CA LEU A 41 -0.45 3.02 1.03
C LEU A 41 1.06 3.26 0.71
N ALA A 42 1.63 4.24 1.43
CA ALA A 42 3.05 4.62 1.30
C ALA A 42 4.00 3.49 1.73
N VAL A 43 3.54 2.65 2.69
CA VAL A 43 4.29 1.43 3.14
C VAL A 43 4.29 0.36 2.03
N GLY A 44 3.17 0.24 1.30
CA GLY A 44 3.07 -0.63 0.12
C GLY A 44 3.98 -0.18 -1.04
N TRP A 45 4.18 1.15 -1.15
CA TRP A 45 5.11 1.76 -2.13
C TRP A 45 6.60 1.54 -1.71
N LEU A 46 6.84 1.46 -0.39
CA LEU A 46 8.16 1.04 0.15
C LEU A 46 8.39 -0.47 -0.04
N ALA A 47 7.33 -1.28 0.09
CA ALA A 47 7.34 -2.73 -0.20
C ALA A 47 7.65 -3.02 -1.70
N ARG A 48 7.24 -2.07 -2.58
CA ARG A 48 7.67 -2.02 -4.00
C ARG A 48 9.21 -1.99 -4.10
N GLU A 49 9.81 -1.05 -3.35
CA GLU A 49 11.27 -0.79 -3.37
C GLU A 49 12.04 -1.75 -2.41
N ASN A 50 11.29 -2.61 -1.67
CA ASN A 50 11.82 -3.55 -0.63
C ASN A 50 12.49 -2.81 0.56
N LYS A 51 12.13 -1.52 0.76
CA LYS A 51 12.67 -0.65 1.83
C LYS A 51 12.18 -1.08 3.24
N VAL A 52 11.03 -1.77 3.29
CA VAL A 52 10.41 -2.23 4.54
C VAL A 52 10.07 -3.74 4.47
N VAL A 53 10.08 -4.41 5.63
CA VAL A 53 9.75 -5.84 5.75
C VAL A 53 8.49 -6.03 6.62
N ILE A 54 7.38 -6.47 6.00
CA ILE A 54 6.11 -6.73 6.70
C ILE A 54 6.11 -8.18 7.26
N GLU A 55 6.23 -8.31 8.60
CA GLU A 55 6.27 -9.63 9.29
C GLU A 55 5.07 -9.74 10.27
N ARG A 56 4.19 -10.75 10.03
CA ARG A 56 2.99 -11.03 10.84
C ARG A 56 3.36 -11.92 12.04
N LYS A 57 3.50 -11.29 13.21
CA LYS A 57 3.99 -11.94 14.45
C LYS A 57 2.87 -11.97 15.50
N ASN A 58 2.31 -13.16 15.78
CA ASN A 58 1.08 -13.35 16.61
C ASN A 58 -0.13 -12.58 16.02
N GLY A 59 -0.16 -12.47 14.67
CA GLY A 59 -1.17 -11.69 13.95
C GLY A 59 -0.86 -10.20 13.83
N LEU A 60 0.17 -9.72 14.55
CA LEU A 60 0.57 -8.30 14.55
C LEU A 60 1.41 -7.99 13.30
N ILE A 61 0.82 -7.25 12.36
CA ILE A 61 1.54 -6.75 11.17
C ILE A 61 2.53 -5.65 11.60
N GLU A 62 3.81 -6.03 11.68
CA GLU A 62 4.90 -5.16 12.16
C GLU A 62 5.82 -4.78 10.98
N ILE A 63 5.99 -3.46 10.78
CA ILE A 63 6.80 -2.92 9.68
C ILE A 63 8.25 -2.72 10.18
N TYR A 64 9.12 -3.65 9.76
CA TYR A 64 10.57 -3.57 10.01
C TYR A 64 11.29 -2.87 8.83
N ASN A 65 12.61 -2.68 8.98
CA ASN A 65 13.47 -2.12 7.92
C ASN A 65 14.05 -3.25 7.05
N GLU A 66 14.48 -2.91 5.82
CA GLU A 66 15.24 -3.82 4.93
C GLU A 66 16.45 -4.43 5.68
N GLY A 67 16.46 -5.77 5.80
CA GLY A 67 17.44 -6.48 6.63
C GLY A 67 16.86 -7.73 7.28
N HIS A 68 15.65 -8.15 6.85
CA HIS A 68 14.99 -9.41 7.32
C HIS A 68 14.70 -10.41 6.16
N PHE A 69 14.62 -9.92 4.91
CA PHE A 69 14.32 -10.77 3.69
C PHE A 69 15.57 -11.55 3.17
N ASP A 70 16.65 -11.62 3.97
CA ASP A 70 17.93 -12.25 3.54
C ASP A 70 17.83 -13.78 3.31
N PHE A 71 16.83 -14.44 3.92
CA PHE A 71 16.61 -15.91 3.79
C PHE A 71 15.63 -16.24 2.63
N SER A 72 15.15 -15.21 1.89
CA SER A 72 14.06 -15.34 0.89
C SER A 72 14.39 -16.32 -0.26
N PHE A 73 13.40 -17.16 -0.60
CA PHE A 73 13.49 -18.20 -1.66
C PHE A 73 12.25 -18.13 -2.58
N GLY A 74 12.32 -18.78 -3.75
CA GLY A 74 11.24 -18.74 -4.75
C GLY A 74 10.67 -20.12 -5.08
N LEU A 75 10.09 -20.78 -4.08
CA LEU A 75 9.41 -22.09 -4.26
C LEU A 75 7.89 -21.92 -4.40
N GLU A 76 7.35 -22.25 -5.59
CA GLU A 76 5.89 -22.32 -5.83
C GLU A 76 5.32 -23.66 -5.31
N HIS A 77 4.02 -23.64 -4.94
CA HIS A 77 3.38 -24.77 -4.22
C HIS A 77 2.06 -25.21 -4.90
N HIS A 78 1.92 -26.55 -5.12
CA HIS A 78 0.69 -27.26 -5.60
C HIS A 78 -0.24 -26.44 -6.56
N HIS A 79 0.16 -26.37 -7.85
CA HIS A 79 -0.64 -25.69 -8.90
C HIS A 79 -1.87 -26.55 -9.32
N HIS A 80 -1.69 -27.88 -9.41
CA HIS A 80 -2.80 -28.80 -9.80
C HIS A 80 -3.77 -29.06 -8.63
N HIS A 81 -5.07 -29.10 -8.94
CA HIS A 81 -6.16 -29.36 -7.97
C HIS A 81 -7.21 -30.33 -8.58
N HIS A 82 -8.26 -30.66 -7.82
CA HIS A 82 -9.35 -31.55 -8.29
C HIS A 82 -10.54 -30.73 -8.82
N MET B 1 7.96 -11.90 5.46
CA MET B 1 7.41 -13.08 4.80
C MET B 1 6.37 -12.68 3.71
N ASP B 2 5.71 -11.51 3.90
CA ASP B 2 4.65 -11.01 2.98
C ASP B 2 5.13 -10.76 1.53
N LYS B 3 6.44 -10.83 1.25
CA LYS B 3 7.00 -10.62 -0.12
C LYS B 3 6.27 -11.46 -1.21
N LYS B 4 5.93 -12.72 -0.88
CA LYS B 4 5.15 -13.62 -1.77
C LYS B 4 3.62 -13.54 -1.50
N ILE B 5 3.24 -13.34 -0.22
CA ILE B 5 1.82 -13.31 0.23
C ILE B 5 1.03 -12.16 -0.45
N VAL B 6 1.67 -10.97 -0.57
CA VAL B 6 1.08 -9.77 -1.21
C VAL B 6 0.74 -10.02 -2.70
N GLY B 7 1.51 -10.91 -3.38
CA GLY B 7 1.22 -11.29 -4.76
C GLY B 7 -0.10 -12.08 -4.90
N ALA B 8 -0.36 -12.96 -3.93
CA ALA B 8 -1.57 -13.81 -3.90
C ALA B 8 -2.85 -13.01 -3.50
N ASN B 9 -2.79 -12.28 -2.37
CA ASN B 9 -3.97 -11.59 -1.79
C ASN B 9 -4.44 -10.36 -2.62
N ALA B 10 -3.48 -9.70 -3.30
CA ALA B 10 -3.76 -8.50 -4.14
C ALA B 10 -4.50 -8.87 -5.44
N GLY B 11 -4.32 -10.13 -5.89
CA GLY B 11 -5.04 -10.67 -7.05
C GLY B 11 -6.55 -10.76 -6.81
N LYS B 12 -6.92 -11.16 -5.58
CA LYS B 12 -8.33 -11.22 -5.14
C LYS B 12 -8.94 -9.81 -4.97
N VAL B 13 -8.14 -8.87 -4.42
CA VAL B 13 -8.55 -7.45 -4.25
C VAL B 13 -8.81 -6.77 -5.61
N TRP B 14 -7.87 -6.94 -6.56
CA TRP B 14 -7.97 -6.37 -7.91
C TRP B 14 -9.14 -7.00 -8.70
N HIS B 15 -9.39 -8.30 -8.45
CA HIS B 15 -10.56 -9.04 -8.99
C HIS B 15 -11.89 -8.42 -8.49
N ALA B 16 -11.89 -8.02 -7.20
CA ALA B 16 -13.02 -7.30 -6.56
C ALA B 16 -13.20 -5.88 -7.15
N LEU B 17 -12.08 -5.25 -7.55
CA LEU B 17 -12.07 -3.93 -8.21
C LEU B 17 -12.54 -4.04 -9.68
N ASN B 18 -12.26 -5.18 -10.32
CA ASN B 18 -12.59 -5.41 -11.76
C ASN B 18 -14.12 -5.61 -11.94
N GLU B 19 -14.79 -6.08 -10.86
CA GLU B 19 -16.26 -6.23 -10.83
C GLU B 19 -16.95 -5.00 -10.17
N ALA B 20 -16.25 -4.32 -9.23
CA ALA B 20 -16.76 -3.11 -8.52
C ALA B 20 -15.63 -2.35 -7.78
N ASP B 21 -15.04 -1.33 -8.44
CA ASP B 21 -14.00 -0.46 -7.84
C ASP B 21 -14.59 0.85 -7.27
N GLY B 22 -13.71 1.70 -6.68
CA GLY B 22 -14.15 2.97 -6.08
C GLY B 22 -14.87 2.78 -4.75
N ILE B 23 -14.41 1.81 -3.96
CA ILE B 23 -15.03 1.42 -2.67
C ILE B 23 -14.04 1.62 -1.50
N SER B 24 -14.57 1.88 -0.28
CA SER B 24 -13.75 2.05 0.94
C SER B 24 -12.97 0.76 1.27
N ILE B 25 -11.71 0.91 1.72
CA ILE B 25 -10.83 -0.23 2.10
C ILE B 25 -11.48 -1.20 3.16
N PRO B 26 -12.13 -0.70 4.29
CA PRO B 26 -12.80 -1.60 5.28
C PRO B 26 -14.00 -2.43 4.73
N GLU B 27 -14.70 -1.89 3.70
CA GLU B 27 -15.86 -2.58 3.05
C GLU B 27 -15.33 -3.68 2.11
N LEU B 28 -14.37 -3.26 1.29
CA LEU B 28 -13.60 -4.11 0.36
C LEU B 28 -12.91 -5.29 1.10
N ALA B 29 -12.45 -5.03 2.34
CA ALA B 29 -11.85 -6.05 3.23
C ALA B 29 -12.82 -7.22 3.52
N ARG B 30 -14.09 -6.87 3.77
CA ARG B 30 -15.15 -7.85 4.09
C ARG B 30 -15.56 -8.66 2.83
N LYS B 31 -15.33 -8.07 1.63
CA LYS B 31 -15.59 -8.74 0.33
C LYS B 31 -14.47 -9.76 0.00
N VAL B 32 -13.20 -9.37 0.27
CA VAL B 32 -12.02 -10.23 -0.01
C VAL B 32 -11.65 -11.14 1.19
N ASN B 33 -12.48 -11.10 2.27
CA ASN B 33 -12.38 -11.99 3.47
C ASN B 33 -11.09 -11.72 4.30
N LEU B 34 -10.52 -10.51 4.16
CA LEU B 34 -9.30 -10.09 4.90
C LEU B 34 -9.60 -8.94 5.90
N SER B 35 -8.60 -8.61 6.74
CA SER B 35 -8.63 -7.42 7.62
C SER B 35 -8.44 -6.12 6.80
N VAL B 36 -8.87 -4.98 7.36
CA VAL B 36 -8.72 -3.64 6.73
C VAL B 36 -7.23 -3.33 6.42
N GLU B 37 -6.37 -3.56 7.43
CA GLU B 37 -4.91 -3.36 7.32
C GLU B 37 -4.27 -4.32 6.28
N SER B 38 -4.72 -5.59 6.27
CA SER B 38 -4.23 -6.63 5.32
C SER B 38 -4.65 -6.31 3.86
N THR B 39 -5.83 -5.71 3.69
CA THR B 39 -6.37 -5.33 2.37
C THR B 39 -5.68 -4.05 1.84
N ALA B 40 -5.41 -3.07 2.73
CA ALA B 40 -4.64 -1.85 2.38
C ALA B 40 -3.18 -2.20 1.98
N LEU B 41 -2.62 -3.19 2.68
CA LEU B 41 -1.30 -3.79 2.38
C LEU B 41 -1.33 -4.51 1.00
N ALA B 42 -2.44 -5.21 0.71
CA ALA B 42 -2.65 -5.91 -0.59
C ALA B 42 -2.75 -4.90 -1.77
N VAL B 43 -3.48 -3.79 -1.57
CA VAL B 43 -3.61 -2.69 -2.58
C VAL B 43 -2.22 -2.06 -2.89
N GLY B 44 -1.31 -2.04 -1.89
CA GLY B 44 0.07 -1.52 -2.08
C GLY B 44 0.90 -2.28 -3.14
N TRP B 45 0.60 -3.58 -3.32
CA TRP B 45 1.22 -4.42 -4.38
C TRP B 45 0.67 -4.05 -5.78
N LEU B 46 -0.62 -3.67 -5.82
CA LEU B 46 -1.27 -3.17 -7.05
C LEU B 46 -0.74 -1.76 -7.40
N ALA B 47 -0.55 -0.92 -6.36
CA ALA B 47 0.05 0.43 -6.47
C ALA B 47 1.51 0.37 -6.94
N ARG B 48 2.24 -0.71 -6.56
CA ARG B 48 3.58 -1.03 -7.08
C ARG B 48 3.60 -1.03 -8.62
N GLU B 49 2.66 -1.79 -9.18
CA GLU B 49 2.50 -1.96 -10.64
C GLU B 49 1.66 -0.82 -11.26
N ASN B 50 1.06 0.03 -10.39
CA ASN B 50 0.17 1.15 -10.76
C ASN B 50 -1.13 0.65 -11.46
N LYS B 51 -1.55 -0.58 -11.07
CA LYS B 51 -2.80 -1.25 -11.53
C LYS B 51 -4.08 -0.58 -10.97
N VAL B 52 -3.90 0.36 -10.03
CA VAL B 52 -5.01 1.06 -9.35
C VAL B 52 -4.80 2.59 -9.38
N VAL B 53 -5.92 3.34 -9.38
CA VAL B 53 -5.94 4.81 -9.31
C VAL B 53 -6.07 5.25 -7.84
N ILE B 54 -5.18 6.16 -7.38
CA ILE B 54 -5.13 6.64 -5.98
C ILE B 54 -5.72 8.05 -5.94
N GLU B 55 -6.78 8.24 -5.16
CA GLU B 55 -7.48 9.54 -5.05
C GLU B 55 -7.85 9.82 -3.58
N ARG B 56 -8.08 11.10 -3.25
CA ARG B 56 -8.66 11.51 -1.96
C ARG B 56 -10.00 12.25 -2.19
N LYS B 57 -11.10 11.63 -1.73
CA LYS B 57 -12.45 12.23 -1.75
C LYS B 57 -12.80 12.74 -0.34
N ASN B 58 -12.80 14.08 -0.17
CA ASN B 58 -13.00 14.77 1.14
C ASN B 58 -11.95 14.33 2.20
N GLY B 59 -10.73 14.02 1.72
CA GLY B 59 -9.63 13.51 2.58
C GLY B 59 -9.56 11.97 2.65
N LEU B 60 -10.68 11.29 2.36
CA LEU B 60 -10.79 9.82 2.45
C LEU B 60 -10.07 9.12 1.27
N ILE B 61 -9.33 8.04 1.56
CA ILE B 61 -8.50 7.34 0.55
C ILE B 61 -9.39 6.44 -0.36
N GLU B 62 -9.40 6.77 -1.65
CA GLU B 62 -10.16 6.07 -2.71
C GLU B 62 -9.21 5.27 -3.62
N ILE B 63 -9.65 4.09 -4.05
CA ILE B 63 -8.89 3.21 -4.96
C ILE B 63 -9.79 2.68 -6.11
N TYR B 64 -9.36 2.96 -7.36
CA TYR B 64 -10.10 2.57 -8.58
C TYR B 64 -9.28 1.57 -9.41
N ASN B 65 -9.89 0.99 -10.45
CA ASN B 65 -9.19 0.07 -11.38
C ASN B 65 -8.81 0.82 -12.69
N GLU B 66 -7.74 0.35 -13.39
CA GLU B 66 -7.37 0.89 -14.72
C GLU B 66 -8.41 0.53 -15.80
N GLY B 67 -9.09 -0.62 -15.60
CA GLY B 67 -10.18 -1.06 -16.49
C GLY B 67 -11.48 -0.26 -16.34
N HIS B 68 -11.54 0.64 -15.32
CA HIS B 68 -12.69 1.55 -15.10
C HIS B 68 -12.79 2.62 -16.22
N PHE B 69 -11.62 3.15 -16.64
CA PHE B 69 -11.50 4.08 -17.80
C PHE B 69 -10.91 3.31 -19.02
N ASP B 70 -11.16 3.80 -20.25
CA ASP B 70 -10.62 3.16 -21.49
C ASP B 70 -9.37 3.92 -22.01
N PHE B 71 -9.45 5.27 -22.04
CA PHE B 71 -8.36 6.17 -22.50
C PHE B 71 -7.97 5.91 -23.99
N SER B 72 -8.48 6.75 -24.91
CA SER B 72 -8.20 6.63 -26.37
C SER B 72 -7.49 7.88 -26.91
N PHE B 73 -6.95 7.76 -28.13
CA PHE B 73 -6.31 8.87 -28.89
C PHE B 73 -7.40 9.87 -29.41
N GLY B 74 -6.96 11.01 -30.00
CA GLY B 74 -7.88 12.05 -30.54
C GLY B 74 -8.53 11.67 -31.88
N LEU B 75 -9.25 10.55 -31.90
CA LEU B 75 -9.99 10.02 -33.07
C LEU B 75 -11.44 9.67 -32.68
N GLU B 76 -12.17 8.98 -33.57
CA GLU B 76 -13.53 8.45 -33.28
C GLU B 76 -13.47 6.99 -32.77
N HIS B 77 -12.40 6.27 -33.14
CA HIS B 77 -12.20 4.85 -32.76
C HIS B 77 -11.88 4.72 -31.25
N HIS B 78 -12.72 3.95 -30.52
CA HIS B 78 -12.57 3.64 -29.07
C HIS B 78 -12.74 4.92 -28.17
N HIS B 79 -13.22 6.02 -28.76
CA HIS B 79 -13.32 7.35 -28.07
C HIS B 79 -14.54 7.38 -27.11
N HIS B 80 -14.33 6.95 -25.85
CA HIS B 80 -15.42 6.81 -24.83
C HIS B 80 -15.00 7.35 -23.43
N HIS B 81 -15.87 7.13 -22.42
CA HIS B 81 -15.64 7.56 -21.01
C HIS B 81 -15.18 6.37 -20.12
N HIS B 82 -15.78 5.18 -20.34
CA HIS B 82 -15.54 3.99 -19.48
C HIS B 82 -14.57 3.01 -20.15
N MET A 1 -3.86 14.37 -11.15
CA MET A 1 -3.52 14.31 -9.70
C MET A 1 -2.02 14.06 -9.52
N ASP A 2 -1.41 14.71 -8.51
CA ASP A 2 0.04 14.60 -8.20
C ASP A 2 0.37 13.15 -7.74
N LYS A 3 0.93 12.36 -8.67
CA LYS A 3 1.23 10.93 -8.43
C LYS A 3 2.42 10.74 -7.44
N LYS A 4 3.24 11.79 -7.26
CA LYS A 4 4.38 11.78 -6.32
C LYS A 4 3.96 11.89 -4.83
N ILE A 5 2.67 12.23 -4.54
CA ILE A 5 2.15 12.30 -3.15
C ILE A 5 2.52 11.03 -2.34
N VAL A 6 2.17 9.85 -2.91
CA VAL A 6 2.47 8.54 -2.29
C VAL A 6 4.00 8.32 -2.09
N GLY A 7 4.82 8.94 -2.96
CA GLY A 7 6.29 8.90 -2.85
C GLY A 7 6.85 9.78 -1.72
N ALA A 8 6.29 11.00 -1.59
CA ALA A 8 6.70 12.00 -0.57
C ALA A 8 6.34 11.50 0.86
N ASN A 9 5.12 10.97 1.00
CA ASN A 9 4.64 10.39 2.28
C ASN A 9 5.34 9.05 2.59
N ALA A 10 5.76 8.30 1.54
CA ALA A 10 6.53 7.03 1.71
C ALA A 10 7.96 7.30 2.19
N GLY A 11 8.49 8.48 1.81
CA GLY A 11 9.79 8.95 2.32
C GLY A 11 9.75 9.26 3.81
N LYS A 12 8.62 9.81 4.29
CA LYS A 12 8.43 10.13 5.72
C LYS A 12 8.16 8.85 6.55
N VAL A 13 7.37 7.91 5.97
CA VAL A 13 7.09 6.58 6.57
C VAL A 13 8.39 5.72 6.69
N TRP A 14 9.19 5.69 5.61
CA TRP A 14 10.48 4.98 5.61
C TRP A 14 11.49 5.68 6.55
N HIS A 15 11.40 7.03 6.66
CA HIS A 15 12.24 7.79 7.61
C HIS A 15 11.91 7.41 9.08
N ALA A 16 10.64 7.07 9.36
CA ALA A 16 10.21 6.57 10.70
C ALA A 16 10.81 5.18 11.01
N LEU A 17 11.08 4.39 9.95
CA LEU A 17 11.83 3.11 10.04
C LEU A 17 13.34 3.38 10.27
N ASN A 18 13.90 4.33 9.51
CA ASN A 18 15.29 4.83 9.66
C ASN A 18 15.53 5.44 11.07
N GLU A 19 14.45 6.00 11.66
CA GLU A 19 14.47 6.64 12.98
C GLU A 19 14.36 5.58 14.10
N ALA A 20 13.33 4.72 13.99
CA ALA A 20 13.04 3.63 14.94
C ALA A 20 12.44 2.42 14.18
N ASP A 21 13.31 1.45 13.83
CA ASP A 21 12.95 0.28 13.00
C ASP A 21 12.09 -0.76 13.74
N GLY A 22 11.28 -1.54 12.96
CA GLY A 22 10.44 -2.61 13.51
C GLY A 22 9.26 -2.08 14.31
N ILE A 23 8.33 -1.39 13.62
CA ILE A 23 7.24 -0.65 14.28
C ILE A 23 5.86 -0.91 13.61
N SER A 24 4.79 -0.97 14.42
CA SER A 24 3.40 -1.25 13.95
C SER A 24 2.85 -0.10 13.07
N ILE A 25 2.02 -0.47 12.05
CA ILE A 25 1.45 0.49 11.06
C ILE A 25 0.70 1.71 11.72
N PRO A 26 -0.24 1.52 12.72
CA PRO A 26 -0.93 2.66 13.39
C PRO A 26 0.04 3.53 14.25
N GLU A 27 1.13 2.92 14.78
CA GLU A 27 2.05 3.60 15.70
C GLU A 27 2.94 4.65 14.99
N LEU A 28 3.68 4.25 13.94
CA LEU A 28 4.55 5.21 13.19
C LEU A 28 3.71 6.26 12.45
N ALA A 29 2.47 5.88 12.05
CA ALA A 29 1.45 6.81 11.49
C ALA A 29 1.25 8.06 12.37
N ARG A 30 1.20 7.86 13.71
CA ARG A 30 1.08 8.97 14.70
C ARG A 30 2.33 9.88 14.67
N LYS A 31 3.52 9.26 14.54
CA LYS A 31 4.83 9.95 14.53
C LYS A 31 5.01 10.80 13.25
N VAL A 32 4.53 10.27 12.11
CA VAL A 32 4.65 10.91 10.78
C VAL A 32 3.39 11.75 10.43
N ASN A 33 2.43 11.85 11.38
CA ASN A 33 1.22 12.71 11.28
C ASN A 33 0.26 12.25 10.13
N LEU A 34 0.38 10.98 9.69
CA LEU A 34 -0.47 10.40 8.62
C LEU A 34 -1.51 9.42 9.20
N SER A 35 -2.53 9.13 8.38
CA SER A 35 -3.54 8.09 8.69
C SER A 35 -2.92 6.67 8.60
N VAL A 36 -3.55 5.70 9.27
CA VAL A 36 -3.17 4.25 9.16
C VAL A 36 -3.21 3.78 7.68
N GLU A 37 -4.27 4.21 6.95
CA GLU A 37 -4.43 3.95 5.50
C GLU A 37 -3.29 4.59 4.68
N SER A 38 -3.03 5.89 4.93
CA SER A 38 -1.98 6.68 4.24
C SER A 38 -0.58 6.05 4.42
N THR A 39 -0.33 5.54 5.64
CA THR A 39 0.94 4.87 6.00
C THR A 39 1.08 3.50 5.30
N ALA A 40 0.05 2.62 5.43
CA ALA A 40 0.06 1.23 4.88
C ALA A 40 0.12 1.21 3.32
N LEU A 41 -0.50 2.22 2.70
CA LEU A 41 -0.47 2.43 1.24
C LEU A 41 0.93 2.94 0.80
N ALA A 42 1.52 3.86 1.60
CA ALA A 42 2.89 4.36 1.39
C ALA A 42 3.96 3.24 1.60
N VAL A 43 3.64 2.28 2.49
CA VAL A 43 4.43 1.05 2.69
C VAL A 43 4.36 0.15 1.42
N GLY A 44 3.15 0.02 0.84
CA GLY A 44 2.97 -0.71 -0.42
C GLY A 44 3.69 -0.05 -1.60
N TRP A 45 3.86 1.29 -1.53
CA TRP A 45 4.66 2.06 -2.50
C TRP A 45 6.19 1.75 -2.33
N LEU A 46 6.68 1.72 -1.07
CA LEU A 46 8.08 1.33 -0.76
C LEU A 46 8.41 -0.11 -1.22
N ALA A 47 7.37 -0.98 -1.19
CA ALA A 47 7.44 -2.38 -1.66
C ALA A 47 7.88 -2.53 -3.14
N ARG A 48 7.67 -1.47 -3.98
CA ARG A 48 8.13 -1.46 -5.42
C ARG A 48 9.68 -1.68 -5.52
N GLU A 49 10.42 -1.14 -4.53
CA GLU A 49 11.90 -1.23 -4.43
C GLU A 49 12.31 -2.21 -3.30
N ASN A 50 11.29 -2.92 -2.74
CA ASN A 50 11.45 -3.91 -1.64
C ASN A 50 11.97 -3.27 -0.32
N LYS A 51 11.75 -1.93 -0.16
CA LYS A 51 12.28 -1.14 0.98
C LYS A 51 11.62 -1.48 2.34
N VAL A 52 10.52 -2.25 2.31
CA VAL A 52 9.80 -2.73 3.51
C VAL A 52 9.62 -4.26 3.50
N VAL A 53 9.62 -4.86 4.72
CA VAL A 53 9.27 -6.28 4.94
C VAL A 53 8.24 -6.39 6.11
N ILE A 54 7.01 -6.80 5.77
CA ILE A 54 5.84 -6.80 6.67
C ILE A 54 5.70 -8.17 7.40
N GLU A 55 5.45 -8.15 8.73
CA GLU A 55 5.15 -9.36 9.52
C GLU A 55 4.02 -9.09 10.53
N ARG A 56 3.17 -10.09 10.77
CA ARG A 56 2.04 -9.99 11.73
C ARG A 56 2.24 -10.98 12.90
N LYS A 57 2.47 -10.42 14.10
CA LYS A 57 2.67 -11.19 15.34
C LYS A 57 1.40 -11.06 16.22
N ASN A 58 0.87 -12.23 16.68
CA ASN A 58 -0.34 -12.32 17.57
C ASN A 58 -1.61 -11.67 16.94
N GLY A 59 -1.70 -11.73 15.60
CA GLY A 59 -2.81 -11.10 14.85
C GLY A 59 -2.62 -9.59 14.59
N LEU A 60 -1.62 -8.99 15.23
CA LEU A 60 -1.28 -7.54 15.10
C LEU A 60 -0.18 -7.37 14.03
N ILE A 61 -0.33 -6.39 13.13
CA ILE A 61 0.55 -6.26 11.95
C ILE A 61 1.58 -5.11 12.11
N GLU A 62 2.87 -5.48 11.94
CA GLU A 62 4.04 -4.59 12.06
C GLU A 62 4.78 -4.51 10.70
N ILE A 63 5.50 -3.40 10.47
CA ILE A 63 6.40 -3.26 9.30
C ILE A 63 7.88 -3.14 9.77
N TYR A 64 8.79 -3.76 8.99
CA TYR A 64 10.23 -3.81 9.28
C TYR A 64 11.04 -3.26 8.08
N ASN A 65 12.34 -3.01 8.29
CA ASN A 65 13.24 -2.42 7.27
C ASN A 65 13.86 -3.50 6.36
N GLU A 66 14.12 -3.12 5.10
CA GLU A 66 14.98 -3.92 4.19
C GLU A 66 16.46 -3.85 4.66
N GLY A 67 16.78 -2.84 5.51
CA GLY A 67 18.13 -2.60 6.05
C GLY A 67 18.72 -3.72 6.88
N HIS A 68 17.88 -4.69 7.31
CA HIS A 68 18.34 -5.90 8.04
C HIS A 68 18.72 -7.05 7.07
N PHE A 69 18.62 -6.78 5.74
CA PHE A 69 18.88 -7.74 4.66
C PHE A 69 19.76 -7.09 3.55
N ASP A 70 19.16 -6.14 2.80
CA ASP A 70 19.86 -5.35 1.76
C ASP A 70 19.61 -3.83 2.01
N PHE A 71 20.51 -3.15 2.75
CA PHE A 71 20.32 -1.73 3.11
C PHE A 71 20.51 -0.78 1.89
N SER A 72 19.56 0.15 1.73
CA SER A 72 19.62 1.23 0.72
C SER A 72 18.82 2.44 1.23
N PHE A 73 19.49 3.61 1.38
CA PHE A 73 18.84 4.85 1.87
C PHE A 73 18.00 5.50 0.73
N GLY A 74 18.65 6.29 -0.15
CA GLY A 74 18.01 6.87 -1.35
C GLY A 74 17.23 8.18 -1.12
N LEU A 75 16.83 8.44 0.14
CA LEU A 75 15.98 9.61 0.51
C LEU A 75 16.78 10.94 0.47
N GLU A 76 16.29 11.91 -0.32
CA GLU A 76 16.75 13.31 -0.24
C GLU A 76 15.95 14.07 0.85
N HIS A 77 16.59 15.07 1.47
CA HIS A 77 15.94 15.90 2.52
C HIS A 77 15.11 17.03 1.84
N HIS A 78 13.96 16.63 1.25
CA HIS A 78 13.10 17.54 0.45
C HIS A 78 12.35 18.55 1.38
N HIS A 79 12.44 19.84 1.02
CA HIS A 79 11.89 20.97 1.82
C HIS A 79 11.29 22.07 0.89
N HIS A 80 10.95 23.23 1.48
CA HIS A 80 10.42 24.41 0.73
C HIS A 80 11.47 24.96 -0.27
N HIS A 81 12.74 24.94 0.14
CA HIS A 81 13.90 25.27 -0.71
C HIS A 81 14.93 24.12 -0.65
N HIS A 82 14.88 23.24 -1.68
CA HIS A 82 15.78 22.07 -1.83
C HIS A 82 15.71 21.12 -0.61
N MET B 1 9.48 -13.32 3.56
CA MET B 1 8.31 -14.19 3.30
C MET B 1 7.13 -13.36 2.74
N ASP B 2 6.97 -12.13 3.29
CA ASP B 2 5.82 -11.24 3.01
C ASP B 2 5.68 -10.89 1.51
N LYS B 3 6.82 -10.71 0.85
CA LYS B 3 6.90 -10.22 -0.54
C LYS B 3 6.27 -11.25 -1.54
N LYS B 4 6.15 -12.51 -1.08
CA LYS B 4 5.47 -13.61 -1.80
C LYS B 4 3.96 -13.62 -1.47
N ILE B 5 3.65 -13.46 -0.15
CA ILE B 5 2.25 -13.42 0.38
C ILE B 5 1.42 -12.31 -0.32
N VAL B 6 2.00 -11.11 -0.38
CA VAL B 6 1.35 -9.89 -0.92
C VAL B 6 0.99 -10.04 -2.43
N GLY B 7 1.81 -10.82 -3.17
CA GLY B 7 1.56 -11.09 -4.59
C GLY B 7 0.31 -11.94 -4.81
N ALA B 8 0.16 -12.99 -3.99
CA ALA B 8 -1.02 -13.90 -4.02
C ALA B 8 -2.29 -13.22 -3.45
N ASN B 9 -2.09 -12.40 -2.40
CA ASN B 9 -3.15 -11.67 -1.68
C ASN B 9 -3.80 -10.59 -2.59
N ALA B 10 -2.95 -9.78 -3.26
CA ALA B 10 -3.39 -8.65 -4.09
C ALA B 10 -4.11 -9.12 -5.38
N GLY B 11 -3.87 -10.38 -5.79
CA GLY B 11 -4.59 -10.99 -6.93
C GLY B 11 -6.08 -11.18 -6.65
N LYS B 12 -6.42 -11.66 -5.44
CA LYS B 12 -7.81 -11.83 -4.97
C LYS B 12 -8.50 -10.46 -4.76
N VAL B 13 -7.77 -9.53 -4.10
CA VAL B 13 -8.26 -8.16 -3.80
C VAL B 13 -8.58 -7.37 -5.09
N TRP B 14 -7.63 -7.39 -6.06
CA TRP B 14 -7.76 -6.67 -7.36
C TRP B 14 -8.96 -7.18 -8.17
N HIS B 15 -9.14 -8.51 -8.24
CA HIS B 15 -10.23 -9.15 -9.01
C HIS B 15 -11.63 -8.74 -8.48
N ALA B 16 -11.78 -8.75 -7.15
CA ALA B 16 -13.04 -8.36 -6.47
C ALA B 16 -13.30 -6.83 -6.57
N LEU B 17 -12.19 -6.07 -6.60
CA LEU B 17 -12.18 -4.61 -6.83
C LEU B 17 -12.51 -4.28 -8.32
N ASN B 18 -12.09 -5.16 -9.24
CA ASN B 18 -12.32 -4.98 -10.69
C ASN B 18 -13.75 -5.44 -11.09
N GLU B 19 -14.38 -6.25 -10.22
CA GLU B 19 -15.79 -6.67 -10.36
C GLU B 19 -16.73 -5.45 -10.17
N ALA B 20 -16.32 -4.52 -9.28
CA ALA B 20 -17.00 -3.21 -9.04
C ALA B 20 -16.03 -2.25 -8.30
N ASP B 21 -15.53 -1.22 -9.00
CA ASP B 21 -14.52 -0.28 -8.43
C ASP B 21 -15.18 0.98 -7.81
N GLY B 22 -14.34 1.81 -7.16
CA GLY B 22 -14.85 2.96 -6.38
C GLY B 22 -15.35 2.54 -5.00
N ILE B 23 -14.56 1.69 -4.34
CA ILE B 23 -14.87 1.15 -2.99
C ILE B 23 -13.62 1.22 -2.08
N SER B 24 -13.83 1.63 -0.82
CA SER B 24 -12.75 1.90 0.15
C SER B 24 -12.16 0.60 0.76
N ILE B 25 -10.93 0.73 1.30
CA ILE B 25 -10.13 -0.36 1.90
C ILE B 25 -10.91 -1.24 2.95
N PRO B 26 -11.57 -0.64 4.03
CA PRO B 26 -12.28 -1.47 5.05
C PRO B 26 -13.56 -2.17 4.51
N GLU B 27 -14.15 -1.60 3.44
CA GLU B 27 -15.36 -2.13 2.82
C GLU B 27 -15.04 -3.38 1.96
N LEU B 28 -14.10 -3.22 1.00
CA LEU B 28 -13.65 -4.32 0.10
C LEU B 28 -12.98 -5.48 0.90
N ALA B 29 -12.35 -5.13 2.05
CA ALA B 29 -11.76 -6.10 3.00
C ALA B 29 -12.76 -7.21 3.42
N ARG B 30 -14.02 -6.82 3.62
CA ARG B 30 -15.11 -7.73 4.07
C ARG B 30 -15.53 -8.75 2.99
N LYS B 31 -15.53 -8.37 1.69
CA LYS B 31 -15.90 -9.31 0.60
C LYS B 31 -14.76 -10.30 0.29
N VAL B 32 -13.49 -9.86 0.47
CA VAL B 32 -12.31 -10.74 0.31
C VAL B 32 -11.96 -11.47 1.63
N ASN B 33 -12.69 -11.14 2.72
CA ASN B 33 -12.61 -11.82 4.05
C ASN B 33 -11.24 -11.56 4.77
N LEU B 34 -10.50 -10.52 4.32
CA LEU B 34 -9.18 -10.14 4.89
C LEU B 34 -9.29 -8.92 5.83
N SER B 35 -8.25 -8.71 6.65
CA SER B 35 -8.13 -7.52 7.52
C SER B 35 -7.92 -6.22 6.70
N VAL B 36 -8.24 -5.07 7.32
CA VAL B 36 -8.11 -3.74 6.67
C VAL B 36 -6.63 -3.40 6.33
N GLU B 37 -5.72 -3.67 7.28
CA GLU B 37 -4.26 -3.48 7.08
C GLU B 37 -3.71 -4.42 5.96
N SER B 38 -4.33 -5.61 5.81
CA SER B 38 -3.99 -6.57 4.72
C SER B 38 -4.31 -5.98 3.33
N THR B 39 -5.51 -5.36 3.23
CA THR B 39 -6.03 -4.80 1.98
C THR B 39 -5.39 -3.45 1.60
N ALA B 40 -5.15 -2.56 2.57
CA ALA B 40 -4.42 -1.26 2.37
C ALA B 40 -3.02 -1.48 1.76
N LEU B 41 -2.31 -2.45 2.34
CA LEU B 41 -0.97 -2.88 1.92
C LEU B 41 -1.02 -3.59 0.53
N ALA B 42 -2.07 -4.42 0.31
CA ALA B 42 -2.26 -5.15 -0.98
C ALA B 42 -2.58 -4.20 -2.16
N VAL B 43 -3.38 -3.16 -1.88
CA VAL B 43 -3.71 -2.07 -2.83
C VAL B 43 -2.43 -1.23 -3.17
N GLY B 44 -1.54 -1.07 -2.17
CA GLY B 44 -0.21 -0.48 -2.40
C GLY B 44 0.69 -1.33 -3.31
N TRP B 45 0.59 -2.67 -3.15
CA TRP B 45 1.31 -3.64 -3.99
C TRP B 45 0.79 -3.62 -5.46
N LEU B 46 -0.50 -3.31 -5.63
CA LEU B 46 -1.10 -3.05 -6.96
C LEU B 46 -0.61 -1.68 -7.53
N ALA B 47 -0.50 -0.68 -6.64
CA ALA B 47 -0.05 0.70 -6.98
C ALA B 47 1.41 0.75 -7.53
N ARG B 48 2.26 -0.24 -7.15
CA ARG B 48 3.66 -0.34 -7.68
C ARG B 48 3.66 -0.47 -9.24
N GLU B 49 2.66 -1.19 -9.78
CA GLU B 49 2.45 -1.40 -11.24
C GLU B 49 1.27 -0.54 -11.76
N ASN B 50 0.69 0.29 -10.85
CA ASN B 50 -0.44 1.20 -11.13
C ASN B 50 -1.70 0.43 -11.64
N LYS B 51 -1.89 -0.79 -11.09
CA LYS B 51 -3.08 -1.63 -11.37
C LYS B 51 -4.35 -1.03 -10.70
N VAL B 52 -4.14 -0.13 -9.74
CA VAL B 52 -5.20 0.67 -9.10
C VAL B 52 -4.79 2.16 -9.09
N VAL B 53 -5.78 3.05 -9.08
CA VAL B 53 -5.57 4.51 -9.01
C VAL B 53 -6.14 5.08 -7.68
N ILE B 54 -5.25 5.63 -6.84
CA ILE B 54 -5.58 6.20 -5.53
C ILE B 54 -6.12 7.64 -5.70
N GLU B 55 -7.45 7.80 -5.55
CA GLU B 55 -8.12 9.10 -5.66
C GLU B 55 -8.83 9.43 -4.33
N ARG B 56 -8.30 10.41 -3.57
CA ARG B 56 -8.91 10.86 -2.31
C ARG B 56 -9.87 12.04 -2.57
N LYS B 57 -11.17 11.73 -2.49
CA LYS B 57 -12.27 12.64 -2.79
C LYS B 57 -12.92 13.14 -1.48
N ASN B 58 -13.03 14.49 -1.35
CA ASN B 58 -13.45 15.19 -0.11
C ASN B 58 -12.50 14.85 1.09
N GLY B 59 -11.23 14.57 0.74
CA GLY B 59 -10.21 14.10 1.70
C GLY B 59 -10.18 12.57 1.89
N LEU B 60 -11.32 11.90 1.67
CA LEU B 60 -11.50 10.44 1.91
C LEU B 60 -10.92 9.62 0.75
N ILE B 61 -9.97 8.71 1.06
CA ILE B 61 -9.24 7.93 0.04
C ILE B 61 -10.16 6.84 -0.56
N GLU B 62 -10.31 6.87 -1.89
CA GLU B 62 -11.20 5.95 -2.65
C GLU B 62 -10.37 5.14 -3.67
N ILE B 63 -10.66 3.83 -3.80
CA ILE B 63 -9.85 2.89 -4.62
C ILE B 63 -10.62 2.52 -5.92
N TYR B 64 -10.09 2.99 -7.06
CA TYR B 64 -10.58 2.64 -8.41
C TYR B 64 -9.60 1.68 -9.11
N ASN B 65 -10.08 0.95 -10.15
CA ASN B 65 -9.28 -0.03 -10.90
C ASN B 65 -8.41 0.63 -12.02
N GLU B 66 -7.53 -0.20 -12.61
CA GLU B 66 -6.75 0.17 -13.82
C GLU B 66 -7.64 0.59 -15.02
N GLY B 67 -8.86 0.01 -15.10
CA GLY B 67 -9.84 0.35 -16.16
C GLY B 67 -10.38 1.79 -16.08
N HIS B 68 -10.04 2.52 -15.00
CA HIS B 68 -10.31 3.98 -14.86
C HIS B 68 -9.61 4.80 -15.98
N PHE B 69 -8.43 4.33 -16.42
CA PHE B 69 -7.70 4.89 -17.60
C PHE B 69 -7.58 3.81 -18.71
N ASP B 70 -7.48 4.28 -19.97
CA ASP B 70 -7.33 3.40 -21.16
C ASP B 70 -8.49 2.36 -21.23
N PHE B 71 -9.72 2.84 -20.95
CA PHE B 71 -10.94 2.02 -20.90
C PHE B 71 -11.24 1.37 -22.28
N SER B 72 -10.90 0.07 -22.39
CA SER B 72 -11.08 -0.72 -23.64
C SER B 72 -12.57 -1.06 -23.92
N PHE B 73 -12.84 -1.63 -25.11
CA PHE B 73 -14.23 -1.96 -25.53
C PHE B 73 -14.81 -3.15 -24.70
N GLY B 74 -14.15 -4.33 -24.79
CA GLY B 74 -14.58 -5.53 -24.07
C GLY B 74 -15.90 -6.11 -24.60
N LEU B 75 -15.82 -6.79 -25.76
CA LEU B 75 -17.01 -7.32 -26.50
C LEU B 75 -17.68 -8.50 -25.74
N GLU B 76 -16.93 -9.15 -24.83
CA GLU B 76 -17.39 -10.32 -24.04
C GLU B 76 -18.54 -9.94 -23.06
N HIS B 77 -18.17 -9.27 -21.93
CA HIS B 77 -19.10 -8.81 -20.84
C HIS B 77 -20.27 -9.81 -20.50
N HIS B 78 -19.93 -11.02 -20.01
CA HIS B 78 -20.92 -12.05 -19.59
C HIS B 78 -20.96 -12.17 -18.05
N HIS B 79 -22.18 -12.30 -17.50
CA HIS B 79 -22.40 -12.40 -16.03
C HIS B 79 -23.11 -13.72 -15.66
N HIS B 80 -22.33 -14.67 -15.11
CA HIS B 80 -22.87 -15.88 -14.45
C HIS B 80 -23.45 -15.55 -13.05
N HIS B 81 -23.09 -14.34 -12.53
CA HIS B 81 -23.61 -13.80 -11.26
C HIS B 81 -25.15 -13.60 -11.34
N HIS B 82 -25.90 -14.59 -10.84
CA HIS B 82 -27.38 -14.61 -10.85
C HIS B 82 -27.95 -14.34 -9.44
N MET A 1 -2.50 11.60 -10.33
CA MET A 1 -1.60 12.26 -9.34
C MET A 1 -1.23 11.31 -8.18
N ASP A 2 -2.14 10.38 -7.87
CA ASP A 2 -2.01 9.39 -6.77
C ASP A 2 -0.65 8.65 -6.73
N LYS A 3 -0.14 8.27 -7.91
CA LYS A 3 1.15 7.55 -8.06
C LYS A 3 2.36 8.36 -7.49
N LYS A 4 2.28 9.70 -7.64
CA LYS A 4 3.29 10.63 -7.07
C LYS A 4 3.08 10.84 -5.56
N ILE A 5 1.80 10.87 -5.14
CA ILE A 5 1.40 11.03 -3.72
C ILE A 5 1.89 9.85 -2.85
N VAL A 6 1.66 8.61 -3.34
CA VAL A 6 2.03 7.37 -2.61
C VAL A 6 3.57 7.21 -2.52
N GLY A 7 4.28 7.74 -3.55
CA GLY A 7 5.75 7.81 -3.53
C GLY A 7 6.28 8.74 -2.44
N ALA A 8 5.74 9.98 -2.42
CA ALA A 8 6.13 11.04 -1.45
C ALA A 8 5.88 10.61 0.01
N ASN A 9 4.66 10.10 0.28
CA ASN A 9 4.24 9.63 1.63
C ASN A 9 5.05 8.41 2.10
N ALA A 10 5.51 7.57 1.14
CA ALA A 10 6.27 6.35 1.45
C ALA A 10 7.71 6.67 1.88
N GLY A 11 8.36 7.59 1.15
CA GLY A 11 9.68 8.08 1.54
C GLY A 11 9.65 8.75 2.92
N LYS A 12 8.55 9.48 3.18
CA LYS A 12 8.29 10.18 4.45
C LYS A 12 8.20 9.21 5.65
N VAL A 13 7.37 8.14 5.52
CA VAL A 13 7.21 7.12 6.58
C VAL A 13 8.51 6.30 6.78
N TRP A 14 9.30 6.14 5.70
CA TRP A 14 10.62 5.47 5.74
C TRP A 14 11.67 6.33 6.53
N HIS A 15 11.54 7.68 6.46
CA HIS A 15 12.35 8.62 7.32
C HIS A 15 12.11 8.35 8.83
N ALA A 16 10.87 8.01 9.20
CA ALA A 16 10.50 7.67 10.60
C ALA A 16 11.07 6.30 11.04
N LEU A 17 11.19 5.36 10.08
CA LEU A 17 11.77 4.01 10.32
C LEU A 17 13.29 4.07 10.63
N ASN A 18 13.94 5.18 10.21
CA ASN A 18 15.39 5.41 10.45
C ASN A 18 15.69 5.56 11.96
N GLU A 19 14.70 6.03 12.75
CA GLU A 19 14.78 6.07 14.23
C GLU A 19 14.53 4.67 14.82
N ALA A 20 13.36 4.09 14.48
CA ALA A 20 12.90 2.81 15.04
C ALA A 20 11.97 2.08 14.04
N ASP A 21 12.47 1.00 13.44
CA ASP A 21 11.68 0.11 12.55
C ASP A 21 11.14 -1.11 13.34
N GLY A 22 10.16 -1.82 12.75
CA GLY A 22 9.37 -2.81 13.48
C GLY A 22 8.25 -2.17 14.31
N ILE A 23 7.81 -1.00 13.84
CA ILE A 23 6.75 -0.19 14.49
C ILE A 23 5.38 -0.48 13.80
N SER A 24 4.25 -0.30 14.53
CA SER A 24 2.90 -0.47 13.95
C SER A 24 2.47 0.75 13.12
N ILE A 25 1.53 0.53 12.19
CA ILE A 25 1.09 1.53 11.18
C ILE A 25 0.55 2.86 11.80
N PRO A 26 -0.40 2.85 12.82
CA PRO A 26 -0.92 4.13 13.42
C PRO A 26 0.13 4.93 14.25
N GLU A 27 1.15 4.22 14.76
CA GLU A 27 2.23 4.82 15.59
C GLU A 27 3.22 5.57 14.67
N LEU A 28 3.56 4.88 13.59
CA LEU A 28 4.35 5.39 12.47
C LEU A 28 3.66 6.63 11.81
N ALA A 29 2.33 6.54 11.68
CA ALA A 29 1.46 7.64 11.19
C ALA A 29 1.53 8.89 12.09
N ARG A 30 1.64 8.65 13.41
CA ARG A 30 1.78 9.71 14.43
C ARG A 30 3.12 10.49 14.27
N LYS A 31 4.20 9.72 13.99
CA LYS A 31 5.57 10.31 13.77
C LYS A 31 5.60 11.23 12.53
N VAL A 32 4.93 10.81 11.45
CA VAL A 32 4.91 11.54 10.16
C VAL A 32 3.67 12.46 10.01
N ASN A 33 2.77 12.46 11.01
CA ASN A 33 1.57 13.34 11.08
C ASN A 33 0.50 12.99 9.98
N LEU A 34 0.64 11.82 9.33
CA LEU A 34 -0.33 11.35 8.29
C LEU A 34 -1.43 10.46 8.91
N SER A 35 -2.51 10.22 8.14
CA SER A 35 -3.58 9.24 8.52
C SER A 35 -3.03 7.80 8.56
N VAL A 36 -3.68 6.94 9.37
CA VAL A 36 -3.37 5.48 9.46
C VAL A 36 -3.48 4.82 8.06
N GLU A 37 -4.59 5.12 7.37
CA GLU A 37 -4.88 4.63 6.00
C GLU A 37 -3.84 5.16 4.97
N SER A 38 -3.48 6.45 5.12
CA SER A 38 -2.47 7.12 4.25
C SER A 38 -1.06 6.53 4.44
N THR A 39 -0.78 6.05 5.66
CA THR A 39 0.51 5.44 6.03
C THR A 39 0.59 3.95 5.59
N ALA A 40 -0.51 3.19 5.80
CA ALA A 40 -0.59 1.73 5.48
C ALA A 40 -0.33 1.46 3.98
N LEU A 41 -1.07 2.20 3.15
CA LEU A 41 -0.99 2.17 1.68
C LEU A 41 0.40 2.70 1.18
N ALA A 42 0.99 3.67 1.93
CA ALA A 42 2.34 4.22 1.62
C ALA A 42 3.47 3.20 1.92
N VAL A 43 3.33 2.44 3.02
CA VAL A 43 4.27 1.37 3.39
C VAL A 43 4.26 0.22 2.34
N GLY A 44 3.07 0.02 1.72
CA GLY A 44 2.95 -0.90 0.57
C GLY A 44 3.85 -0.51 -0.63
N TRP A 45 4.08 0.82 -0.81
CA TRP A 45 5.00 1.36 -1.84
C TRP A 45 6.48 1.10 -1.44
N LEU A 46 6.77 1.07 -0.13
CA LEU A 46 8.12 0.70 0.38
C LEU A 46 8.41 -0.81 0.19
N ALA A 47 7.36 -1.65 0.40
CA ALA A 47 7.41 -3.11 0.11
C ALA A 47 7.62 -3.36 -1.40
N ARG A 48 7.00 -2.47 -2.21
CA ARG A 48 7.18 -2.40 -3.67
C ARG A 48 8.65 -2.06 -4.05
N GLU A 49 9.25 -1.08 -3.35
CA GLU A 49 10.66 -0.64 -3.58
C GLU A 49 11.69 -1.50 -2.80
N ASN A 50 11.18 -2.48 -2.02
CA ASN A 50 12.00 -3.44 -1.23
C ASN A 50 12.82 -2.75 -0.09
N LYS A 51 12.36 -1.55 0.34
CA LYS A 51 12.98 -0.78 1.44
C LYS A 51 12.63 -1.34 2.83
N VAL A 52 11.51 -2.11 2.92
CA VAL A 52 11.01 -2.64 4.20
C VAL A 52 10.81 -4.17 4.16
N VAL A 53 10.87 -4.77 5.36
CA VAL A 53 10.59 -6.20 5.59
C VAL A 53 9.20 -6.35 6.25
N ILE A 54 8.19 -6.77 5.48
CA ILE A 54 6.83 -7.05 6.00
C ILE A 54 6.86 -8.35 6.85
N GLU A 55 6.46 -8.27 8.13
CA GLU A 55 6.48 -9.43 9.05
C GLU A 55 5.16 -9.50 9.86
N ARG A 56 4.57 -10.70 9.94
CA ARG A 56 3.34 -10.95 10.74
C ARG A 56 3.62 -11.95 11.87
N LYS A 57 2.99 -11.69 13.03
CA LYS A 57 3.16 -12.48 14.27
C LYS A 57 1.90 -12.38 15.15
N ASN A 58 1.19 -13.52 15.33
CA ASN A 58 -0.13 -13.60 16.02
C ASN A 58 -1.18 -12.62 15.41
N GLY A 59 -1.05 -12.38 14.08
CA GLY A 59 -1.91 -11.43 13.35
C GLY A 59 -1.37 -9.99 13.28
N LEU A 60 -0.42 -9.64 14.16
CA LEU A 60 0.15 -8.27 14.28
C LEU A 60 1.21 -8.00 13.16
N ILE A 61 1.14 -6.80 12.56
CA ILE A 61 2.06 -6.39 11.47
C ILE A 61 3.17 -5.45 12.00
N GLU A 62 4.44 -5.83 11.77
CA GLU A 62 5.64 -4.99 12.02
C GLU A 62 6.44 -4.88 10.71
N ILE A 63 6.72 -3.63 10.26
CA ILE A 63 7.53 -3.38 9.04
C ILE A 63 8.95 -2.88 9.44
N TYR A 64 9.94 -3.73 9.16
CA TYR A 64 11.37 -3.46 9.49
C TYR A 64 12.08 -2.74 8.32
N ASN A 65 13.33 -2.36 8.52
CA ASN A 65 14.22 -1.88 7.44
C ASN A 65 14.99 -3.06 6.82
N GLU A 66 15.34 -2.95 5.53
CA GLU A 66 16.20 -3.95 4.85
C GLU A 66 17.70 -3.55 4.98
N GLY A 67 18.60 -4.49 4.61
CA GLY A 67 20.05 -4.33 4.80
C GLY A 67 20.64 -5.37 5.77
N HIS A 68 19.85 -6.42 6.10
CA HIS A 68 20.29 -7.49 7.05
C HIS A 68 19.93 -8.93 6.57
N PHE A 69 19.02 -9.09 5.59
CA PHE A 69 18.70 -10.42 5.00
C PHE A 69 19.71 -10.81 3.90
N ASP A 70 20.48 -11.88 4.16
CA ASP A 70 21.47 -12.43 3.21
C ASP A 70 21.08 -13.86 2.77
N PHE A 71 21.61 -14.26 1.60
CA PHE A 71 21.35 -15.60 0.99
C PHE A 71 22.56 -15.99 0.09
N SER A 72 23.67 -15.24 0.21
CA SER A 72 24.86 -15.38 -0.66
C SER A 72 25.91 -16.34 -0.05
N PHE A 73 26.72 -16.98 -0.91
CA PHE A 73 27.79 -17.90 -0.48
C PHE A 73 28.97 -17.11 0.12
N GLY A 74 29.00 -17.02 1.47
CA GLY A 74 30.01 -16.24 2.18
C GLY A 74 31.32 -17.00 2.42
N LEU A 75 32.19 -17.05 1.40
CA LEU A 75 33.57 -17.58 1.55
C LEU A 75 34.61 -16.52 1.09
N GLU A 76 35.59 -16.27 1.97
CA GLU A 76 36.61 -15.21 1.79
C GLU A 76 37.60 -15.53 0.63
N HIS A 77 37.84 -16.82 0.37
CA HIS A 77 38.79 -17.28 -0.68
C HIS A 77 38.10 -17.42 -2.06
N HIS A 78 38.89 -17.83 -3.07
CA HIS A 78 38.47 -17.87 -4.50
C HIS A 78 37.24 -18.78 -4.76
N HIS A 79 36.05 -18.17 -4.70
CA HIS A 79 34.81 -18.77 -5.24
C HIS A 79 34.84 -18.64 -6.78
N HIS A 80 35.42 -19.66 -7.43
CA HIS A 80 35.82 -19.63 -8.87
C HIS A 80 34.63 -19.39 -9.82
N HIS A 81 34.41 -18.11 -10.19
CA HIS A 81 33.40 -17.65 -11.19
C HIS A 81 31.93 -17.67 -10.64
N HIS A 82 31.66 -18.44 -9.55
CA HIS A 82 30.31 -18.60 -8.94
C HIS A 82 29.28 -19.15 -9.95
N MET B 1 8.18 -16.54 6.90
CA MET B 1 7.51 -15.37 6.31
C MET B 1 7.99 -15.12 4.86
N ASP B 2 7.03 -14.84 3.96
CA ASP B 2 7.29 -14.48 2.54
C ASP B 2 6.65 -13.11 2.20
N LYS B 3 7.24 -12.39 1.23
CA LYS B 3 6.66 -11.11 0.72
C LYS B 3 5.53 -11.40 -0.30
N LYS B 4 5.66 -12.50 -1.06
CA LYS B 4 4.66 -12.92 -2.09
C LYS B 4 3.24 -13.22 -1.50
N ILE B 5 3.15 -13.35 -0.16
CA ILE B 5 1.85 -13.48 0.56
C ILE B 5 0.90 -12.29 0.24
N VAL B 6 1.44 -11.05 0.27
CA VAL B 6 0.66 -9.83 -0.11
C VAL B 6 0.30 -9.85 -1.60
N GLY B 7 1.13 -10.55 -2.42
CA GLY B 7 0.85 -10.77 -3.85
C GLY B 7 -0.38 -11.66 -4.10
N ALA B 8 -0.53 -12.70 -3.26
CA ALA B 8 -1.72 -13.58 -3.28
C ALA B 8 -3.00 -12.78 -2.86
N ASN B 9 -2.83 -11.90 -1.86
CA ASN B 9 -3.89 -10.99 -1.38
C ASN B 9 -4.18 -9.87 -2.42
N ALA B 10 -3.17 -9.48 -3.21
CA ALA B 10 -3.28 -8.39 -4.22
C ALA B 10 -4.02 -8.88 -5.48
N GLY B 11 -3.78 -10.14 -5.86
CA GLY B 11 -4.53 -10.80 -6.93
C GLY B 11 -6.02 -10.96 -6.60
N LYS B 12 -6.31 -11.12 -5.30
CA LYS B 12 -7.68 -11.20 -4.76
C LYS B 12 -8.40 -9.82 -4.78
N VAL B 13 -7.74 -8.78 -4.20
CA VAL B 13 -8.35 -7.43 -4.05
C VAL B 13 -8.55 -6.71 -5.40
N TRP B 14 -7.60 -6.90 -6.35
CA TRP B 14 -7.70 -6.26 -7.68
C TRP B 14 -8.76 -6.94 -8.57
N HIS B 15 -8.95 -8.25 -8.43
CA HIS B 15 -10.05 -8.97 -9.14
C HIS B 15 -11.44 -8.45 -8.67
N ALA B 16 -11.50 -8.09 -7.37
CA ALA B 16 -12.69 -7.45 -6.75
C ALA B 16 -12.91 -6.01 -7.28
N LEU B 17 -11.79 -5.32 -7.60
CA LEU B 17 -11.80 -3.97 -8.23
C LEU B 17 -12.26 -4.06 -9.71
N ASN B 18 -11.69 -5.05 -10.45
CA ASN B 18 -11.99 -5.29 -11.88
C ASN B 18 -13.48 -5.68 -12.06
N GLU B 19 -14.07 -6.25 -10.99
CA GLU B 19 -15.50 -6.49 -10.89
C GLU B 19 -16.27 -5.15 -10.60
N ALA B 20 -15.82 -4.44 -9.54
CA ALA B 20 -16.48 -3.20 -9.06
C ALA B 20 -15.45 -2.30 -8.31
N ASP B 21 -14.92 -1.29 -9.02
CA ASP B 21 -13.95 -0.31 -8.46
C ASP B 21 -14.65 1.00 -8.01
N GLY B 22 -13.85 1.95 -7.52
CA GLY B 22 -14.37 3.17 -6.90
C GLY B 22 -14.94 2.89 -5.50
N ILE B 23 -14.25 2.00 -4.77
CA ILE B 23 -14.73 1.42 -3.51
C ILE B 23 -13.74 1.68 -2.36
N SER B 24 -14.31 2.00 -1.17
CA SER B 24 -13.53 2.30 0.06
C SER B 24 -12.73 1.07 0.53
N ILE B 25 -11.58 1.32 1.21
CA ILE B 25 -10.70 0.24 1.75
C ILE B 25 -11.48 -0.80 2.65
N PRO B 26 -12.32 -0.36 3.69
CA PRO B 26 -13.06 -1.32 4.56
C PRO B 26 -14.23 -2.07 3.85
N GLU B 27 -14.80 -1.46 2.79
CA GLU B 27 -15.93 -2.07 2.02
C GLU B 27 -15.40 -3.17 1.09
N LEU B 28 -14.27 -2.82 0.48
CA LEU B 28 -13.44 -3.72 -0.33
C LEU B 28 -12.91 -4.90 0.52
N ALA B 29 -12.52 -4.58 1.77
CA ALA B 29 -12.06 -5.59 2.78
C ALA B 29 -13.15 -6.66 3.06
N ARG B 30 -14.41 -6.23 3.05
CA ARG B 30 -15.59 -7.11 3.24
C ARG B 30 -15.74 -8.11 2.07
N LYS B 31 -15.69 -7.61 0.82
CA LYS B 31 -15.90 -8.48 -0.38
C LYS B 31 -14.67 -9.38 -0.67
N VAL B 32 -13.47 -8.97 -0.20
CA VAL B 32 -12.23 -9.79 -0.33
C VAL B 32 -11.97 -10.64 0.94
N ASN B 33 -12.82 -10.48 1.97
CA ASN B 33 -12.80 -11.30 3.22
C ASN B 33 -11.49 -11.09 4.05
N LEU B 34 -10.80 -9.95 3.85
CA LEU B 34 -9.57 -9.58 4.58
C LEU B 34 -9.84 -8.41 5.57
N SER B 35 -8.86 -8.13 6.46
CA SER B 35 -8.92 -6.93 7.35
C SER B 35 -8.60 -5.63 6.57
N VAL B 36 -8.96 -4.47 7.18
CA VAL B 36 -8.76 -3.14 6.55
C VAL B 36 -7.26 -2.87 6.21
N GLU B 37 -6.38 -3.07 7.22
CA GLU B 37 -4.91 -2.92 7.03
C GLU B 37 -4.33 -3.93 6.01
N SER B 38 -4.86 -5.17 6.04
CA SER B 38 -4.43 -6.28 5.13
C SER B 38 -4.75 -5.96 3.66
N THR B 39 -5.93 -5.35 3.45
CA THR B 39 -6.42 -4.94 2.11
C THR B 39 -5.61 -3.74 1.56
N ALA B 40 -5.43 -2.69 2.40
CA ALA B 40 -4.64 -1.48 2.05
C ALA B 40 -3.17 -1.81 1.68
N LEU B 41 -2.61 -2.82 2.38
CA LEU B 41 -1.24 -3.35 2.13
C LEU B 41 -1.18 -4.02 0.72
N ALA B 42 -2.17 -4.88 0.46
CA ALA B 42 -2.31 -5.60 -0.83
C ALA B 42 -2.49 -4.62 -2.02
N VAL B 43 -3.12 -3.45 -1.74
CA VAL B 43 -3.29 -2.35 -2.73
C VAL B 43 -1.94 -1.64 -2.99
N GLY B 44 -1.08 -1.58 -1.95
CA GLY B 44 0.30 -1.08 -2.09
C GLY B 44 1.17 -1.98 -2.98
N TRP B 45 0.85 -3.29 -3.02
CA TRP B 45 1.48 -4.26 -3.94
C TRP B 45 0.95 -4.09 -5.40
N LEU B 46 -0.27 -3.57 -5.54
CA LEU B 46 -0.85 -3.22 -6.86
C LEU B 46 -0.17 -1.97 -7.47
N ALA B 47 0.35 -1.10 -6.59
CA ALA B 47 1.14 0.10 -6.96
C ALA B 47 2.37 -0.19 -7.88
N ARG B 48 3.05 -1.37 -7.73
CA ARG B 48 4.13 -1.80 -8.70
C ARG B 48 3.54 -2.22 -10.05
N GLU B 49 2.30 -2.75 -10.03
CA GLU B 49 1.55 -3.13 -11.24
C GLU B 49 0.92 -1.87 -11.91
N ASN B 50 0.81 -0.77 -11.11
CA ASN B 50 0.27 0.55 -11.53
C ASN B 50 -1.21 0.47 -12.02
N LYS B 51 -1.92 -0.58 -11.60
CA LYS B 51 -3.29 -0.87 -12.07
C LYS B 51 -4.38 -0.20 -11.19
N VAL B 52 -3.98 0.63 -10.20
CA VAL B 52 -4.90 1.28 -9.24
C VAL B 52 -4.77 2.83 -9.24
N VAL B 53 -5.92 3.50 -9.01
CA VAL B 53 -5.99 4.97 -8.86
C VAL B 53 -6.55 5.32 -7.45
N ILE B 54 -5.68 5.87 -6.59
CA ILE B 54 -6.01 6.19 -5.17
C ILE B 54 -6.54 7.64 -5.04
N GLU B 55 -7.76 7.83 -4.51
CA GLU B 55 -8.34 9.17 -4.27
C GLU B 55 -8.61 9.43 -2.77
N ARG B 56 -8.35 10.67 -2.32
CA ARG B 56 -8.73 11.17 -0.97
C ARG B 56 -9.79 12.28 -1.10
N LYS B 57 -11.02 11.97 -0.66
CA LYS B 57 -12.19 12.90 -0.72
C LYS B 57 -13.07 12.68 0.52
N ASN B 58 -13.36 13.80 1.25
CA ASN B 58 -14.04 13.80 2.58
C ASN B 58 -13.22 13.01 3.65
N GLY B 59 -11.88 12.98 3.47
CA GLY B 59 -10.98 12.20 4.34
C GLY B 59 -11.00 10.68 4.06
N LEU B 60 -11.82 10.26 3.08
CA LEU B 60 -12.04 8.84 2.73
C LEU B 60 -11.15 8.44 1.53
N ILE B 61 -10.44 7.30 1.67
CA ILE B 61 -9.62 6.73 0.58
C ILE B 61 -10.40 5.61 -0.15
N GLU B 62 -10.58 5.77 -1.48
CA GLU B 62 -11.23 4.76 -2.33
C GLU B 62 -10.32 4.39 -3.52
N ILE B 63 -10.29 3.08 -3.85
CA ILE B 63 -9.42 2.53 -4.88
C ILE B 63 -10.22 2.32 -6.19
N TYR B 64 -9.68 2.88 -7.27
CA TYR B 64 -10.24 2.77 -8.64
C TYR B 64 -9.30 1.91 -9.52
N ASN B 65 -9.77 1.54 -10.72
CA ASN B 65 -8.94 0.83 -11.73
C ASN B 65 -8.22 1.84 -12.66
N GLU B 66 -7.09 1.37 -13.24
CA GLU B 66 -6.33 2.12 -14.27
C GLU B 66 -7.23 2.38 -15.52
N GLY B 67 -7.71 3.62 -15.65
CA GLY B 67 -8.70 4.00 -16.67
C GLY B 67 -9.73 5.00 -16.12
N HIS B 68 -9.84 5.07 -14.77
CA HIS B 68 -10.71 6.01 -14.05
C HIS B 68 -9.85 7.08 -13.33
N PHE B 69 -9.28 8.01 -14.13
CA PHE B 69 -8.35 9.06 -13.61
C PHE B 69 -8.21 10.26 -14.57
N ASP B 70 -8.30 9.97 -15.89
CA ASP B 70 -8.07 10.96 -16.99
C ASP B 70 -8.85 12.30 -16.80
N PHE B 71 -10.11 12.19 -16.33
CA PHE B 71 -10.95 13.36 -16.02
C PHE B 71 -12.11 12.94 -15.09
N SER B 72 -12.28 13.64 -13.96
CA SER B 72 -13.37 13.39 -12.99
C SER B 72 -14.72 13.91 -13.57
N PHE B 73 -15.75 13.05 -13.56
CA PHE B 73 -17.09 13.40 -14.09
C PHE B 73 -17.90 14.21 -13.03
N GLY B 74 -17.98 15.52 -13.23
CA GLY B 74 -18.80 16.42 -12.41
C GLY B 74 -19.28 17.61 -13.23
N LEU B 75 -19.78 17.32 -14.45
CA LEU B 75 -20.20 18.33 -15.43
C LEU B 75 -21.65 18.81 -15.15
N GLU B 76 -21.82 20.12 -14.91
CA GLU B 76 -23.15 20.73 -14.76
C GLU B 76 -23.89 20.78 -16.12
N HIS B 77 -25.20 20.51 -16.10
CA HIS B 77 -26.05 20.52 -17.31
C HIS B 77 -27.27 21.44 -17.06
N HIS B 78 -27.70 22.20 -18.09
CA HIS B 78 -28.90 23.10 -18.01
C HIS B 78 -30.15 22.32 -17.53
N HIS B 79 -30.71 22.78 -16.39
CA HIS B 79 -31.83 22.10 -15.69
C HIS B 79 -33.14 22.20 -16.50
N HIS B 80 -33.49 21.10 -17.20
CA HIS B 80 -34.77 20.98 -17.92
C HIS B 80 -35.94 20.73 -16.92
N HIS B 81 -37.12 21.31 -17.21
CA HIS B 81 -38.32 21.16 -16.35
C HIS B 81 -39.40 20.28 -17.04
N HIS B 82 -40.05 19.39 -16.26
CA HIS B 82 -41.09 18.47 -16.79
C HIS B 82 -42.00 18.02 -15.63
N MET A 1 -5.52 11.20 -6.75
CA MET A 1 -4.87 11.59 -8.04
C MET A 1 -3.34 11.49 -7.94
N ASP A 2 -2.64 11.74 -9.09
CA ASP A 2 -1.16 11.84 -9.21
C ASP A 2 -0.38 10.72 -8.48
N LYS A 3 0.14 9.77 -9.26
CA LYS A 3 0.93 8.62 -8.76
C LYS A 3 2.26 9.08 -8.06
N LYS A 4 2.68 10.33 -8.29
CA LYS A 4 3.90 10.91 -7.64
C LYS A 4 3.67 11.21 -6.14
N ILE A 5 2.40 11.41 -5.73
CA ILE A 5 2.03 11.71 -4.32
C ILE A 5 2.44 10.56 -3.36
N VAL A 6 2.10 9.30 -3.74
CA VAL A 6 2.45 8.10 -2.92
C VAL A 6 3.98 7.96 -2.76
N GLY A 7 4.74 8.46 -3.75
CA GLY A 7 6.20 8.52 -3.69
C GLY A 7 6.72 9.52 -2.65
N ALA A 8 6.19 10.76 -2.72
CA ALA A 8 6.56 11.85 -1.80
C ALA A 8 6.26 11.52 -0.32
N ASN A 9 5.11 10.88 -0.07
CA ASN A 9 4.69 10.45 1.29
C ASN A 9 5.46 9.20 1.77
N ALA A 10 5.90 8.34 0.83
CA ALA A 10 6.57 7.05 1.16
C ALA A 10 7.96 7.27 1.81
N GLY A 11 8.69 8.30 1.34
CA GLY A 11 10.00 8.65 1.91
C GLY A 11 9.92 9.20 3.33
N LYS A 12 8.83 9.94 3.61
CA LYS A 12 8.51 10.45 4.96
C LYS A 12 8.18 9.29 5.93
N VAL A 13 7.33 8.35 5.44
CA VAL A 13 6.95 7.11 6.18
C VAL A 13 8.19 6.23 6.46
N TRP A 14 9.09 6.13 5.47
CA TRP A 14 10.36 5.38 5.59
C TRP A 14 11.28 6.02 6.65
N HIS A 15 11.27 7.36 6.75
CA HIS A 15 12.05 8.10 7.78
C HIS A 15 11.58 7.74 9.21
N ALA A 16 10.24 7.69 9.41
CA ALA A 16 9.64 7.30 10.71
C ALA A 16 9.89 5.80 11.02
N LEU A 17 9.94 5.01 9.95
CA LEU A 17 10.29 3.57 9.97
C LEU A 17 11.81 3.36 10.21
N ASN A 18 12.63 4.33 9.78
CA ASN A 18 14.12 4.27 9.85
C ASN A 18 14.62 4.51 11.30
N GLU A 19 14.08 5.57 11.95
CA GLU A 19 14.52 6.00 13.31
C GLU A 19 14.28 4.89 14.36
N ALA A 20 13.20 4.11 14.14
CA ALA A 20 12.85 2.93 14.96
C ALA A 20 11.79 2.08 14.22
N ASP A 21 12.17 0.87 13.78
CA ASP A 21 11.27 -0.03 13.02
C ASP A 21 10.54 -1.04 13.92
N GLY A 22 9.67 -1.88 13.33
CA GLY A 22 8.73 -2.70 14.09
C GLY A 22 7.66 -1.81 14.74
N ILE A 23 7.22 -0.80 13.97
CA ILE A 23 6.37 0.30 14.46
C ILE A 23 4.97 0.24 13.77
N SER A 24 3.92 -0.03 14.57
CA SER A 24 2.56 -0.31 14.05
C SER A 24 2.00 0.83 13.18
N ILE A 25 1.22 0.46 12.13
CA ILE A 25 0.76 1.39 11.08
C ILE A 25 -0.03 2.64 11.62
N PRO A 26 -1.01 2.50 12.59
CA PRO A 26 -1.67 3.67 13.22
C PRO A 26 -0.70 4.57 14.05
N GLU A 27 0.41 4.01 14.54
CA GLU A 27 1.37 4.76 15.41
C GLU A 27 2.33 5.67 14.61
N LEU A 28 3.08 5.11 13.62
CA LEU A 28 4.02 5.92 12.79
C LEU A 28 3.27 6.93 11.89
N ALA A 29 1.99 6.59 11.57
CA ALA A 29 1.03 7.53 10.91
C ALA A 29 0.98 8.92 11.62
N ARG A 30 1.08 8.93 12.96
CA ARG A 30 1.12 10.19 13.75
C ARG A 30 2.49 10.90 13.64
N LYS A 31 3.59 10.12 13.54
CA LYS A 31 4.96 10.67 13.38
C LYS A 31 5.14 11.37 12.00
N VAL A 32 4.41 10.87 10.98
CA VAL A 32 4.39 11.46 9.62
C VAL A 32 3.17 12.39 9.39
N ASN A 33 2.21 12.38 10.36
CA ASN A 33 0.98 13.22 10.35
C ASN A 33 0.02 12.87 9.17
N LEU A 34 0.08 11.60 8.72
CA LEU A 34 -0.83 11.05 7.67
C LEU A 34 -1.89 10.11 8.29
N SER A 35 -2.93 9.80 7.51
CA SER A 35 -3.96 8.80 7.88
C SER A 35 -3.34 7.37 7.95
N VAL A 36 -3.95 6.49 8.77
CA VAL A 36 -3.50 5.08 8.93
C VAL A 36 -3.42 4.36 7.56
N GLU A 37 -4.52 4.46 6.80
CA GLU A 37 -4.65 3.91 5.43
C GLU A 37 -3.60 4.52 4.45
N SER A 38 -3.38 5.85 4.55
CA SER A 38 -2.37 6.58 3.72
C SER A 38 -0.94 6.07 3.98
N THR A 39 -0.65 5.75 5.26
CA THR A 39 0.66 5.24 5.70
C THR A 39 0.90 3.79 5.20
N ALA A 40 -0.11 2.90 5.37
CA ALA A 40 -0.06 1.47 4.93
C ALA A 40 0.14 1.35 3.39
N LEU A 41 -0.51 2.24 2.65
CA LEU A 41 -0.42 2.33 1.19
C LEU A 41 0.98 2.86 0.75
N ALA A 42 1.49 3.88 1.47
CA ALA A 42 2.85 4.44 1.22
C ALA A 42 3.98 3.41 1.51
N VAL A 43 3.72 2.51 2.49
CA VAL A 43 4.58 1.34 2.79
C VAL A 43 4.68 0.40 1.56
N GLY A 44 3.58 0.27 0.79
CA GLY A 44 3.57 -0.50 -0.46
C GLY A 44 4.49 0.05 -1.55
N TRP A 45 4.67 1.39 -1.59
CA TRP A 45 5.60 2.08 -2.52
C TRP A 45 7.08 1.86 -2.09
N LEU A 46 7.30 1.65 -0.79
CA LEU A 46 8.61 1.21 -0.27
C LEU A 46 8.86 -0.29 -0.58
N ALA A 47 7.79 -1.12 -0.48
CA ALA A 47 7.84 -2.58 -0.76
C ALA A 47 8.14 -2.92 -2.23
N ARG A 48 7.75 -2.03 -3.18
CA ARG A 48 8.11 -2.19 -4.61
C ARG A 48 9.62 -1.94 -4.88
N GLU A 49 10.32 -1.37 -3.88
CA GLU A 49 11.81 -1.21 -3.88
C GLU A 49 12.48 -2.12 -2.83
N ASN A 50 11.66 -2.78 -1.99
CA ASN A 50 12.11 -3.60 -0.83
C ASN A 50 12.87 -2.77 0.25
N LYS A 51 12.52 -1.46 0.35
CA LYS A 51 13.01 -0.58 1.44
C LYS A 51 12.40 -0.96 2.82
N VAL A 52 11.35 -1.79 2.80
CA VAL A 52 10.70 -2.32 4.02
C VAL A 52 10.46 -3.84 3.88
N VAL A 53 10.36 -4.52 5.04
CA VAL A 53 9.99 -5.95 5.15
C VAL A 53 8.82 -6.11 6.14
N ILE A 54 7.88 -7.03 5.85
CA ILE A 54 6.62 -7.19 6.61
C ILE A 54 6.53 -8.60 7.22
N GLU A 55 6.14 -8.68 8.50
CA GLU A 55 5.97 -9.95 9.23
C GLU A 55 4.53 -10.12 9.75
N ARG A 56 3.92 -11.28 9.42
CA ARG A 56 2.62 -11.69 10.01
C ARG A 56 2.86 -12.63 11.22
N LYS A 57 2.72 -12.07 12.43
CA LYS A 57 2.86 -12.82 13.70
C LYS A 57 1.48 -12.98 14.37
N ASN A 58 1.10 -14.26 14.63
CA ASN A 58 -0.23 -14.66 15.19
C ASN A 58 -1.41 -14.13 14.31
N GLY A 59 -1.15 -13.99 13.00
CA GLY A 59 -2.12 -13.41 12.06
C GLY A 59 -2.02 -11.87 11.91
N LEU A 60 -1.50 -11.19 12.96
CA LEU A 60 -1.37 -9.71 13.00
C LEU A 60 -0.16 -9.22 12.16
N ILE A 61 -0.33 -8.11 11.44
CA ILE A 61 0.73 -7.52 10.58
C ILE A 61 1.55 -6.46 11.34
N GLU A 62 2.89 -6.55 11.20
CA GLU A 62 3.84 -5.55 11.71
C GLU A 62 4.86 -5.17 10.62
N ILE A 63 5.20 -3.87 10.53
CA ILE A 63 6.12 -3.34 9.51
C ILE A 63 7.55 -3.07 10.10
N TYR A 64 8.55 -3.66 9.44
CA TYR A 64 9.98 -3.59 9.82
C TYR A 64 10.83 -2.91 8.72
N ASN A 65 12.10 -2.59 9.06
CA ASN A 65 13.09 -2.03 8.12
C ASN A 65 13.72 -3.15 7.26
N GLU A 66 14.04 -2.82 5.99
CA GLU A 66 14.67 -3.74 5.00
C GLU A 66 15.80 -4.67 5.55
N GLY A 67 16.56 -4.19 6.56
CA GLY A 67 17.63 -4.99 7.20
C GLY A 67 17.13 -5.95 8.30
N HIS A 68 15.84 -6.32 8.26
CA HIS A 68 15.20 -7.25 9.24
C HIS A 68 14.48 -8.40 8.51
N PHE A 69 14.98 -8.74 7.31
CA PHE A 69 14.44 -9.87 6.51
C PHE A 69 14.99 -11.22 7.02
N ASP A 70 14.22 -12.28 6.81
CA ASP A 70 14.67 -13.66 7.08
C ASP A 70 15.62 -14.13 5.94
N PHE A 71 16.65 -14.92 6.28
CA PHE A 71 17.68 -15.40 5.31
C PHE A 71 17.12 -16.52 4.36
N SER A 72 15.81 -16.83 4.49
CA SER A 72 15.08 -17.67 3.51
C SER A 72 14.82 -16.86 2.21
N PHE A 73 15.86 -16.78 1.36
CA PHE A 73 15.82 -16.01 0.09
C PHE A 73 15.16 -16.85 -1.03
N GLY A 74 15.70 -18.06 -1.28
CA GLY A 74 15.27 -18.90 -2.41
C GLY A 74 16.02 -18.56 -3.70
N LEU A 75 17.29 -18.98 -3.77
CA LEU A 75 18.22 -18.68 -4.89
C LEU A 75 17.70 -19.18 -6.26
N GLU A 76 17.00 -20.32 -6.25
CA GLU A 76 16.43 -20.96 -7.46
C GLU A 76 15.27 -20.12 -8.06
N HIS A 77 14.56 -19.38 -7.20
CA HIS A 77 13.40 -18.54 -7.59
C HIS A 77 13.81 -17.08 -7.91
N HIS A 78 15.10 -16.82 -8.16
CA HIS A 78 15.59 -15.50 -8.64
C HIS A 78 15.10 -15.28 -10.11
N HIS A 79 13.87 -14.72 -10.24
CA HIS A 79 13.21 -14.52 -11.56
C HIS A 79 13.85 -13.35 -12.34
N HIS A 80 13.63 -13.35 -13.67
CA HIS A 80 14.23 -12.37 -14.60
C HIS A 80 13.09 -11.62 -15.36
N HIS A 81 13.36 -11.13 -16.59
CA HIS A 81 12.35 -10.40 -17.42
C HIS A 81 11.23 -11.31 -17.99
N HIS A 82 11.43 -12.65 -17.94
CA HIS A 82 10.39 -13.64 -18.32
C HIS A 82 9.85 -14.37 -17.08
N MET B 1 10.00 -12.70 3.21
CA MET B 1 8.90 -13.67 3.11
C MET B 1 7.62 -13.00 2.59
N ASP B 2 7.43 -11.70 2.92
CA ASP B 2 6.18 -10.96 2.63
C ASP B 2 5.88 -10.83 1.11
N LYS B 3 6.93 -10.92 0.24
CA LYS B 3 6.76 -10.85 -1.25
C LYS B 3 5.69 -11.85 -1.78
N LYS B 4 5.66 -13.04 -1.16
CA LYS B 4 4.68 -14.11 -1.47
C LYS B 4 3.28 -13.77 -0.90
N ILE B 5 3.28 -13.38 0.38
CA ILE B 5 2.05 -13.06 1.15
C ILE B 5 1.25 -11.90 0.50
N VAL B 6 1.89 -10.73 0.38
CA VAL B 6 1.26 -9.49 -0.18
C VAL B 6 0.78 -9.69 -1.64
N GLY B 7 1.44 -10.59 -2.39
CA GLY B 7 1.00 -10.97 -3.75
C GLY B 7 -0.31 -11.76 -3.74
N ALA B 8 -0.44 -12.70 -2.80
CA ALA B 8 -1.66 -13.51 -2.59
C ALA B 8 -2.87 -12.65 -2.14
N ASN B 9 -2.60 -11.68 -1.23
CA ASN B 9 -3.62 -10.71 -0.76
C ASN B 9 -4.05 -9.76 -1.90
N ALA B 10 -3.06 -9.30 -2.71
CA ALA B 10 -3.27 -8.26 -3.76
C ALA B 10 -4.12 -8.78 -4.94
N GLY B 11 -3.89 -10.05 -5.32
CA GLY B 11 -4.66 -10.69 -6.41
C GLY B 11 -6.16 -10.80 -6.10
N LYS B 12 -6.46 -11.10 -4.84
CA LYS B 12 -7.85 -11.18 -4.33
C LYS B 12 -8.53 -9.78 -4.27
N VAL B 13 -7.80 -8.78 -3.73
CA VAL B 13 -8.28 -7.37 -3.63
C VAL B 13 -8.60 -6.77 -5.03
N TRP B 14 -7.69 -7.00 -5.98
CA TRP B 14 -7.83 -6.49 -7.38
C TRP B 14 -8.98 -7.21 -8.11
N HIS B 15 -9.21 -8.50 -7.79
CA HIS B 15 -10.33 -9.30 -8.35
C HIS B 15 -11.70 -8.63 -8.01
N ALA B 16 -11.77 -8.03 -6.80
CA ALA B 16 -12.94 -7.26 -6.32
C ALA B 16 -13.06 -5.89 -7.04
N LEU B 17 -11.91 -5.33 -7.46
CA LEU B 17 -11.84 -4.02 -8.17
C LEU B 17 -12.33 -4.12 -9.63
N ASN B 18 -12.00 -5.21 -10.35
CA ASN B 18 -12.50 -5.43 -11.73
C ASN B 18 -13.99 -5.84 -11.73
N GLU B 19 -14.50 -6.25 -10.56
CA GLU B 19 -15.95 -6.45 -10.33
C GLU B 19 -16.64 -5.09 -10.04
N ALA B 20 -16.00 -4.29 -9.16
CA ALA B 20 -16.52 -2.98 -8.72
C ALA B 20 -15.38 -2.11 -8.13
N ASP B 21 -14.83 -1.20 -8.94
CA ASP B 21 -13.78 -0.24 -8.51
C ASP B 21 -14.40 1.02 -7.87
N GLY B 22 -13.60 1.75 -7.08
CA GLY B 22 -14.06 2.97 -6.41
C GLY B 22 -14.79 2.69 -5.09
N ILE B 23 -14.04 2.13 -4.13
CA ILE B 23 -14.58 1.70 -2.81
C ILE B 23 -13.54 1.92 -1.68
N SER B 24 -13.98 2.38 -0.50
CA SER B 24 -13.08 2.60 0.67
C SER B 24 -12.47 1.27 1.16
N ILE B 25 -11.21 1.36 1.64
CA ILE B 25 -10.41 0.18 2.07
C ILE B 25 -11.13 -0.76 3.10
N PRO B 26 -11.74 -0.26 4.25
CA PRO B 26 -12.35 -1.15 5.27
C PRO B 26 -13.64 -1.88 4.79
N GLU B 27 -14.32 -1.32 3.78
CA GLU B 27 -15.52 -1.94 3.15
C GLU B 27 -15.07 -3.11 2.25
N LEU B 28 -14.12 -2.76 1.37
CA LEU B 28 -13.42 -3.68 0.46
C LEU B 28 -12.74 -4.85 1.23
N ALA B 29 -12.21 -4.53 2.43
CA ALA B 29 -11.53 -5.50 3.33
C ALA B 29 -12.46 -6.66 3.76
N ARG B 30 -13.72 -6.33 4.08
CA ARG B 30 -14.74 -7.32 4.51
C ARG B 30 -15.22 -8.19 3.32
N LYS B 31 -15.17 -7.63 2.10
CA LYS B 31 -15.54 -8.34 0.85
C LYS B 31 -14.45 -9.37 0.45
N VAL B 32 -13.18 -9.03 0.72
CA VAL B 32 -12.02 -9.93 0.44
C VAL B 32 -11.60 -10.73 1.71
N ASN B 33 -12.34 -10.55 2.83
CA ASN B 33 -12.12 -11.27 4.13
C ASN B 33 -10.72 -11.00 4.76
N LEU B 34 -10.04 -9.94 4.31
CA LEU B 34 -8.72 -9.54 4.82
C LEU B 34 -8.86 -8.33 5.76
N SER B 35 -7.86 -8.12 6.63
CA SER B 35 -7.80 -6.92 7.50
C SER B 35 -7.66 -5.62 6.67
N VAL B 36 -8.08 -4.48 7.25
CA VAL B 36 -7.84 -3.12 6.67
C VAL B 36 -6.36 -2.92 6.27
N GLU B 37 -5.47 -3.27 7.18
CA GLU B 37 -4.00 -3.13 7.02
C GLU B 37 -3.47 -4.10 5.93
N SER B 38 -4.05 -5.32 5.87
CA SER B 38 -3.76 -6.32 4.81
C SER B 38 -4.17 -5.82 3.42
N THR B 39 -5.36 -5.20 3.35
CA THR B 39 -5.98 -4.74 2.09
C THR B 39 -5.28 -3.47 1.54
N ALA B 40 -5.06 -2.47 2.42
CA ALA B 40 -4.41 -1.17 2.07
C ALA B 40 -2.99 -1.36 1.50
N LEU B 41 -2.21 -2.20 2.19
CA LEU B 41 -0.84 -2.56 1.82
C LEU B 41 -0.82 -3.48 0.55
N ALA B 42 -1.82 -4.37 0.42
CA ALA B 42 -2.01 -5.21 -0.80
C ALA B 42 -2.30 -4.34 -2.05
N VAL B 43 -3.04 -3.24 -1.84
CA VAL B 43 -3.26 -2.19 -2.86
C VAL B 43 -1.93 -1.45 -3.18
N GLY B 44 -1.04 -1.33 -2.18
CA GLY B 44 0.33 -0.81 -2.39
C GLY B 44 1.18 -1.71 -3.30
N TRP B 45 0.97 -3.04 -3.22
CA TRP B 45 1.59 -4.04 -4.12
C TRP B 45 0.96 -4.00 -5.54
N LEU B 46 -0.33 -3.63 -5.62
CA LEU B 46 -1.00 -3.34 -6.90
C LEU B 46 -0.49 -2.01 -7.51
N ALA B 47 -0.17 -1.04 -6.62
CA ALA B 47 0.46 0.25 -7.00
C ALA B 47 1.90 0.05 -7.52
N ARG B 48 2.58 -1.02 -7.07
CA ARG B 48 3.85 -1.49 -7.69
C ARG B 48 3.67 -1.76 -9.19
N GLU B 49 2.64 -2.57 -9.51
CA GLU B 49 2.30 -2.94 -10.90
C GLU B 49 1.50 -1.81 -11.62
N ASN B 50 1.11 -0.77 -10.83
CA ASN B 50 0.39 0.44 -11.30
C ASN B 50 -1.03 0.08 -11.85
N LYS B 51 -1.64 -0.96 -11.25
CA LYS B 51 -2.98 -1.45 -11.62
C LYS B 51 -4.10 -0.71 -10.84
N VAL B 52 -3.73 0.22 -9.94
CA VAL B 52 -4.69 1.01 -9.12
C VAL B 52 -4.27 2.50 -8.99
N VAL B 53 -5.26 3.34 -8.59
CA VAL B 53 -5.03 4.74 -8.15
C VAL B 53 -5.71 4.99 -6.78
N ILE B 54 -5.21 6.01 -6.04
CA ILE B 54 -5.68 6.32 -4.67
C ILE B 54 -6.31 7.73 -4.64
N GLU B 55 -7.60 7.80 -4.27
CA GLU B 55 -8.35 9.07 -4.20
C GLU B 55 -8.77 9.39 -2.75
N ARG B 56 -8.22 10.48 -2.19
CA ARG B 56 -8.67 11.02 -0.89
C ARG B 56 -9.89 11.94 -1.12
N LYS B 57 -11.09 11.37 -0.91
CA LYS B 57 -12.37 12.06 -1.16
C LYS B 57 -13.03 12.46 0.17
N ASN B 58 -13.04 13.78 0.48
CA ASN B 58 -13.49 14.34 1.78
C ASN B 58 -12.75 13.70 3.01
N GLY B 59 -11.49 13.30 2.78
CA GLY B 59 -10.65 12.67 3.82
C GLY B 59 -10.65 11.13 3.77
N LEU B 60 -11.63 10.54 3.04
CA LEU B 60 -11.80 9.08 2.94
C LEU B 60 -10.85 8.48 1.89
N ILE B 61 -10.17 7.36 2.23
CA ILE B 61 -9.21 6.68 1.33
C ILE B 61 -9.96 5.62 0.49
N GLU B 62 -10.16 5.92 -0.81
CA GLU B 62 -10.95 5.07 -1.73
C GLU B 62 -10.06 4.51 -2.86
N ILE B 63 -10.16 3.19 -3.08
CA ILE B 63 -9.34 2.46 -4.06
C ILE B 63 -10.08 2.34 -5.41
N TYR B 64 -9.50 2.97 -6.43
CA TYR B 64 -9.97 2.87 -7.82
C TYR B 64 -9.02 1.99 -8.65
N ASN B 65 -9.52 1.46 -9.77
CA ASN B 65 -8.72 0.64 -10.71
C ASN B 65 -8.09 1.55 -11.79
N GLU B 66 -6.93 1.17 -12.32
CA GLU B 66 -6.28 1.92 -13.42
C GLU B 66 -6.68 1.34 -14.80
N GLY B 67 -6.57 2.18 -15.83
CA GLY B 67 -7.09 1.90 -17.17
C GLY B 67 -7.77 3.11 -17.77
N HIS B 68 -7.97 4.15 -16.93
CA HIS B 68 -8.68 5.40 -17.30
C HIS B 68 -7.73 6.53 -17.75
N PHE B 69 -6.46 6.54 -17.26
CA PHE B 69 -5.44 7.52 -17.74
C PHE B 69 -5.12 7.32 -19.24
N ASP B 70 -4.90 8.43 -19.97
CA ASP B 70 -4.58 8.41 -21.41
C ASP B 70 -3.25 7.63 -21.68
N PHE B 71 -3.38 6.39 -22.19
CA PHE B 71 -2.23 5.47 -22.41
C PHE B 71 -2.00 5.21 -23.92
N SER B 72 -0.82 5.63 -24.40
CA SER B 72 -0.29 5.32 -25.74
C SER B 72 1.23 5.54 -25.76
N PHE B 73 1.90 5.06 -26.82
CA PHE B 73 3.38 5.04 -26.88
C PHE B 73 3.97 6.34 -27.49
N GLY B 74 3.33 7.48 -27.19
CA GLY B 74 3.87 8.81 -27.54
C GLY B 74 4.91 9.29 -26.51
N LEU B 75 6.05 8.58 -26.45
CA LEU B 75 7.15 8.86 -25.49
C LEU B 75 8.53 8.78 -26.17
N GLU B 76 9.52 9.47 -25.59
CA GLU B 76 10.91 9.49 -26.11
C GLU B 76 11.79 8.41 -25.42
N HIS B 77 13.13 8.46 -25.72
CA HIS B 77 14.15 7.49 -25.26
C HIS B 77 13.99 6.14 -26.03
N HIS B 78 12.81 5.51 -25.92
CA HIS B 78 12.42 4.36 -26.76
C HIS B 78 12.22 4.82 -28.23
N HIS B 79 12.91 4.13 -29.15
CA HIS B 79 12.81 4.37 -30.61
C HIS B 79 12.51 3.06 -31.36
N HIS B 80 11.97 3.17 -32.60
CA HIS B 80 11.74 1.99 -33.47
C HIS B 80 13.09 1.44 -34.01
N HIS B 81 13.50 0.27 -33.48
CA HIS B 81 14.80 -0.34 -33.83
C HIS B 81 14.69 -1.18 -35.12
N HIS B 82 15.44 -0.77 -36.16
CA HIS B 82 15.51 -1.50 -37.45
C HIS B 82 16.50 -2.68 -37.37
N MET A 1 -4.13 9.13 -9.92
CA MET A 1 -3.24 10.27 -9.55
C MET A 1 -1.99 9.73 -8.81
N ASP A 2 -2.24 8.88 -7.80
CA ASP A 2 -1.27 7.90 -7.19
C ASP A 2 0.24 8.33 -7.13
N LYS A 3 0.98 8.14 -8.24
CA LYS A 3 2.47 8.06 -8.25
C LYS A 3 3.22 9.17 -7.46
N LYS A 4 2.87 10.45 -7.68
CA LYS A 4 3.54 11.58 -6.97
C LYS A 4 3.13 11.63 -5.48
N ILE A 5 1.86 11.28 -5.18
CA ILE A 5 1.33 11.20 -3.80
C ILE A 5 2.11 10.14 -2.97
N VAL A 6 2.05 8.89 -3.46
CA VAL A 6 2.61 7.70 -2.79
C VAL A 6 4.15 7.77 -2.66
N GLY A 7 4.81 8.42 -3.65
CA GLY A 7 6.26 8.65 -3.61
C GLY A 7 6.67 9.67 -2.53
N ALA A 8 5.89 10.77 -2.45
CA ALA A 8 6.08 11.84 -1.44
C ALA A 8 5.85 11.30 0.00
N ASN A 9 4.77 10.51 0.17
CA ASN A 9 4.42 9.88 1.46
C ASN A 9 5.46 8.83 1.88
N ALA A 10 5.95 8.04 0.91
CA ALA A 10 6.89 6.91 1.19
C ALA A 10 8.25 7.41 1.71
N GLY A 11 8.68 8.59 1.21
CA GLY A 11 9.92 9.24 1.70
C GLY A 11 9.84 9.68 3.16
N LYS A 12 8.66 10.19 3.57
CA LYS A 12 8.39 10.62 4.96
C LYS A 12 8.17 9.41 5.91
N VAL A 13 7.45 8.38 5.43
CA VAL A 13 7.12 7.16 6.20
C VAL A 13 8.39 6.33 6.49
N TRP A 14 9.22 6.14 5.46
CA TRP A 14 10.50 5.41 5.58
C TRP A 14 11.48 6.15 6.53
N HIS A 15 11.43 7.50 6.49
CA HIS A 15 12.23 8.38 7.38
C HIS A 15 11.90 8.12 8.87
N ALA A 16 10.59 8.03 9.17
CA ALA A 16 10.09 7.71 10.52
C ALA A 16 10.38 6.24 10.90
N LEU A 17 10.30 5.33 9.92
CA LEU A 17 10.66 3.90 10.10
C LEU A 17 12.12 3.73 10.53
N ASN A 18 13.02 4.51 9.88
CA ASN A 18 14.49 4.44 10.08
C ASN A 18 14.90 4.73 11.55
N GLU A 19 14.03 5.48 12.28
CA GLU A 19 14.22 5.82 13.70
C GLU A 19 14.16 4.55 14.60
N ALA A 20 13.17 3.67 14.29
CA ALA A 20 12.93 2.43 15.05
C ALA A 20 12.14 1.40 14.21
N ASP A 21 12.81 0.30 13.81
CA ASP A 21 12.18 -0.84 13.10
C ASP A 21 11.38 -1.75 14.08
N GLY A 22 10.49 -2.59 13.54
CA GLY A 22 9.61 -3.43 14.36
C GLY A 22 8.50 -2.63 15.03
N ILE A 23 7.65 -2.03 14.20
CA ILE A 23 6.63 -1.06 14.62
C ILE A 23 5.30 -1.25 13.84
N SER A 24 4.16 -1.21 14.56
CA SER A 24 2.82 -1.35 13.95
C SER A 24 2.46 -0.12 13.09
N ILE A 25 1.58 -0.33 12.08
CA ILE A 25 1.15 0.73 11.13
C ILE A 25 0.52 1.98 11.82
N PRO A 26 -0.45 1.85 12.82
CA PRO A 26 -1.05 3.03 13.52
C PRO A 26 -0.04 3.83 14.40
N GLU A 27 0.97 3.13 14.95
CA GLU A 27 2.01 3.76 15.81
C GLU A 27 2.92 4.67 14.95
N LEU A 28 3.32 4.09 13.82
CA LEU A 28 4.04 4.76 12.73
C LEU A 28 3.23 5.93 12.12
N ALA A 29 1.89 5.74 12.03
CA ALA A 29 0.95 6.76 11.47
C ALA A 29 0.96 8.08 12.26
N ARG A 30 1.10 7.99 13.60
CA ARG A 30 1.23 9.18 14.48
C ARG A 30 2.60 9.90 14.26
N LYS A 31 3.69 9.12 14.06
CA LYS A 31 5.05 9.70 13.84
C LYS A 31 5.12 10.51 12.53
N VAL A 32 4.49 9.99 11.47
CA VAL A 32 4.37 10.69 10.16
C VAL A 32 3.16 11.66 10.17
N ASN A 33 2.30 11.55 11.21
CA ASN A 33 1.14 12.43 11.47
C ASN A 33 0.00 12.22 10.41
N LEU A 34 0.05 11.10 9.67
CA LEU A 34 -0.96 10.72 8.67
C LEU A 34 -1.95 9.67 9.26
N SER A 35 -2.98 9.32 8.46
CA SER A 35 -3.96 8.25 8.84
C SER A 35 -3.35 6.84 8.64
N VAL A 36 -3.94 5.82 9.31
CA VAL A 36 -3.48 4.40 9.21
C VAL A 36 -3.55 3.90 7.74
N GLU A 37 -4.66 4.22 7.05
CA GLU A 37 -4.90 3.85 5.64
C GLU A 37 -3.85 4.47 4.70
N SER A 38 -3.58 5.78 4.87
CA SER A 38 -2.60 6.54 4.05
C SER A 38 -1.15 6.09 4.31
N THR A 39 -0.88 5.65 5.56
CA THR A 39 0.46 5.15 5.98
C THR A 39 0.73 3.73 5.42
N ALA A 40 -0.24 2.81 5.58
CA ALA A 40 -0.13 1.39 5.08
C ALA A 40 0.01 1.34 3.54
N LEU A 41 -0.69 2.26 2.86
CA LEU A 41 -0.61 2.48 1.40
C LEU A 41 0.84 2.91 0.99
N ALA A 42 1.44 3.81 1.79
CA ALA A 42 2.83 4.30 1.56
C ALA A 42 3.89 3.20 1.86
N VAL A 43 3.62 2.35 2.87
CA VAL A 43 4.49 1.20 3.23
C VAL A 43 4.43 0.11 2.12
N GLY A 44 3.24 -0.05 1.50
CA GLY A 44 3.09 -0.94 0.33
C GLY A 44 3.90 -0.46 -0.89
N TRP A 45 4.05 0.87 -1.02
CA TRP A 45 4.91 1.50 -2.05
C TRP A 45 6.42 1.35 -1.70
N LEU A 46 6.74 1.31 -0.39
CA LEU A 46 8.11 1.02 0.08
C LEU A 46 8.51 -0.45 -0.18
N ALA A 47 7.51 -1.35 -0.08
CA ALA A 47 7.68 -2.78 -0.45
C ALA A 47 8.03 -2.96 -1.96
N ARG A 48 7.56 -2.01 -2.81
CA ARG A 48 7.88 -1.97 -4.27
C ARG A 48 9.41 -1.86 -4.52
N GLU A 49 10.02 -0.88 -3.86
CA GLU A 49 11.43 -0.51 -4.09
C GLU A 49 12.39 -1.28 -3.14
N ASN A 50 11.85 -2.35 -2.48
CA ASN A 50 12.58 -3.19 -1.48
C ASN A 50 13.26 -2.33 -0.37
N LYS A 51 12.48 -1.40 0.16
CA LYS A 51 12.91 -0.49 1.26
C LYS A 51 12.66 -1.11 2.65
N VAL A 52 11.57 -1.92 2.77
CA VAL A 52 11.08 -2.45 4.07
C VAL A 52 10.79 -3.97 4.01
N VAL A 53 10.98 -4.65 5.16
CA VAL A 53 10.60 -6.07 5.34
C VAL A 53 9.46 -6.15 6.38
N ILE A 54 8.25 -6.43 5.91
CA ILE A 54 7.04 -6.48 6.75
C ILE A 54 6.88 -7.90 7.30
N GLU A 55 6.99 -8.05 8.63
CA GLU A 55 6.97 -9.37 9.30
C GLU A 55 5.62 -9.64 9.96
N ARG A 56 4.92 -10.70 9.49
CA ARG A 56 3.64 -11.12 10.08
C ARG A 56 3.88 -11.98 11.33
N LYS A 57 3.59 -11.40 12.50
CA LYS A 57 3.84 -12.03 13.82
C LYS A 57 2.50 -12.54 14.39
N ASN A 58 2.31 -13.87 14.36
CA ASN A 58 0.99 -14.54 14.66
C ASN A 58 -0.17 -13.99 13.77
N GLY A 59 0.16 -13.58 12.52
CA GLY A 59 -0.82 -12.98 11.60
C GLY A 59 -0.84 -11.44 11.61
N LEU A 60 -0.32 -10.83 12.70
CA LEU A 60 -0.32 -9.35 12.91
C LEU A 60 0.72 -8.66 11.99
N ILE A 61 0.32 -7.55 11.34
CA ILE A 61 1.19 -6.83 10.38
C ILE A 61 2.13 -5.86 11.15
N GLU A 62 3.41 -6.24 11.28
CA GLU A 62 4.45 -5.45 12.00
C GLU A 62 5.58 -5.05 11.02
N ILE A 63 5.84 -3.73 10.88
CA ILE A 63 6.74 -3.19 9.83
C ILE A 63 8.20 -3.04 10.33
N TYR A 64 9.15 -3.72 9.66
CA TYR A 64 10.60 -3.55 9.89
C TYR A 64 11.28 -2.81 8.71
N ASN A 65 12.49 -2.30 8.95
CA ASN A 65 13.36 -1.72 7.91
C ASN A 65 14.28 -2.83 7.37
N GLU A 66 14.76 -2.67 6.13
CA GLU A 66 15.82 -3.54 5.60
C GLU A 66 17.21 -3.02 6.04
N GLY A 67 17.56 -3.33 7.31
CA GLY A 67 18.82 -2.90 7.95
C GLY A 67 20.06 -3.67 7.48
N HIS A 68 19.82 -4.85 6.88
CA HIS A 68 20.88 -5.64 6.20
C HIS A 68 21.09 -5.15 4.74
N PHE A 69 20.15 -4.31 4.26
CA PHE A 69 20.12 -3.76 2.88
C PHE A 69 20.22 -2.20 2.92
N ASP A 70 20.67 -1.66 4.06
CA ASP A 70 20.59 -0.21 4.37
C ASP A 70 21.51 0.66 3.47
N PHE A 71 21.19 1.96 3.40
CA PHE A 71 22.01 2.98 2.71
C PHE A 71 22.37 4.14 3.66
N SER A 72 21.33 4.82 4.20
CA SER A 72 21.50 6.02 5.06
C SER A 72 20.57 5.97 6.30
N PHE A 73 20.91 6.77 7.32
CA PHE A 73 20.12 6.91 8.56
C PHE A 73 19.74 8.39 8.81
N GLY A 74 18.61 8.60 9.51
CA GLY A 74 18.09 9.95 9.78
C GLY A 74 17.00 9.94 10.85
N LEU A 75 17.42 9.92 12.13
CA LEU A 75 16.51 9.93 13.30
C LEU A 75 16.01 11.37 13.56
N GLU A 76 14.70 11.59 13.36
CA GLU A 76 14.08 12.92 13.41
C GLU A 76 13.26 13.12 14.71
N HIS A 77 13.22 14.37 15.21
CA HIS A 77 12.24 14.77 16.24
C HIS A 77 10.88 15.09 15.55
N HIS A 78 10.22 14.00 15.11
CA HIS A 78 8.92 14.02 14.41
C HIS A 78 7.81 14.72 15.24
N HIS A 79 7.43 15.94 14.82
CA HIS A 79 6.41 16.77 15.51
C HIS A 79 4.98 16.29 15.18
N HIS A 80 4.55 15.26 15.92
CA HIS A 80 3.16 14.73 15.85
C HIS A 80 2.19 15.70 16.56
N HIS A 81 1.18 16.19 15.83
CA HIS A 81 0.08 16.99 16.43
C HIS A 81 -0.86 16.05 17.23
N HIS A 82 -1.29 14.97 16.57
CA HIS A 82 -2.11 13.90 17.17
C HIS A 82 -2.05 12.62 16.30
N MET B 1 8.92 -13.52 3.48
CA MET B 1 7.66 -14.24 3.67
C MET B 1 6.47 -13.41 3.15
N ASP B 2 6.23 -12.25 3.80
CA ASP B 2 5.05 -11.38 3.48
C ASP B 2 5.22 -10.64 2.14
N LYS B 3 6.47 -10.51 1.63
CA LYS B 3 6.72 -9.95 0.27
C LYS B 3 6.06 -10.84 -0.84
N LYS B 4 5.82 -12.13 -0.50
CA LYS B 4 5.02 -13.07 -1.34
C LYS B 4 3.51 -13.05 -0.97
N ILE B 5 3.22 -13.00 0.36
CA ILE B 5 1.82 -13.05 0.87
C ILE B 5 0.99 -11.84 0.40
N VAL B 6 1.56 -10.62 0.47
CA VAL B 6 0.90 -9.39 -0.04
C VAL B 6 0.63 -9.49 -1.57
N GLY B 7 1.45 -10.30 -2.29
CA GLY B 7 1.20 -10.61 -3.71
C GLY B 7 -0.12 -11.38 -3.92
N ALA B 8 -0.32 -12.44 -3.12
CA ALA B 8 -1.55 -13.26 -3.15
C ALA B 8 -2.80 -12.45 -2.70
N ASN B 9 -2.61 -11.65 -1.63
CA ASN B 9 -3.66 -10.78 -1.04
C ASN B 9 -4.04 -9.64 -2.00
N ALA B 10 -3.05 -9.09 -2.73
CA ALA B 10 -3.26 -7.95 -3.66
C ALA B 10 -4.10 -8.38 -4.87
N GLY B 11 -3.82 -9.60 -5.36
CA GLY B 11 -4.60 -10.20 -6.45
C GLY B 11 -6.09 -10.31 -6.11
N LYS B 12 -6.37 -10.80 -4.89
CA LYS B 12 -7.74 -10.95 -4.34
C LYS B 12 -8.46 -9.58 -4.18
N VAL B 13 -7.71 -8.56 -3.69
CA VAL B 13 -8.20 -7.17 -3.54
C VAL B 13 -8.52 -6.52 -4.92
N TRP B 14 -7.68 -6.84 -5.93
CA TRP B 14 -7.84 -6.33 -7.31
C TRP B 14 -9.02 -7.01 -8.04
N HIS B 15 -9.27 -8.30 -7.75
CA HIS B 15 -10.40 -9.07 -8.33
C HIS B 15 -11.76 -8.42 -7.95
N ALA B 16 -11.81 -7.78 -6.77
CA ALA B 16 -12.99 -7.01 -6.31
C ALA B 16 -13.31 -5.82 -7.25
N LEU B 17 -12.28 -5.24 -7.93
CA LEU B 17 -12.45 -4.14 -8.92
C LEU B 17 -13.28 -4.60 -10.16
N ASN B 18 -13.13 -5.87 -10.56
CA ASN B 18 -13.90 -6.47 -11.69
C ASN B 18 -15.43 -6.44 -11.42
N GLU B 19 -15.81 -6.43 -10.13
CA GLU B 19 -17.23 -6.39 -9.69
C GLU B 19 -17.66 -4.93 -9.33
N ALA B 20 -16.76 -4.19 -8.66
CA ALA B 20 -17.07 -2.86 -8.09
C ALA B 20 -15.79 -1.98 -7.96
N ASP B 21 -15.93 -0.67 -8.25
CA ASP B 21 -14.82 0.31 -8.17
C ASP B 21 -15.20 1.52 -7.30
N GLY B 22 -14.20 2.36 -6.96
CA GLY B 22 -14.39 3.55 -6.12
C GLY B 22 -14.71 3.25 -4.65
N ILE B 23 -14.56 1.98 -4.26
CA ILE B 23 -14.90 1.51 -2.91
C ILE B 23 -13.71 1.71 -1.93
N SER B 24 -13.99 2.28 -0.75
CA SER B 24 -12.96 2.55 0.29
C SER B 24 -12.47 1.26 0.97
N ILE B 25 -11.27 1.36 1.57
CA ILE B 25 -10.49 0.22 2.09
C ILE B 25 -11.23 -0.69 3.15
N PRO B 26 -11.99 -0.14 4.19
CA PRO B 26 -12.69 -1.01 5.18
C PRO B 26 -13.87 -1.85 4.59
N GLU B 27 -14.54 -1.31 3.58
CA GLU B 27 -15.68 -1.98 2.89
C GLU B 27 -15.15 -3.05 1.92
N LEU B 28 -14.09 -2.66 1.24
CA LEU B 28 -13.27 -3.51 0.38
C LEU B 28 -12.67 -4.70 1.17
N ALA B 29 -12.24 -4.42 2.42
CA ALA B 29 -11.70 -5.43 3.37
C ALA B 29 -12.76 -6.49 3.73
N ARG B 30 -14.02 -6.03 3.89
CA ARG B 30 -15.20 -6.92 4.11
C ARG B 30 -15.40 -7.90 2.93
N LYS B 31 -15.27 -7.37 1.69
CA LYS B 31 -15.48 -8.16 0.44
C LYS B 31 -14.32 -9.17 0.21
N VAL B 32 -13.09 -8.76 0.53
CA VAL B 32 -11.87 -9.60 0.36
C VAL B 32 -11.52 -10.39 1.64
N ASN B 33 -12.40 -10.29 2.67
CA ASN B 33 -12.35 -11.15 3.90
C ASN B 33 -11.11 -10.84 4.82
N LEU B 34 -10.36 -9.76 4.52
CA LEU B 34 -9.12 -9.40 5.25
C LEU B 34 -9.36 -8.24 6.24
N SER B 35 -8.32 -7.91 7.04
CA SER B 35 -8.33 -6.70 7.91
C SER B 35 -8.14 -5.41 7.08
N VAL B 36 -8.58 -4.27 7.63
CA VAL B 36 -8.41 -2.94 6.99
C VAL B 36 -6.91 -2.63 6.71
N GLU B 37 -6.05 -2.97 7.68
CA GLU B 37 -4.58 -2.79 7.57
C GLU B 37 -3.95 -3.66 6.44
N SER B 38 -4.31 -4.96 6.42
CA SER B 38 -3.76 -5.94 5.46
C SER B 38 -4.29 -5.69 4.03
N THR B 39 -5.51 -5.16 3.92
CA THR B 39 -6.11 -4.75 2.61
C THR B 39 -5.44 -3.47 2.09
N ALA B 40 -5.25 -2.46 2.97
CA ALA B 40 -4.56 -1.17 2.61
C ALA B 40 -3.10 -1.41 2.15
N LEU B 41 -2.45 -2.38 2.79
CA LEU B 41 -1.10 -2.85 2.43
C LEU B 41 -1.11 -3.45 1.00
N ALA B 42 -2.06 -4.39 0.78
CA ALA B 42 -2.25 -5.08 -0.51
C ALA B 42 -2.59 -4.09 -1.65
N VAL B 43 -3.27 -2.99 -1.29
CA VAL B 43 -3.59 -1.88 -2.22
C VAL B 43 -2.30 -1.11 -2.64
N GLY B 44 -1.38 -0.96 -1.67
CA GLY B 44 -0.04 -0.40 -1.95
C GLY B 44 0.81 -1.30 -2.88
N TRP B 45 0.62 -2.63 -2.74
CA TRP B 45 1.28 -3.64 -3.62
C TRP B 45 0.63 -3.66 -5.04
N LEU B 46 -0.65 -3.26 -5.14
CA LEU B 46 -1.33 -3.02 -6.43
C LEU B 46 -0.80 -1.73 -7.11
N ALA B 47 -0.50 -0.70 -6.30
CA ALA B 47 0.19 0.52 -6.77
C ALA B 47 1.64 0.20 -7.24
N ARG B 48 2.26 -0.81 -6.58
CA ARG B 48 3.57 -1.36 -6.96
C ARG B 48 3.55 -1.94 -8.40
N GLU B 49 2.50 -2.71 -8.71
CA GLU B 49 2.28 -3.31 -10.06
C GLU B 49 1.57 -2.32 -11.03
N ASN B 50 1.31 -1.08 -10.56
CA ASN B 50 0.75 0.04 -11.36
C ASN B 50 -0.68 -0.25 -11.90
N LYS B 51 -1.40 -1.19 -11.24
CA LYS B 51 -2.72 -1.71 -11.71
C LYS B 51 -3.94 -1.11 -10.94
N VAL B 52 -3.72 -0.10 -10.08
CA VAL B 52 -4.83 0.68 -9.44
C VAL B 52 -4.58 2.19 -9.55
N VAL B 53 -5.67 2.97 -9.59
CA VAL B 53 -5.63 4.45 -9.61
C VAL B 53 -6.03 5.00 -8.21
N ILE B 54 -5.02 5.43 -7.40
CA ILE B 54 -5.26 5.98 -6.05
C ILE B 54 -5.76 7.44 -6.13
N GLU B 55 -7.02 7.66 -5.68
CA GLU B 55 -7.68 8.98 -5.72
C GLU B 55 -8.20 9.41 -4.33
N ARG B 56 -8.37 10.73 -4.13
CA ARG B 56 -8.96 11.31 -2.90
C ARG B 56 -10.25 12.09 -3.24
N LYS B 57 -11.43 11.54 -2.87
CA LYS B 57 -12.72 12.27 -2.96
C LYS B 57 -13.36 12.40 -1.57
N ASN B 58 -13.78 13.65 -1.22
CA ASN B 58 -14.41 13.99 0.09
C ASN B 58 -13.47 13.73 1.29
N GLY B 59 -12.14 13.87 1.06
CA GLY B 59 -11.10 13.59 2.07
C GLY B 59 -10.88 12.09 2.32
N LEU B 60 -11.44 11.25 1.43
CA LEU B 60 -11.48 9.78 1.57
C LEU B 60 -10.80 9.10 0.37
N ILE B 61 -9.97 8.07 0.64
CA ILE B 61 -9.21 7.35 -0.41
C ILE B 61 -10.12 6.32 -1.11
N GLU B 62 -10.26 6.44 -2.45
CA GLU B 62 -11.05 5.54 -3.30
C GLU B 62 -10.17 4.97 -4.44
N ILE B 63 -10.23 3.63 -4.65
CA ILE B 63 -9.44 2.93 -5.70
C ILE B 63 -10.29 2.64 -6.97
N TYR B 64 -9.79 3.06 -8.13
CA TYR B 64 -10.44 2.78 -9.44
C TYR B 64 -9.63 1.76 -10.27
N ASN B 65 -10.26 1.22 -11.33
CA ASN B 65 -9.63 0.28 -12.27
C ASN B 65 -8.52 0.98 -13.10
N GLU B 66 -7.42 0.24 -13.34
CA GLU B 66 -6.25 0.70 -14.14
C GLU B 66 -6.62 1.35 -15.50
N GLY B 67 -7.62 0.78 -16.21
CA GLY B 67 -7.90 1.09 -17.63
C GLY B 67 -8.12 2.57 -18.01
N HIS B 68 -8.37 3.45 -17.02
CA HIS B 68 -8.53 4.91 -17.26
C HIS B 68 -7.22 5.69 -16.93
N PHE B 69 -6.51 5.28 -15.85
CA PHE B 69 -5.25 5.96 -15.36
C PHE B 69 -5.44 7.50 -15.16
N ASP B 70 -6.62 7.88 -14.58
CA ASP B 70 -7.07 9.29 -14.38
C ASP B 70 -6.84 10.25 -15.61
N PHE B 71 -6.72 9.65 -16.81
CA PHE B 71 -6.44 10.38 -18.09
C PHE B 71 -7.09 9.64 -19.28
N SER B 72 -8.07 10.30 -19.93
CA SER B 72 -8.76 9.72 -21.11
C SER B 72 -7.90 9.90 -22.38
N PHE B 73 -7.74 8.81 -23.16
CA PHE B 73 -6.93 8.82 -24.40
C PHE B 73 -7.60 7.95 -25.51
N GLY B 74 -7.42 8.36 -26.78
CA GLY B 74 -7.96 7.62 -27.93
C GLY B 74 -7.62 8.26 -29.28
N LEU B 75 -6.33 8.18 -29.67
CA LEU B 75 -5.81 8.82 -30.92
C LEU B 75 -5.12 7.79 -31.85
N GLU B 76 -3.99 7.22 -31.37
CA GLU B 76 -3.04 6.44 -32.22
C GLU B 76 -3.31 4.91 -32.20
N HIS B 77 -2.72 4.21 -33.20
CA HIS B 77 -2.70 2.73 -33.29
C HIS B 77 -1.31 2.24 -33.78
N HIS B 78 -0.60 1.51 -32.91
CA HIS B 78 0.77 0.98 -33.19
C HIS B 78 0.75 -0.23 -34.17
N HIS B 79 -0.44 -0.75 -34.49
CA HIS B 79 -0.64 -1.98 -35.32
C HIS B 79 -0.24 -1.77 -36.83
N HIS B 80 0.33 -0.60 -37.19
CA HIS B 80 0.89 -0.36 -38.56
C HIS B 80 2.12 -1.29 -38.84
N HIS B 81 1.83 -2.53 -39.31
CA HIS B 81 2.84 -3.57 -39.64
C HIS B 81 2.16 -4.78 -40.33
N HIS B 82 2.79 -5.31 -41.39
CA HIS B 82 2.31 -6.54 -42.10
C HIS B 82 2.28 -7.77 -41.16
N MET A 1 -6.44 10.56 -8.43
CA MET A 1 -5.44 11.34 -9.21
C MET A 1 -4.07 10.64 -9.19
N ASP A 2 -2.96 11.43 -9.23
CA ASP A 2 -1.55 10.94 -9.23
C ASP A 2 -1.29 9.82 -8.19
N LYS A 3 -0.66 8.73 -8.65
CA LYS A 3 -0.13 7.66 -7.78
C LYS A 3 1.20 8.13 -7.11
N LYS A 4 1.70 9.30 -7.56
CA LYS A 4 2.81 10.04 -6.93
C LYS A 4 2.50 10.51 -5.48
N ILE A 5 1.20 10.51 -5.09
CA ILE A 5 0.77 10.76 -3.69
C ILE A 5 1.41 9.74 -2.72
N VAL A 6 1.21 8.43 -3.00
CA VAL A 6 1.78 7.33 -2.17
C VAL A 6 3.32 7.28 -2.30
N GLY A 7 3.86 7.79 -3.43
CA GLY A 7 5.31 7.96 -3.61
C GLY A 7 5.92 9.04 -2.72
N ALA A 8 5.20 10.17 -2.59
CA ALA A 8 5.64 11.34 -1.79
C ALA A 8 5.64 11.03 -0.27
N ASN A 9 4.48 10.57 0.25
CA ASN A 9 4.30 10.30 1.71
C ASN A 9 5.15 9.09 2.21
N ALA A 10 5.58 8.23 1.26
CA ALA A 10 6.40 7.04 1.56
C ALA A 10 7.83 7.42 2.01
N GLY A 11 8.33 8.58 1.54
CA GLY A 11 9.66 9.08 1.92
C GLY A 11 9.76 9.47 3.40
N LYS A 12 8.72 10.15 3.91
CA LYS A 12 8.62 10.57 5.32
C LYS A 12 8.49 9.37 6.29
N VAL A 13 7.60 8.42 5.96
CA VAL A 13 7.35 7.22 6.81
C VAL A 13 8.57 6.26 6.84
N TRP A 14 9.31 6.20 5.71
CA TRP A 14 10.56 5.41 5.59
C TRP A 14 11.72 6.08 6.40
N HIS A 15 11.73 7.42 6.44
CA HIS A 15 12.71 8.20 7.26
C HIS A 15 12.57 7.89 8.77
N ALA A 16 11.32 7.65 9.21
CA ALA A 16 11.00 7.21 10.58
C ALA A 16 11.61 5.83 10.92
N LEU A 17 11.71 4.95 9.90
CA LEU A 17 12.27 3.59 10.03
C LEU A 17 13.81 3.59 10.18
N ASN A 18 14.48 4.57 9.52
CA ASN A 18 15.96 4.80 9.67
C ASN A 18 16.35 5.17 11.12
N GLU A 19 15.44 5.89 11.80
CA GLU A 19 15.58 6.21 13.23
C GLU A 19 15.24 4.96 14.09
N ALA A 20 14.05 4.40 13.84
CA ALA A 20 13.49 3.30 14.66
C ALA A 20 12.49 2.46 13.84
N ASP A 21 12.96 1.30 13.31
CA ASP A 21 12.09 0.32 12.63
C ASP A 21 11.61 -0.74 13.64
N GLY A 22 10.41 -1.30 13.39
CA GLY A 22 9.72 -2.11 14.40
C GLY A 22 8.78 -1.25 15.23
N ILE A 23 7.77 -0.69 14.53
CA ILE A 23 6.81 0.26 15.09
C ILE A 23 5.42 0.05 14.44
N SER A 24 4.38 -0.17 15.29
CA SER A 24 2.99 -0.47 14.84
C SER A 24 2.43 0.63 13.91
N ILE A 25 1.52 0.24 12.97
CA ILE A 25 0.99 1.15 11.92
C ILE A 25 0.37 2.48 12.51
N PRO A 26 -0.55 2.45 13.57
CA PRO A 26 -1.14 3.69 14.13
C PRO A 26 -0.18 4.56 15.01
N GLU A 27 0.85 3.91 15.58
CA GLU A 27 1.89 4.60 16.41
C GLU A 27 2.80 5.43 15.48
N LEU A 28 3.17 4.76 14.40
CA LEU A 28 3.92 5.30 13.27
C LEU A 28 3.11 6.38 12.50
N ALA A 29 1.79 6.13 12.34
CA ALA A 29 0.85 7.04 11.63
C ALA A 29 0.71 8.41 12.33
N ARG A 30 0.69 8.39 13.68
CA ARG A 30 0.61 9.61 14.51
C ARG A 30 1.92 10.42 14.44
N LYS A 31 3.06 9.70 14.42
CA LYS A 31 4.40 10.30 14.26
C LYS A 31 4.52 11.07 12.92
N VAL A 32 4.17 10.38 11.81
CA VAL A 32 4.24 10.95 10.45
C VAL A 32 2.94 11.74 10.09
N ASN A 33 1.98 11.81 11.05
CA ASN A 33 0.71 12.58 10.94
C ASN A 33 -0.23 12.12 9.79
N LEU A 34 0.02 10.92 9.23
CA LEU A 34 -0.84 10.31 8.19
C LEU A 34 -1.93 9.43 8.85
N SER A 35 -3.01 9.15 8.10
CA SER A 35 -4.01 8.14 8.53
C SER A 35 -3.40 6.70 8.51
N VAL A 36 -3.92 5.80 9.37
CA VAL A 36 -3.45 4.39 9.47
C VAL A 36 -3.45 3.66 8.09
N GLU A 37 -4.56 3.83 7.35
CA GLU A 37 -4.71 3.31 5.97
C GLU A 37 -3.65 3.91 4.99
N SER A 38 -3.44 5.24 5.10
CA SER A 38 -2.44 5.99 4.27
C SER A 38 -1.00 5.50 4.54
N THR A 39 -0.72 5.17 5.81
CA THR A 39 0.60 4.68 6.27
C THR A 39 0.88 3.26 5.73
N ALA A 40 -0.07 2.32 5.97
CA ALA A 40 0.02 0.91 5.50
C ALA A 40 0.14 0.80 3.96
N LEU A 41 -0.54 1.72 3.26
CA LEU A 41 -0.51 1.84 1.78
C LEU A 41 0.90 2.28 1.30
N ALA A 42 1.40 3.38 1.91
CA ALA A 42 2.74 3.95 1.61
C ALA A 42 3.87 2.95 1.91
N VAL A 43 3.63 2.07 2.88
CA VAL A 43 4.55 0.97 3.25
C VAL A 43 4.52 -0.16 2.19
N GLY A 44 3.31 -0.46 1.64
CA GLY A 44 3.17 -1.40 0.52
C GLY A 44 3.84 -0.90 -0.77
N TRP A 45 3.92 0.44 -0.90
CA TRP A 45 4.65 1.12 -1.99
C TRP A 45 6.19 0.94 -1.83
N LEU A 46 6.69 1.05 -0.59
CA LEU A 46 8.12 0.81 -0.25
C LEU A 46 8.52 -0.67 -0.45
N ALA A 47 7.56 -1.58 -0.17
CA ALA A 47 7.72 -3.05 -0.36
C ALA A 47 8.06 -3.45 -1.82
N ARG A 48 7.63 -2.62 -2.82
CA ARG A 48 7.90 -2.88 -4.26
C ARG A 48 9.42 -2.98 -4.57
N GLU A 49 10.22 -2.21 -3.80
CA GLU A 49 11.69 -2.11 -3.96
C GLU A 49 12.42 -2.52 -2.66
N ASN A 50 11.75 -3.39 -1.87
CA ASN A 50 12.32 -4.11 -0.69
C ASN A 50 12.82 -3.17 0.45
N LYS A 51 12.29 -1.93 0.50
CA LYS A 51 12.69 -0.92 1.50
C LYS A 51 12.11 -1.23 2.91
N VAL A 52 11.07 -2.09 2.98
CA VAL A 52 10.45 -2.52 4.26
C VAL A 52 10.40 -4.06 4.39
N VAL A 53 10.46 -4.55 5.64
CA VAL A 53 10.23 -5.97 5.98
C VAL A 53 8.85 -6.11 6.69
N ILE A 54 7.96 -6.97 6.15
CA ILE A 54 6.57 -7.11 6.62
C ILE A 54 6.40 -8.40 7.47
N GLU A 55 6.01 -8.25 8.75
CA GLU A 55 5.75 -9.38 9.66
C GLU A 55 4.32 -9.30 10.27
N ARG A 56 3.45 -10.25 9.88
CA ARG A 56 2.08 -10.36 10.43
C ARG A 56 2.11 -11.09 11.78
N LYS A 57 2.09 -10.29 12.86
CA LYS A 57 2.12 -10.76 14.24
C LYS A 57 0.73 -10.58 14.88
N ASN A 58 0.04 -11.71 15.18
CA ASN A 58 -1.30 -11.73 15.85
C ASN A 58 -2.40 -11.00 15.02
N GLY A 59 -2.28 -11.04 13.68
CA GLY A 59 -3.24 -10.38 12.77
C GLY A 59 -2.88 -8.91 12.44
N LEU A 60 -1.91 -8.35 13.19
CA LEU A 60 -1.41 -6.96 12.99
C LEU A 60 -0.12 -6.97 12.15
N ILE A 61 -0.01 -6.04 11.19
CA ILE A 61 1.18 -5.93 10.32
C ILE A 61 2.26 -5.01 10.97
N GLU A 62 3.50 -5.54 11.02
CA GLU A 62 4.66 -4.86 11.63
C GLU A 62 5.67 -4.42 10.54
N ILE A 63 6.19 -3.17 10.67
CA ILE A 63 6.98 -2.52 9.59
C ILE A 63 8.44 -2.33 10.05
N TYR A 64 9.35 -3.00 9.35
CA TYR A 64 10.81 -2.89 9.56
C TYR A 64 11.48 -2.24 8.32
N ASN A 65 12.79 -1.95 8.42
CA ASN A 65 13.57 -1.30 7.33
C ASN A 65 14.37 -2.36 6.52
N GLU A 66 14.81 -1.97 5.31
CA GLU A 66 15.76 -2.75 4.47
C GLU A 66 17.09 -3.06 5.23
N GLY A 67 17.52 -2.10 6.08
CA GLY A 67 18.74 -2.26 6.91
C GLY A 67 18.59 -3.24 8.09
N HIS A 68 17.39 -3.86 8.23
CA HIS A 68 17.14 -4.91 9.26
C HIS A 68 17.85 -6.24 8.91
N PHE A 69 18.11 -6.44 7.59
CA PHE A 69 18.84 -7.64 7.09
C PHE A 69 20.35 -7.61 7.49
N ASP A 70 21.01 -8.77 7.33
CA ASP A 70 22.44 -8.96 7.65
C ASP A 70 23.37 -8.04 6.81
N PHE A 71 24.52 -7.65 7.42
CA PHE A 71 25.47 -6.69 6.80
C PHE A 71 26.19 -7.24 5.54
N SER A 72 26.14 -8.57 5.34
CA SER A 72 26.74 -9.22 4.15
C SER A 72 25.90 -8.95 2.88
N PHE A 73 24.59 -9.26 2.95
CA PHE A 73 23.63 -9.19 1.80
C PHE A 73 24.06 -10.13 0.64
N GLY A 74 23.30 -11.20 0.39
CA GLY A 74 23.63 -12.20 -0.66
C GLY A 74 23.49 -11.68 -2.10
N LEU A 75 22.96 -10.45 -2.26
CA LEU A 75 22.76 -9.80 -3.59
C LEU A 75 24.12 -9.60 -4.31
N GLU A 76 24.36 -10.42 -5.38
CA GLU A 76 25.63 -10.43 -6.17
C GLU A 76 26.85 -10.85 -5.30
N HIS A 77 26.57 -11.50 -4.14
CA HIS A 77 27.62 -11.92 -3.16
C HIS A 77 27.55 -13.45 -2.86
N HIS A 78 26.96 -14.24 -3.79
CA HIS A 78 26.99 -15.73 -3.70
C HIS A 78 27.16 -16.37 -5.10
N HIS A 79 27.81 -17.55 -5.12
CA HIS A 79 28.02 -18.37 -6.34
C HIS A 79 27.80 -19.87 -6.00
N HIS A 80 27.56 -20.69 -7.04
CA HIS A 80 27.59 -22.16 -6.92
C HIS A 80 29.07 -22.61 -6.96
N HIS A 81 29.52 -23.31 -5.89
CA HIS A 81 30.95 -23.53 -5.56
C HIS A 81 31.78 -24.17 -6.71
N HIS A 82 32.34 -23.30 -7.57
CA HIS A 82 33.26 -23.67 -8.68
C HIS A 82 34.34 -22.58 -8.87
N MET B 1 9.14 -15.62 1.33
CA MET B 1 7.82 -16.09 0.85
C MET B 1 6.77 -14.94 0.89
N ASP B 2 7.02 -13.95 1.77
CA ASP B 2 6.11 -12.80 2.03
C ASP B 2 5.71 -12.02 0.74
N LYS B 3 6.65 -11.94 -0.22
CA LYS B 3 6.43 -11.25 -1.51
C LYS B 3 5.32 -11.93 -2.36
N LYS B 4 5.26 -13.27 -2.30
CA LYS B 4 4.19 -14.08 -2.95
C LYS B 4 2.85 -14.00 -2.17
N ILE B 5 2.94 -13.86 -0.82
CA ILE B 5 1.74 -13.73 0.04
C ILE B 5 0.98 -12.42 -0.26
N VAL B 6 1.69 -11.26 -0.21
CA VAL B 6 1.11 -9.95 -0.55
C VAL B 6 0.70 -9.86 -2.05
N GLY B 7 1.39 -10.66 -2.90
CA GLY B 7 0.99 -10.83 -4.31
C GLY B 7 -0.39 -11.50 -4.48
N ALA B 8 -0.66 -12.52 -3.64
CA ALA B 8 -1.96 -13.23 -3.60
C ALA B 8 -3.07 -12.34 -2.98
N ASN B 9 -2.68 -11.56 -1.95
CA ASN B 9 -3.56 -10.57 -1.31
C ASN B 9 -3.96 -9.45 -2.31
N ALA B 10 -2.97 -9.02 -3.12
CA ALA B 10 -3.13 -7.92 -4.10
C ALA B 10 -4.01 -8.33 -5.28
N GLY B 11 -3.78 -9.58 -5.77
CA GLY B 11 -4.57 -10.15 -6.87
C GLY B 11 -6.07 -10.19 -6.55
N LYS B 12 -6.40 -10.73 -5.35
CA LYS B 12 -7.79 -10.83 -4.84
C LYS B 12 -8.47 -9.43 -4.70
N VAL B 13 -7.74 -8.45 -4.12
CA VAL B 13 -8.22 -7.05 -4.00
C VAL B 13 -8.57 -6.45 -5.40
N TRP B 14 -7.67 -6.65 -6.37
CA TRP B 14 -7.82 -6.13 -7.75
C TRP B 14 -8.97 -6.85 -8.50
N HIS B 15 -9.14 -8.16 -8.25
CA HIS B 15 -10.25 -8.94 -8.85
C HIS B 15 -11.62 -8.41 -8.36
N ALA B 16 -11.67 -7.92 -7.12
CA ALA B 16 -12.85 -7.22 -6.58
C ALA B 16 -13.04 -5.82 -7.22
N LEU B 17 -11.91 -5.16 -7.59
CA LEU B 17 -11.93 -3.85 -8.29
C LEU B 17 -12.38 -4.00 -9.77
N ASN B 18 -12.06 -5.18 -10.36
CA ASN B 18 -12.36 -5.50 -11.77
C ASN B 18 -13.90 -5.61 -12.00
N GLU B 19 -14.63 -6.02 -10.96
CA GLU B 19 -16.11 -6.09 -10.98
C GLU B 19 -16.75 -4.86 -10.28
N ALA B 20 -16.03 -4.26 -9.30
CA ALA B 20 -16.54 -3.13 -8.48
C ALA B 20 -15.38 -2.31 -7.84
N ASP B 21 -14.89 -1.29 -8.57
CA ASP B 21 -13.84 -0.38 -8.08
C ASP B 21 -14.45 0.88 -7.41
N GLY B 22 -13.58 1.72 -6.81
CA GLY B 22 -14.03 2.91 -6.08
C GLY B 22 -14.73 2.57 -4.78
N ILE B 23 -13.99 1.97 -3.86
CA ILE B 23 -14.53 1.41 -2.60
C ILE B 23 -13.53 1.62 -1.43
N SER B 24 -14.08 1.90 -0.23
CA SER B 24 -13.30 2.07 1.02
C SER B 24 -12.51 0.79 1.37
N ILE B 25 -11.26 0.96 1.84
CA ILE B 25 -10.34 -0.15 2.19
C ILE B 25 -10.94 -1.22 3.18
N PRO B 26 -11.65 -0.85 4.33
CA PRO B 26 -12.23 -1.86 5.27
C PRO B 26 -13.50 -2.57 4.73
N GLU B 27 -14.23 -1.90 3.81
CA GLU B 27 -15.44 -2.48 3.16
C GLU B 27 -15.01 -3.49 2.09
N LEU B 28 -14.04 -3.06 1.29
CA LEU B 28 -13.31 -3.88 0.32
C LEU B 28 -12.66 -5.11 1.00
N ALA B 29 -12.11 -4.90 2.22
CA ALA B 29 -11.52 -5.98 3.06
C ALA B 29 -12.56 -7.07 3.45
N ARG B 30 -13.80 -6.64 3.76
CA ARG B 30 -14.89 -7.56 4.17
C ARG B 30 -15.43 -8.36 2.95
N LYS B 31 -15.24 -7.78 1.73
CA LYS B 31 -15.59 -8.47 0.46
C LYS B 31 -14.52 -9.52 0.07
N VAL B 32 -13.23 -9.13 0.20
CA VAL B 32 -12.08 -9.97 -0.23
C VAL B 32 -11.60 -10.97 0.88
N ASN B 33 -12.34 -10.98 2.01
CA ASN B 33 -12.08 -11.88 3.20
C ASN B 33 -10.71 -11.63 3.89
N LEU B 34 -10.02 -10.52 3.55
CA LEU B 34 -8.71 -10.14 4.12
C LEU B 34 -8.88 -9.08 5.22
N SER B 35 -7.83 -8.92 6.06
CA SER B 35 -7.74 -7.82 7.06
C SER B 35 -7.63 -6.43 6.39
N VAL B 36 -8.04 -5.37 7.11
CA VAL B 36 -7.96 -3.96 6.62
C VAL B 36 -6.51 -3.56 6.24
N GLU B 37 -5.59 -3.83 7.17
CA GLU B 37 -4.12 -3.64 6.98
C GLU B 37 -3.59 -4.43 5.76
N SER B 38 -4.06 -5.71 5.64
CA SER B 38 -3.69 -6.63 4.53
C SER B 38 -4.14 -6.10 3.16
N THR B 39 -5.32 -5.46 3.13
CA THR B 39 -5.89 -4.86 1.90
C THR B 39 -5.12 -3.57 1.51
N ALA B 40 -4.89 -2.66 2.49
CA ALA B 40 -4.19 -1.35 2.25
C ALA B 40 -2.75 -1.55 1.71
N LEU B 41 -2.02 -2.51 2.30
CA LEU B 41 -0.66 -2.94 1.85
C LEU B 41 -0.74 -3.49 0.40
N ALA B 42 -1.71 -4.42 0.20
CA ALA B 42 -1.94 -5.09 -1.09
C ALA B 42 -2.24 -4.10 -2.23
N VAL B 43 -2.82 -2.94 -1.86
CA VAL B 43 -3.09 -1.82 -2.81
C VAL B 43 -1.77 -1.16 -3.28
N GLY B 44 -0.80 -1.03 -2.35
CA GLY B 44 0.56 -0.55 -2.70
C GLY B 44 1.32 -1.54 -3.61
N TRP B 45 1.01 -2.83 -3.45
CA TRP B 45 1.55 -3.92 -4.30
C TRP B 45 0.88 -3.96 -5.71
N LEU B 46 -0.37 -3.47 -5.79
CA LEU B 46 -1.03 -3.19 -7.09
C LEU B 46 -0.47 -1.90 -7.73
N ALA B 47 -0.15 -0.92 -6.87
CA ALA B 47 0.40 0.39 -7.27
C ALA B 47 1.77 0.29 -7.97
N ARG B 48 2.62 -0.69 -7.56
CA ARG B 48 3.89 -0.97 -8.27
C ARG B 48 3.64 -1.47 -9.71
N GLU B 49 2.56 -2.24 -9.89
CA GLU B 49 2.13 -2.79 -11.19
C GLU B 49 1.30 -1.76 -12.01
N ASN B 50 1.05 -0.57 -11.39
CA ASN B 50 0.30 0.58 -12.00
C ASN B 50 -1.19 0.25 -12.27
N LYS B 51 -1.73 -0.71 -11.48
CA LYS B 51 -3.08 -1.29 -11.70
C LYS B 51 -4.21 -0.62 -10.86
N VAL B 52 -3.89 0.40 -10.04
CA VAL B 52 -4.91 1.13 -9.23
C VAL B 52 -4.83 2.67 -9.43
N VAL B 53 -5.98 3.33 -9.25
CA VAL B 53 -6.09 4.82 -9.15
C VAL B 53 -6.48 5.17 -7.69
N ILE B 54 -5.67 6.01 -7.02
CA ILE B 54 -5.86 6.34 -5.60
C ILE B 54 -6.20 7.83 -5.46
N GLU B 55 -7.32 8.12 -4.78
CA GLU B 55 -7.93 9.46 -4.74
C GLU B 55 -8.50 9.78 -3.35
N ARG B 56 -8.13 10.95 -2.80
CA ARG B 56 -8.64 11.44 -1.50
C ARG B 56 -9.83 12.37 -1.73
N LYS B 57 -11.03 11.82 -1.58
CA LYS B 57 -12.29 12.56 -1.72
C LYS B 57 -12.90 12.82 -0.33
N ASN B 58 -13.15 14.12 -0.04
CA ASN B 58 -13.57 14.62 1.30
C ASN B 58 -12.52 14.26 2.40
N GLY B 59 -11.24 14.16 1.97
CA GLY B 59 -10.13 13.71 2.84
C GLY B 59 -9.89 12.19 2.82
N LEU B 60 -10.94 11.40 2.54
CA LEU B 60 -10.92 9.92 2.66
C LEU B 60 -10.55 9.24 1.31
N ILE B 61 -9.69 8.21 1.38
CA ILE B 61 -9.18 7.47 0.19
C ILE B 61 -10.21 6.44 -0.35
N GLU B 62 -10.35 6.41 -1.70
CA GLU B 62 -11.07 5.32 -2.43
C GLU B 62 -10.10 4.66 -3.43
N ILE B 63 -10.06 3.32 -3.43
CA ILE B 63 -9.22 2.53 -4.35
C ILE B 63 -10.00 2.18 -5.64
N TYR B 64 -9.64 2.82 -6.76
CA TYR B 64 -10.19 2.54 -8.11
C TYR B 64 -9.27 1.59 -8.91
N ASN B 65 -9.76 1.08 -10.06
CA ASN B 65 -8.98 0.19 -10.96
C ASN B 65 -8.41 0.98 -12.16
N GLU B 66 -7.32 0.46 -12.75
CA GLU B 66 -6.70 0.98 -14.00
C GLU B 66 -7.66 0.83 -15.21
N GLY B 67 -8.39 -0.30 -15.27
CA GLY B 67 -9.40 -0.56 -16.32
C GLY B 67 -10.72 0.20 -16.10
N HIS B 68 -10.62 1.54 -16.02
CA HIS B 68 -11.76 2.44 -15.77
C HIS B 68 -11.59 3.74 -16.59
N PHE B 69 -10.33 4.20 -16.75
CA PHE B 69 -9.99 5.44 -17.51
C PHE B 69 -9.45 5.14 -18.94
N ASP B 70 -9.81 3.96 -19.49
CA ASP B 70 -9.29 3.50 -20.82
C ASP B 70 -9.76 4.37 -22.03
N PHE B 71 -10.74 5.28 -21.82
CA PHE B 71 -11.15 6.29 -22.83
C PHE B 71 -10.15 7.49 -22.84
N SER B 72 -9.51 7.75 -21.68
CA SER B 72 -8.41 8.74 -21.57
C SER B 72 -7.13 8.15 -22.22
N PHE B 73 -6.95 8.43 -23.53
CA PHE B 73 -5.83 7.92 -24.33
C PHE B 73 -4.50 8.65 -23.98
N GLY B 74 -3.86 8.18 -22.90
CA GLY B 74 -2.55 8.65 -22.45
C GLY B 74 -1.62 7.49 -22.09
N LEU B 75 -1.61 6.48 -22.97
CA LEU B 75 -0.90 5.19 -22.76
C LEU B 75 0.56 5.21 -23.29
N GLU B 76 1.08 6.38 -23.73
CA GLU B 76 2.47 6.50 -24.21
C GLU B 76 3.48 6.31 -23.04
N HIS B 77 4.36 5.31 -23.19
CA HIS B 77 5.37 4.94 -22.19
C HIS B 77 6.80 4.99 -22.79
N HIS B 78 6.99 5.81 -23.85
CA HIS B 78 8.32 6.04 -24.46
C HIS B 78 9.24 6.84 -23.51
N HIS B 79 9.92 6.10 -22.61
CA HIS B 79 10.91 6.66 -21.66
C HIS B 79 12.34 6.53 -22.26
N HIS B 80 13.35 6.98 -21.50
CA HIS B 80 14.77 6.82 -21.88
C HIS B 80 15.22 5.37 -21.60
N HIS B 81 15.90 4.76 -22.59
CA HIS B 81 16.32 3.34 -22.54
C HIS B 81 17.65 3.16 -23.29
N HIS B 82 18.53 2.30 -22.73
CA HIS B 82 19.88 2.03 -23.30
C HIS B 82 20.34 0.62 -22.92
N MET A 1 -2.13 11.06 -10.70
CA MET A 1 -1.51 11.94 -9.66
C MET A 1 -1.05 11.13 -8.43
N ASP A 2 -1.81 10.05 -8.14
CA ASP A 2 -1.64 9.18 -6.95
C ASP A 2 -0.22 8.60 -6.78
N LYS A 3 0.47 8.34 -7.91
CA LYS A 3 1.75 7.62 -7.94
C LYS A 3 2.88 8.41 -7.20
N LYS A 4 2.92 9.76 -7.39
CA LYS A 4 3.90 10.63 -6.69
C LYS A 4 3.44 10.97 -5.26
N ILE A 5 2.11 10.94 -5.02
CA ILE A 5 1.52 11.18 -3.68
C ILE A 5 1.95 10.08 -2.69
N VAL A 6 1.61 8.82 -3.00
CA VAL A 6 2.00 7.65 -2.18
C VAL A 6 3.54 7.48 -2.11
N GLY A 7 4.25 7.95 -3.16
CA GLY A 7 5.72 8.01 -3.17
C GLY A 7 6.30 9.02 -2.17
N ALA A 8 5.68 10.21 -2.12
CA ALA A 8 6.09 11.31 -1.22
C ALA A 8 5.90 10.93 0.27
N ASN A 9 4.72 10.36 0.59
CA ASN A 9 4.38 9.91 1.95
C ASN A 9 5.20 8.67 2.39
N ALA A 10 5.62 7.85 1.42
CA ALA A 10 6.41 6.62 1.66
C ALA A 10 7.85 6.96 2.13
N GLY A 11 8.42 8.02 1.54
CA GLY A 11 9.77 8.49 1.93
C GLY A 11 9.84 8.95 3.39
N LYS A 12 8.76 9.60 3.87
CA LYS A 12 8.68 10.13 5.24
C LYS A 12 8.42 9.02 6.30
N VAL A 13 7.50 8.07 5.99
CA VAL A 13 7.19 6.93 6.93
C VAL A 13 8.42 6.02 7.11
N TRP A 14 9.22 5.87 6.03
CA TRP A 14 10.49 5.10 6.07
C TRP A 14 11.58 5.84 6.90
N HIS A 15 11.56 7.18 6.87
CA HIS A 15 12.46 8.02 7.70
C HIS A 15 12.21 7.78 9.21
N ALA A 16 10.93 7.61 9.57
CA ALA A 16 10.50 7.26 10.94
C ALA A 16 10.87 5.80 11.32
N LEU A 17 10.87 4.90 10.31
CA LEU A 17 11.34 3.50 10.46
C LEU A 17 12.89 3.43 10.63
N ASN A 18 13.62 4.33 9.96
CA ASN A 18 15.09 4.41 10.06
C ASN A 18 15.51 4.88 11.48
N GLU A 19 14.60 5.63 12.15
CA GLU A 19 14.72 5.98 13.58
C GLU A 19 14.31 4.78 14.48
N ALA A 20 13.17 4.15 14.15
CA ALA A 20 12.58 3.03 14.94
C ALA A 20 11.66 2.14 14.06
N ASP A 21 12.21 1.02 13.54
CA ASP A 21 11.44 0.00 12.79
C ASP A 21 10.77 -1.03 13.72
N GLY A 22 9.91 -1.90 13.15
CA GLY A 22 9.14 -2.87 13.95
C GLY A 22 7.97 -2.25 14.72
N ILE A 23 7.69 -0.97 14.41
CA ILE A 23 6.57 -0.21 14.98
C ILE A 23 5.25 -0.63 14.28
N SER A 24 4.09 -0.40 14.92
CA SER A 24 2.77 -0.68 14.29
C SER A 24 2.39 0.46 13.32
N ILE A 25 1.61 0.12 12.27
CA ILE A 25 1.18 1.08 11.21
C ILE A 25 0.45 2.37 11.78
N PRO A 26 -0.55 2.26 12.73
CA PRO A 26 -1.26 3.47 13.27
C PRO A 26 -0.36 4.37 14.17
N GLU A 27 0.69 3.78 14.77
CA GLU A 27 1.65 4.51 15.62
C GLU A 27 2.58 5.34 14.73
N LEU A 28 3.09 4.66 13.70
CA LEU A 28 3.90 5.23 12.61
C LEU A 28 3.14 6.37 11.87
N ALA A 29 1.82 6.18 11.69
CA ALA A 29 0.91 7.19 11.09
C ALA A 29 0.91 8.51 11.90
N ARG A 30 0.89 8.37 13.23
CA ARG A 30 0.95 9.51 14.18
C ARG A 30 2.31 10.25 14.10
N LYS A 31 3.41 9.48 13.91
CA LYS A 31 4.79 10.04 13.79
C LYS A 31 4.91 10.98 12.56
N VAL A 32 4.20 10.63 11.48
CA VAL A 32 4.21 11.37 10.22
C VAL A 32 2.93 12.22 9.99
N ASN A 33 2.04 12.26 11.01
CA ASN A 33 0.77 13.06 11.02
C ASN A 33 -0.23 12.65 9.90
N LEU A 34 -0.09 11.43 9.35
CA LEU A 34 -1.02 10.88 8.33
C LEU A 34 -2.03 9.92 8.97
N SER A 35 -3.08 9.54 8.20
CA SER A 35 -4.03 8.47 8.62
C SER A 35 -3.42 7.06 8.47
N VAL A 36 -3.97 6.11 9.24
CA VAL A 36 -3.53 4.68 9.23
C VAL A 36 -3.59 4.07 7.81
N GLU A 37 -4.70 4.36 7.11
CA GLU A 37 -4.96 3.90 5.72
C GLU A 37 -3.93 4.49 4.72
N SER A 38 -3.59 5.78 4.92
CA SER A 38 -2.60 6.52 4.08
C SER A 38 -1.17 5.97 4.29
N THR A 39 -0.87 5.57 5.54
CA THR A 39 0.46 5.05 5.93
C THR A 39 0.67 3.59 5.47
N ALA A 40 -0.33 2.71 5.70
CA ALA A 40 -0.29 1.27 5.25
C ALA A 40 -0.14 1.15 3.72
N LEU A 41 -0.79 2.09 3.02
CA LEU A 41 -0.69 2.25 1.55
C LEU A 41 0.77 2.65 1.15
N ALA A 42 1.30 3.68 1.83
CA ALA A 42 2.67 4.19 1.60
C ALA A 42 3.74 3.11 1.91
N VAL A 43 3.42 2.20 2.85
CA VAL A 43 4.26 1.02 3.16
C VAL A 43 4.26 0.02 1.98
N GLY A 44 3.11 -0.09 1.29
CA GLY A 44 3.00 -0.86 0.05
C GLY A 44 3.85 -0.30 -1.11
N TRP A 45 4.06 1.04 -1.12
CA TRP A 45 4.98 1.72 -2.06
C TRP A 45 6.45 1.39 -1.71
N LEU A 46 6.76 1.32 -0.40
CA LEU A 46 8.09 0.89 0.08
C LEU A 46 8.34 -0.61 -0.23
N ALA A 47 7.26 -1.42 -0.23
CA ALA A 47 7.30 -2.83 -0.68
C ALA A 47 7.57 -2.93 -2.21
N ARG A 48 7.11 -1.91 -2.98
CA ARG A 48 7.51 -1.73 -4.40
C ARG A 48 9.03 -1.47 -4.52
N GLU A 49 9.50 -0.49 -3.73
CA GLU A 49 10.92 -0.06 -3.72
C GLU A 49 11.82 -1.02 -2.89
N ASN A 50 11.19 -2.07 -2.30
CA ASN A 50 11.85 -3.16 -1.53
C ASN A 50 12.59 -2.64 -0.26
N LYS A 51 12.16 -1.46 0.22
CA LYS A 51 12.70 -0.79 1.41
C LYS A 51 12.17 -1.39 2.73
N VAL A 52 11.04 -2.13 2.69
CA VAL A 52 10.41 -2.71 3.91
C VAL A 52 10.06 -4.20 3.76
N VAL A 53 9.92 -4.89 4.91
CA VAL A 53 9.44 -6.28 5.03
C VAL A 53 8.31 -6.37 6.10
N ILE A 54 7.11 -6.81 5.67
CA ILE A 54 5.88 -6.80 6.51
C ILE A 54 5.67 -8.20 7.15
N GLU A 55 5.91 -8.32 8.47
CA GLU A 55 5.91 -9.63 9.17
C GLU A 55 4.80 -9.69 10.26
N ARG A 56 4.10 -10.84 10.33
CA ARG A 56 3.02 -11.09 11.31
C ARG A 56 3.62 -11.71 12.60
N LYS A 57 3.79 -10.87 13.63
CA LYS A 57 4.32 -11.29 14.95
C LYS A 57 3.20 -11.31 16.01
N ASN A 58 2.95 -12.51 16.60
CA ASN A 58 1.86 -12.78 17.58
C ASN A 58 0.45 -12.45 17.01
N GLY A 59 0.31 -12.63 15.67
CA GLY A 59 -0.92 -12.28 14.94
C GLY A 59 -0.97 -10.83 14.44
N LEU A 60 -0.17 -9.94 15.06
CA LEU A 60 -0.16 -8.48 14.75
C LEU A 60 0.76 -8.18 13.54
N ILE A 61 0.28 -7.29 12.65
CA ILE A 61 1.04 -6.83 11.47
C ILE A 61 1.99 -5.68 11.89
N GLU A 62 3.32 -5.93 11.82
CA GLU A 62 4.36 -4.92 12.11
C GLU A 62 5.25 -4.76 10.86
N ILE A 63 5.62 -3.52 10.52
CA ILE A 63 6.43 -3.23 9.33
C ILE A 63 7.91 -2.93 9.72
N TYR A 64 8.81 -3.70 9.12
CA TYR A 64 10.27 -3.65 9.36
C TYR A 64 10.97 -3.07 8.12
N ASN A 65 12.28 -2.78 8.23
CA ASN A 65 13.08 -2.31 7.08
C ASN A 65 13.80 -3.48 6.35
N GLU A 66 14.34 -3.17 5.17
CA GLU A 66 15.24 -4.06 4.40
C GLU A 66 16.55 -4.39 5.18
N GLY A 67 16.88 -3.53 6.17
CA GLY A 67 17.99 -3.76 7.09
C GLY A 67 17.72 -4.87 8.14
N HIS A 68 16.51 -5.49 8.09
CA HIS A 68 16.15 -6.67 8.92
C HIS A 68 17.05 -7.89 8.58
N PHE A 69 17.45 -7.98 7.30
CA PHE A 69 18.42 -8.98 6.81
C PHE A 69 19.76 -8.29 6.43
N ASP A 70 20.78 -9.10 6.10
CA ASP A 70 22.11 -8.60 5.66
C ASP A 70 22.01 -8.05 4.21
N PHE A 71 21.71 -6.74 4.09
CA PHE A 71 21.60 -6.07 2.77
C PHE A 71 23.01 -5.77 2.19
N SER A 72 23.91 -5.24 3.04
CA SER A 72 25.32 -4.91 2.66
C SER A 72 26.16 -6.20 2.41
N PHE A 73 27.32 -6.03 1.76
CA PHE A 73 28.24 -7.14 1.43
C PHE A 73 29.27 -7.39 2.57
N GLY A 74 29.44 -6.41 3.48
CA GLY A 74 30.36 -6.53 4.64
C GLY A 74 31.84 -6.48 4.24
N LEU A 75 32.21 -5.48 3.43
CA LEU A 75 33.54 -5.38 2.78
C LEU A 75 34.62 -4.72 3.70
N GLU A 76 34.18 -4.09 4.81
CA GLU A 76 35.09 -3.41 5.76
C GLU A 76 35.89 -4.43 6.60
N HIS A 77 37.21 -4.51 6.37
CA HIS A 77 38.12 -5.38 7.16
C HIS A 77 39.12 -4.50 7.94
N HIS A 78 39.11 -4.62 9.27
CA HIS A 78 39.96 -3.81 10.17
C HIS A 78 41.38 -4.42 10.29
N HIS A 79 42.37 -3.68 9.76
CA HIS A 79 43.80 -4.06 9.82
C HIS A 79 44.66 -2.79 9.95
N HIS A 80 45.55 -2.76 10.96
CA HIS A 80 46.46 -1.61 11.21
C HIS A 80 47.65 -1.62 10.21
N HIS A 81 48.00 -2.83 9.73
CA HIS A 81 48.94 -3.02 8.61
C HIS A 81 48.13 -3.33 7.32
N HIS A 82 48.49 -2.66 6.20
CA HIS A 82 47.73 -2.73 4.92
C HIS A 82 47.53 -4.19 4.41
N MET B 1 10.23 -12.21 5.39
CA MET B 1 8.93 -12.07 4.71
C MET B 1 9.04 -12.44 3.21
N ASP B 2 8.04 -13.20 2.70
CA ASP B 2 7.93 -13.53 1.25
C ASP B 2 7.08 -12.48 0.50
N LYS B 3 7.65 -11.96 -0.59
CA LYS B 3 7.01 -10.94 -1.45
C LYS B 3 5.80 -11.52 -2.24
N LYS B 4 5.83 -12.84 -2.48
CA LYS B 4 4.74 -13.57 -3.19
C LYS B 4 3.39 -13.58 -2.42
N ILE B 5 3.46 -13.41 -1.07
CA ILE B 5 2.26 -13.39 -0.20
C ILE B 5 1.35 -12.16 -0.53
N VAL B 6 1.96 -10.95 -0.53
CA VAL B 6 1.22 -9.70 -0.83
C VAL B 6 0.69 -9.66 -2.28
N GLY B 7 1.37 -10.40 -3.18
CA GLY B 7 0.90 -10.59 -4.56
C GLY B 7 -0.41 -11.38 -4.65
N ALA B 8 -0.48 -12.49 -3.90
CA ALA B 8 -1.68 -13.35 -3.79
C ALA B 8 -2.86 -12.61 -3.12
N ASN B 9 -2.55 -11.81 -2.06
CA ASN B 9 -3.53 -10.94 -1.36
C ASN B 9 -4.11 -9.88 -2.33
N ALA B 10 -3.23 -9.31 -3.16
CA ALA B 10 -3.57 -8.22 -4.10
C ALA B 10 -4.35 -8.72 -5.33
N GLY B 11 -4.18 -10.03 -5.66
CA GLY B 11 -4.98 -10.68 -6.71
C GLY B 11 -6.47 -10.69 -6.39
N LYS B 12 -6.79 -10.95 -5.11
CA LYS B 12 -8.16 -10.94 -4.57
C LYS B 12 -8.73 -9.49 -4.50
N VAL B 13 -7.86 -8.54 -4.06
CA VAL B 13 -8.22 -7.09 -3.96
C VAL B 13 -8.60 -6.48 -5.34
N TRP B 14 -7.79 -6.78 -6.37
CA TRP B 14 -8.02 -6.28 -7.74
C TRP B 14 -9.25 -6.98 -8.40
N HIS B 15 -9.50 -8.25 -8.04
CA HIS B 15 -10.72 -8.99 -8.47
C HIS B 15 -12.02 -8.23 -8.03
N ALA B 16 -11.98 -7.63 -6.82
CA ALA B 16 -13.08 -6.78 -6.30
C ALA B 16 -13.27 -5.50 -7.15
N LEU B 17 -12.15 -4.98 -7.70
CA LEU B 17 -12.14 -3.79 -8.60
C LEU B 17 -12.67 -4.14 -10.01
N ASN B 18 -12.33 -5.35 -10.49
CA ASN B 18 -12.73 -5.84 -11.83
C ASN B 18 -14.27 -5.86 -11.97
N GLU B 19 -14.94 -6.28 -10.88
CA GLU B 19 -16.41 -6.27 -10.78
C GLU B 19 -16.96 -4.85 -10.48
N ALA B 20 -16.36 -4.17 -9.47
CA ALA B 20 -16.84 -2.87 -8.96
C ALA B 20 -15.67 -1.97 -8.48
N ASP B 21 -15.24 -1.02 -9.33
CA ASP B 21 -14.16 -0.06 -8.99
C ASP B 21 -14.66 1.08 -8.05
N GLY B 22 -13.72 1.94 -7.61
CA GLY B 22 -14.05 3.07 -6.73
C GLY B 22 -14.27 2.68 -5.26
N ILE B 23 -13.87 1.44 -4.90
CA ILE B 23 -14.13 0.87 -3.56
C ILE B 23 -13.12 1.44 -2.51
N SER B 24 -13.63 1.77 -1.31
CA SER B 24 -12.79 2.27 -0.18
C SER B 24 -12.17 1.10 0.60
N ILE B 25 -10.99 1.35 1.19
CA ILE B 25 -10.15 0.31 1.87
C ILE B 25 -10.91 -0.55 2.96
N PRO B 26 -11.73 0.04 3.92
CA PRO B 26 -12.42 -0.76 4.97
C PRO B 26 -13.59 -1.62 4.41
N GLU B 27 -14.24 -1.16 3.32
CA GLU B 27 -15.32 -1.91 2.64
C GLU B 27 -14.73 -3.09 1.86
N LEU B 28 -13.70 -2.74 1.09
CA LEU B 28 -12.85 -3.66 0.33
C LEU B 28 -12.25 -4.76 1.24
N ALA B 29 -11.92 -4.39 2.50
CA ALA B 29 -11.43 -5.32 3.54
C ALA B 29 -12.44 -6.46 3.82
N ARG B 30 -13.75 -6.11 3.88
CA ARG B 30 -14.84 -7.11 4.05
C ARG B 30 -15.02 -7.96 2.76
N LYS B 31 -14.90 -7.30 1.57
CA LYS B 31 -15.01 -7.99 0.25
C LYS B 31 -13.93 -9.08 0.09
N VAL B 32 -12.70 -8.75 0.51
CA VAL B 32 -11.53 -9.66 0.43
C VAL B 32 -11.34 -10.49 1.74
N ASN B 33 -12.16 -10.18 2.77
CA ASN B 33 -12.21 -10.91 4.06
C ASN B 33 -10.90 -10.77 4.90
N LEU B 34 -10.11 -9.71 4.60
CA LEU B 34 -8.85 -9.39 5.33
C LEU B 34 -9.04 -8.12 6.20
N SER B 35 -8.06 -7.84 7.09
CA SER B 35 -8.06 -6.60 7.92
C SER B 35 -7.75 -5.35 7.07
N VAL B 36 -8.18 -4.16 7.53
CA VAL B 36 -8.02 -2.87 6.79
C VAL B 36 -6.52 -2.56 6.47
N GLU B 37 -5.65 -2.78 7.48
CA GLU B 37 -4.17 -2.61 7.33
C GLU B 37 -3.59 -3.56 6.25
N SER B 38 -3.96 -4.84 6.35
CA SER B 38 -3.52 -5.92 5.42
C SER B 38 -3.99 -5.65 3.97
N THR B 39 -5.21 -5.13 3.85
CA THR B 39 -5.86 -4.82 2.56
C THR B 39 -5.17 -3.62 1.87
N ALA B 40 -4.92 -2.52 2.64
CA ALA B 40 -4.23 -1.29 2.14
C ALA B 40 -2.79 -1.58 1.67
N LEU B 41 -2.13 -2.52 2.38
CA LEU B 41 -0.77 -3.00 2.06
C LEU B 41 -0.80 -3.84 0.74
N ALA B 42 -1.87 -4.64 0.55
CA ALA B 42 -2.11 -5.40 -0.70
C ALA B 42 -2.41 -4.46 -1.89
N VAL B 43 -3.11 -3.33 -1.62
CA VAL B 43 -3.34 -2.25 -2.62
C VAL B 43 -2.00 -1.62 -3.08
N GLY B 44 -1.02 -1.56 -2.16
CA GLY B 44 0.33 -1.08 -2.46
C GLY B 44 1.09 -1.93 -3.50
N TRP B 45 0.78 -3.25 -3.54
CA TRP B 45 1.31 -4.16 -4.59
C TRP B 45 0.69 -3.83 -5.97
N LEU B 46 -0.61 -3.48 -6.00
CA LEU B 46 -1.31 -3.06 -7.23
C LEU B 46 -0.82 -1.66 -7.71
N ALA B 47 -0.47 -0.80 -6.74
CA ALA B 47 0.21 0.50 -7.01
C ALA B 47 1.62 0.30 -7.62
N ARG B 48 2.29 -0.82 -7.24
CA ARG B 48 3.55 -1.28 -7.88
C ARG B 48 3.33 -1.69 -9.35
N GLU B 49 2.25 -2.45 -9.59
CA GLU B 49 1.86 -2.94 -10.94
C GLU B 49 1.13 -1.84 -11.77
N ASN B 50 0.87 -0.67 -11.14
CA ASN B 50 0.22 0.53 -11.76
C ASN B 50 -1.23 0.24 -12.24
N LYS B 51 -1.86 -0.79 -11.67
CA LYS B 51 -3.20 -1.28 -12.07
C LYS B 51 -4.35 -0.54 -11.34
N VAL B 52 -4.01 0.37 -10.39
CA VAL B 52 -5.03 1.11 -9.57
C VAL B 52 -4.83 2.64 -9.63
N VAL B 53 -5.96 3.37 -9.57
CA VAL B 53 -5.96 4.85 -9.44
C VAL B 53 -6.50 5.22 -8.05
N ILE B 54 -5.70 5.92 -7.24
CA ILE B 54 -6.01 6.20 -5.83
C ILE B 54 -6.41 7.68 -5.63
N GLU B 55 -7.70 7.90 -5.30
CA GLU B 55 -8.29 9.26 -5.18
C GLU B 55 -8.71 9.54 -3.70
N ARG B 56 -8.49 10.78 -3.24
CA ARG B 56 -8.80 11.19 -1.84
C ARG B 56 -9.94 12.23 -1.82
N LYS B 57 -11.14 11.76 -1.44
CA LYS B 57 -12.36 12.59 -1.31
C LYS B 57 -12.74 12.67 0.19
N ASN B 58 -12.67 13.88 0.79
CA ASN B 58 -13.00 14.13 2.22
C ASN B 58 -12.11 13.30 3.20
N GLY B 59 -10.86 13.01 2.79
CA GLY B 59 -9.93 12.15 3.56
C GLY B 59 -10.12 10.64 3.31
N LEU B 60 -11.20 10.28 2.61
CA LEU B 60 -11.54 8.87 2.28
C LEU B 60 -10.79 8.42 1.00
N ILE B 61 -10.11 7.28 1.08
CA ILE B 61 -9.37 6.69 -0.07
C ILE B 61 -10.34 5.83 -0.92
N GLU B 62 -10.39 6.10 -2.23
CA GLU B 62 -11.14 5.30 -3.22
C GLU B 62 -10.13 4.78 -4.27
N ILE B 63 -10.02 3.46 -4.44
CA ILE B 63 -9.15 2.86 -5.47
C ILE B 63 -10.00 2.36 -6.66
N TYR B 64 -9.50 2.59 -7.87
CA TYR B 64 -10.17 2.25 -9.15
C TYR B 64 -9.28 1.31 -9.98
N ASN B 65 -9.78 0.89 -11.16
CA ASN B 65 -8.94 0.19 -12.16
C ASN B 65 -8.14 1.23 -12.99
N GLU B 66 -7.06 0.76 -13.65
CA GLU B 66 -6.29 1.56 -14.62
C GLU B 66 -7.21 2.17 -15.72
N GLY B 67 -7.59 3.45 -15.55
CA GLY B 67 -8.54 4.12 -16.47
C GLY B 67 -8.82 5.57 -16.07
N HIS B 68 -8.88 5.83 -14.75
CA HIS B 68 -9.01 7.22 -14.21
C HIS B 68 -7.67 8.02 -14.31
N PHE B 69 -6.60 7.35 -14.80
CA PHE B 69 -5.38 8.04 -15.28
C PHE B 69 -5.72 8.88 -16.53
N ASP B 70 -6.49 8.27 -17.45
CA ASP B 70 -7.03 8.94 -18.65
C ASP B 70 -8.12 9.96 -18.25
N PHE B 71 -8.20 11.07 -19.01
CA PHE B 71 -9.18 12.14 -18.75
C PHE B 71 -9.78 12.70 -20.06
N SER B 72 -11.05 13.13 -19.98
CA SER B 72 -11.72 13.90 -21.04
C SER B 72 -11.76 15.39 -20.64
N PHE B 73 -12.46 16.22 -21.43
CA PHE B 73 -12.68 17.64 -21.10
C PHE B 73 -13.77 17.74 -19.99
N GLY B 74 -13.32 17.83 -18.72
CA GLY B 74 -14.21 17.85 -17.56
C GLY B 74 -13.60 18.59 -16.38
N LEU B 75 -13.92 19.90 -16.27
CA LEU B 75 -13.42 20.77 -15.20
C LEU B 75 -14.13 20.46 -13.86
N GLU B 76 -13.43 19.75 -12.97
CA GLU B 76 -13.92 19.43 -11.62
C GLU B 76 -13.73 20.67 -10.68
N HIS B 77 -14.24 20.59 -9.42
CA HIS B 77 -14.09 21.67 -8.41
C HIS B 77 -12.61 22.12 -8.24
N HIS B 78 -12.38 23.44 -8.12
CA HIS B 78 -11.03 24.02 -7.98
C HIS B 78 -10.37 23.53 -6.66
N HIS B 79 -9.09 23.13 -6.73
CA HIS B 79 -8.38 22.46 -5.61
C HIS B 79 -8.32 23.35 -4.34
N HIS B 80 -8.41 22.71 -3.15
CA HIS B 80 -8.46 23.39 -1.83
C HIS B 80 -7.30 24.40 -1.60
N HIS B 81 -7.66 25.67 -1.41
CA HIS B 81 -6.72 26.76 -1.06
C HIS B 81 -6.19 26.59 0.38
N HIS B 82 -4.87 26.79 0.58
CA HIS B 82 -4.21 26.63 1.90
C HIS B 82 -4.70 27.66 2.94
N MET A 1 -5.91 12.12 -9.64
CA MET A 1 -5.22 11.71 -8.38
C MET A 1 -3.78 12.29 -8.26
N ASP A 2 -3.03 12.26 -9.38
CA ASP A 2 -1.59 12.62 -9.45
C ASP A 2 -0.74 11.62 -8.61
N LYS A 3 -0.30 10.53 -9.26
CA LYS A 3 0.19 9.31 -8.59
C LYS A 3 1.55 9.46 -7.86
N LYS A 4 2.31 10.54 -8.15
CA LYS A 4 3.61 10.80 -7.49
C LYS A 4 3.47 11.14 -5.96
N ILE A 5 2.23 11.45 -5.53
CA ILE A 5 1.88 11.68 -4.09
C ILE A 5 2.42 10.54 -3.18
N VAL A 6 2.14 9.28 -3.55
CA VAL A 6 2.53 8.10 -2.74
C VAL A 6 4.08 7.98 -2.59
N GLY A 7 4.84 8.50 -3.58
CA GLY A 7 6.31 8.56 -3.50
C GLY A 7 6.81 9.53 -2.43
N ALA A 8 6.12 10.68 -2.30
CA ALA A 8 6.42 11.72 -1.29
C ALA A 8 6.07 11.24 0.15
N ASN A 9 4.83 10.76 0.33
CA ASN A 9 4.31 10.25 1.64
C ASN A 9 5.15 9.06 2.17
N ALA A 10 5.51 8.13 1.27
CA ALA A 10 6.27 6.90 1.65
C ALA A 10 7.74 7.22 2.01
N GLY A 11 8.29 8.30 1.43
CA GLY A 11 9.65 8.77 1.77
C GLY A 11 9.77 9.21 3.23
N LYS A 12 8.72 9.89 3.73
CA LYS A 12 8.62 10.33 5.14
C LYS A 12 8.42 9.12 6.10
N VAL A 13 7.53 8.19 5.70
CA VAL A 13 7.27 6.93 6.44
C VAL A 13 8.57 6.08 6.57
N TRP A 14 9.33 6.01 5.46
CA TRP A 14 10.62 5.28 5.38
C TRP A 14 11.70 5.95 6.27
N HIS A 15 11.64 7.29 6.40
CA HIS A 15 12.56 8.03 7.31
C HIS A 15 12.39 7.57 8.79
N ALA A 16 11.14 7.61 9.29
CA ALA A 16 10.82 7.21 10.69
C ALA A 16 11.09 5.70 10.92
N LEU A 17 10.93 4.92 9.85
CA LEU A 17 11.21 3.47 9.80
C LEU A 17 12.73 3.17 9.93
N ASN A 18 13.54 3.84 9.10
CA ASN A 18 15.01 3.63 9.04
C ASN A 18 15.72 4.24 10.29
N GLU A 19 15.06 5.23 10.90
CA GLU A 19 15.53 5.93 12.11
C GLU A 19 15.24 5.07 13.37
N ALA A 20 14.08 4.39 13.37
CA ALA A 20 13.65 3.51 14.48
C ALA A 20 12.57 2.50 13.98
N ASP A 21 12.97 1.23 13.77
CA ASP A 21 12.07 0.16 13.29
C ASP A 21 11.49 -0.68 14.47
N GLY A 22 10.45 -1.48 14.16
CA GLY A 22 9.74 -2.25 15.19
C GLY A 22 8.53 -1.51 15.74
N ILE A 23 7.55 -1.26 14.85
CA ILE A 23 6.36 -0.45 15.15
C ILE A 23 5.17 -0.81 14.21
N SER A 24 3.92 -0.66 14.71
CA SER A 24 2.69 -0.91 13.91
C SER A 24 2.27 0.33 13.10
N ILE A 25 1.47 0.11 12.03
CA ILE A 25 1.03 1.17 11.07
C ILE A 25 0.32 2.41 11.76
N PRO A 26 -0.74 2.24 12.65
CA PRO A 26 -1.46 3.41 13.24
C PRO A 26 -0.61 4.26 14.22
N GLU A 27 0.40 3.61 14.84
CA GLU A 27 1.33 4.29 15.77
C GLU A 27 2.35 5.13 14.98
N LEU A 28 2.87 4.49 13.94
CA LEU A 28 3.75 5.07 12.92
C LEU A 28 3.08 6.26 12.17
N ALA A 29 1.74 6.16 11.97
CA ALA A 29 0.92 7.18 11.30
C ALA A 29 0.94 8.54 12.04
N ARG A 30 0.88 8.50 13.38
CA ARG A 30 0.92 9.71 14.23
C ARG A 30 2.33 10.35 14.25
N LYS A 31 3.39 9.54 14.06
CA LYS A 31 4.78 10.03 13.98
C LYS A 31 5.00 10.90 12.72
N VAL A 32 4.61 10.33 11.56
CA VAL A 32 4.70 10.99 10.24
C VAL A 32 3.54 12.00 10.03
N ASN A 33 2.58 12.02 10.98
CA ASN A 33 1.45 12.98 11.06
C ASN A 33 0.41 12.75 9.92
N LEU A 34 0.47 11.57 9.28
CA LEU A 34 -0.49 11.15 8.22
C LEU A 34 -1.60 10.25 8.82
N SER A 35 -2.70 10.07 8.08
CA SER A 35 -3.77 9.11 8.46
C SER A 35 -3.28 7.65 8.36
N VAL A 36 -3.89 6.74 9.15
CA VAL A 36 -3.53 5.30 9.17
C VAL A 36 -3.63 4.65 7.76
N GLU A 37 -4.72 4.97 7.04
CA GLU A 37 -4.96 4.50 5.64
C GLU A 37 -3.85 5.01 4.67
N SER A 38 -3.46 6.30 4.83
CA SER A 38 -2.39 6.94 4.02
C SER A 38 -1.02 6.28 4.27
N THR A 39 -0.72 6.00 5.54
CA THR A 39 0.55 5.38 5.98
C THR A 39 0.64 3.89 5.58
N ALA A 40 -0.49 3.16 5.65
CA ALA A 40 -0.57 1.71 5.27
C ALA A 40 -0.30 1.51 3.75
N LEU A 41 -0.95 2.38 2.95
CA LEU A 41 -0.78 2.46 1.49
C LEU A 41 0.68 2.88 1.13
N ALA A 42 1.26 3.79 1.95
CA ALA A 42 2.65 4.27 1.77
C ALA A 42 3.71 3.19 2.12
N VAL A 43 3.44 2.36 3.15
CA VAL A 43 4.29 1.19 3.50
C VAL A 43 4.22 0.11 2.38
N GLY A 44 3.03 -0.04 1.78
CA GLY A 44 2.85 -0.90 0.60
C GLY A 44 3.63 -0.40 -0.62
N TRP A 45 3.79 0.94 -0.72
CA TRP A 45 4.63 1.58 -1.75
C TRP A 45 6.15 1.41 -1.45
N LEU A 46 6.53 1.27 -0.16
CA LEU A 46 7.93 0.92 0.23
C LEU A 46 8.28 -0.55 -0.10
N ALA A 47 7.27 -1.43 0.04
CA ALA A 47 7.38 -2.87 -0.31
C ALA A 47 7.79 -3.11 -1.80
N ARG A 48 7.48 -2.13 -2.69
CA ARG A 48 7.70 -2.25 -4.17
C ARG A 48 9.18 -2.57 -4.54
N GLU A 49 10.13 -1.99 -3.78
CA GLU A 49 11.59 -2.14 -4.01
C GLU A 49 12.25 -2.95 -2.85
N ASN A 50 11.41 -3.62 -2.04
CA ASN A 50 11.83 -4.44 -0.89
C ASN A 50 12.58 -3.55 0.15
N LYS A 51 11.98 -2.39 0.48
CA LYS A 51 12.61 -1.40 1.41
C LYS A 51 12.26 -1.68 2.90
N VAL A 52 11.23 -2.54 3.13
CA VAL A 52 10.73 -2.88 4.50
C VAL A 52 10.55 -4.41 4.69
N VAL A 53 10.70 -4.87 5.96
CA VAL A 53 10.40 -6.25 6.40
C VAL A 53 9.05 -6.26 7.15
N ILE A 54 8.02 -6.91 6.60
CA ILE A 54 6.66 -6.95 7.21
C ILE A 54 6.43 -8.28 7.97
N GLU A 55 6.40 -8.20 9.31
CA GLU A 55 6.16 -9.35 10.21
C GLU A 55 4.73 -9.29 10.79
N ARG A 56 3.96 -10.37 10.67
CA ARG A 56 2.55 -10.41 11.14
C ARG A 56 2.38 -11.39 12.33
N LYS A 57 2.22 -10.84 13.54
CA LYS A 57 1.97 -11.61 14.78
C LYS A 57 0.54 -11.32 15.30
N ASN A 58 -0.31 -12.37 15.39
CA ASN A 58 -1.72 -12.27 15.88
C ASN A 58 -2.57 -11.27 15.04
N GLY A 59 -2.26 -11.16 13.74
CA GLY A 59 -2.96 -10.21 12.84
C GLY A 59 -2.39 -8.77 12.88
N LEU A 60 -1.44 -8.52 13.81
CA LEU A 60 -0.80 -7.18 13.99
C LEU A 60 0.43 -7.06 13.06
N ILE A 61 0.45 -5.99 12.23
CA ILE A 61 1.54 -5.73 11.26
C ILE A 61 2.70 -4.96 11.95
N GLU A 62 3.91 -5.52 11.84
CA GLU A 62 5.16 -4.90 12.34
C GLU A 62 6.02 -4.46 11.14
N ILE A 63 6.47 -3.19 11.13
CA ILE A 63 7.25 -2.60 10.03
C ILE A 63 8.73 -2.45 10.49
N TYR A 64 9.59 -3.32 9.95
CA TYR A 64 11.07 -3.28 10.16
C TYR A 64 11.80 -2.80 8.89
N ASN A 65 13.10 -2.46 9.01
CA ASN A 65 13.91 -2.06 7.82
C ASN A 65 14.60 -3.27 7.18
N GLU A 66 14.77 -3.23 5.84
CA GLU A 66 15.41 -4.34 5.07
C GLU A 66 16.97 -4.23 5.07
N GLY A 67 17.52 -3.25 5.81
CA GLY A 67 18.95 -3.28 6.17
C GLY A 67 19.26 -4.50 7.04
N HIS A 68 18.55 -4.56 8.18
CA HIS A 68 18.45 -5.74 9.04
C HIS A 68 17.47 -5.46 10.20
N PHE A 69 16.42 -6.27 10.30
CA PHE A 69 15.48 -6.26 11.45
C PHE A 69 16.19 -6.79 12.72
N ASP A 70 15.85 -6.24 13.90
CA ASP A 70 16.38 -6.74 15.19
C ASP A 70 15.31 -7.62 15.90
N PHE A 71 14.15 -7.03 16.16
CA PHE A 71 13.06 -7.66 16.94
C PHE A 71 12.06 -8.41 16.01
N SER A 72 11.13 -9.15 16.66
CA SER A 72 9.90 -9.73 16.06
C SER A 72 8.98 -10.22 17.22
N PHE A 73 8.01 -9.38 17.63
CA PHE A 73 7.24 -9.59 18.88
C PHE A 73 5.70 -9.53 18.67
N GLY A 74 5.16 -8.33 18.37
CA GLY A 74 3.70 -8.10 18.27
C GLY A 74 2.89 -8.63 19.48
N LEU A 75 3.41 -8.42 20.71
CA LEU A 75 2.85 -9.02 21.94
C LEU A 75 2.04 -8.00 22.78
N GLU A 76 0.94 -8.51 23.36
CA GLU A 76 0.04 -7.77 24.27
C GLU A 76 -0.96 -8.76 24.93
N HIS A 77 -1.27 -8.53 26.23
CA HIS A 77 -2.28 -9.35 26.97
C HIS A 77 -3.73 -8.86 26.68
N HIS A 78 -4.07 -8.78 25.38
CA HIS A 78 -5.40 -8.33 24.91
C HIS A 78 -5.80 -9.11 23.63
N HIS A 79 -6.88 -9.90 23.75
CA HIS A 79 -7.41 -10.71 22.63
C HIS A 79 -8.24 -9.88 21.63
N HIS A 80 -8.68 -10.53 20.55
CA HIS A 80 -9.55 -9.93 19.52
C HIS A 80 -11.04 -9.96 19.95
N HIS A 81 -11.87 -9.17 19.26
CA HIS A 81 -13.33 -9.03 19.57
C HIS A 81 -14.20 -10.16 18.93
N HIS A 82 -13.54 -11.16 18.31
CA HIS A 82 -14.21 -12.36 17.75
C HIS A 82 -13.21 -13.53 17.68
N MET B 1 8.87 -16.38 -0.05
CA MET B 1 7.49 -16.73 0.28
C MET B 1 6.65 -15.47 0.57
N ASP B 2 7.09 -14.69 1.59
CA ASP B 2 6.39 -13.45 2.08
C ASP B 2 6.14 -12.43 0.93
N LYS B 3 7.12 -12.33 0.03
CA LYS B 3 7.12 -11.39 -1.10
C LYS B 3 6.08 -11.81 -2.18
N LYS B 4 5.75 -13.11 -2.21
CA LYS B 4 4.72 -13.67 -3.10
C LYS B 4 3.32 -13.69 -2.44
N ILE B 5 3.28 -13.73 -1.09
CA ILE B 5 2.00 -13.65 -0.33
C ILE B 5 1.28 -12.32 -0.62
N VAL B 6 2.02 -11.20 -0.60
CA VAL B 6 1.48 -9.86 -0.92
C VAL B 6 1.00 -9.76 -2.40
N GLY B 7 1.65 -10.52 -3.30
CA GLY B 7 1.23 -10.59 -4.72
C GLY B 7 -0.07 -11.38 -4.92
N ALA B 8 -0.20 -12.51 -4.19
CA ALA B 8 -1.42 -13.36 -4.20
C ALA B 8 -2.65 -12.62 -3.61
N ASN B 9 -2.42 -11.91 -2.48
CA ASN B 9 -3.44 -11.06 -1.82
C ASN B 9 -3.82 -9.85 -2.71
N ALA B 10 -2.83 -9.31 -3.45
CA ALA B 10 -3.04 -8.15 -4.34
C ALA B 10 -3.87 -8.54 -5.59
N GLY B 11 -3.65 -9.78 -6.08
CA GLY B 11 -4.45 -10.33 -7.19
C GLY B 11 -5.92 -10.55 -6.81
N LYS B 12 -6.14 -10.98 -5.56
CA LYS B 12 -7.48 -11.13 -4.95
C LYS B 12 -8.23 -9.77 -4.84
N VAL B 13 -7.53 -8.75 -4.30
CA VAL B 13 -8.06 -7.37 -4.17
C VAL B 13 -8.39 -6.77 -5.56
N TRP B 14 -7.45 -6.91 -6.51
CA TRP B 14 -7.59 -6.38 -7.89
C TRP B 14 -8.75 -7.08 -8.64
N HIS B 15 -8.96 -8.36 -8.34
CA HIS B 15 -10.13 -9.13 -8.84
C HIS B 15 -11.45 -8.46 -8.38
N ALA B 16 -11.53 -8.14 -7.06
CA ALA B 16 -12.70 -7.47 -6.46
C ALA B 16 -12.94 -6.05 -7.02
N LEU B 17 -11.86 -5.39 -7.49
CA LEU B 17 -11.94 -4.08 -8.21
C LEU B 17 -12.60 -4.24 -9.59
N ASN B 18 -12.24 -5.34 -10.30
CA ASN B 18 -12.86 -5.70 -11.60
C ASN B 18 -14.34 -6.14 -11.41
N GLU B 19 -14.69 -6.64 -10.20
CA GLU B 19 -16.07 -6.98 -9.81
C GLU B 19 -16.89 -5.69 -9.56
N ALA B 20 -16.30 -4.75 -8.77
CA ALA B 20 -16.91 -3.45 -8.41
C ALA B 20 -15.86 -2.49 -7.79
N ASP B 21 -15.43 -1.47 -8.56
CA ASP B 21 -14.44 -0.46 -8.11
C ASP B 21 -15.11 0.82 -7.54
N GLY B 22 -14.28 1.78 -7.11
CA GLY B 22 -14.77 3.01 -6.47
C GLY B 22 -15.22 2.78 -5.02
N ILE B 23 -14.47 1.94 -4.30
CA ILE B 23 -14.83 1.46 -2.95
C ILE B 23 -13.70 1.76 -1.93
N SER B 24 -14.05 1.91 -0.64
CA SER B 24 -13.06 2.14 0.44
C SER B 24 -12.38 0.82 0.87
N ILE B 25 -11.12 0.93 1.36
CA ILE B 25 -10.28 -0.21 1.81
C ILE B 25 -10.99 -1.19 2.84
N PRO B 26 -11.65 -0.70 3.96
CA PRO B 26 -12.26 -1.62 4.97
C PRO B 26 -13.47 -2.43 4.44
N GLU B 27 -14.22 -1.84 3.48
CA GLU B 27 -15.43 -2.47 2.87
C GLU B 27 -15.00 -3.55 1.86
N LEU B 28 -14.01 -3.17 1.07
CA LEU B 28 -13.29 -4.04 0.13
C LEU B 28 -12.66 -5.26 0.88
N ALA B 29 -12.12 -5.00 2.08
CA ALA B 29 -11.54 -6.04 2.98
C ALA B 29 -12.56 -7.11 3.40
N ARG B 30 -13.81 -6.67 3.65
CA ARG B 30 -14.93 -7.55 4.02
C ARG B 30 -15.26 -8.54 2.86
N LYS B 31 -15.28 -7.99 1.63
CA LYS B 31 -15.60 -8.76 0.40
C LYS B 31 -14.51 -9.80 0.06
N VAL B 32 -13.23 -9.40 0.20
CA VAL B 32 -12.07 -10.29 -0.07
C VAL B 32 -11.73 -11.18 1.15
N ASN B 33 -12.46 -10.94 2.28
CA ASN B 33 -12.39 -11.75 3.53
C ASN B 33 -11.04 -11.59 4.29
N LEU B 34 -10.21 -10.60 3.88
CA LEU B 34 -8.93 -10.27 4.53
C LEU B 34 -9.14 -9.16 5.59
N SER B 35 -8.14 -8.96 6.47
CA SER B 35 -8.12 -7.79 7.39
C SER B 35 -7.96 -6.47 6.57
N VAL B 36 -8.46 -5.36 7.15
CA VAL B 36 -8.34 -4.00 6.56
C VAL B 36 -6.89 -3.66 6.14
N GLU B 37 -5.96 -3.85 7.09
CA GLU B 37 -4.53 -3.52 6.92
C GLU B 37 -3.82 -4.49 5.94
N SER B 38 -4.30 -5.75 5.90
CA SER B 38 -3.84 -6.78 4.92
C SER B 38 -4.21 -6.37 3.48
N THR B 39 -5.45 -5.86 3.34
CA THR B 39 -5.99 -5.38 2.05
C THR B 39 -5.29 -4.07 1.58
N ALA B 40 -5.06 -3.13 2.54
CA ALA B 40 -4.40 -1.82 2.27
C ALA B 40 -2.94 -1.99 1.77
N LEU B 41 -2.23 -2.92 2.42
CA LEU B 41 -0.85 -3.32 2.08
C LEU B 41 -0.81 -3.99 0.67
N ALA B 42 -1.84 -4.79 0.36
CA ALA B 42 -2.00 -5.45 -0.96
C ALA B 42 -2.35 -4.44 -2.09
N VAL B 43 -3.14 -3.38 -1.75
CA VAL B 43 -3.45 -2.26 -2.66
C VAL B 43 -2.15 -1.47 -3.01
N GLY B 44 -1.24 -1.35 -2.02
CA GLY B 44 0.08 -0.75 -2.23
C GLY B 44 0.96 -1.53 -3.24
N TRP B 45 0.77 -2.86 -3.29
CA TRP B 45 1.47 -3.74 -4.25
C TRP B 45 0.89 -3.59 -5.68
N LEU B 46 -0.42 -3.29 -5.77
CA LEU B 46 -1.10 -2.94 -7.04
C LEU B 46 -0.69 -1.54 -7.54
N ALA B 47 -0.50 -0.61 -6.57
CA ALA B 47 0.05 0.74 -6.82
C ALA B 47 1.45 0.65 -7.43
N ARG B 48 2.27 -0.31 -6.95
CA ARG B 48 3.59 -0.66 -7.53
C ARG B 48 3.48 -0.90 -9.06
N GLU B 49 2.51 -1.76 -9.42
CA GLU B 49 2.30 -2.23 -10.80
C GLU B 49 1.53 -1.20 -11.68
N ASN B 50 1.12 -0.07 -11.05
CA ASN B 50 0.43 1.08 -11.73
C ASN B 50 -0.96 0.68 -12.28
N LYS B 51 -1.60 -0.34 -11.66
CA LYS B 51 -2.90 -0.89 -12.13
C LYS B 51 -4.12 -0.35 -11.35
N VAL B 52 -3.91 0.63 -10.43
CA VAL B 52 -4.99 1.18 -9.58
C VAL B 52 -4.95 2.72 -9.49
N VAL B 53 -6.13 3.30 -9.18
CA VAL B 53 -6.31 4.75 -8.97
C VAL B 53 -6.61 5.02 -7.46
N ILE B 54 -5.82 5.89 -6.81
CA ILE B 54 -5.99 6.26 -5.38
C ILE B 54 -6.46 7.73 -5.31
N GLU B 55 -7.75 7.95 -5.04
CA GLU B 55 -8.35 9.30 -5.08
C GLU B 55 -8.91 9.67 -3.69
N ARG B 56 -8.33 10.71 -3.08
CA ARG B 56 -8.67 11.14 -1.72
C ARG B 56 -9.90 12.08 -1.73
N LYS B 57 -11.04 11.54 -1.26
CA LYS B 57 -12.32 12.28 -1.11
C LYS B 57 -12.57 12.57 0.39
N ASN B 58 -12.56 13.88 0.76
CA ASN B 58 -12.82 14.35 2.15
C ASN B 58 -11.82 13.74 3.18
N GLY B 59 -10.57 13.50 2.73
CA GLY B 59 -9.52 12.87 3.56
C GLY B 59 -9.51 11.33 3.50
N LEU B 60 -10.64 10.75 3.08
CA LEU B 60 -10.84 9.28 2.97
C LEU B 60 -10.39 8.79 1.57
N ILE B 61 -9.70 7.64 1.52
CA ILE B 61 -9.19 7.06 0.25
C ILE B 61 -10.24 6.15 -0.42
N GLU B 62 -10.60 6.49 -1.69
CA GLU B 62 -11.45 5.65 -2.57
C GLU B 62 -10.56 5.05 -3.68
N ILE B 63 -10.60 3.72 -3.84
CA ILE B 63 -9.75 2.99 -4.81
C ILE B 63 -10.59 2.57 -6.05
N TYR B 64 -10.16 3.04 -7.24
CA TYR B 64 -10.77 2.71 -8.56
C TYR B 64 -9.87 1.75 -9.36
N ASN B 65 -10.46 1.02 -10.30
CA ASN B 65 -9.75 0.00 -11.09
C ASN B 65 -9.01 0.62 -12.32
N GLU B 66 -8.06 -0.15 -12.88
CA GLU B 66 -7.31 0.21 -14.11
C GLU B 66 -8.26 0.59 -15.29
N GLY B 67 -8.09 1.81 -15.81
CA GLY B 67 -8.85 2.31 -16.95
C GLY B 67 -8.98 3.83 -16.93
N HIS B 68 -9.80 4.33 -15.99
CA HIS B 68 -10.06 5.78 -15.83
C HIS B 68 -9.09 6.39 -14.77
N PHE B 69 -7.80 6.54 -15.17
CA PHE B 69 -6.74 7.17 -14.32
C PHE B 69 -6.89 8.70 -14.28
N ASP B 70 -7.25 9.30 -15.44
CA ASP B 70 -7.63 10.73 -15.51
C ASP B 70 -9.07 10.91 -14.97
N PHE B 71 -9.19 10.97 -13.64
CA PHE B 71 -10.49 11.09 -12.94
C PHE B 71 -11.14 12.47 -13.25
N SER B 72 -10.32 13.53 -13.15
CA SER B 72 -10.68 14.88 -13.60
C SER B 72 -10.32 15.06 -15.09
N PHE B 73 -11.35 15.13 -15.95
CA PHE B 73 -11.19 15.30 -17.41
C PHE B 73 -10.95 16.80 -17.73
N GLY B 74 -9.69 17.24 -17.55
CA GLY B 74 -9.31 18.67 -17.61
C GLY B 74 -8.93 19.15 -19.01
N LEU B 75 -9.93 19.43 -19.85
CA LEU B 75 -9.73 19.97 -21.22
C LEU B 75 -9.33 21.47 -21.17
N GLU B 76 -10.22 22.32 -20.61
CA GLU B 76 -10.05 23.79 -20.61
C GLU B 76 -9.29 24.30 -19.35
N HIS B 77 -8.41 23.45 -18.80
CA HIS B 77 -7.41 23.88 -17.80
C HIS B 77 -6.32 24.70 -18.53
N HIS B 78 -6.36 26.05 -18.35
CA HIS B 78 -5.58 27.02 -19.14
C HIS B 78 -4.06 26.69 -19.18
N HIS B 79 -3.48 26.69 -20.39
CA HIS B 79 -2.07 26.36 -20.64
C HIS B 79 -1.49 27.16 -21.83
N HIS B 80 -0.16 27.35 -21.83
CA HIS B 80 0.58 27.98 -22.95
C HIS B 80 2.09 27.66 -22.84
N HIS B 81 2.81 27.76 -23.97
CA HIS B 81 4.27 27.57 -24.02
C HIS B 81 4.98 28.74 -24.74
N HIS B 82 6.31 28.83 -24.55
CA HIS B 82 7.15 29.93 -25.06
C HIS B 82 7.37 29.82 -26.58
N MET A 1 -5.52 10.29 -7.90
CA MET A 1 -4.61 11.40 -7.57
C MET A 1 -3.17 11.06 -8.04
N ASP A 2 -2.30 12.08 -8.12
CA ASP A 2 -0.91 11.97 -8.63
C ASP A 2 -0.05 10.88 -7.92
N LYS A 3 0.86 10.24 -8.69
CA LYS A 3 1.67 9.09 -8.22
C LYS A 3 2.87 9.52 -7.33
N LYS A 4 3.46 10.70 -7.59
CA LYS A 4 4.63 11.19 -6.82
C LYS A 4 4.27 11.52 -5.35
N ILE A 5 2.96 11.67 -5.09
CA ILE A 5 2.43 11.86 -3.73
C ILE A 5 2.67 10.61 -2.83
N VAL A 6 2.35 9.40 -3.36
CA VAL A 6 2.60 8.13 -2.61
C VAL A 6 4.10 7.83 -2.46
N GLY A 7 4.92 8.32 -3.43
CA GLY A 7 6.39 8.26 -3.34
C GLY A 7 6.94 9.11 -2.18
N ALA A 8 6.37 10.33 -2.03
CA ALA A 8 6.71 11.25 -0.92
C ALA A 8 6.24 10.69 0.45
N ASN A 9 5.00 10.16 0.47
CA ASN A 9 4.41 9.50 1.67
C ASN A 9 5.23 8.27 2.10
N ALA A 10 5.77 7.54 1.11
CA ALA A 10 6.57 6.31 1.34
C ALA A 10 7.96 6.65 1.92
N GLY A 11 8.55 7.77 1.46
CA GLY A 11 9.81 8.28 2.03
C GLY A 11 9.66 8.79 3.47
N LYS A 12 8.45 9.31 3.77
CA LYS A 12 8.05 9.77 5.12
C LYS A 12 7.85 8.57 6.09
N VAL A 13 7.19 7.49 5.59
CA VAL A 13 6.99 6.21 6.34
C VAL A 13 8.34 5.47 6.57
N TRP A 14 9.20 5.48 5.54
CA TRP A 14 10.54 4.84 5.60
C TRP A 14 11.46 5.61 6.57
N HIS A 15 11.30 6.96 6.62
CA HIS A 15 11.94 7.82 7.66
C HIS A 15 11.54 7.35 9.07
N ALA A 16 10.24 7.08 9.28
CA ALA A 16 9.69 6.61 10.58
C ALA A 16 10.34 5.30 11.06
N LEU A 17 10.76 4.47 10.10
CA LEU A 17 11.53 3.23 10.37
C LEU A 17 12.97 3.55 10.88
N ASN A 18 13.69 4.45 10.19
CA ASN A 18 15.06 4.89 10.63
C ASN A 18 15.00 5.72 11.94
N GLU A 19 13.80 6.28 12.21
CA GLU A 19 13.50 7.01 13.46
C GLU A 19 13.27 6.00 14.61
N ALA A 20 12.42 4.99 14.31
CA ALA A 20 12.08 3.88 15.25
C ALA A 20 11.29 2.76 14.49
N ASP A 21 12.02 1.70 14.07
CA ASP A 21 11.43 0.54 13.34
C ASP A 21 10.79 -0.49 14.29
N GLY A 22 10.11 -1.52 13.70
CA GLY A 22 9.38 -2.51 14.50
C GLY A 22 8.13 -1.92 15.13
N ILE A 23 7.21 -1.46 14.26
CA ILE A 23 6.08 -0.61 14.68
C ILE A 23 4.82 -0.90 13.80
N SER A 24 3.62 -0.53 14.32
CA SER A 24 2.36 -0.65 13.54
C SER A 24 2.21 0.53 12.55
N ILE A 25 1.47 0.28 11.46
CA ILE A 25 1.06 1.29 10.47
C ILE A 25 0.34 2.52 11.13
N PRO A 26 -0.78 2.34 11.96
CA PRO A 26 -1.48 3.49 12.60
C PRO A 26 -0.62 4.24 13.66
N GLU A 27 0.36 3.54 14.26
CA GLU A 27 1.27 4.12 15.28
C GLU A 27 2.28 5.12 14.67
N LEU A 28 2.99 4.70 13.61
CA LEU A 28 3.98 5.57 12.92
C LEU A 28 3.25 6.74 12.20
N ALA A 29 2.01 6.45 11.71
CA ALA A 29 1.13 7.42 11.01
C ALA A 29 0.91 8.72 11.83
N ARG A 30 0.72 8.55 13.15
CA ARG A 30 0.50 9.67 14.11
C ARG A 30 1.73 10.61 14.18
N LYS A 31 2.93 9.99 14.17
CA LYS A 31 4.23 10.70 14.32
C LYS A 31 4.58 11.49 13.04
N VAL A 32 4.36 10.84 11.89
CA VAL A 32 4.67 11.42 10.55
C VAL A 32 3.51 12.30 10.01
N ASN A 33 2.42 12.39 10.80
CA ASN A 33 1.25 13.26 10.54
C ASN A 33 0.42 12.81 9.29
N LEU A 34 0.71 11.61 8.75
CA LEU A 34 -0.07 11.03 7.63
C LEU A 34 -1.24 10.22 8.20
N SER A 35 -2.37 10.18 7.47
CA SER A 35 -3.50 9.30 7.81
C SER A 35 -3.11 7.80 7.73
N VAL A 36 -3.78 6.92 8.50
CA VAL A 36 -3.48 5.46 8.53
C VAL A 36 -3.57 4.83 7.12
N GLU A 37 -4.60 5.24 6.36
CA GLU A 37 -4.79 4.84 4.94
C GLU A 37 -3.62 5.35 4.03
N SER A 38 -3.20 6.62 4.23
CA SER A 38 -2.05 7.22 3.49
C SER A 38 -0.72 6.48 3.80
N THR A 39 -0.61 5.97 5.03
CA THR A 39 0.58 5.26 5.52
C THR A 39 0.66 3.82 4.98
N ALA A 40 -0.42 3.03 5.16
CA ALA A 40 -0.50 1.59 4.74
C ALA A 40 -0.29 1.39 3.23
N LEU A 41 -0.91 2.29 2.45
CA LEU A 41 -0.77 2.36 0.99
C LEU A 41 0.69 2.74 0.60
N ALA A 42 1.30 3.66 1.37
CA ALA A 42 2.71 4.07 1.18
C ALA A 42 3.71 2.93 1.56
N VAL A 43 3.33 2.07 2.53
CA VAL A 43 4.08 0.84 2.88
C VAL A 43 4.14 -0.12 1.68
N GLY A 44 3.03 -0.18 0.92
CA GLY A 44 2.97 -0.95 -0.34
C GLY A 44 3.89 -0.40 -1.44
N TRP A 45 4.11 0.93 -1.46
CA TRP A 45 5.07 1.56 -2.41
C TRP A 45 6.53 1.21 -2.02
N LEU A 46 6.80 1.14 -0.71
CA LEU A 46 8.09 0.67 -0.19
C LEU A 46 8.29 -0.84 -0.47
N ALA A 47 7.19 -1.62 -0.41
CA ALA A 47 7.17 -3.05 -0.81
C ALA A 47 7.54 -3.23 -2.31
N ARG A 48 7.04 -2.30 -3.16
CA ARG A 48 7.44 -2.20 -4.60
C ARG A 48 8.97 -2.05 -4.74
N GLU A 49 9.54 -1.10 -3.98
CA GLU A 49 10.99 -0.80 -3.96
C GLU A 49 11.77 -1.85 -3.10
N ASN A 50 11.00 -2.75 -2.42
CA ASN A 50 11.51 -3.81 -1.53
C ASN A 50 12.28 -3.26 -0.31
N LYS A 51 12.01 -1.97 0.04
CA LYS A 51 12.65 -1.26 1.16
C LYS A 51 12.10 -1.65 2.55
N VAL A 52 11.05 -2.49 2.57
CA VAL A 52 10.43 -2.96 3.83
C VAL A 52 10.17 -4.49 3.82
N VAL A 53 10.17 -5.09 5.03
CA VAL A 53 9.75 -6.48 5.27
C VAL A 53 8.62 -6.48 6.34
N ILE A 54 7.43 -7.01 5.97
CA ILE A 54 6.24 -7.04 6.84
C ILE A 54 6.09 -8.44 7.46
N GLU A 55 6.04 -8.51 8.80
CA GLU A 55 5.94 -9.79 9.55
C GLU A 55 4.69 -9.84 10.46
N ARG A 56 4.16 -11.07 10.64
CA ARG A 56 3.08 -11.35 11.62
C ARG A 56 3.68 -11.99 12.90
N LYS A 57 3.63 -11.25 14.02
CA LYS A 57 4.01 -11.75 15.36
C LYS A 57 2.74 -12.00 16.19
N ASN A 58 2.47 -13.29 16.49
CA ASN A 58 1.23 -13.76 17.18
C ASN A 58 -0.07 -13.31 16.42
N GLY A 59 0.05 -13.20 15.09
CA GLY A 59 -1.02 -12.68 14.20
C GLY A 59 -0.93 -11.17 13.91
N LEU A 60 -0.31 -10.40 14.85
CA LEU A 60 -0.23 -8.92 14.77
C LEU A 60 0.79 -8.47 13.69
N ILE A 61 0.38 -7.51 12.84
CA ILE A 61 1.18 -7.04 11.69
C ILE A 61 2.11 -5.86 12.09
N GLU A 62 3.42 -6.03 11.86
CA GLU A 62 4.46 -5.01 12.16
C GLU A 62 5.33 -4.76 10.89
N ILE A 63 5.67 -3.49 10.63
CA ILE A 63 6.54 -3.10 9.49
C ILE A 63 8.03 -2.96 9.97
N TYR A 64 8.94 -3.50 9.14
CA TYR A 64 10.41 -3.49 9.40
C TYR A 64 11.18 -2.99 8.15
N ASN A 65 12.48 -2.72 8.30
CA ASN A 65 13.39 -2.39 7.16
C ASN A 65 13.97 -3.70 6.56
N GLU A 66 14.37 -3.64 5.27
CA GLU A 66 15.15 -4.73 4.63
C GLU A 66 16.61 -4.78 5.14
N GLY A 67 17.45 -5.65 4.51
CA GLY A 67 18.83 -5.85 4.97
C GLY A 67 18.91 -6.68 6.27
N HIS A 68 17.88 -7.51 6.51
CA HIS A 68 17.80 -8.43 7.67
C HIS A 68 17.92 -9.88 7.19
N PHE A 69 17.12 -10.24 6.17
CA PHE A 69 17.12 -11.59 5.55
C PHE A 69 18.09 -11.62 4.34
N ASP A 70 19.07 -12.55 4.38
CA ASP A 70 20.19 -12.60 3.42
C ASP A 70 19.78 -13.18 2.06
N PHE A 71 20.02 -12.42 0.99
CA PHE A 71 19.75 -12.87 -0.40
C PHE A 71 20.86 -13.81 -0.90
N SER A 72 20.47 -14.80 -1.73
CA SER A 72 21.37 -15.90 -2.23
C SER A 72 21.80 -16.83 -1.07
N PHE A 73 20.94 -16.97 -0.05
CA PHE A 73 21.19 -17.83 1.15
C PHE A 73 20.21 -19.03 1.20
N GLY A 74 19.35 -19.14 0.18
CA GLY A 74 18.25 -20.12 0.15
C GLY A 74 16.89 -19.43 0.27
N LEU A 75 16.47 -19.15 1.54
CA LEU A 75 15.23 -18.39 1.90
C LEU A 75 13.91 -19.17 1.66
N GLU A 76 13.75 -19.73 0.44
CA GLU A 76 12.57 -20.55 0.07
C GLU A 76 12.44 -21.82 0.94
N HIS A 77 11.32 -21.93 1.65
CA HIS A 77 10.89 -23.16 2.36
C HIS A 77 9.56 -23.65 1.73
N HIS A 78 9.45 -24.97 1.48
CA HIS A 78 8.24 -25.59 0.91
C HIS A 78 7.01 -25.37 1.85
N HIS A 79 6.11 -24.46 1.42
CA HIS A 79 4.89 -24.11 2.19
C HIS A 79 3.92 -25.32 2.31
N HIS A 80 3.06 -25.28 3.34
CA HIS A 80 2.13 -26.38 3.66
C HIS A 80 0.95 -26.41 2.65
N HIS A 81 0.80 -27.55 1.95
CA HIS A 81 -0.26 -27.76 0.95
C HIS A 81 -1.61 -28.05 1.66
N HIS A 82 -2.40 -26.97 1.88
CA HIS A 82 -3.72 -27.02 2.55
C HIS A 82 -3.59 -27.57 3.99
N MET B 1 5.05 -12.21 7.25
CA MET B 1 6.41 -12.76 7.40
C MET B 1 7.07 -13.06 6.04
N ASP B 2 6.28 -12.99 4.95
CA ASP B 2 6.70 -13.44 3.61
C ASP B 2 6.10 -12.54 2.50
N LYS B 3 6.77 -12.48 1.34
CA LYS B 3 6.38 -11.58 0.22
C LYS B 3 5.22 -12.18 -0.63
N LYS B 4 5.08 -13.52 -0.65
CA LYS B 4 3.95 -14.21 -1.36
C LYS B 4 2.59 -13.86 -0.70
N ILE B 5 2.62 -13.41 0.58
CA ILE B 5 1.42 -12.93 1.29
C ILE B 5 0.78 -11.72 0.56
N VAL B 6 1.55 -10.61 0.40
CA VAL B 6 1.05 -9.37 -0.25
C VAL B 6 0.70 -9.60 -1.75
N GLY B 7 1.42 -10.55 -2.39
CA GLY B 7 1.14 -10.95 -3.78
C GLY B 7 -0.20 -11.66 -3.94
N ALA B 8 -0.45 -12.66 -3.06
CA ALA B 8 -1.72 -13.40 -2.98
C ALA B 8 -2.90 -12.47 -2.65
N ASN B 9 -2.65 -11.52 -1.72
CA ASN B 9 -3.65 -10.52 -1.28
C ASN B 9 -4.01 -9.54 -2.42
N ALA B 10 -2.99 -9.08 -3.17
CA ALA B 10 -3.16 -8.03 -4.21
C ALA B 10 -3.95 -8.54 -5.43
N GLY B 11 -3.74 -9.83 -5.78
CA GLY B 11 -4.48 -10.47 -6.88
C GLY B 11 -5.99 -10.61 -6.59
N LYS B 12 -6.31 -10.90 -5.31
CA LYS B 12 -7.71 -11.05 -4.83
C LYS B 12 -8.39 -9.67 -4.67
N VAL B 13 -7.63 -8.70 -4.11
CA VAL B 13 -8.08 -7.30 -3.88
C VAL B 13 -8.40 -6.59 -5.21
N TRP B 14 -7.47 -6.70 -6.20
CA TRP B 14 -7.64 -6.09 -7.54
C TRP B 14 -8.82 -6.71 -8.31
N HIS B 15 -9.03 -8.03 -8.12
CA HIS B 15 -10.13 -8.76 -8.77
C HIS B 15 -11.50 -8.25 -8.27
N ALA B 16 -11.63 -8.10 -6.93
CA ALA B 16 -12.86 -7.55 -6.28
C ALA B 16 -13.01 -6.02 -6.53
N LEU B 17 -11.88 -5.34 -6.79
CA LEU B 17 -11.82 -3.92 -7.23
C LEU B 17 -12.28 -3.79 -8.72
N ASN B 18 -12.02 -4.84 -9.53
CA ASN B 18 -12.48 -4.90 -10.92
C ASN B 18 -14.02 -5.10 -10.97
N GLU B 19 -14.55 -5.90 -10.01
CA GLU B 19 -16.00 -6.14 -9.87
C GLU B 19 -16.72 -4.88 -9.31
N ALA B 20 -16.17 -4.33 -8.21
CA ALA B 20 -16.70 -3.14 -7.53
C ALA B 20 -15.76 -1.93 -7.74
N ASP B 21 -15.97 -1.22 -8.86
CA ASP B 21 -15.20 0.00 -9.22
C ASP B 21 -15.53 1.18 -8.26
N GLY B 22 -14.47 1.76 -7.63
CA GLY B 22 -14.64 2.84 -6.66
C GLY B 22 -15.14 2.34 -5.31
N ILE B 23 -14.32 1.51 -4.66
CA ILE B 23 -14.67 0.83 -3.38
C ILE B 23 -13.71 1.29 -2.25
N SER B 24 -14.28 1.54 -1.04
CA SER B 24 -13.51 1.89 0.18
C SER B 24 -12.66 0.69 0.65
N ILE B 25 -11.48 0.98 1.25
CA ILE B 25 -10.51 -0.06 1.70
C ILE B 25 -11.13 -1.10 2.72
N PRO B 26 -11.84 -0.68 3.85
CA PRO B 26 -12.43 -1.65 4.82
C PRO B 26 -13.61 -2.48 4.25
N GLU B 27 -14.34 -1.92 3.27
CA GLU B 27 -15.47 -2.61 2.61
C GLU B 27 -14.93 -3.74 1.72
N LEU B 28 -13.98 -3.33 0.87
CA LEU B 28 -13.17 -4.19 -0.01
C LEU B 28 -12.44 -5.31 0.77
N ALA B 29 -11.95 -4.96 1.98
CA ALA B 29 -11.27 -5.90 2.90
C ALA B 29 -12.18 -7.08 3.30
N ARG B 30 -13.44 -6.77 3.65
CA ARG B 30 -14.45 -7.78 4.02
C ARG B 30 -14.84 -8.64 2.79
N LYS B 31 -14.92 -8.00 1.61
CA LYS B 31 -15.23 -8.65 0.33
C LYS B 31 -14.15 -9.70 -0.08
N VAL B 32 -12.88 -9.46 0.33
CA VAL B 32 -11.74 -10.38 0.03
C VAL B 32 -11.34 -11.24 1.26
N ASN B 33 -12.07 -11.08 2.39
CA ASN B 33 -11.85 -11.83 3.67
C ASN B 33 -10.47 -11.52 4.32
N LEU B 34 -9.94 -10.32 4.08
CA LEU B 34 -8.65 -9.85 4.65
C LEU B 34 -8.87 -8.68 5.64
N SER B 35 -7.82 -8.36 6.42
CA SER B 35 -7.77 -7.15 7.27
C SER B 35 -7.66 -5.87 6.43
N VAL B 36 -8.09 -4.73 7.00
CA VAL B 36 -7.93 -3.38 6.39
C VAL B 36 -6.44 -3.08 6.09
N GLU B 37 -5.57 -3.45 7.05
CA GLU B 37 -4.10 -3.34 6.92
C GLU B 37 -3.57 -4.17 5.73
N SER B 38 -4.04 -5.44 5.65
CA SER B 38 -3.64 -6.41 4.60
C SER B 38 -4.06 -5.95 3.19
N THR B 39 -5.26 -5.34 3.11
CA THR B 39 -5.86 -4.86 1.83
C THR B 39 -5.17 -3.56 1.33
N ALA B 40 -5.04 -2.56 2.23
CA ALA B 40 -4.40 -1.24 1.92
C ALA B 40 -2.93 -1.39 1.44
N LEU B 41 -2.21 -2.31 2.10
CA LEU B 41 -0.83 -2.71 1.73
C LEU B 41 -0.82 -3.33 0.31
N ALA B 42 -1.76 -4.28 0.10
CA ALA B 42 -1.93 -5.00 -1.18
C ALA B 42 -2.25 -4.03 -2.36
N VAL B 43 -2.91 -2.91 -2.04
CA VAL B 43 -3.23 -1.84 -3.03
C VAL B 43 -1.93 -1.11 -3.47
N GLY B 44 -0.99 -0.92 -2.52
CA GLY B 44 0.35 -0.38 -2.84
C GLY B 44 1.21 -1.36 -3.65
N TRP B 45 0.98 -2.68 -3.44
CA TRP B 45 1.62 -3.76 -4.22
C TRP B 45 1.00 -3.85 -5.65
N LEU B 46 -0.21 -3.32 -5.83
CA LEU B 46 -0.82 -3.08 -7.17
C LEU B 46 -0.23 -1.82 -7.86
N ALA B 47 0.12 -0.79 -7.04
CA ALA B 47 0.71 0.50 -7.51
C ALA B 47 2.04 0.35 -8.32
N ARG B 48 2.78 -0.76 -8.09
CA ARG B 48 4.00 -1.10 -8.89
C ARG B 48 3.66 -1.32 -10.39
N GLU B 49 2.49 -1.92 -10.64
CA GLU B 49 1.96 -2.18 -12.00
C GLU B 49 0.97 -1.07 -12.44
N ASN B 50 0.71 -0.10 -11.51
CA ASN B 50 -0.15 1.10 -11.72
C ASN B 50 -1.63 0.75 -12.01
N LYS B 51 -2.05 -0.47 -11.61
CA LYS B 51 -3.39 -1.04 -11.94
C LYS B 51 -4.53 -0.42 -11.09
N VAL B 52 -4.17 0.39 -10.07
CA VAL B 52 -5.14 1.13 -9.21
C VAL B 52 -4.78 2.62 -9.14
N VAL B 53 -5.80 3.46 -8.93
CA VAL B 53 -5.65 4.92 -8.71
C VAL B 53 -6.33 5.32 -7.36
N ILE B 54 -5.53 5.95 -6.49
CA ILE B 54 -5.93 6.34 -5.12
C ILE B 54 -6.49 7.77 -5.15
N GLU B 55 -7.77 7.93 -4.74
CA GLU B 55 -8.46 9.25 -4.71
C GLU B 55 -8.85 9.61 -3.25
N ARG B 56 -8.63 10.88 -2.84
CA ARG B 56 -9.02 11.38 -1.50
C ARG B 56 -10.37 12.15 -1.56
N LYS B 57 -11.42 11.53 -1.01
CA LYS B 57 -12.76 12.16 -0.83
C LYS B 57 -12.95 12.53 0.67
N ASN B 58 -12.92 13.85 0.96
CA ASN B 58 -13.07 14.42 2.33
C ASN B 58 -11.95 13.94 3.30
N GLY B 59 -10.75 13.67 2.75
CA GLY B 59 -9.62 13.15 3.54
C GLY B 59 -9.53 11.61 3.55
N LEU B 60 -10.63 10.93 3.19
CA LEU B 60 -10.73 9.44 3.18
C LEU B 60 -10.30 8.89 1.81
N ILE B 61 -9.72 7.67 1.77
CA ILE B 61 -9.25 7.04 0.52
C ILE B 61 -10.35 6.13 -0.11
N GLU B 62 -10.55 6.25 -1.44
CA GLU B 62 -11.37 5.32 -2.24
C GLU B 62 -10.49 4.74 -3.38
N ILE B 63 -10.55 3.41 -3.56
CA ILE B 63 -9.72 2.69 -4.55
C ILE B 63 -10.51 2.54 -5.88
N TYR B 64 -9.96 3.12 -6.96
CA TYR B 64 -10.53 2.99 -8.34
C TYR B 64 -9.57 2.18 -9.25
N ASN B 65 -10.07 1.80 -10.44
CA ASN B 65 -9.27 1.07 -11.47
C ASN B 65 -8.36 2.04 -12.25
N GLU B 66 -7.23 1.53 -12.82
CA GLU B 66 -6.37 2.32 -13.73
C GLU B 66 -7.15 2.94 -14.89
N GLY B 67 -6.79 4.19 -15.20
CA GLY B 67 -7.51 5.02 -16.15
C GLY B 67 -7.92 6.35 -15.51
N HIS B 68 -9.12 6.81 -15.87
CA HIS B 68 -9.61 8.24 -15.78
C HIS B 68 -8.54 9.33 -16.15
N PHE B 69 -7.36 9.29 -15.50
CA PHE B 69 -6.11 9.90 -16.02
C PHE B 69 -5.73 9.29 -17.40
N ASP B 70 -5.19 10.11 -18.29
CA ASP B 70 -4.69 9.67 -19.62
C ASP B 70 -3.15 9.56 -19.59
N PHE B 71 -2.61 8.53 -20.28
CA PHE B 71 -1.17 8.18 -20.28
C PHE B 71 -0.31 9.33 -20.88
N SER B 72 0.72 9.76 -20.09
CA SER B 72 1.60 10.94 -20.37
C SER B 72 0.93 12.29 -20.01
N PHE B 73 -0.43 12.35 -20.09
CA PHE B 73 -1.28 13.54 -19.79
C PHE B 73 -1.22 14.65 -20.90
N GLY B 74 -0.09 14.72 -21.63
CA GLY B 74 0.16 15.75 -22.63
C GLY B 74 1.55 16.39 -22.50
N LEU B 75 2.37 15.86 -21.56
CA LEU B 75 3.76 16.32 -21.35
C LEU B 75 4.70 15.74 -22.43
N GLU B 76 5.57 16.60 -22.96
CA GLU B 76 6.52 16.25 -24.04
C GLU B 76 7.68 15.36 -23.53
N HIS B 77 7.48 14.03 -23.58
CA HIS B 77 8.55 13.05 -23.32
C HIS B 77 9.24 12.70 -24.66
N HIS B 78 10.27 13.51 -25.01
CA HIS B 78 10.94 13.46 -26.32
C HIS B 78 11.78 12.16 -26.50
N HIS B 79 11.09 11.08 -26.87
CA HIS B 79 11.68 9.75 -27.14
C HIS B 79 10.91 9.05 -28.29
N HIS B 80 9.57 9.18 -28.25
CA HIS B 80 8.66 8.58 -29.25
C HIS B 80 7.34 9.38 -29.32
N HIS B 81 6.64 9.28 -30.45
CA HIS B 81 5.32 9.94 -30.67
C HIS B 81 4.17 9.13 -30.02
N HIS B 82 3.02 9.79 -29.83
CA HIS B 82 1.83 9.21 -29.17
C HIS B 82 0.55 9.79 -29.79
N MET A 1 -5.97 10.10 -8.54
CA MET A 1 -5.60 11.48 -8.95
C MET A 1 -4.13 11.54 -9.44
N ASP A 2 -3.18 11.49 -8.48
CA ASP A 2 -1.72 11.57 -8.77
C ASP A 2 -0.99 10.36 -8.17
N LYS A 3 0.04 9.90 -8.90
CA LYS A 3 0.85 8.72 -8.52
C LYS A 3 1.94 9.09 -7.48
N LYS A 4 2.67 10.21 -7.71
CA LYS A 4 3.84 10.57 -6.87
C LYS A 4 3.45 10.98 -5.41
N ILE A 5 2.13 11.16 -5.15
CA ILE A 5 1.56 11.26 -3.77
C ILE A 5 2.16 10.15 -2.85
N VAL A 6 1.94 8.87 -3.24
CA VAL A 6 2.40 7.70 -2.43
C VAL A 6 3.94 7.60 -2.34
N GLY A 7 4.65 8.14 -3.36
CA GLY A 7 6.12 8.24 -3.33
C GLY A 7 6.62 9.23 -2.27
N ALA A 8 5.94 10.39 -2.19
CA ALA A 8 6.22 11.45 -1.18
C ALA A 8 5.89 10.97 0.26
N ASN A 9 4.73 10.28 0.38
CA ASN A 9 4.28 9.66 1.66
C ASN A 9 5.28 8.60 2.16
N ALA A 10 5.71 7.72 1.25
CA ALA A 10 6.58 6.56 1.57
C ALA A 10 8.01 6.99 1.91
N GLY A 11 8.46 8.11 1.29
CA GLY A 11 9.78 8.69 1.60
C GLY A 11 9.91 9.14 3.06
N LYS A 12 8.83 9.73 3.59
CA LYS A 12 8.74 10.17 5.01
C LYS A 12 8.52 8.97 5.98
N VAL A 13 7.70 7.97 5.55
CA VAL A 13 7.42 6.74 6.33
C VAL A 13 8.72 5.92 6.58
N TRP A 14 9.49 5.71 5.49
CA TRP A 14 10.77 4.97 5.54
C TRP A 14 11.83 5.72 6.38
N HIS A 15 11.85 7.06 6.24
CA HIS A 15 12.73 7.94 7.06
C HIS A 15 12.40 7.81 8.57
N ALA A 16 11.10 7.69 8.89
CA ALA A 16 10.62 7.51 10.29
C ALA A 16 10.99 6.11 10.86
N LEU A 17 11.22 5.13 9.96
CA LEU A 17 11.80 3.82 10.32
C LEU A 17 13.31 3.95 10.71
N ASN A 18 14.08 4.71 9.90
CA ASN A 18 15.51 5.02 10.20
C ASN A 18 15.66 5.79 11.54
N GLU A 19 14.65 6.62 11.86
CA GLU A 19 14.53 7.26 13.18
C GLU A 19 14.20 6.21 14.28
N ALA A 20 13.14 5.40 14.04
CA ALA A 20 12.67 4.36 14.98
C ALA A 20 11.66 3.39 14.30
N ASP A 21 12.14 2.18 13.92
CA ASP A 21 11.29 1.11 13.31
C ASP A 21 10.82 0.10 14.38
N GLY A 22 10.13 -0.98 13.94
CA GLY A 22 9.66 -2.03 14.85
C GLY A 22 8.42 -1.58 15.61
N ILE A 23 7.46 -1.06 14.84
CA ILE A 23 6.35 -0.27 15.37
C ILE A 23 5.02 -0.65 14.65
N SER A 24 3.88 -0.32 15.28
CA SER A 24 2.55 -0.47 14.65
C SER A 24 2.34 0.64 13.58
N ILE A 25 1.61 0.29 12.50
CA ILE A 25 1.24 1.23 11.41
C ILE A 25 0.47 2.51 11.93
N PRO A 26 -0.58 2.41 12.84
CA PRO A 26 -1.27 3.61 13.41
C PRO A 26 -0.34 4.55 14.25
N GLU A 27 0.68 3.97 14.88
CA GLU A 27 1.65 4.72 15.72
C GLU A 27 2.62 5.51 14.81
N LEU A 28 3.11 4.79 13.81
CA LEU A 28 3.95 5.30 12.71
C LEU A 28 3.22 6.43 11.92
N ALA A 29 1.91 6.26 11.73
CA ALA A 29 1.02 7.25 11.05
C ALA A 29 1.04 8.64 11.75
N ARG A 30 1.11 8.62 13.10
CA ARG A 30 1.19 9.84 13.93
C ARG A 30 2.53 10.58 13.74
N LYS A 31 3.63 9.80 13.60
CA LYS A 31 5.00 10.34 13.41
C LYS A 31 5.16 11.01 12.02
N VAL A 32 4.53 10.40 11.00
CA VAL A 32 4.57 10.90 9.61
C VAL A 32 3.40 11.86 9.28
N ASN A 33 2.49 12.07 10.28
CA ASN A 33 1.34 13.03 10.22
C ASN A 33 0.24 12.56 9.20
N LEU A 34 0.37 11.31 8.69
CA LEU A 34 -0.57 10.75 7.69
C LEU A 34 -1.67 9.90 8.35
N SER A 35 -2.71 9.55 7.57
CA SER A 35 -3.74 8.55 7.95
C SER A 35 -3.12 7.14 8.03
N VAL A 36 -3.67 6.29 8.92
CA VAL A 36 -3.24 4.87 9.04
C VAL A 36 -3.33 4.14 7.68
N GLU A 37 -4.43 4.42 6.96
CA GLU A 37 -4.71 3.89 5.61
C GLU A 37 -3.68 4.37 4.55
N SER A 38 -3.26 5.65 4.63
CA SER A 38 -2.23 6.21 3.71
C SER A 38 -0.80 5.75 4.07
N THR A 39 -0.59 5.41 5.35
CA THR A 39 0.71 4.91 5.86
C THR A 39 0.92 3.41 5.50
N ALA A 40 -0.14 2.58 5.67
CA ALA A 40 -0.12 1.14 5.29
C ALA A 40 0.04 0.97 3.76
N LEU A 41 -0.60 1.88 3.01
CA LEU A 41 -0.43 2.04 1.55
C LEU A 41 1.06 2.32 1.22
N ALA A 42 1.60 3.35 1.89
CA ALA A 42 2.99 3.82 1.70
C ALA A 42 4.02 2.70 2.07
N VAL A 43 3.64 1.85 3.05
CA VAL A 43 4.44 0.65 3.43
C VAL A 43 4.47 -0.38 2.28
N GLY A 44 3.34 -0.52 1.56
CA GLY A 44 3.27 -1.34 0.33
C GLY A 44 4.13 -0.78 -0.82
N TRP A 45 4.27 0.55 -0.87
CA TRP A 45 5.12 1.26 -1.86
C TRP A 45 6.62 1.10 -1.52
N LEU A 46 6.94 0.98 -0.23
CA LEU A 46 8.30 0.63 0.25
C LEU A 46 8.60 -0.88 0.01
N ALA A 47 7.57 -1.72 0.24
CA ALA A 47 7.63 -3.19 0.04
C ALA A 47 7.92 -3.56 -1.43
N ARG A 48 7.37 -2.79 -2.40
CA ARG A 48 7.66 -3.01 -3.83
C ARG A 48 9.17 -2.79 -4.14
N GLU A 49 9.78 -1.83 -3.39
CA GLU A 49 11.21 -1.47 -3.53
C GLU A 49 12.11 -2.38 -2.64
N ASN A 50 11.48 -3.31 -1.91
CA ASN A 50 12.15 -4.30 -1.01
C ASN A 50 12.87 -3.61 0.18
N LYS A 51 12.44 -2.37 0.54
CA LYS A 51 13.12 -1.55 1.56
C LYS A 51 12.54 -1.77 2.98
N VAL A 52 11.44 -2.52 3.10
CA VAL A 52 10.80 -2.82 4.41
C VAL A 52 10.48 -4.32 4.56
N VAL A 53 10.36 -4.76 5.83
CA VAL A 53 10.01 -6.14 6.19
C VAL A 53 8.82 -6.15 7.20
N ILE A 54 7.72 -6.85 6.83
CA ILE A 54 6.50 -6.95 7.66
C ILE A 54 6.45 -8.31 8.39
N GLU A 55 6.32 -8.29 9.73
CA GLU A 55 6.12 -9.51 10.54
C GLU A 55 4.63 -9.71 10.90
N ARG A 56 4.08 -10.88 10.51
CA ARG A 56 2.72 -11.30 10.88
C ARG A 56 2.78 -12.42 11.95
N LYS A 57 2.60 -12.03 13.21
CA LYS A 57 2.63 -12.97 14.37
C LYS A 57 1.35 -12.79 15.21
N ASN A 58 0.63 -13.90 15.51
CA ASN A 58 -0.68 -13.91 16.22
C ASN A 58 -1.77 -13.08 15.45
N GLY A 59 -1.64 -13.03 14.11
CA GLY A 59 -2.51 -12.18 13.25
C GLY A 59 -2.18 -10.67 13.31
N LEU A 60 -1.14 -10.30 14.09
CA LEU A 60 -0.73 -8.88 14.28
C LEU A 60 0.37 -8.47 13.28
N ILE A 61 0.18 -7.32 12.64
CA ILE A 61 1.10 -6.77 11.62
C ILE A 61 1.97 -5.65 12.23
N GLU A 62 3.29 -5.88 12.25
CA GLU A 62 4.29 -4.91 12.75
C GLU A 62 5.30 -4.60 11.63
N ILE A 63 5.60 -3.31 11.42
CA ILE A 63 6.54 -2.86 10.37
C ILE A 63 7.96 -2.60 10.94
N TYR A 64 8.93 -3.39 10.44
CA TYR A 64 10.37 -3.28 10.75
C TYR A 64 11.14 -2.73 9.53
N ASN A 65 12.39 -2.30 9.75
CA ASN A 65 13.30 -1.86 8.67
C ASN A 65 14.05 -3.08 8.11
N GLU A 66 14.26 -3.10 6.78
CA GLU A 66 14.90 -4.23 6.06
C GLU A 66 16.30 -4.57 6.64
N GLY A 67 16.57 -5.88 6.81
CA GLY A 67 17.81 -6.37 7.44
C GLY A 67 17.55 -7.24 8.66
N HIS A 68 16.40 -7.01 9.32
CA HIS A 68 15.94 -7.81 10.47
C HIS A 68 14.43 -8.16 10.36
N PHE A 69 14.15 -9.45 10.13
CA PHE A 69 12.78 -10.01 10.02
C PHE A 69 12.74 -11.46 10.56
N ASP A 70 13.74 -11.80 11.40
CA ASP A 70 13.96 -13.18 11.90
C ASP A 70 13.05 -13.51 13.12
N PHE A 71 11.76 -13.11 13.02
CA PHE A 71 10.68 -13.50 13.95
C PHE A 71 10.98 -13.13 15.43
N SER A 72 10.53 -11.94 15.86
CA SER A 72 10.63 -11.49 17.27
C SER A 72 10.05 -12.55 18.24
N PHE A 73 10.97 -13.35 18.84
CA PHE A 73 10.64 -14.56 19.61
C PHE A 73 9.99 -14.20 20.97
N GLY A 74 8.63 -14.22 20.99
CA GLY A 74 7.85 -13.91 22.19
C GLY A 74 6.44 -14.47 22.11
N LEU A 75 6.33 -15.82 22.20
CA LEU A 75 5.05 -16.54 22.10
C LEU A 75 4.28 -16.54 23.44
N GLU A 76 3.46 -15.50 23.61
CA GLU A 76 2.60 -15.29 24.78
C GLU A 76 1.11 -15.43 24.37
N HIS A 77 0.31 -16.14 25.17
CA HIS A 77 -1.16 -16.23 24.98
C HIS A 77 -1.85 -15.05 25.71
N HIS A 78 -1.52 -13.83 25.26
CA HIS A 78 -2.08 -12.57 25.78
C HIS A 78 -3.54 -12.41 25.32
N HIS A 79 -4.43 -11.99 26.25
CA HIS A 79 -5.86 -11.78 25.97
C HIS A 79 -6.03 -10.69 24.87
N HIS A 80 -6.44 -11.14 23.67
CA HIS A 80 -6.56 -10.27 22.47
C HIS A 80 -7.71 -10.76 21.56
N HIS A 81 -8.62 -9.84 21.19
CA HIS A 81 -9.76 -10.15 20.29
C HIS A 81 -9.27 -10.34 18.82
N HIS A 82 -9.63 -11.51 18.25
CA HIS A 82 -9.24 -11.89 16.87
C HIS A 82 -10.14 -11.21 15.81
N MET B 1 9.49 -14.45 1.16
CA MET B 1 8.32 -14.92 1.90
C MET B 1 7.16 -13.90 1.83
N ASP B 2 7.43 -12.66 2.26
CA ASP B 2 6.44 -11.57 2.32
C ASP B 2 6.09 -11.02 0.92
N LYS B 3 7.06 -11.12 -0.02
CA LYS B 3 6.95 -10.53 -1.36
C LYS B 3 6.00 -11.31 -2.29
N LYS B 4 5.80 -12.60 -2.00
CA LYS B 4 4.81 -13.43 -2.71
C LYS B 4 3.41 -13.32 -2.04
N ILE B 5 3.38 -12.93 -0.75
CA ILE B 5 2.12 -12.61 -0.03
C ILE B 5 1.49 -11.31 -0.60
N VAL B 6 2.30 -10.24 -0.71
CA VAL B 6 1.83 -8.94 -1.24
C VAL B 6 1.32 -9.07 -2.70
N GLY B 7 1.92 -10.01 -3.47
CA GLY B 7 1.50 -10.32 -4.84
C GLY B 7 0.17 -11.08 -4.92
N ALA B 8 0.06 -12.16 -4.12
CA ALA B 8 -1.14 -13.04 -4.09
C ALA B 8 -2.39 -12.29 -3.58
N ASN B 9 -2.21 -11.59 -2.42
CA ASN B 9 -3.25 -10.74 -1.80
C ASN B 9 -3.72 -9.61 -2.76
N ALA B 10 -2.77 -8.99 -3.48
CA ALA B 10 -3.08 -7.84 -4.39
C ALA B 10 -3.95 -8.26 -5.59
N GLY B 11 -3.65 -9.46 -6.14
CA GLY B 11 -4.44 -10.01 -7.25
C GLY B 11 -5.91 -10.24 -6.87
N LYS B 12 -6.12 -10.78 -5.66
CA LYS B 12 -7.47 -11.05 -5.10
C LYS B 12 -8.23 -9.73 -4.77
N VAL B 13 -7.50 -8.76 -4.17
CA VAL B 13 -8.03 -7.41 -3.85
C VAL B 13 -8.54 -6.68 -5.12
N TRP B 14 -7.75 -6.76 -6.19
CA TRP B 14 -8.08 -6.15 -7.50
C TRP B 14 -9.37 -6.75 -8.13
N HIS B 15 -9.62 -8.06 -7.91
CA HIS B 15 -10.80 -8.78 -8.43
C HIS B 15 -12.15 -8.19 -7.93
N ALA B 16 -12.16 -7.63 -6.71
CA ALA B 16 -13.36 -6.96 -6.13
C ALA B 16 -13.72 -5.65 -6.89
N LEU B 17 -12.72 -5.02 -7.55
CA LEU B 17 -12.93 -3.83 -8.42
C LEU B 17 -13.66 -4.18 -9.75
N ASN B 18 -13.62 -5.46 -10.15
CA ASN B 18 -14.23 -5.96 -11.40
C ASN B 18 -15.78 -5.84 -11.37
N GLU B 19 -16.39 -5.93 -10.17
CA GLU B 19 -17.85 -5.77 -9.98
C GLU B 19 -18.22 -4.30 -9.68
N ALA B 20 -17.34 -3.59 -8.91
CA ALA B 20 -17.61 -2.20 -8.46
C ALA B 20 -16.33 -1.49 -7.95
N ASP B 21 -15.87 -0.46 -8.70
CA ASP B 21 -14.85 0.51 -8.24
C ASP B 21 -15.49 1.58 -7.33
N GLY B 22 -14.69 2.54 -6.82
CA GLY B 22 -15.19 3.56 -5.89
C GLY B 22 -15.59 2.96 -4.55
N ILE B 23 -14.59 2.37 -3.89
CA ILE B 23 -14.77 1.58 -2.66
C ILE B 23 -13.60 1.87 -1.68
N SER B 24 -13.93 1.96 -0.38
CA SER B 24 -12.93 2.19 0.68
C SER B 24 -12.27 0.86 1.11
N ILE B 25 -11.10 0.97 1.75
CA ILE B 25 -10.25 -0.19 2.14
C ILE B 25 -10.98 -1.22 3.09
N PRO B 26 -11.73 -0.80 4.19
CA PRO B 26 -12.46 -1.78 5.08
C PRO B 26 -13.64 -2.52 4.38
N GLU B 27 -14.28 -1.85 3.38
CA GLU B 27 -15.41 -2.41 2.60
C GLU B 27 -14.89 -3.50 1.65
N LEU B 28 -13.80 -3.14 0.98
CA LEU B 28 -12.99 -4.01 0.12
C LEU B 28 -12.44 -5.23 0.89
N ALA B 29 -11.94 -4.97 2.12
CA ALA B 29 -11.32 -5.99 3.00
C ALA B 29 -12.27 -7.17 3.36
N ARG B 30 -13.52 -6.84 3.73
CA ARG B 30 -14.52 -7.85 4.15
C ARG B 30 -15.02 -8.70 2.95
N LYS B 31 -14.90 -8.16 1.73
CA LYS B 31 -15.22 -8.87 0.47
C LYS B 31 -14.08 -9.83 0.07
N VAL B 32 -12.82 -9.35 0.16
CA VAL B 32 -11.62 -10.16 -0.20
C VAL B 32 -11.11 -11.04 0.97
N ASN B 33 -11.87 -11.03 2.08
CA ASN B 33 -11.68 -11.93 3.24
C ASN B 33 -10.31 -11.67 3.99
N LEU B 34 -9.71 -10.49 3.75
CA LEU B 34 -8.43 -10.08 4.39
C LEU B 34 -8.67 -8.94 5.40
N SER B 35 -7.74 -8.77 6.36
CA SER B 35 -7.76 -7.62 7.32
C SER B 35 -7.51 -6.29 6.59
N VAL B 36 -8.03 -5.18 7.16
CA VAL B 36 -7.90 -3.82 6.57
C VAL B 36 -6.42 -3.45 6.27
N GLU B 37 -5.53 -3.77 7.23
CA GLU B 37 -4.06 -3.59 7.09
C GLU B 37 -3.48 -4.43 5.93
N SER B 38 -3.82 -5.73 5.89
CA SER B 38 -3.37 -6.69 4.83
C SER B 38 -3.86 -6.28 3.43
N THR B 39 -5.03 -5.63 3.39
CA THR B 39 -5.67 -5.16 2.15
C THR B 39 -5.00 -3.87 1.62
N ALA B 40 -4.78 -2.86 2.52
CA ALA B 40 -4.11 -1.57 2.16
C ALA B 40 -2.63 -1.78 1.72
N LEU B 41 -1.96 -2.70 2.43
CA LEU B 41 -0.58 -3.15 2.15
C LEU B 41 -0.52 -3.84 0.74
N ALA B 42 -1.57 -4.60 0.39
CA ALA B 42 -1.71 -5.26 -0.94
C ALA B 42 -2.04 -4.22 -2.06
N VAL B 43 -2.80 -3.17 -1.71
CA VAL B 43 -3.11 -2.02 -2.61
C VAL B 43 -1.82 -1.27 -3.02
N GLY B 44 -0.84 -1.18 -2.10
CA GLY B 44 0.49 -0.61 -2.40
C GLY B 44 1.25 -1.37 -3.50
N TRP B 45 1.03 -2.69 -3.58
CA TRP B 45 1.60 -3.56 -4.65
C TRP B 45 0.86 -3.36 -6.01
N LEU B 46 -0.47 -3.14 -5.97
CA LEU B 46 -1.28 -2.80 -7.17
C LEU B 46 -0.89 -1.40 -7.73
N ALA B 47 -0.55 -0.47 -6.82
CA ALA B 47 0.01 0.86 -7.14
C ALA B 47 1.35 0.77 -7.92
N ARG B 48 2.19 -0.25 -7.59
CA ARG B 48 3.42 -0.58 -8.36
C ARG B 48 3.07 -0.86 -9.84
N GLU B 49 2.03 -1.68 -10.03
CA GLU B 49 1.57 -2.14 -11.35
C GLU B 49 0.72 -1.08 -12.09
N ASN B 50 0.25 -0.04 -11.35
CA ASN B 50 -0.64 1.03 -11.86
C ASN B 50 -2.04 0.47 -12.27
N LYS B 51 -2.43 -0.65 -11.64
CA LYS B 51 -3.73 -1.31 -11.85
C LYS B 51 -4.86 -0.65 -11.02
N VAL B 52 -4.47 0.09 -9.97
CA VAL B 52 -5.41 0.89 -9.15
C VAL B 52 -5.14 2.39 -9.29
N VAL B 53 -6.22 3.18 -9.36
CA VAL B 53 -6.17 4.64 -9.38
C VAL B 53 -6.56 5.16 -7.99
N ILE B 54 -5.56 5.45 -7.17
CA ILE B 54 -5.76 5.89 -5.78
C ILE B 54 -6.07 7.40 -5.75
N GLU B 55 -7.20 7.74 -5.15
CA GLU B 55 -7.73 9.12 -5.17
C GLU B 55 -8.40 9.45 -3.83
N ARG B 56 -7.97 10.58 -3.23
CA ARG B 56 -8.49 11.06 -1.95
C ARG B 56 -9.80 11.86 -2.18
N LYS B 57 -10.95 11.23 -1.85
CA LYS B 57 -12.29 11.81 -1.99
C LYS B 57 -12.89 12.20 -0.62
N ASN B 58 -13.25 13.49 -0.46
CA ASN B 58 -13.88 14.07 0.77
C ASN B 58 -12.99 13.92 2.04
N GLY B 59 -11.67 13.93 1.83
CA GLY B 59 -10.69 13.67 2.90
C GLY B 59 -10.36 12.17 3.09
N LEU B 60 -11.31 11.29 2.74
CA LEU B 60 -11.12 9.82 2.80
C LEU B 60 -10.38 9.34 1.53
N ILE B 61 -9.85 8.10 1.54
CA ILE B 61 -9.06 7.58 0.40
C ILE B 61 -9.72 6.31 -0.20
N GLU B 62 -9.77 6.24 -1.54
CA GLU B 62 -10.36 5.11 -2.30
C GLU B 62 -9.44 4.68 -3.45
N ILE B 63 -9.75 3.52 -4.04
CA ILE B 63 -9.12 3.00 -5.27
C ILE B 63 -10.17 2.81 -6.39
N TYR B 64 -9.72 3.01 -7.64
CA TYR B 64 -10.53 2.84 -8.86
C TYR B 64 -9.86 1.87 -9.83
N ASN B 65 -10.59 1.46 -10.88
CA ASN B 65 -10.07 0.53 -11.91
C ASN B 65 -9.02 1.20 -12.81
N GLU B 66 -8.06 0.39 -13.29
CA GLU B 66 -7.07 0.77 -14.32
C GLU B 66 -7.75 1.40 -15.56
N GLY B 67 -7.65 2.72 -15.66
CA GLY B 67 -8.32 3.50 -16.71
C GLY B 67 -8.62 4.93 -16.28
N HIS B 68 -8.91 5.11 -14.97
CA HIS B 68 -9.27 6.43 -14.38
C HIS B 68 -8.04 7.35 -14.19
N PHE B 69 -6.82 6.82 -14.41
CA PHE B 69 -5.54 7.59 -14.31
C PHE B 69 -5.31 8.47 -15.57
N ASP B 70 -4.21 9.25 -15.59
CA ASP B 70 -4.02 10.39 -16.54
C ASP B 70 -5.16 11.45 -16.37
N PHE B 71 -5.71 11.53 -15.14
CA PHE B 71 -6.81 12.43 -14.77
C PHE B 71 -6.31 13.90 -14.64
N SER B 72 -7.24 14.87 -14.68
CA SER B 72 -6.93 16.31 -14.54
C SER B 72 -6.31 16.62 -13.16
N PHE B 73 -5.29 17.50 -13.17
CA PHE B 73 -4.49 17.80 -11.95
C PHE B 73 -4.84 19.21 -11.39
N GLY B 74 -5.48 19.22 -10.21
CA GLY B 74 -5.78 20.46 -9.48
C GLY B 74 -4.84 20.65 -8.27
N LEU B 75 -3.69 21.33 -8.51
CA LEU B 75 -2.68 21.56 -7.45
C LEU B 75 -3.27 22.47 -6.34
N GLU B 76 -3.69 21.85 -5.23
CA GLU B 76 -4.23 22.57 -4.07
C GLU B 76 -4.11 21.71 -2.80
N HIS B 77 -3.68 22.37 -1.71
CA HIS B 77 -3.62 21.82 -0.34
C HIS B 77 -3.40 23.02 0.61
N HIS B 78 -4.20 23.11 1.69
CA HIS B 78 -4.28 24.35 2.51
C HIS B 78 -3.02 24.60 3.39
N HIS B 79 -2.06 23.64 3.37
CA HIS B 79 -0.68 23.74 3.97
C HIS B 79 -0.61 24.43 5.37
N HIS B 80 -0.56 23.61 6.43
CA HIS B 80 -0.44 24.10 7.83
C HIS B 80 1.03 24.39 8.16
N HIS B 81 1.41 25.68 8.09
CA HIS B 81 2.80 26.16 8.28
C HIS B 81 2.81 27.57 8.91
N HIS B 82 3.78 27.83 9.83
CA HIS B 82 3.96 29.15 10.47
C HIS B 82 4.52 30.18 9.47
N MET A 1 -2.25 10.79 -10.43
CA MET A 1 -1.83 11.92 -9.54
C MET A 1 -0.98 11.44 -8.34
N ASP A 2 -1.28 10.22 -7.83
CA ASP A 2 -0.64 9.66 -6.60
C ASP A 2 0.84 9.31 -6.79
N LYS A 3 1.23 8.84 -7.99
CA LYS A 3 2.52 8.14 -8.25
C LYS A 3 3.79 8.90 -7.72
N LYS A 4 3.73 10.25 -7.69
CA LYS A 4 4.78 11.12 -7.08
C LYS A 4 4.46 11.46 -5.58
N ILE A 5 3.18 11.79 -5.28
CA ILE A 5 2.71 12.14 -3.90
C ILE A 5 3.10 11.05 -2.86
N VAL A 6 2.82 9.79 -3.24
CA VAL A 6 3.10 8.59 -2.44
C VAL A 6 4.60 8.41 -2.16
N GLY A 7 5.46 8.91 -3.09
CA GLY A 7 6.92 8.85 -2.93
C GLY A 7 7.43 9.80 -1.84
N ALA A 8 6.85 11.02 -1.79
CA ALA A 8 7.13 12.01 -0.72
C ALA A 8 6.66 11.48 0.67
N ASN A 9 5.46 10.87 0.69
CA ASN A 9 4.88 10.24 1.90
C ASN A 9 5.69 8.99 2.32
N ALA A 10 6.22 8.24 1.34
CA ALA A 10 6.97 6.99 1.56
C ALA A 10 8.35 7.25 2.16
N GLY A 11 8.97 8.38 1.76
CA GLY A 11 10.24 8.83 2.33
C GLY A 11 10.13 9.16 3.83
N LYS A 12 8.96 9.73 4.21
CA LYS A 12 8.60 10.04 5.62
C LYS A 12 8.41 8.74 6.45
N VAL A 13 7.62 7.80 5.92
CA VAL A 13 7.33 6.50 6.59
C VAL A 13 8.60 5.61 6.71
N TRP A 14 9.48 5.70 5.70
CA TRP A 14 10.77 4.99 5.67
C TRP A 14 11.77 5.60 6.68
N HIS A 15 11.67 6.93 6.87
CA HIS A 15 12.42 7.68 7.92
C HIS A 15 11.94 7.27 9.33
N ALA A 16 10.66 6.89 9.45
CA ALA A 16 10.09 6.39 10.72
C ALA A 16 10.63 4.98 11.10
N LEU A 17 10.95 4.16 10.07
CA LEU A 17 11.54 2.79 10.24
C LEU A 17 12.90 2.80 11.00
N ASN A 18 13.77 3.81 10.73
CA ASN A 18 15.11 3.92 11.37
C ASN A 18 15.00 4.24 12.89
N GLU A 19 13.79 4.60 13.33
CA GLU A 19 13.45 4.80 14.75
C GLU A 19 12.63 3.59 15.28
N ALA A 20 11.71 3.06 14.43
CA ALA A 20 10.74 2.01 14.82
C ALA A 20 10.60 0.90 13.75
N ASP A 21 11.42 -0.17 13.88
CA ASP A 21 11.24 -1.43 13.12
C ASP A 21 10.22 -2.35 13.84
N GLY A 22 9.26 -2.91 13.07
CA GLY A 22 8.23 -3.79 13.63
C GLY A 22 7.14 -3.01 14.37
N ILE A 23 6.44 -2.15 13.63
CA ILE A 23 5.39 -1.28 14.17
C ILE A 23 4.07 -1.44 13.37
N SER A 24 2.93 -1.33 14.08
CA SER A 24 1.58 -1.33 13.49
C SER A 24 1.35 -0.03 12.68
N ILE A 25 0.72 -0.17 11.50
CA ILE A 25 0.45 0.96 10.58
C ILE A 25 -0.41 2.13 11.22
N PRO A 26 -1.52 1.87 12.03
CA PRO A 26 -2.25 2.97 12.73
C PRO A 26 -1.40 3.76 13.77
N GLU A 27 -0.43 3.07 14.41
CA GLU A 27 0.46 3.70 15.43
C GLU A 27 1.49 4.60 14.73
N LEU A 28 2.04 4.02 13.66
CA LEU A 28 2.95 4.65 12.70
C LEU A 28 2.31 5.91 12.05
N ALA A 29 0.99 5.80 11.76
CA ALA A 29 0.18 6.88 11.15
C ALA A 29 0.16 8.17 11.99
N ARG A 30 0.12 7.99 13.32
CA ARG A 30 0.14 9.11 14.29
C ARG A 30 1.50 9.87 14.26
N LYS A 31 2.62 9.11 14.19
CA LYS A 31 3.99 9.70 14.23
C LYS A 31 4.39 10.36 12.89
N VAL A 32 3.93 9.80 11.76
CA VAL A 32 4.09 10.43 10.42
C VAL A 32 2.99 11.51 10.19
N ASN A 33 1.98 11.53 11.09
CA ASN A 33 0.87 12.52 11.11
C ASN A 33 -0.05 12.46 9.85
N LEU A 34 -0.08 11.27 9.22
CA LEU A 34 -0.99 10.96 8.10
C LEU A 34 -2.14 10.03 8.58
N SER A 35 -3.15 9.80 7.72
CA SER A 35 -4.20 8.77 7.98
C SER A 35 -3.60 7.34 7.92
N VAL A 36 -4.28 6.35 8.54
CA VAL A 36 -3.87 4.92 8.50
C VAL A 36 -3.61 4.43 7.05
N GLU A 37 -4.63 4.56 6.19
CA GLU A 37 -4.55 4.14 4.77
C GLU A 37 -3.56 5.00 3.94
N SER A 38 -3.39 6.30 4.28
CA SER A 38 -2.35 7.17 3.64
C SER A 38 -0.93 6.62 3.91
N THR A 39 -0.71 6.25 5.17
CA THR A 39 0.57 5.69 5.67
C THR A 39 0.83 4.28 5.10
N ALA A 40 -0.23 3.45 5.05
CA ALA A 40 -0.15 2.04 4.58
C ALA A 40 0.15 1.95 3.07
N LEU A 41 -0.50 2.83 2.31
CA LEU A 41 -0.31 2.99 0.86
C LEU A 41 1.09 3.60 0.55
N ALA A 42 1.63 4.39 1.50
CA ALA A 42 3.04 4.87 1.44
C ALA A 42 4.04 3.71 1.71
N VAL A 43 3.68 2.79 2.66
CA VAL A 43 4.39 1.51 2.88
C VAL A 43 4.32 0.63 1.59
N GLY A 44 3.19 0.74 0.87
CA GLY A 44 2.98 0.03 -0.40
C GLY A 44 3.90 0.52 -1.54
N TRP A 45 4.20 1.83 -1.56
CA TRP A 45 5.19 2.41 -2.51
C TRP A 45 6.62 1.90 -2.16
N LEU A 46 6.93 1.88 -0.85
CA LEU A 46 8.19 1.29 -0.34
C LEU A 46 8.31 -0.21 -0.71
N ALA A 47 7.17 -0.93 -0.66
CA ALA A 47 7.08 -2.35 -1.08
C ALA A 47 7.45 -2.52 -2.58
N ARG A 48 6.96 -1.59 -3.44
CA ARG A 48 7.36 -1.52 -4.87
C ARG A 48 8.92 -1.37 -5.00
N GLU A 49 9.50 -0.47 -4.20
CA GLU A 49 10.95 -0.16 -4.22
C GLU A 49 11.83 -1.22 -3.47
N ASN A 50 11.16 -2.19 -2.79
CA ASN A 50 11.80 -3.27 -1.98
C ASN A 50 12.51 -2.73 -0.70
N LYS A 51 11.95 -1.64 -0.16
CA LYS A 51 12.49 -0.89 1.01
C LYS A 51 11.85 -1.31 2.37
N VAL A 52 10.72 -2.05 2.35
CA VAL A 52 10.05 -2.55 3.59
C VAL A 52 9.94 -4.08 3.63
N VAL A 53 10.14 -4.65 4.83
CA VAL A 53 10.01 -6.09 5.10
C VAL A 53 8.72 -6.36 5.93
N ILE A 54 7.68 -6.93 5.29
CA ILE A 54 6.38 -7.23 5.93
C ILE A 54 6.44 -8.62 6.63
N GLU A 55 6.13 -8.66 7.94
CA GLU A 55 6.10 -9.90 8.75
C GLU A 55 4.83 -9.90 9.65
N ARG A 56 3.92 -10.87 9.41
CA ARG A 56 2.70 -11.04 10.23
C ARG A 56 3.03 -11.80 11.53
N LYS A 57 3.13 -11.07 12.64
CA LYS A 57 3.48 -11.64 13.97
C LYS A 57 2.27 -11.54 14.92
N ASN A 58 1.85 -12.70 15.50
CA ASN A 58 0.69 -12.80 16.45
C ASN A 58 -0.64 -12.28 15.80
N GLY A 59 -0.76 -12.47 14.47
CA GLY A 59 -1.91 -11.96 13.69
C GLY A 59 -1.73 -10.52 13.19
N LEU A 60 -0.90 -9.72 13.90
CA LEU A 60 -0.65 -8.29 13.58
C LEU A 60 0.34 -8.12 12.40
N ILE A 61 0.14 -7.07 11.59
CA ILE A 61 1.05 -6.71 10.47
C ILE A 61 2.17 -5.78 11.01
N GLU A 62 3.40 -6.32 11.12
CA GLU A 62 4.59 -5.53 11.52
C GLU A 62 5.50 -5.29 10.30
N ILE A 63 5.73 -4.01 9.97
CA ILE A 63 6.59 -3.61 8.85
C ILE A 63 7.98 -3.16 9.36
N TYR A 64 9.02 -3.58 8.62
CA TYR A 64 10.44 -3.37 8.98
C TYR A 64 11.16 -2.61 7.84
N ASN A 65 12.42 -2.24 8.07
CA ASN A 65 13.28 -1.62 7.03
C ASN A 65 14.08 -2.68 6.24
N GLU A 66 14.52 -2.29 5.01
CA GLU A 66 15.41 -3.12 4.16
C GLU A 66 16.76 -3.44 4.86
N GLY A 67 17.37 -4.55 4.44
CA GLY A 67 18.58 -5.09 5.09
C GLY A 67 18.27 -6.24 6.06
N HIS A 68 16.96 -6.45 6.36
CA HIS A 68 16.48 -7.57 7.19
C HIS A 68 16.51 -8.91 6.39
N PHE A 69 16.39 -8.81 5.05
CA PHE A 69 16.68 -9.94 4.12
C PHE A 69 18.12 -9.83 3.59
N ASP A 70 18.80 -10.98 3.41
CA ASP A 70 20.20 -11.04 2.93
C ASP A 70 20.29 -10.91 1.39
N PHE A 71 21.54 -10.89 0.86
CA PHE A 71 21.81 -10.78 -0.58
C PHE A 71 22.21 -12.15 -1.18
N SER A 72 21.21 -12.89 -1.69
CA SER A 72 21.40 -14.27 -2.25
C SER A 72 21.82 -14.22 -3.74
N PHE A 73 23.14 -14.24 -3.99
CA PHE A 73 23.70 -14.30 -5.36
C PHE A 73 23.90 -15.76 -5.80
N GLY A 74 22.87 -16.33 -6.45
CA GLY A 74 22.94 -17.68 -7.05
C GLY A 74 22.18 -17.80 -8.37
N LEU A 75 21.72 -16.65 -8.90
CA LEU A 75 20.96 -16.58 -10.17
C LEU A 75 21.90 -16.48 -11.39
N GLU A 76 22.35 -17.65 -11.85
CA GLU A 76 23.24 -17.78 -13.01
C GLU A 76 22.42 -17.68 -14.31
N HIS A 77 22.28 -16.44 -14.80
CA HIS A 77 21.57 -16.13 -16.06
C HIS A 77 22.49 -16.37 -17.26
N HIS A 78 22.36 -17.56 -17.86
CA HIS A 78 23.26 -18.07 -18.93
C HIS A 78 22.74 -17.66 -20.35
N HIS A 79 22.40 -16.36 -20.47
CA HIS A 79 21.77 -15.77 -21.69
C HIS A 79 22.63 -15.93 -22.98
N HIS A 80 21.95 -16.15 -24.12
CA HIS A 80 22.55 -16.18 -25.47
C HIS A 80 21.75 -15.29 -26.45
N HIS A 81 20.41 -15.27 -26.28
CA HIS A 81 19.50 -14.43 -27.09
C HIS A 81 19.07 -13.16 -26.29
N HIS A 82 19.22 -11.97 -26.91
CA HIS A 82 18.82 -10.68 -26.31
C HIS A 82 17.38 -10.31 -26.74
N MET B 1 6.52 -13.45 7.17
CA MET B 1 7.79 -14.10 6.88
C MET B 1 8.30 -13.68 5.49
N ASP B 2 7.55 -14.06 4.45
CA ASP B 2 7.82 -13.64 3.07
C ASP B 2 6.99 -12.40 2.70
N LYS B 3 7.56 -11.56 1.85
CA LYS B 3 6.86 -10.43 1.20
C LYS B 3 5.81 -10.94 0.17
N LYS B 4 6.01 -12.19 -0.33
CA LYS B 4 5.12 -12.85 -1.33
C LYS B 4 3.64 -12.94 -0.86
N ILE B 5 3.44 -12.91 0.47
CA ILE B 5 2.11 -12.88 1.10
C ILE B 5 1.27 -11.67 0.59
N VAL B 6 1.90 -10.47 0.49
CA VAL B 6 1.22 -9.23 0.00
C VAL B 6 0.73 -9.40 -1.46
N GLY B 7 1.45 -10.22 -2.25
CA GLY B 7 1.09 -10.51 -3.65
C GLY B 7 -0.21 -11.29 -3.80
N ALA B 8 -0.39 -12.32 -2.94
CA ALA B 8 -1.61 -13.14 -2.88
C ALA B 8 -2.84 -12.32 -2.40
N ASN B 9 -2.60 -11.40 -1.42
CA ASN B 9 -3.64 -10.50 -0.90
C ASN B 9 -3.89 -9.28 -1.83
N ALA B 10 -2.91 -8.98 -2.72
CA ALA B 10 -3.03 -7.91 -3.74
C ALA B 10 -3.93 -8.36 -4.90
N GLY B 11 -3.77 -9.63 -5.30
CA GLY B 11 -4.64 -10.27 -6.28
C GLY B 11 -6.11 -10.32 -5.82
N LYS B 12 -6.30 -10.42 -4.49
CA LYS B 12 -7.63 -10.45 -3.84
C LYS B 12 -8.35 -9.07 -3.91
N VAL B 13 -7.65 -7.97 -3.52
CA VAL B 13 -8.21 -6.59 -3.58
C VAL B 13 -8.47 -6.12 -5.04
N TRP B 14 -7.60 -6.52 -5.99
CA TRP B 14 -7.79 -6.19 -7.43
C TRP B 14 -8.93 -7.04 -8.05
N HIS B 15 -9.10 -8.29 -7.56
CA HIS B 15 -10.23 -9.18 -7.94
C HIS B 15 -11.59 -8.53 -7.52
N ALA B 16 -11.58 -7.85 -6.36
CA ALA B 16 -12.73 -7.06 -5.85
C ALA B 16 -13.04 -5.85 -6.76
N LEU B 17 -12.00 -5.27 -7.38
CA LEU B 17 -12.14 -4.16 -8.37
C LEU B 17 -12.77 -4.65 -9.70
N ASN B 18 -12.31 -5.81 -10.18
CA ASN B 18 -12.86 -6.50 -11.38
C ASN B 18 -14.38 -6.78 -11.23
N GLU B 19 -14.79 -7.19 -10.02
CA GLU B 19 -16.20 -7.47 -9.68
C GLU B 19 -17.01 -6.15 -9.54
N ALA B 20 -16.47 -5.21 -8.74
CA ALA B 20 -17.10 -3.90 -8.46
C ALA B 20 -16.07 -2.91 -7.85
N ASP B 21 -15.56 -1.96 -8.67
CA ASP B 21 -14.58 -0.95 -8.22
C ASP B 21 -15.29 0.27 -7.55
N GLY B 22 -14.50 1.20 -6.99
CA GLY B 22 -15.04 2.39 -6.32
C GLY B 22 -15.53 2.09 -4.90
N ILE B 23 -14.58 1.73 -4.03
CA ILE B 23 -14.86 1.39 -2.62
C ILE B 23 -13.65 1.72 -1.72
N SER B 24 -13.92 2.17 -0.48
CA SER B 24 -12.86 2.50 0.51
C SER B 24 -12.15 1.23 1.01
N ILE B 25 -10.86 1.38 1.38
CA ILE B 25 -10.00 0.26 1.82
C ILE B 25 -10.57 -0.53 3.06
N PRO B 26 -10.96 0.15 4.22
CA PRO B 26 -11.58 -0.56 5.38
C PRO B 26 -12.90 -1.30 5.03
N GLU B 27 -13.69 -0.73 4.09
CA GLU B 27 -14.98 -1.31 3.64
C GLU B 27 -14.79 -2.64 2.89
N LEU B 28 -13.90 -2.63 1.89
CA LEU B 28 -13.60 -3.83 1.06
C LEU B 28 -12.86 -4.90 1.88
N ALA B 29 -12.01 -4.44 2.85
CA ALA B 29 -11.22 -5.33 3.74
C ALA B 29 -12.14 -6.31 4.52
N ARG B 30 -13.27 -5.77 5.00
CA ARG B 30 -14.32 -6.55 5.68
C ARG B 30 -14.91 -7.65 4.74
N LYS B 31 -15.08 -7.29 3.46
CA LYS B 31 -15.68 -8.18 2.42
C LYS B 31 -14.71 -9.29 1.94
N VAL B 32 -13.40 -8.97 1.90
CA VAL B 32 -12.33 -9.93 1.47
C VAL B 32 -11.67 -10.64 2.68
N ASN B 33 -12.21 -10.38 3.91
CA ASN B 33 -11.83 -11.06 5.18
C ASN B 33 -10.39 -10.68 5.66
N LEU B 34 -9.78 -9.65 5.03
CA LEU B 34 -8.42 -9.16 5.41
C LEU B 34 -8.54 -7.97 6.39
N SER B 35 -7.49 -7.75 7.20
CA SER B 35 -7.36 -6.51 8.00
C SER B 35 -7.13 -5.29 7.08
N VAL B 36 -7.55 -4.08 7.53
CA VAL B 36 -7.38 -2.81 6.78
C VAL B 36 -5.91 -2.62 6.32
N GLU B 37 -4.98 -2.89 7.25
CA GLU B 37 -3.51 -2.86 7.01
C GLU B 37 -3.08 -3.83 5.87
N SER B 38 -3.57 -5.09 5.95
CA SER B 38 -3.27 -6.17 4.96
C SER B 38 -3.69 -5.79 3.52
N THR B 39 -4.87 -5.18 3.39
CA THR B 39 -5.42 -4.74 2.10
C THR B 39 -4.68 -3.50 1.54
N ALA B 40 -4.44 -2.50 2.40
CA ALA B 40 -3.96 -1.15 2.01
C ALA B 40 -2.54 -1.14 1.39
N LEU B 41 -1.57 -1.81 2.07
CA LEU B 41 -0.17 -1.88 1.57
C LEU B 41 -0.08 -2.82 0.32
N ALA B 42 -1.02 -3.79 0.24
CA ALA B 42 -1.13 -4.73 -0.92
C ALA B 42 -1.61 -4.00 -2.20
N VAL B 43 -2.33 -2.87 -2.04
CA VAL B 43 -2.66 -1.95 -3.17
C VAL B 43 -1.36 -1.36 -3.81
N GLY B 44 -0.30 -1.19 -2.97
CA GLY B 44 1.03 -0.78 -3.46
C GLY B 44 1.72 -1.83 -4.34
N TRP B 45 1.40 -3.12 -4.12
CA TRP B 45 1.86 -4.22 -5.00
C TRP B 45 1.11 -4.20 -6.36
N LEU B 46 -0.11 -3.66 -6.38
CA LEU B 46 -0.85 -3.37 -7.64
C LEU B 46 -0.24 -2.13 -8.35
N ALA B 47 0.20 -1.15 -7.53
CA ALA B 47 0.87 0.09 -7.99
C ALA B 47 2.25 -0.16 -8.69
N ARG B 48 2.96 -1.27 -8.36
CA ARG B 48 4.19 -1.66 -9.11
C ARG B 48 3.85 -1.96 -10.60
N GLU B 49 2.66 -2.55 -10.81
CA GLU B 49 2.14 -2.96 -12.15
C GLU B 49 1.25 -1.86 -12.77
N ASN B 50 0.95 -0.78 -11.99
CA ASN B 50 0.17 0.40 -12.42
C ASN B 50 -1.31 0.01 -12.79
N LYS B 51 -1.84 -1.03 -12.10
CA LYS B 51 -3.20 -1.56 -12.37
C LYS B 51 -4.31 -0.80 -11.60
N VAL B 52 -3.91 0.13 -10.71
CA VAL B 52 -4.85 0.92 -9.88
C VAL B 52 -4.65 2.44 -10.04
N VAL B 53 -5.77 3.18 -9.97
CA VAL B 53 -5.81 4.65 -9.82
C VAL B 53 -6.56 4.98 -8.51
N ILE B 54 -5.97 5.81 -7.66
CA ILE B 54 -6.49 6.10 -6.31
C ILE B 54 -7.04 7.54 -6.23
N GLU B 55 -8.21 7.71 -5.58
CA GLU B 55 -8.85 9.02 -5.36
C GLU B 55 -9.33 9.11 -3.90
N ARG B 56 -8.92 10.17 -3.17
CA ARG B 56 -9.41 10.46 -1.80
C ARG B 56 -10.35 11.69 -1.79
N LYS B 57 -11.62 11.42 -1.44
CA LYS B 57 -12.73 12.41 -1.46
C LYS B 57 -13.20 12.68 -0.01
N ASN B 58 -13.24 13.96 0.41
CA ASN B 58 -13.57 14.39 1.81
C ASN B 58 -12.57 13.79 2.84
N GLY B 59 -11.31 13.56 2.39
CA GLY B 59 -10.30 12.85 3.20
C GLY B 59 -10.40 11.31 3.12
N LEU B 60 -11.58 10.80 2.70
CA LEU B 60 -11.86 9.34 2.63
C LEU B 60 -11.22 8.72 1.38
N ILE B 61 -10.21 7.85 1.59
CA ILE B 61 -9.43 7.25 0.49
C ILE B 61 -10.16 6.02 -0.08
N GLU B 62 -10.39 6.03 -1.39
CA GLU B 62 -11.06 4.93 -2.13
C GLU B 62 -10.20 4.49 -3.32
N ILE B 63 -10.22 3.19 -3.63
CA ILE B 63 -9.40 2.60 -4.70
C ILE B 63 -10.25 2.25 -5.96
N TYR B 64 -9.65 2.48 -7.13
CA TYR B 64 -10.29 2.25 -8.45
C TYR B 64 -9.30 1.47 -9.37
N ASN B 65 -9.83 0.77 -10.38
CA ASN B 65 -8.99 0.05 -11.38
C ASN B 65 -8.93 0.85 -12.71
N GLU B 66 -7.85 0.67 -13.49
CA GLU B 66 -7.70 1.33 -14.83
C GLU B 66 -8.61 0.70 -15.90
N GLY B 67 -9.10 -0.54 -15.63
CA GLY B 67 -10.06 -1.23 -16.51
C GLY B 67 -11.41 -0.50 -16.66
N HIS B 68 -11.84 0.16 -15.56
CA HIS B 68 -13.05 1.03 -15.54
C HIS B 68 -12.84 2.33 -16.37
N PHE B 69 -11.62 2.88 -16.30
CA PHE B 69 -11.24 4.13 -16.99
C PHE B 69 -10.74 3.81 -18.43
N ASP B 70 -11.68 3.72 -19.38
CA ASP B 70 -11.40 3.36 -20.79
C ASP B 70 -12.26 4.21 -21.74
N PHE B 71 -11.65 4.77 -22.81
CA PHE B 71 -12.35 5.65 -23.78
C PHE B 71 -12.11 5.19 -25.24
N SER B 72 -11.86 3.87 -25.43
CA SER B 72 -11.50 3.28 -26.75
C SER B 72 -12.68 3.33 -27.77
N PHE B 73 -13.80 2.68 -27.42
CA PHE B 73 -15.01 2.61 -28.29
C PHE B 73 -15.84 3.92 -28.25
N GLY B 74 -16.84 4.00 -29.16
CA GLY B 74 -17.62 5.23 -29.35
C GLY B 74 -16.98 6.13 -30.41
N LEU B 75 -16.90 5.61 -31.65
CA LEU B 75 -16.24 6.28 -32.79
C LEU B 75 -17.24 6.45 -33.95
N GLU B 76 -17.09 7.55 -34.71
CA GLU B 76 -17.92 7.85 -35.89
C GLU B 76 -17.48 7.00 -37.11
N HIS B 77 -18.46 6.37 -37.78
CA HIS B 77 -18.22 5.62 -39.04
C HIS B 77 -18.35 6.59 -40.25
N HIS B 78 -19.58 7.13 -40.43
CA HIS B 78 -19.91 8.14 -41.47
C HIS B 78 -19.59 7.64 -42.91
N HIS B 79 -20.56 6.95 -43.53
CA HIS B 79 -20.42 6.43 -44.91
C HIS B 79 -20.43 7.58 -45.95
N HIS B 80 -19.49 7.54 -46.90
CA HIS B 80 -19.26 8.62 -47.89
C HIS B 80 -19.78 8.20 -49.29
N HIS B 81 -20.60 9.06 -49.92
CA HIS B 81 -21.08 8.84 -51.30
C HIS B 81 -19.96 9.16 -52.32
N HIS B 82 -19.79 8.26 -53.31
CA HIS B 82 -18.84 8.45 -54.43
C HIS B 82 -19.57 9.05 -55.65
N MET A 1 -5.21 12.98 -6.82
CA MET A 1 -3.98 12.43 -6.19
C MET A 1 -2.97 11.97 -7.27
N ASP A 2 -1.85 12.70 -7.40
CA ASP A 2 -0.75 12.36 -8.34
C ASP A 2 -0.01 11.07 -7.93
N LYS A 3 0.62 10.44 -8.92
CA LYS A 3 1.49 9.25 -8.74
C LYS A 3 2.76 9.59 -7.91
N LYS A 4 3.16 10.86 -7.93
CA LYS A 4 4.37 11.34 -7.21
C LYS A 4 4.13 11.50 -5.68
N ILE A 5 2.86 11.71 -5.29
CA ILE A 5 2.47 11.94 -3.88
C ILE A 5 2.86 10.74 -2.98
N VAL A 6 2.60 9.51 -3.46
CA VAL A 6 2.96 8.27 -2.72
C VAL A 6 4.48 8.19 -2.42
N GLY A 7 5.31 8.72 -3.35
CA GLY A 7 6.77 8.76 -3.18
C GLY A 7 7.22 9.68 -2.04
N ALA A 8 6.54 10.85 -1.93
CA ALA A 8 6.83 11.85 -0.87
C ALA A 8 6.47 11.31 0.54
N ASN A 9 5.24 10.78 0.68
CA ASN A 9 4.70 10.28 1.97
C ASN A 9 5.40 8.97 2.42
N ALA A 10 5.83 8.13 1.45
CA ALA A 10 6.51 6.85 1.73
C ALA A 10 7.97 7.07 2.17
N GLY A 11 8.60 8.11 1.61
CA GLY A 11 9.95 8.52 2.00
C GLY A 11 10.05 8.97 3.46
N LYS A 12 8.95 9.55 3.99
CA LYS A 12 8.83 9.96 5.40
C LYS A 12 8.61 8.73 6.33
N VAL A 13 7.84 7.73 5.85
CA VAL A 13 7.65 6.43 6.56
C VAL A 13 8.99 5.66 6.70
N TRP A 14 9.78 5.69 5.60
CA TRP A 14 11.13 5.10 5.56
C TRP A 14 12.16 5.95 6.39
N HIS A 15 11.95 7.28 6.43
CA HIS A 15 12.75 8.20 7.29
C HIS A 15 12.56 7.84 8.79
N ALA A 16 11.34 7.41 9.14
CA ALA A 16 11.02 6.92 10.50
C ALA A 16 11.79 5.61 10.84
N LEU A 17 12.02 4.75 9.81
CA LEU A 17 12.77 3.47 9.96
C LEU A 17 14.25 3.71 10.35
N ASN A 18 14.79 4.88 9.97
CA ASN A 18 16.19 5.28 10.29
C ASN A 18 16.37 5.54 11.82
N GLU A 19 15.32 6.08 12.47
CA GLU A 19 15.37 6.51 13.89
C GLU A 19 14.59 5.54 14.81
N ALA A 20 13.26 5.48 14.64
CA ALA A 20 12.36 4.68 15.50
C ALA A 20 11.47 3.73 14.65
N ASP A 21 12.03 2.56 14.31
CA ASP A 21 11.35 1.51 13.52
C ASP A 21 10.55 0.51 14.39
N GLY A 22 9.93 -0.49 13.73
CA GLY A 22 9.21 -1.57 14.41
C GLY A 22 8.01 -1.09 15.21
N ILE A 23 7.13 -0.32 14.54
CA ILE A 23 5.97 0.32 15.17
C ILE A 23 4.74 0.27 14.24
N SER A 24 3.63 -0.30 14.78
CA SER A 24 2.39 -0.65 14.02
C SER A 24 1.86 0.51 13.15
N ILE A 25 1.20 0.17 12.00
CA ILE A 25 0.77 1.14 10.96
C ILE A 25 0.02 2.40 11.53
N PRO A 26 -1.02 2.27 12.44
CA PRO A 26 -1.70 3.47 13.03
C PRO A 26 -0.77 4.32 13.96
N GLU A 27 0.10 3.66 14.72
CA GLU A 27 1.02 4.32 15.69
C GLU A 27 2.09 5.13 14.93
N LEU A 28 2.66 4.45 13.95
CA LEU A 28 3.56 5.00 12.93
C LEU A 28 2.91 6.15 12.13
N ALA A 29 1.59 6.06 11.90
CA ALA A 29 0.80 7.14 11.23
C ALA A 29 0.86 8.46 12.02
N ARG A 30 0.83 8.38 13.37
CA ARG A 30 1.01 9.56 14.25
C ARG A 30 2.48 10.06 14.24
N LYS A 31 3.47 9.16 14.00
CA LYS A 31 4.91 9.55 13.86
C LYS A 31 5.14 10.38 12.57
N VAL A 32 4.58 9.89 11.45
CA VAL A 32 4.72 10.55 10.14
C VAL A 32 3.64 11.64 9.91
N ASN A 33 2.74 11.80 10.92
CA ASN A 33 1.70 12.87 10.99
C ASN A 33 0.64 12.70 9.86
N LEU A 34 0.44 11.44 9.40
CA LEU A 34 -0.52 11.08 8.33
C LEU A 34 -1.67 10.18 8.86
N SER A 35 -2.66 9.92 8.00
CA SER A 35 -3.73 8.91 8.26
C SER A 35 -3.16 7.48 8.24
N VAL A 36 -3.87 6.56 8.94
CA VAL A 36 -3.57 5.10 8.91
C VAL A 36 -3.60 4.57 7.46
N GLU A 37 -4.58 5.06 6.70
CA GLU A 37 -4.77 4.76 5.26
C GLU A 37 -3.56 5.23 4.42
N SER A 38 -3.15 6.50 4.66
CA SER A 38 -2.00 7.14 3.97
C SER A 38 -0.70 6.35 4.19
N THR A 39 -0.50 5.93 5.45
CA THR A 39 0.69 5.17 5.88
C THR A 39 0.71 3.74 5.29
N ALA A 40 -0.41 3.01 5.39
CA ALA A 40 -0.52 1.60 4.88
C ALA A 40 -0.31 1.51 3.35
N LEU A 41 -0.84 2.51 2.63
CA LEU A 41 -0.66 2.70 1.17
C LEU A 41 0.82 3.03 0.84
N ALA A 42 1.42 3.89 1.68
CA ALA A 42 2.83 4.31 1.54
C ALA A 42 3.83 3.17 1.83
N VAL A 43 3.48 2.29 2.79
CA VAL A 43 4.26 1.06 3.10
C VAL A 43 4.19 0.06 1.91
N GLY A 44 3.05 0.05 1.21
CA GLY A 44 2.89 -0.73 -0.03
C GLY A 44 3.76 -0.22 -1.19
N TRP A 45 3.98 1.10 -1.25
CA TRP A 45 4.94 1.72 -2.20
C TRP A 45 6.41 1.35 -1.82
N LEU A 46 6.69 1.31 -0.51
CA LEU A 46 8.01 0.87 0.01
C LEU A 46 8.24 -0.64 -0.25
N ALA A 47 7.15 -1.44 -0.27
CA ALA A 47 7.19 -2.88 -0.69
C ALA A 47 7.66 -3.04 -2.16
N ARG A 48 7.29 -2.08 -3.04
CA ARG A 48 7.82 -1.99 -4.44
C ARG A 48 9.34 -1.77 -4.43
N GLU A 49 9.78 -0.78 -3.64
CA GLU A 49 11.20 -0.36 -3.56
C GLU A 49 12.02 -1.31 -2.64
N ASN A 50 11.29 -2.21 -1.93
CA ASN A 50 11.85 -3.20 -0.98
C ASN A 50 12.55 -2.51 0.23
N LYS A 51 12.07 -1.29 0.55
CA LYS A 51 12.52 -0.49 1.72
C LYS A 51 12.05 -1.10 3.06
N VAL A 52 11.04 -1.99 3.01
CA VAL A 52 10.43 -2.60 4.22
C VAL A 52 10.35 -4.14 4.13
N VAL A 53 10.33 -4.81 5.30
CA VAL A 53 9.95 -6.23 5.44
C VAL A 53 8.74 -6.33 6.39
N ILE A 54 7.71 -7.10 5.98
CA ILE A 54 6.43 -7.19 6.70
C ILE A 54 6.24 -8.58 7.36
N GLU A 55 6.03 -8.60 8.68
CA GLU A 55 5.73 -9.84 9.44
C GLU A 55 4.25 -9.91 9.84
N ARG A 56 3.75 -11.14 10.06
CA ARG A 56 2.51 -11.38 10.83
C ARG A 56 2.93 -12.07 12.14
N LYS A 57 3.13 -11.27 13.18
CA LYS A 57 3.67 -11.73 14.49
C LYS A 57 2.51 -11.76 15.51
N ASN A 58 2.15 -13.00 15.92
CA ASN A 58 0.84 -13.31 16.58
C ASN A 58 -0.34 -12.94 15.63
N GLY A 59 -0.07 -13.06 14.30
CA GLY A 59 -1.01 -12.64 13.25
C GLY A 59 -1.02 -11.12 12.97
N LEU A 60 -0.40 -10.32 13.86
CA LEU A 60 -0.39 -8.84 13.76
C LEU A 60 0.65 -8.37 12.73
N ILE A 61 0.16 -7.70 11.66
CA ILE A 61 0.99 -7.16 10.58
C ILE A 61 1.86 -5.98 11.07
N GLU A 62 3.19 -6.17 11.04
CA GLU A 62 4.17 -5.20 11.58
C GLU A 62 5.22 -4.83 10.50
N ILE A 63 5.59 -3.54 10.48
CA ILE A 63 6.60 -2.98 9.56
C ILE A 63 8.02 -2.99 10.19
N TYR A 64 9.00 -3.47 9.42
CA TYR A 64 10.43 -3.44 9.77
C TYR A 64 11.26 -2.88 8.59
N ASN A 65 12.57 -2.68 8.84
CA ASN A 65 13.51 -2.15 7.82
C ASN A 65 13.85 -3.22 6.78
N GLU A 66 14.15 -2.76 5.55
CA GLU A 66 14.67 -3.58 4.43
C GLU A 66 15.68 -4.67 4.88
N GLY A 67 16.73 -4.26 5.62
CA GLY A 67 17.68 -5.16 6.28
C GLY A 67 18.42 -6.13 5.34
N HIS A 68 17.76 -7.26 4.99
CA HIS A 68 18.35 -8.38 4.23
C HIS A 68 17.60 -8.61 2.88
N PHE A 69 16.34 -8.13 2.77
CA PHE A 69 15.42 -8.42 1.63
C PHE A 69 15.16 -7.16 0.78
N ASP A 70 16.17 -6.29 0.68
CA ASP A 70 16.08 -4.98 -0.03
C ASP A 70 16.22 -5.10 -1.57
N PHE A 71 16.20 -6.33 -2.11
CA PHE A 71 16.41 -6.60 -3.56
C PHE A 71 15.24 -6.04 -4.42
N SER A 72 15.45 -4.85 -5.01
CA SER A 72 14.43 -4.12 -5.80
C SER A 72 14.42 -4.52 -7.30
N PHE A 73 15.12 -5.63 -7.64
CA PHE A 73 15.22 -6.12 -9.03
C PHE A 73 14.03 -7.06 -9.37
N GLY A 74 13.04 -6.52 -10.10
CA GLY A 74 11.85 -7.29 -10.51
C GLY A 74 10.76 -6.39 -11.10
N LEU A 75 10.93 -5.98 -12.37
CA LEU A 75 10.00 -5.05 -13.08
C LEU A 75 9.41 -5.73 -14.34
N GLU A 76 8.17 -6.24 -14.27
CA GLU A 76 7.51 -6.90 -15.43
C GLU A 76 6.01 -6.54 -15.52
N HIS A 77 5.61 -5.92 -16.64
CA HIS A 77 4.21 -5.57 -16.98
C HIS A 77 3.86 -6.09 -18.39
N HIS A 78 2.55 -6.18 -18.71
CA HIS A 78 2.08 -6.66 -20.04
C HIS A 78 2.51 -5.68 -21.16
N HIS A 79 3.08 -6.23 -22.26
CA HIS A 79 3.64 -5.41 -23.37
C HIS A 79 3.35 -6.05 -24.75
N HIS A 80 2.08 -6.40 -24.99
CA HIS A 80 1.60 -6.89 -26.30
C HIS A 80 0.46 -5.97 -26.81
N HIS A 81 0.52 -5.57 -28.09
CA HIS A 81 -0.43 -4.59 -28.69
C HIS A 81 -1.91 -5.11 -28.83
N HIS A 82 -2.14 -6.39 -28.48
CA HIS A 82 -3.50 -6.98 -28.32
C HIS A 82 -3.52 -8.02 -27.17
N MET B 1 9.37 -13.27 3.67
CA MET B 1 8.23 -14.14 3.34
C MET B 1 7.03 -13.32 2.84
N ASP B 2 6.99 -12.02 3.19
CA ASP B 2 5.90 -11.10 2.79
C ASP B 2 5.76 -11.00 1.26
N LYS B 3 6.89 -11.10 0.55
CA LYS B 3 6.97 -10.85 -0.91
C LYS B 3 6.09 -11.82 -1.74
N LYS B 4 5.84 -13.02 -1.21
CA LYS B 4 4.90 -14.02 -1.81
C LYS B 4 3.44 -13.72 -1.38
N ILE B 5 3.25 -13.45 -0.08
CA ILE B 5 1.92 -13.21 0.54
C ILE B 5 1.19 -11.99 -0.10
N VAL B 6 1.94 -10.88 -0.27
CA VAL B 6 1.41 -9.63 -0.85
C VAL B 6 0.90 -9.82 -2.31
N GLY B 7 1.54 -10.74 -3.05
CA GLY B 7 1.12 -11.08 -4.43
C GLY B 7 -0.22 -11.82 -4.46
N ALA B 8 -0.37 -12.82 -3.56
CA ALA B 8 -1.59 -13.64 -3.43
C ALA B 8 -2.81 -12.79 -2.98
N ASN B 9 -2.58 -11.93 -1.96
CA ASN B 9 -3.60 -11.00 -1.42
C ASN B 9 -4.01 -9.94 -2.47
N ALA B 10 -3.02 -9.40 -3.23
CA ALA B 10 -3.27 -8.33 -4.24
C ALA B 10 -4.08 -8.85 -5.44
N GLY B 11 -3.89 -10.15 -5.76
CA GLY B 11 -4.67 -10.83 -6.80
C GLY B 11 -6.16 -10.92 -6.46
N LYS B 12 -6.45 -11.16 -5.16
CA LYS B 12 -7.82 -11.27 -4.64
C LYS B 12 -8.51 -9.87 -4.53
N VAL B 13 -7.72 -8.84 -4.15
CA VAL B 13 -8.20 -7.44 -4.06
C VAL B 13 -8.54 -6.87 -5.46
N TRP B 14 -7.67 -7.15 -6.44
CA TRP B 14 -7.87 -6.72 -7.85
C TRP B 14 -9.06 -7.48 -8.49
N HIS B 15 -9.25 -8.75 -8.06
CA HIS B 15 -10.42 -9.58 -8.41
C HIS B 15 -11.74 -8.96 -7.89
N ALA B 16 -11.68 -8.25 -6.75
CA ALA B 16 -12.84 -7.48 -6.23
C ALA B 16 -13.11 -6.20 -7.06
N LEU B 17 -12.02 -5.56 -7.53
CA LEU B 17 -12.08 -4.29 -8.31
C LEU B 17 -12.79 -4.44 -9.67
N ASN B 18 -12.47 -5.53 -10.42
CA ASN B 18 -13.08 -5.78 -11.74
C ASN B 18 -14.59 -6.17 -11.62
N GLU B 19 -15.03 -6.48 -10.38
CA GLU B 19 -16.46 -6.70 -10.06
C GLU B 19 -17.16 -5.34 -9.85
N ALA B 20 -16.64 -4.55 -8.89
CA ALA B 20 -17.19 -3.23 -8.54
C ALA B 20 -16.08 -2.29 -8.01
N ASP B 21 -15.66 -1.33 -8.85
CA ASP B 21 -14.68 -0.28 -8.48
C ASP B 21 -15.37 0.94 -7.80
N GLY B 22 -14.56 1.84 -7.20
CA GLY B 22 -15.10 3.01 -6.48
C GLY B 22 -15.65 2.63 -5.09
N ILE B 23 -14.75 2.17 -4.21
CA ILE B 23 -15.10 1.68 -2.86
C ILE B 23 -13.98 2.03 -1.84
N SER B 24 -14.31 2.11 -0.54
CA SER B 24 -13.30 2.35 0.54
C SER B 24 -12.57 1.05 0.93
N ILE B 25 -11.35 1.20 1.49
CA ILE B 25 -10.50 0.06 1.92
C ILE B 25 -11.18 -0.88 2.98
N PRO B 26 -11.81 -0.37 4.12
CA PRO B 26 -12.45 -1.28 5.13
C PRO B 26 -13.70 -2.04 4.59
N GLU B 27 -14.34 -1.49 3.55
CA GLU B 27 -15.50 -2.12 2.88
C GLU B 27 -15.01 -3.20 1.91
N LEU B 28 -13.99 -2.82 1.14
CA LEU B 28 -13.24 -3.69 0.23
C LEU B 28 -12.60 -4.89 0.97
N ALA B 29 -12.18 -4.65 2.22
CA ALA B 29 -11.64 -5.69 3.12
C ALA B 29 -12.67 -6.82 3.39
N ARG B 30 -13.94 -6.42 3.55
CA ARG B 30 -15.08 -7.35 3.72
C ARG B 30 -15.34 -8.12 2.40
N LYS B 31 -15.24 -7.40 1.26
CA LYS B 31 -15.44 -7.98 -0.10
C LYS B 31 -14.38 -9.07 -0.41
N VAL B 32 -13.15 -8.88 0.09
CA VAL B 32 -12.03 -9.84 -0.10
C VAL B 32 -11.84 -10.77 1.13
N ASN B 33 -12.68 -10.56 2.18
CA ASN B 33 -12.73 -11.41 3.41
C ASN B 33 -11.45 -11.27 4.30
N LEU B 34 -10.59 -10.26 4.00
CA LEU B 34 -9.33 -10.01 4.73
C LEU B 34 -9.48 -8.84 5.74
N SER B 35 -8.46 -8.64 6.59
CA SER B 35 -8.34 -7.45 7.46
C SER B 35 -8.13 -6.17 6.62
N VAL B 36 -8.54 -5.00 7.17
CA VAL B 36 -8.35 -3.69 6.52
C VAL B 36 -6.86 -3.42 6.20
N GLU B 37 -5.99 -3.81 7.14
CA GLU B 37 -4.52 -3.72 6.99
C GLU B 37 -3.99 -4.70 5.92
N SER B 38 -4.49 -5.95 5.94
CA SER B 38 -4.14 -7.00 4.94
C SER B 38 -4.52 -6.58 3.50
N THR B 39 -5.62 -5.81 3.40
CA THR B 39 -6.17 -5.32 2.13
C THR B 39 -5.40 -4.08 1.62
N ALA B 40 -5.18 -3.08 2.50
CA ALA B 40 -4.49 -1.79 2.14
C ALA B 40 -3.01 -2.00 1.70
N LEU B 41 -2.34 -2.92 2.41
CA LEU B 41 -0.96 -3.37 2.11
C LEU B 41 -0.92 -4.11 0.73
N ALA B 42 -2.00 -4.84 0.41
CA ALA B 42 -2.18 -5.52 -0.90
C ALA B 42 -2.53 -4.52 -2.04
N VAL B 43 -3.29 -3.46 -1.69
CA VAL B 43 -3.59 -2.32 -2.62
C VAL B 43 -2.29 -1.60 -3.02
N GLY B 44 -1.36 -1.48 -2.06
CA GLY B 44 -0.02 -0.92 -2.32
C GLY B 44 0.82 -1.75 -3.28
N TRP B 45 0.61 -3.09 -3.29
CA TRP B 45 1.28 -4.01 -4.24
C TRP B 45 0.69 -3.88 -5.68
N LEU B 46 -0.61 -3.55 -5.77
CA LEU B 46 -1.26 -3.19 -7.05
C LEU B 46 -0.80 -1.79 -7.52
N ALA B 47 -0.64 -0.86 -6.56
CA ALA B 47 -0.10 0.50 -6.80
C ALA B 47 1.37 0.46 -7.28
N ARG B 48 2.11 -0.57 -6.86
CA ARG B 48 3.45 -0.90 -7.41
C ARG B 48 3.39 -1.01 -8.96
N GLU B 49 2.42 -1.80 -9.44
CA GLU B 49 2.24 -2.12 -10.87
C GLU B 49 1.25 -1.17 -11.59
N ASN B 50 0.78 -0.12 -10.86
CA ASN B 50 -0.14 0.93 -11.38
C ASN B 50 -1.52 0.37 -11.82
N LYS B 51 -1.91 -0.78 -11.26
CA LYS B 51 -3.17 -1.49 -11.61
C LYS B 51 -4.42 -0.89 -10.91
N VAL B 52 -4.22 0.15 -10.07
CA VAL B 52 -5.31 0.85 -9.35
C VAL B 52 -5.28 2.38 -9.61
N VAL B 53 -6.48 3.00 -9.61
CA VAL B 53 -6.64 4.47 -9.67
C VAL B 53 -7.08 4.99 -8.29
N ILE B 54 -6.27 5.87 -7.65
CA ILE B 54 -6.51 6.35 -6.27
C ILE B 54 -6.84 7.87 -6.25
N GLU B 55 -7.92 8.25 -5.56
CA GLU B 55 -8.29 9.67 -5.31
C GLU B 55 -8.67 9.90 -3.83
N ARG B 56 -8.10 10.95 -3.22
CA ARG B 56 -8.38 11.32 -1.81
C ARG B 56 -9.61 12.25 -1.72
N LYS B 57 -10.73 11.67 -1.28
CA LYS B 57 -12.02 12.36 -1.15
C LYS B 57 -12.38 12.52 0.34
N ASN B 58 -12.39 13.79 0.82
CA ASN B 58 -12.72 14.18 2.22
C ASN B 58 -11.72 13.57 3.25
N GLY B 59 -10.46 13.37 2.83
CA GLY B 59 -9.42 12.76 3.69
C GLY B 59 -9.33 11.22 3.57
N LEU B 60 -10.37 10.61 2.99
CA LEU B 60 -10.49 9.13 2.84
C LEU B 60 -9.94 8.66 1.47
N ILE B 61 -9.35 7.45 1.42
CA ILE B 61 -8.82 6.85 0.17
C ILE B 61 -9.95 6.15 -0.65
N GLU B 62 -10.07 6.53 -1.94
CA GLU B 62 -11.03 5.92 -2.90
C GLU B 62 -10.26 5.09 -3.95
N ILE B 63 -10.57 3.79 -4.08
CA ILE B 63 -9.84 2.88 -5.00
C ILE B 63 -10.70 2.49 -6.24
N TYR B 64 -10.03 2.46 -7.41
CA TYR B 64 -10.64 2.03 -8.70
C TYR B 64 -9.76 0.97 -9.39
N ASN B 65 -10.31 0.37 -10.45
CA ASN B 65 -9.58 -0.61 -11.28
C ASN B 65 -8.87 0.10 -12.44
N GLU B 66 -7.89 -0.59 -13.07
CA GLU B 66 -7.22 -0.11 -14.30
C GLU B 66 -8.11 -0.33 -15.57
N GLY B 67 -7.54 -0.11 -16.77
CA GLY B 67 -8.33 0.13 -17.99
C GLY B 67 -8.95 1.54 -17.99
N HIS B 68 -8.41 2.41 -17.12
CA HIS B 68 -8.95 3.74 -16.83
C HIS B 68 -7.98 4.86 -17.28
N PHE B 69 -6.67 4.63 -17.05
CA PHE B 69 -5.60 5.60 -17.43
C PHE B 69 -5.44 5.67 -18.97
N ASP B 70 -5.20 6.90 -19.49
CA ASP B 70 -5.07 7.17 -20.94
C ASP B 70 -3.81 6.53 -21.58
N PHE B 71 -3.83 6.37 -22.91
CA PHE B 71 -2.70 5.78 -23.69
C PHE B 71 -1.57 6.82 -23.99
N SER B 72 -1.59 7.96 -23.27
CA SER B 72 -0.59 9.04 -23.40
C SER B 72 0.83 8.56 -22.94
N PHE B 73 1.68 8.19 -23.92
CA PHE B 73 3.07 7.72 -23.65
C PHE B 73 4.04 8.92 -23.58
N GLY B 74 5.21 8.71 -22.94
CA GLY B 74 6.26 9.74 -22.84
C GLY B 74 7.19 9.78 -24.06
N LEU B 75 8.52 9.76 -23.83
CA LEU B 75 9.53 9.69 -24.90
C LEU B 75 9.89 8.21 -25.22
N GLU B 76 9.54 7.33 -24.28
CA GLU B 76 9.77 5.87 -24.37
C GLU B 76 8.81 5.24 -25.40
N HIS B 77 9.34 5.01 -26.61
CA HIS B 77 8.63 4.39 -27.75
C HIS B 77 9.00 2.89 -27.89
N HIS B 78 8.04 2.09 -28.39
CA HIS B 78 8.21 0.62 -28.53
C HIS B 78 8.98 0.24 -29.84
N HIS B 79 10.32 0.32 -29.77
CA HIS B 79 11.21 -0.02 -30.92
C HIS B 79 11.68 -1.50 -30.81
N HIS B 80 10.77 -2.39 -30.36
CA HIS B 80 11.01 -3.84 -30.25
C HIS B 80 9.79 -4.61 -30.80
N HIS B 81 10.06 -5.65 -31.62
CA HIS B 81 9.00 -6.40 -32.35
C HIS B 81 8.71 -7.75 -31.63
N HIS B 82 7.50 -7.85 -31.01
CA HIS B 82 7.05 -9.09 -30.33
C HIS B 82 5.52 -9.24 -30.49
N MET A 1 -2.05 11.41 -9.65
CA MET A 1 -1.86 12.45 -8.59
C MET A 1 -0.89 11.95 -7.50
N ASP A 2 -1.23 10.79 -6.89
CA ASP A 2 -0.54 10.26 -5.70
C ASP A 2 0.98 9.99 -5.90
N LYS A 3 1.44 9.56 -7.09
CA LYS A 3 2.84 9.06 -7.28
C LYS A 3 3.96 10.03 -6.81
N LYS A 4 3.73 11.36 -6.91
CA LYS A 4 4.66 12.38 -6.35
C LYS A 4 4.47 12.56 -4.82
N ILE A 5 3.20 12.53 -4.37
CA ILE A 5 2.85 12.67 -2.93
C ILE A 5 3.44 11.51 -2.10
N VAL A 6 3.18 10.28 -2.58
CA VAL A 6 3.59 9.03 -1.93
C VAL A 6 5.10 8.78 -2.07
N GLY A 7 5.72 9.31 -3.14
CA GLY A 7 7.17 9.30 -3.29
C GLY A 7 7.87 10.20 -2.25
N ALA A 8 7.22 11.34 -1.93
CA ALA A 8 7.69 12.29 -0.90
C ALA A 8 7.50 11.75 0.54
N ASN A 9 6.23 11.39 0.89
CA ASN A 9 5.85 10.98 2.26
C ASN A 9 6.41 9.59 2.66
N ALA A 10 6.73 8.74 1.65
CA ALA A 10 7.38 7.42 1.88
C ALA A 10 8.82 7.60 2.42
N GLY A 11 9.44 8.74 2.08
CA GLY A 11 10.74 9.14 2.63
C GLY A 11 10.69 9.41 4.14
N LYS A 12 9.57 10.00 4.59
CA LYS A 12 9.32 10.30 6.03
C LYS A 12 8.91 9.04 6.83
N VAL A 13 8.04 8.17 6.26
CA VAL A 13 7.60 6.92 6.95
C VAL A 13 8.76 5.90 7.04
N TRP A 14 9.61 5.88 5.99
CA TRP A 14 10.86 5.09 5.97
C TRP A 14 11.92 5.69 6.92
N HIS A 15 11.93 7.04 7.05
CA HIS A 15 12.81 7.74 8.01
C HIS A 15 12.52 7.31 9.47
N ALA A 16 11.23 7.28 9.81
CA ALA A 16 10.73 6.85 11.15
C ALA A 16 10.99 5.34 11.39
N LEU A 17 10.90 4.57 10.29
CA LEU A 17 11.19 3.11 10.26
C LEU A 17 12.71 2.84 10.47
N ASN A 18 13.56 3.61 9.77
CA ASN A 18 15.03 3.42 9.79
C ASN A 18 15.64 3.96 11.11
N GLU A 19 14.93 4.92 11.73
CA GLU A 19 15.30 5.51 13.03
C GLU A 19 15.07 4.49 14.17
N ALA A 20 13.93 3.76 14.09
CA ALA A 20 13.60 2.66 15.02
C ALA A 20 12.60 1.68 14.35
N ASP A 21 13.08 0.49 13.96
CA ASP A 21 12.26 -0.57 13.32
C ASP A 21 11.33 -1.29 14.33
N GLY A 22 10.54 -2.26 13.83
CA GLY A 22 9.53 -2.96 14.65
C GLY A 22 8.36 -2.04 15.02
N ILE A 23 7.73 -1.49 13.97
CA ILE A 23 6.72 -0.42 14.12
C ILE A 23 5.43 -0.76 13.32
N SER A 24 4.26 -0.75 14.00
CA SER A 24 2.95 -1.07 13.38
C SER A 24 2.39 0.15 12.61
N ILE A 25 1.55 -0.12 11.59
CA ILE A 25 1.04 0.92 10.65
C ILE A 25 0.37 2.16 11.36
N PRO A 26 -0.63 2.00 12.30
CA PRO A 26 -1.31 3.18 12.92
C PRO A 26 -0.43 3.96 13.94
N GLU A 27 0.60 3.30 14.49
CA GLU A 27 1.55 3.93 15.44
C GLU A 27 2.56 4.79 14.64
N LEU A 28 3.04 4.17 13.56
CA LEU A 28 3.89 4.80 12.53
C LEU A 28 3.20 6.04 11.91
N ALA A 29 1.86 5.93 11.73
CA ALA A 29 1.01 7.03 11.25
C ALA A 29 1.07 8.26 12.18
N ARG A 30 1.09 8.02 13.50
CA ARG A 30 1.18 9.08 14.54
C ARG A 30 2.59 9.71 14.59
N LYS A 31 3.63 8.88 14.34
CA LYS A 31 5.04 9.34 14.25
C LYS A 31 5.24 10.33 13.08
N VAL A 32 4.64 9.97 11.92
CA VAL A 32 4.76 10.77 10.66
C VAL A 32 3.60 11.79 10.49
N ASN A 33 2.64 11.75 11.45
CA ASN A 33 1.48 12.70 11.54
C ASN A 33 0.45 12.53 10.39
N LEU A 34 0.53 11.40 9.64
CA LEU A 34 -0.40 11.10 8.52
C LEU A 34 -1.55 10.16 8.99
N SER A 35 -2.55 9.98 8.11
CA SER A 35 -3.62 8.96 8.31
C SER A 35 -3.07 7.52 8.22
N VAL A 36 -3.72 6.59 8.93
CA VAL A 36 -3.37 5.15 8.91
C VAL A 36 -3.42 4.59 7.46
N GLU A 37 -4.47 4.99 6.73
CA GLU A 37 -4.66 4.61 5.30
C GLU A 37 -3.51 5.14 4.41
N SER A 38 -3.13 6.42 4.61
CA SER A 38 -2.01 7.07 3.87
C SER A 38 -0.64 6.43 4.21
N THR A 39 -0.51 5.92 5.45
CA THR A 39 0.74 5.29 5.95
C THR A 39 0.88 3.83 5.45
N ALA A 40 -0.25 3.08 5.42
CA ALA A 40 -0.29 1.68 4.90
C ALA A 40 0.03 1.63 3.39
N LEU A 41 -0.50 2.63 2.68
CA LEU A 41 -0.26 2.87 1.25
C LEU A 41 1.22 3.34 1.00
N ALA A 42 1.76 4.16 1.91
CA ALA A 42 3.18 4.62 1.84
C ALA A 42 4.18 3.45 2.08
N VAL A 43 3.84 2.56 3.03
CA VAL A 43 4.58 1.30 3.29
C VAL A 43 4.46 0.32 2.09
N GLY A 44 3.26 0.28 1.48
CA GLY A 44 3.02 -0.52 0.26
C GLY A 44 3.83 0.00 -0.93
N TRP A 45 4.05 1.32 -0.98
CA TRP A 45 4.92 1.97 -1.98
C TRP A 45 6.40 1.61 -1.74
N LEU A 46 6.81 1.57 -0.45
CA LEU A 46 8.18 1.14 -0.05
C LEU A 46 8.41 -0.36 -0.34
N ALA A 47 7.34 -1.19 -0.22
CA ALA A 47 7.36 -2.62 -0.63
C ALA A 47 7.67 -2.76 -2.15
N ARG A 48 7.10 -1.86 -2.96
CA ARG A 48 7.48 -1.71 -4.39
C ARG A 48 8.99 -1.33 -4.53
N GLU A 49 9.42 -0.30 -3.77
CA GLU A 49 10.79 0.26 -3.83
C GLU A 49 11.84 -0.64 -3.12
N ASN A 50 11.38 -1.77 -2.52
CA ASN A 50 12.23 -2.78 -1.82
C ASN A 50 13.00 -2.18 -0.61
N LYS A 51 12.34 -1.22 0.06
CA LYS A 51 12.86 -0.54 1.26
C LYS A 51 12.38 -1.23 2.56
N VAL A 52 11.25 -1.95 2.51
CA VAL A 52 10.60 -2.53 3.73
C VAL A 52 10.14 -4.00 3.56
N VAL A 53 10.01 -4.69 4.70
CA VAL A 53 9.48 -6.08 4.82
C VAL A 53 8.45 -6.17 5.96
N ILE A 54 7.41 -7.00 5.77
CA ILE A 54 6.24 -7.07 6.67
C ILE A 54 6.23 -8.41 7.48
N GLU A 55 6.11 -8.30 8.82
CA GLU A 55 5.98 -9.44 9.75
C GLU A 55 4.59 -9.43 10.43
N ARG A 56 3.78 -10.49 10.23
CA ARG A 56 2.45 -10.61 10.89
C ARG A 56 2.51 -11.53 12.10
N LYS A 57 2.06 -11.01 13.25
CA LYS A 57 2.07 -11.71 14.55
C LYS A 57 0.91 -11.21 15.42
N ASN A 58 0.15 -12.16 16.00
CA ASN A 58 -1.10 -11.90 16.78
C ASN A 58 -2.18 -11.17 15.92
N GLY A 59 -2.16 -11.40 14.59
CA GLY A 59 -3.09 -10.74 13.65
C GLY A 59 -2.65 -9.33 13.23
N LEU A 60 -1.59 -8.79 13.88
CA LEU A 60 -1.09 -7.41 13.67
C LEU A 60 0.10 -7.40 12.69
N ILE A 61 0.38 -6.21 12.11
CA ILE A 61 1.47 -6.01 11.13
C ILE A 61 2.58 -5.11 11.73
N GLU A 62 3.85 -5.58 11.66
CA GLU A 62 5.05 -4.77 11.98
C GLU A 62 5.87 -4.54 10.70
N ILE A 63 6.42 -3.32 10.57
CA ILE A 63 7.23 -2.91 9.41
C ILE A 63 8.72 -2.91 9.82
N TYR A 64 9.55 -3.49 8.95
CA TYR A 64 11.04 -3.58 9.11
C TYR A 64 11.72 -3.09 7.82
N ASN A 65 13.04 -2.90 7.87
CA ASN A 65 13.86 -2.52 6.69
C ASN A 65 14.29 -3.79 5.90
N GLU A 66 14.23 -3.73 4.56
CA GLU A 66 14.62 -4.86 3.67
C GLU A 66 16.17 -4.94 3.48
N GLY A 67 16.92 -4.17 4.28
CA GLY A 67 18.39 -4.30 4.39
C GLY A 67 18.87 -5.68 4.86
N HIS A 68 17.94 -6.52 5.33
CA HIS A 68 18.16 -7.95 5.61
C HIS A 68 18.59 -8.72 4.33
N PHE A 69 17.82 -8.52 3.23
CA PHE A 69 18.04 -9.22 1.94
C PHE A 69 19.08 -8.46 1.07
N ASP A 70 18.62 -7.39 0.40
CA ASP A 70 19.44 -6.59 -0.51
C ASP A 70 19.08 -5.10 -0.34
N PHE A 71 20.08 -4.28 0.02
CA PHE A 71 19.90 -2.84 0.24
C PHE A 71 20.76 -2.02 -0.74
N SER A 72 20.10 -1.05 -1.39
CA SER A 72 20.75 -0.04 -2.25
C SER A 72 20.13 1.35 -1.97
N PHE A 73 20.85 2.43 -2.37
CA PHE A 73 20.47 3.85 -2.11
C PHE A 73 20.54 4.18 -0.59
N GLY A 74 21.52 5.03 -0.21
CA GLY A 74 21.77 5.37 1.18
C GLY A 74 21.98 6.87 1.38
N LEU A 75 21.16 7.47 2.25
CA LEU A 75 21.24 8.90 2.62
C LEU A 75 22.52 9.16 3.45
N GLU A 76 23.43 10.00 2.92
CA GLU A 76 24.75 10.26 3.54
C GLU A 76 25.08 11.77 3.62
N HIS A 77 26.32 12.08 4.05
CA HIS A 77 26.77 13.44 4.39
C HIS A 77 27.10 14.25 3.11
N HIS A 78 26.35 15.34 2.87
CA HIS A 78 26.51 16.19 1.65
C HIS A 78 27.49 17.37 1.88
N HIS A 79 27.94 17.55 3.15
CA HIS A 79 28.84 18.65 3.60
C HIS A 79 28.13 20.02 3.59
N HIS A 80 27.80 20.53 2.39
CA HIS A 80 27.02 21.78 2.22
C HIS A 80 25.50 21.49 2.40
N HIS A 81 24.77 22.48 2.97
CA HIS A 81 23.32 22.38 3.25
C HIS A 81 22.47 22.29 1.95
N HIS A 82 21.66 21.22 1.85
CA HIS A 82 20.64 21.01 0.79
C HIS A 82 19.45 20.22 1.36
N MET B 1 8.57 -13.37 7.38
CA MET B 1 7.34 -13.72 6.68
C MET B 1 7.47 -13.38 5.18
N ASP B 2 6.90 -14.24 4.31
CA ASP B 2 7.04 -14.10 2.84
C ASP B 2 6.40 -12.79 2.31
N LYS B 3 7.21 -12.02 1.58
CA LYS B 3 6.75 -10.78 0.90
C LYS B 3 5.87 -11.12 -0.35
N LYS B 4 5.89 -12.41 -0.75
CA LYS B 4 5.00 -12.97 -1.81
C LYS B 4 3.51 -12.99 -1.37
N ILE B 5 3.27 -13.10 -0.04
CA ILE B 5 1.91 -13.17 0.55
C ILE B 5 1.05 -11.93 0.17
N VAL B 6 1.65 -10.72 0.25
CA VAL B 6 0.94 -9.46 -0.15
C VAL B 6 0.61 -9.46 -1.67
N GLY B 7 1.47 -10.15 -2.47
CA GLY B 7 1.25 -10.32 -3.91
C GLY B 7 0.04 -11.20 -4.25
N ALA B 8 -0.05 -12.35 -3.55
CA ALA B 8 -1.18 -13.29 -3.67
C ALA B 8 -2.51 -12.63 -3.23
N ASN B 9 -2.44 -11.86 -2.13
CA ASN B 9 -3.58 -11.11 -1.57
C ASN B 9 -3.99 -9.91 -2.48
N ALA B 10 -3.00 -9.31 -3.18
CA ALA B 10 -3.23 -8.13 -4.04
C ALA B 10 -3.99 -8.50 -5.33
N GLY B 11 -3.67 -9.69 -5.88
CA GLY B 11 -4.40 -10.23 -7.05
C GLY B 11 -5.88 -10.50 -6.75
N LYS B 12 -6.14 -10.96 -5.52
CA LYS B 12 -7.50 -11.24 -5.00
C LYS B 12 -8.29 -9.91 -4.79
N VAL B 13 -7.62 -8.89 -4.21
CA VAL B 13 -8.17 -7.52 -3.99
C VAL B 13 -8.58 -6.84 -5.33
N TRP B 14 -7.67 -6.93 -6.32
CA TRP B 14 -7.89 -6.35 -7.67
C TRP B 14 -9.02 -7.08 -8.43
N HIS B 15 -9.15 -8.40 -8.20
CA HIS B 15 -10.26 -9.21 -8.79
C HIS B 15 -11.63 -8.74 -8.24
N ALA B 16 -11.65 -8.32 -6.95
CA ALA B 16 -12.85 -7.73 -6.30
C ALA B 16 -13.16 -6.29 -6.80
N LEU B 17 -12.15 -5.58 -7.33
CA LEU B 17 -12.33 -4.29 -8.05
C LEU B 17 -13.02 -4.52 -9.42
N ASN B 18 -12.52 -5.54 -10.17
CA ASN B 18 -13.13 -5.99 -11.44
C ASN B 18 -14.59 -6.48 -11.23
N GLU B 19 -14.86 -6.99 -10.00
CA GLU B 19 -16.21 -7.40 -9.56
C GLU B 19 -17.12 -6.16 -9.33
N ALA B 20 -16.61 -5.18 -8.54
CA ALA B 20 -17.35 -3.94 -8.21
C ALA B 20 -16.40 -2.82 -7.68
N ASP B 21 -16.36 -1.69 -8.43
CA ASP B 21 -15.64 -0.46 -8.02
C ASP B 21 -16.49 0.43 -7.07
N GLY B 22 -15.92 1.59 -6.68
CA GLY B 22 -16.60 2.53 -5.77
C GLY B 22 -16.64 2.01 -4.34
N ILE B 23 -15.65 1.15 -4.02
CA ILE B 23 -15.58 0.42 -2.75
C ILE B 23 -14.46 1.03 -1.87
N SER B 24 -14.67 1.03 -0.54
CA SER B 24 -13.63 1.47 0.44
C SER B 24 -12.84 0.25 0.96
N ILE B 25 -11.66 0.53 1.55
CA ILE B 25 -10.70 -0.52 1.99
C ILE B 25 -11.31 -1.60 2.97
N PRO B 26 -12.04 -1.21 4.09
CA PRO B 26 -12.60 -2.22 5.06
C PRO B 26 -13.73 -3.11 4.45
N GLU B 27 -14.49 -2.56 3.49
CA GLU B 27 -15.64 -3.25 2.85
C GLU B 27 -15.14 -4.24 1.78
N LEU B 28 -14.15 -3.76 1.03
CA LEU B 28 -13.35 -4.53 0.08
C LEU B 28 -12.64 -5.72 0.78
N ALA B 29 -12.12 -5.45 2.00
CA ALA B 29 -11.51 -6.47 2.89
C ALA B 29 -12.51 -7.60 3.25
N ARG B 30 -13.78 -7.22 3.45
CA ARG B 30 -14.88 -8.17 3.72
C ARG B 30 -15.16 -9.06 2.49
N LYS B 31 -15.08 -8.46 1.27
CA LYS B 31 -15.29 -9.20 0.00
C LYS B 31 -14.16 -10.24 -0.23
N VAL B 32 -12.92 -9.86 0.10
CA VAL B 32 -11.72 -10.73 -0.10
C VAL B 32 -11.33 -11.51 1.18
N ASN B 33 -12.18 -11.42 2.24
CA ASN B 33 -12.03 -12.22 3.50
C ASN B 33 -10.73 -11.85 4.31
N LEU B 34 -10.07 -10.73 3.94
CA LEU B 34 -8.83 -10.25 4.61
C LEU B 34 -9.16 -9.17 5.67
N SER B 35 -8.16 -8.84 6.51
CA SER B 35 -8.25 -7.67 7.43
C SER B 35 -8.08 -6.35 6.65
N VAL B 36 -8.56 -5.24 7.28
CA VAL B 36 -8.50 -3.87 6.70
C VAL B 36 -7.08 -3.47 6.24
N GLU B 37 -6.12 -3.51 7.18
CA GLU B 37 -4.71 -3.11 6.93
C GLU B 37 -3.99 -4.10 5.98
N SER B 38 -4.42 -5.39 6.04
CA SER B 38 -3.95 -6.45 5.11
C SER B 38 -4.31 -6.12 3.64
N THR B 39 -5.52 -5.57 3.44
CA THR B 39 -6.01 -5.13 2.12
C THR B 39 -5.38 -3.79 1.68
N ALA B 40 -5.26 -2.82 2.62
CA ALA B 40 -4.64 -1.48 2.37
C ALA B 40 -3.17 -1.60 1.90
N LEU B 41 -2.45 -2.55 2.54
CA LEU B 41 -1.07 -2.95 2.17
C LEU B 41 -1.05 -3.48 0.71
N ALA B 42 -1.98 -4.43 0.43
CA ALA B 42 -2.12 -5.09 -0.89
C ALA B 42 -2.47 -4.07 -2.01
N VAL B 43 -3.13 -2.96 -1.63
CA VAL B 43 -3.43 -1.83 -2.56
C VAL B 43 -2.13 -1.09 -2.98
N GLY B 44 -1.21 -0.91 -2.02
CA GLY B 44 0.13 -0.34 -2.30
C GLY B 44 0.99 -1.26 -3.18
N TRP B 45 0.74 -2.57 -3.11
CA TRP B 45 1.38 -3.58 -3.99
C TRP B 45 0.79 -3.54 -5.43
N LEU B 46 -0.50 -3.21 -5.54
CA LEU B 46 -1.18 -2.98 -6.82
C LEU B 46 -0.72 -1.66 -7.49
N ALA B 47 -0.29 -0.69 -6.66
CA ALA B 47 0.34 0.58 -7.13
C ALA B 47 1.60 0.34 -8.03
N ARG B 48 2.41 -0.71 -7.74
CA ARG B 48 3.56 -1.09 -8.63
C ARG B 48 3.05 -1.78 -9.92
N GLU B 49 1.90 -2.46 -9.83
CA GLU B 49 1.22 -3.11 -10.97
C GLU B 49 0.57 -2.10 -11.94
N ASN B 50 0.27 -0.88 -11.42
CA ASN B 50 -0.36 0.24 -12.18
C ASN B 50 -1.75 -0.16 -12.75
N LYS B 51 -2.49 -0.97 -11.99
CA LYS B 51 -3.86 -1.42 -12.35
C LYS B 51 -4.95 -0.77 -11.48
N VAL B 52 -4.57 0.10 -10.53
CA VAL B 52 -5.51 0.72 -9.56
C VAL B 52 -5.50 2.26 -9.63
N VAL B 53 -6.67 2.86 -9.35
CA VAL B 53 -6.84 4.32 -9.24
C VAL B 53 -7.29 4.70 -7.81
N ILE B 54 -6.38 5.30 -7.03
CA ILE B 54 -6.71 5.87 -5.69
C ILE B 54 -7.14 7.34 -5.88
N GLU B 55 -8.43 7.62 -5.60
CA GLU B 55 -8.96 8.99 -5.61
C GLU B 55 -9.12 9.52 -4.18
N ARG B 56 -8.53 10.69 -3.89
CA ARG B 56 -8.79 11.45 -2.65
C ARG B 56 -9.95 12.42 -2.91
N LYS B 57 -11.16 11.96 -2.51
CA LYS B 57 -12.45 12.62 -2.85
C LYS B 57 -12.98 13.34 -1.60
N ASN B 58 -12.95 14.69 -1.63
CA ASN B 58 -13.10 15.56 -0.43
C ASN B 58 -12.04 15.20 0.66
N GLY B 59 -10.88 14.69 0.19
CA GLY B 59 -9.83 14.16 1.09
C GLY B 59 -9.95 12.65 1.41
N LEU B 60 -11.16 12.07 1.24
CA LEU B 60 -11.45 10.66 1.64
C LEU B 60 -10.98 9.65 0.55
N ILE B 61 -10.24 8.62 0.97
CA ILE B 61 -9.59 7.66 0.07
C ILE B 61 -10.57 6.53 -0.35
N GLU B 62 -10.90 6.48 -1.66
CA GLU B 62 -11.65 5.38 -2.29
C GLU B 62 -10.77 4.67 -3.32
N ILE B 63 -10.91 3.34 -3.42
CA ILE B 63 -10.09 2.51 -4.32
C ILE B 63 -10.94 2.03 -5.53
N TYR B 64 -10.39 2.26 -6.75
CA TYR B 64 -10.99 1.87 -8.03
C TYR B 64 -9.98 1.05 -8.86
N ASN B 65 -10.46 0.49 -9.96
CA ASN B 65 -9.64 -0.17 -11.00
C ASN B 65 -9.45 0.81 -12.19
N GLU B 66 -8.34 0.65 -12.92
CA GLU B 66 -7.98 1.54 -14.07
C GLU B 66 -9.02 1.48 -15.21
N GLY B 67 -9.52 0.27 -15.51
CA GLY B 67 -10.51 0.06 -16.59
C GLY B 67 -11.95 0.50 -16.25
N HIS B 68 -12.14 1.09 -15.05
CA HIS B 68 -13.46 1.60 -14.59
C HIS B 68 -13.87 2.89 -15.33
N PHE B 69 -12.95 3.86 -15.39
CA PHE B 69 -13.22 5.23 -15.89
C PHE B 69 -13.29 5.26 -17.43
N ASP B 70 -14.45 5.70 -17.97
CA ASP B 70 -14.72 5.72 -19.42
C ASP B 70 -15.24 7.12 -19.85
N PHE B 71 -15.06 7.44 -21.16
CA PHE B 71 -15.43 8.75 -21.75
C PHE B 71 -16.96 8.91 -21.97
N SER B 72 -17.72 7.79 -21.99
CA SER B 72 -19.20 7.81 -22.16
C SER B 72 -19.89 8.38 -20.91
N PHE B 73 -20.05 9.72 -20.90
CA PHE B 73 -20.71 10.47 -19.82
C PHE B 73 -22.22 10.13 -19.68
N GLY B 74 -22.88 9.89 -20.83
CA GLY B 74 -24.32 9.63 -20.86
C GLY B 74 -24.86 9.38 -22.27
N LEU B 75 -24.30 8.34 -22.94
CA LEU B 75 -24.80 7.88 -24.26
C LEU B 75 -25.79 6.72 -24.05
N GLU B 76 -27.07 6.95 -24.45
CA GLU B 76 -28.20 6.06 -24.12
C GLU B 76 -28.18 4.74 -24.95
N HIS B 77 -27.51 3.72 -24.40
CA HIS B 77 -27.60 2.32 -24.87
C HIS B 77 -28.75 1.59 -24.14
N HIS B 78 -29.12 2.09 -22.95
CA HIS B 78 -30.26 1.57 -22.17
C HIS B 78 -31.60 1.85 -22.93
N HIS B 79 -32.28 0.79 -23.36
CA HIS B 79 -33.56 0.87 -24.10
C HIS B 79 -34.75 0.42 -23.20
N HIS B 80 -35.95 0.29 -23.79
CA HIS B 80 -37.20 -0.02 -23.06
C HIS B 80 -37.49 -1.56 -23.01
N HIS B 81 -38.35 -1.96 -22.06
CA HIS B 81 -38.92 -3.34 -21.95
C HIS B 81 -39.81 -3.65 -23.17
N HIS B 82 -39.37 -4.56 -24.06
CA HIS B 82 -40.12 -4.93 -25.30
C HIS B 82 -41.33 -5.84 -24.98
#